data_6MZG
#
_entry.id   6MZG
#
_cell.length_a   115.130
_cell.length_b   194.990
_cell.length_c   149.570
_cell.angle_alpha   90.000
_cell.angle_beta   90.190
_cell.angle_gamma   90.000
#
_symmetry.space_group_name_H-M   'P 1 21 1'
#
loop_
_entity.id
_entity.type
_entity.pdbx_description
1 polymer 'Tubulin alpha-1A chain'
2 polymer 'Tubulin beta chain'
3 polymer 'Protein Stu2p/Alp14p'
4 polymer 'Truncated Darpin-D1'
5 non-polymer "GUANOSINE-5'-TRIPHOSPHATE"
6 non-polymer 'MAGNESIUM ION'
7 non-polymer "GUANOSINE-5'-DIPHOSPHATE"
#
loop_
_entity_poly.entity_id
_entity_poly.type
_entity_poly.pdbx_seq_one_letter_code
_entity_poly.pdbx_strand_id
1 'polypeptide(L)'
;MRECISIHVGQAGVQIGNACWELYCLEHGIQPDGQMPSDKTIGGGDDSFNTFFSETGAGKHVPRAVFVDLEPTVIDEVRT
GTYRQLFHPEQLITGKEDAANNYARGHYTIGKEIIDLVLDRIRKLADQCTGLQGFSVFHSFGGGTGSGFTSLLMERLSVD
YGKKSKLEFSIYPAPQVSTAVVEPYNSILTTHTTLEHSDCAFMVDNEAIYDICRRNLDIERPTYTNLNRLIGQIVSSITA
SLRFDGALNVDLTEFQTNLVPYPRAHFPLATYAPVISAEKAYHEQLSVAEITNACFEPANQMVKCDPRHGKYMACCLLYR
GDVVPKDVNAAIATIKTKRTIQFVDWCPTGFKVGINYEPPTVVPGGDLAKVQRAVCMLSNTTAIAEAWARLDHKFDLMYA
KRAFVHWYVGEGMEEGEFSEAREDMAALEKDYEEVGVDSVEGEGEEEGEEY
;
A,C,G,I
2 'polypeptide(L)'
;MREIVHIQAGQCGNQIGAKFWEVISDEHGIDPTGSYHGDSDLQLERINVYYNEAAGNKYVPRAILVDLEPGTMDSVRSGP
FGQIFRPDNFVFGQSGAGNNWAKGHYTEGAELVDSVLDVVRKESESCDCLQGFQLTHSLGGGTGSGMGTLLISKIREEYP
DRIMNTFSVVPSPKVSDTVVEPYNATLSVHQLVENTDETYCIDNEALYDICFRTLKLTTPTYGDLNHLVSATMSGVTTCL
RFPGQLNADLRKLAVNMVPFPRLHFFMPGFAPLTSRGSQQYRALTVPELTQQMFDAKNMMAACDPRHGRYLTVAAVFRGR
MSMKEVDEQMLNVQNKNSSYFVEWIPNNVKTAVCDIPPRGLKMSATFIGNSTAIQELFKRISEQFTAMFRRKAFLHWYTG
EGMDEMEFTEAESNMNDLVSEYQQYQDATADEQGEFEEEGEEDEA
;
B,D,H,J
3 'polypeptide(L)'
;MADQDDVDFTTLPLEQRASHKVWKARLNAYQELNNLFTKSSVISPPNDVANYWLDPELFASYIVDSNVVAQENAIIALHT
LLEYISQVPNVSTSKLRLQWIPPLVEKGLSSSRAATKAKATDCIMLLTQSDTSIQQTVNLMLPSLSNKLPRLVSSCVKCL
ATIIEEFGFINVSDINILLSEILEPLPKLSSHADRNVRSETMNLILQIYKWFGKELLQELLLEKLKPIQQRDLSRMFEKY
EGTIPPKQQPRLFQWQKEQEQEQEQILQTDKDGDTLMGNLLAYQDTNASAIHPATKPAVDPFELLPPSVILDKFPADFQT
RISSTKWKDRVEALEEIHNNVLKPVKKLAHKNQDYSDYLRVLANVIQKDANVQAVTIAANSVQLLCNSLRSNFTRSYGAI
VLVPLLERTKEKKPSVNEAICSALDAVATYCGFDDCLEETLNYMKHKTPQVRIECTKFLTRMLQGWKSDGPLQNQLLFKL
LPEVTTAVLKIVNDTQPTTRNTGFECFATLMKLVGERELADPLEKLDNLKKKKIYEYYEKVEVATGLEHHHHHH
;
E,K
4 'polypeptide(L)'
;MRGSHHHHHHGSATDASGLTPLHLAATYGHLEIVEVLLKHGADVNAIDIMGSTPLHLAALIGHLEIVEVLLKHGADVNAV
DTWGDTPLHLAAIMGHLEIVEVLLKHGADVNAQDKFGKTAFDISIDNGNEDLAEILQKLN
;
F,L
#
# COMPACT_ATOMS: atom_id res chain seq x y z
N ARG A 2 -5.83 75.76 30.50
CA ARG A 2 -5.38 75.90 29.12
C ARG A 2 -4.99 74.57 28.51
N GLU A 3 -3.77 74.12 28.83
CA GLU A 3 -3.17 72.97 28.17
C GLU A 3 -3.97 71.71 28.40
N CYS A 4 -3.94 70.81 27.41
CA CYS A 4 -4.60 69.52 27.48
C CYS A 4 -3.64 68.46 26.98
N ILE A 5 -3.44 67.42 27.77
CA ILE A 5 -2.55 66.32 27.42
C ILE A 5 -3.40 65.17 26.89
N SER A 6 -3.12 64.75 25.66
CA SER A 6 -3.82 63.63 25.04
C SER A 6 -3.02 62.36 25.23
N ILE A 7 -3.69 61.30 25.66
CA ILE A 7 -3.07 60.00 25.91
C ILE A 7 -3.71 58.97 24.99
N HIS A 8 -2.88 58.23 24.27
CA HIS A 8 -3.35 57.27 23.26
C HIS A 8 -2.82 55.90 23.64
N VAL A 9 -3.72 55.01 24.02
CA VAL A 9 -3.38 53.69 24.55
C VAL A 9 -3.85 52.63 23.54
N GLY A 10 -2.99 51.66 23.27
CA GLY A 10 -3.38 50.56 22.40
C GLY A 10 -3.40 50.93 20.94
N GLN A 11 -3.59 49.92 20.08
CA GLN A 11 -3.60 50.16 18.64
C GLN A 11 -4.68 51.17 18.26
N ALA A 12 -5.89 50.98 18.77
CA ALA A 12 -6.98 51.89 18.45
C ALA A 12 -6.66 53.31 18.91
N GLY A 13 -6.21 53.47 20.15
CA GLY A 13 -5.86 54.79 20.64
C GLY A 13 -4.71 55.42 19.87
N VAL A 14 -3.70 54.62 19.53
CA VAL A 14 -2.54 55.16 18.81
C VAL A 14 -2.91 55.50 17.37
N GLN A 15 -3.56 54.56 16.67
CA GLN A 15 -3.87 54.77 15.25
C GLN A 15 -4.87 55.91 15.06
N ILE A 16 -5.81 56.08 16.00
CA ILE A 16 -6.74 57.20 15.92
C ILE A 16 -6.00 58.51 16.20
N GLY A 17 -5.11 58.50 17.19
CA GLY A 17 -4.31 59.70 17.46
C GLY A 17 -3.48 60.14 16.28
N ASN A 18 -3.09 59.20 15.42
CA ASN A 18 -2.41 59.56 14.18
C ASN A 18 -3.34 60.37 13.28
N ALA A 19 -4.56 59.87 13.07
CA ALA A 19 -5.51 60.58 12.22
C ALA A 19 -5.96 61.90 12.83
N CYS A 20 -6.00 61.98 14.16
CA CYS A 20 -6.42 63.23 14.80
C CYS A 20 -5.32 64.29 14.72
N TRP A 21 -4.11 63.93 15.14
CA TRP A 21 -3.01 64.90 15.11
C TRP A 21 -2.65 65.28 13.69
N GLU A 22 -2.81 64.37 12.73
CA GLU A 22 -2.68 64.76 11.33
C GLU A 22 -3.69 65.82 10.96
N LEU A 23 -4.95 65.66 11.42
CA LEU A 23 -5.98 66.64 11.12
C LEU A 23 -5.77 67.93 11.91
N TYR A 24 -5.26 67.81 13.14
CA TYR A 24 -4.95 68.99 13.93
C TYR A 24 -3.91 69.86 13.23
N CYS A 25 -2.87 69.23 12.70
CA CYS A 25 -1.83 69.98 12.00
C CYS A 25 -2.36 70.62 10.73
N LEU A 26 -3.25 69.94 10.03
CA LEU A 26 -3.85 70.51 8.82
C LEU A 26 -4.72 71.72 9.16
N GLU A 27 -5.47 71.64 10.26
CA GLU A 27 -6.35 72.75 10.62
C GLU A 27 -5.55 73.96 11.09
N HIS A 28 -4.47 73.73 11.82
CA HIS A 28 -3.65 74.82 12.37
C HIS A 28 -2.50 75.22 11.46
N GLY A 29 -2.35 74.57 10.31
CA GLY A 29 -1.27 74.92 9.41
C GLY A 29 0.10 74.49 9.88
N ILE A 30 0.18 73.44 10.68
CA ILE A 30 1.46 72.93 11.17
C ILE A 30 1.94 71.82 10.23
N GLN A 31 3.21 71.88 9.89
CA GLN A 31 3.82 70.92 8.98
C GLN A 31 4.37 69.72 9.74
N PRO A 32 4.61 68.61 9.06
CA PRO A 32 5.10 67.40 9.75
C PRO A 32 6.37 67.62 10.57
N ASP A 33 7.24 68.54 10.15
CA ASP A 33 8.44 68.86 10.92
C ASP A 33 8.17 69.81 12.08
N GLY A 34 6.90 70.14 12.34
CA GLY A 34 6.54 70.99 13.44
C GLY A 34 6.69 72.47 13.21
N GLN A 35 6.97 72.89 11.98
CA GLN A 35 7.18 74.29 11.67
C GLN A 35 5.92 74.90 11.08
N MET A 36 5.67 76.17 11.41
CA MET A 36 4.49 76.87 10.94
C MET A 36 4.92 78.22 10.34
N PRO A 37 4.41 78.58 9.16
CA PRO A 37 4.72 79.90 8.56
C PRO A 37 3.69 80.99 8.91
N SER A 38 3.85 81.57 10.09
CA SER A 38 2.92 82.61 10.55
C SER A 38 3.63 83.45 11.61
N ASP A 39 4.26 84.53 11.17
CA ASP A 39 4.87 85.49 12.07
C ASP A 39 3.84 86.54 12.49
N LYS A 40 3.95 86.99 13.73
CA LYS A 40 3.05 88.00 14.29
C LYS A 40 1.59 87.56 14.20
CA ASP A 47 -2.99 81.59 20.62
C ASP A 47 -3.75 80.41 21.21
N SER A 48 -4.99 80.22 20.73
CA SER A 48 -5.87 79.21 21.31
C SER A 48 -5.42 77.79 20.99
N PHE A 49 -4.62 77.59 19.94
CA PHE A 49 -4.17 76.24 19.62
C PHE A 49 -3.00 75.80 20.47
N ASN A 50 -2.42 76.69 21.28
CA ASN A 50 -1.34 76.30 22.18
C ASN A 50 -1.83 75.42 23.32
N THR A 51 -3.13 75.23 23.45
CA THR A 51 -3.67 74.30 24.45
C THR A 51 -3.37 72.86 24.10
N PHE A 52 -3.05 72.57 22.84
CA PHE A 52 -2.71 71.23 22.40
C PHE A 52 -1.28 71.08 21.91
N PHE A 53 -0.56 72.18 21.71
CA PHE A 53 0.82 72.13 21.26
C PHE A 53 1.70 72.96 22.19
N SER A 54 2.97 72.56 22.28
CA SER A 54 4.00 73.33 22.94
C SER A 54 4.91 73.96 21.89
N GLU A 55 5.76 74.88 22.34
CA GLU A 55 6.66 75.59 21.43
C GLU A 55 8.09 75.42 21.91
N THR A 56 8.92 74.81 21.06
CA THR A 56 10.35 74.80 21.29
C THR A 56 10.90 76.21 21.06
N GLY A 57 12.04 76.50 21.72
CA GLY A 57 12.74 77.75 21.49
C GLY A 57 13.11 77.98 20.03
N ALA A 58 13.26 76.92 19.25
CA ALA A 58 13.56 77.00 17.83
C ALA A 58 12.31 77.13 16.96
N GLY A 59 11.17 77.47 17.55
CA GLY A 59 9.96 77.65 16.77
C GLY A 59 9.29 76.37 16.34
N LYS A 60 9.52 75.27 17.02
CA LYS A 60 8.92 73.99 16.69
C LYS A 60 7.69 73.74 17.57
N HIS A 61 6.60 73.31 16.95
CA HIS A 61 5.35 73.07 17.65
C HIS A 61 5.15 71.57 17.82
N VAL A 62 5.15 71.11 19.08
CA VAL A 62 5.14 69.70 19.40
C VAL A 62 3.83 69.37 20.11
N PRO A 63 3.13 68.31 19.72
CA PRO A 63 1.87 67.96 20.39
C PRO A 63 2.09 67.57 21.84
N ARG A 64 1.12 67.93 22.68
CA ARG A 64 1.10 67.52 24.09
C ARG A 64 0.48 66.13 24.22
N ALA A 65 1.07 65.17 23.53
CA ALA A 65 0.49 63.84 23.41
C ALA A 65 1.46 62.77 23.91
N VAL A 66 0.89 61.68 24.40
CA VAL A 66 1.64 60.49 24.81
C VAL A 66 1.03 59.29 24.10
N PHE A 67 1.87 58.47 23.49
CA PHE A 67 1.43 57.26 22.80
C PHE A 67 1.96 56.05 23.56
N VAL A 68 1.06 55.21 24.04
CA VAL A 68 1.40 54.06 24.86
C VAL A 68 0.88 52.79 24.20
N ASP A 69 1.69 51.74 24.22
CA ASP A 69 1.31 50.43 23.72
C ASP A 69 2.20 49.39 24.40
N LEU A 70 1.64 48.20 24.60
CA LEU A 70 2.40 47.09 25.15
C LEU A 70 3.13 46.30 24.07
N GLU A 71 3.11 46.78 22.82
CA GLU A 71 3.74 46.16 21.67
C GLU A 71 4.29 47.27 20.78
N PRO A 72 5.52 47.14 20.29
CA PRO A 72 6.14 48.23 19.54
C PRO A 72 5.65 48.38 18.11
N THR A 73 4.87 47.42 17.61
CA THR A 73 4.59 47.35 16.17
C THR A 73 3.90 48.61 15.67
N VAL A 74 2.87 49.07 16.37
CA VAL A 74 2.07 50.19 15.87
C VAL A 74 2.82 51.50 16.02
N ILE A 75 3.38 51.74 17.21
CA ILE A 75 4.07 52.99 17.46
C ILE A 75 5.36 53.09 16.65
N ASP A 76 5.96 51.95 16.31
CA ASP A 76 7.13 51.98 15.43
C ASP A 76 6.79 52.65 14.11
N GLU A 77 5.61 52.37 13.55
CA GLU A 77 5.20 53.03 12.32
C GLU A 77 5.08 54.54 12.50
N VAL A 78 4.77 54.99 13.72
CA VAL A 78 4.71 56.42 13.99
C VAL A 78 6.09 57.04 13.91
N ARG A 79 7.06 56.47 14.62
CA ARG A 79 8.43 56.95 14.59
C ARG A 79 9.16 56.47 13.34
N THR A 80 8.41 56.30 12.25
CA THR A 80 8.94 55.99 10.93
C THR A 80 8.20 56.70 9.80
N GLY A 81 6.90 56.94 9.91
CA GLY A 81 6.12 57.59 8.87
C GLY A 81 6.36 59.07 8.77
N THR A 82 5.32 59.79 8.33
CA THR A 82 5.45 61.20 7.98
C THR A 82 5.69 62.08 9.20
N TYR A 83 5.16 61.70 10.36
CA TYR A 83 5.23 62.52 11.56
C TYR A 83 6.24 61.97 12.57
N ARG A 84 7.35 61.44 12.07
CA ARG A 84 8.40 60.96 12.96
C ARG A 84 9.10 62.10 13.68
N GLN A 85 9.18 63.27 13.05
CA GLN A 85 9.81 64.43 13.64
C GLN A 85 8.83 65.29 14.44
N LEU A 86 7.53 65.02 14.33
CA LEU A 86 6.55 65.84 15.03
C LEU A 86 6.61 65.61 16.53
N PHE A 87 6.71 64.34 16.96
CA PHE A 87 6.76 63.99 18.36
C PHE A 87 8.21 63.77 18.81
N HIS A 88 8.47 64.08 20.07
CA HIS A 88 9.74 63.69 20.66
C HIS A 88 9.70 62.21 21.04
N PRO A 89 10.79 61.47 20.80
CA PRO A 89 10.76 60.02 21.05
C PRO A 89 10.46 59.66 22.50
N GLU A 90 10.57 60.60 23.44
CA GLU A 90 10.20 60.35 24.82
C GLU A 90 8.69 60.23 25.02
N GLN A 91 7.90 60.65 24.03
CA GLN A 91 6.45 60.58 24.10
C GLN A 91 5.89 59.29 23.50
N LEU A 92 6.74 58.44 22.93
CA LEU A 92 6.31 57.20 22.26
C LEU A 92 6.82 56.03 23.10
N ILE A 93 5.94 55.48 23.93
CA ILE A 93 6.28 54.44 24.90
C ILE A 93 5.73 53.11 24.40
N THR A 94 6.58 52.09 24.38
CA THR A 94 6.17 50.75 23.98
C THR A 94 6.76 49.71 24.92
N GLY A 95 6.03 48.60 25.07
CA GLY A 95 6.56 47.39 25.66
C GLY A 95 6.95 46.40 24.59
N LYS A 96 7.19 45.17 25.04
CA LYS A 96 7.53 44.08 24.12
C LYS A 96 6.44 43.03 23.99
N GLU A 97 5.76 42.71 25.09
CA GLU A 97 4.70 41.71 25.11
C GLU A 97 3.37 42.40 25.32
N ASP A 98 2.42 42.16 24.43
CA ASP A 98 1.13 42.83 24.50
C ASP A 98 0.21 42.08 25.46
N ALA A 99 -1.07 42.47 25.51
CA ALA A 99 -2.02 41.94 26.47
C ALA A 99 -2.91 40.84 25.90
N ALA A 100 -2.84 40.57 24.60
CA ALA A 100 -3.55 39.43 23.97
C ALA A 100 -5.05 39.49 24.24
N ASN A 101 -5.64 40.67 24.04
CA ASN A 101 -7.08 40.89 24.21
C ASN A 101 -7.56 40.52 25.61
N ASN A 102 -6.67 40.62 26.60
CA ASN A 102 -6.97 40.21 27.96
C ASN A 102 -6.86 41.43 28.86
N TYR A 103 -7.97 41.81 29.49
CA TYR A 103 -7.97 42.95 30.40
C TYR A 103 -6.99 42.73 31.54
N ALA A 104 -7.00 41.52 32.12
CA ALA A 104 -6.17 41.25 33.30
C ALA A 104 -4.69 41.37 32.96
N ARG A 105 -4.29 41.03 31.74
CA ARG A 105 -2.91 41.23 31.33
C ARG A 105 -2.56 42.71 31.26
N GLY A 106 -3.44 43.50 30.65
CA GLY A 106 -3.16 44.92 30.50
C GLY A 106 -3.26 45.69 31.81
N HIS A 107 -4.09 45.24 32.73
CA HIS A 107 -4.31 45.96 33.98
C HIS A 107 -3.47 45.44 35.14
N TYR A 108 -3.23 44.13 35.20
CA TYR A 108 -2.58 43.53 36.36
C TYR A 108 -1.18 43.00 36.04
N THR A 109 -1.05 42.12 35.06
CA THR A 109 0.21 41.42 34.85
C THR A 109 1.22 42.25 34.08
N ILE A 110 0.96 42.48 32.78
CA ILE A 110 1.93 43.17 31.94
C ILE A 110 1.90 44.67 32.19
N GLY A 111 0.71 45.26 32.30
CA GLY A 111 0.61 46.71 32.39
C GLY A 111 1.29 47.30 33.61
N LYS A 112 1.35 46.55 34.71
CA LYS A 112 1.99 47.06 35.92
C LYS A 112 3.51 47.20 35.78
N GLU A 113 4.09 46.62 34.73
CA GLU A 113 5.53 46.71 34.50
C GLU A 113 5.91 47.88 33.61
N ILE A 114 5.01 48.83 33.39
CA ILE A 114 5.28 49.98 32.52
C ILE A 114 4.49 51.18 33.03
N ILE A 115 3.73 50.99 34.10
CA ILE A 115 2.87 52.05 34.60
C ILE A 115 3.69 53.21 35.16
N ASP A 116 4.79 52.90 35.87
CA ASP A 116 5.64 53.96 36.40
C ASP A 116 6.36 54.71 35.28
N LEU A 117 6.69 54.02 34.19
CA LEU A 117 7.38 54.68 33.08
C LEU A 117 6.43 55.62 32.33
N VAL A 118 5.16 55.24 32.21
CA VAL A 118 4.21 56.08 31.49
C VAL A 118 3.88 57.32 32.30
N LEU A 119 3.59 57.16 33.59
CA LEU A 119 3.28 58.30 34.45
C LEU A 119 4.45 59.28 34.51
N ASP A 120 5.68 58.78 34.38
CA ASP A 120 6.84 59.66 34.42
C ASP A 120 6.91 60.54 33.16
N ARG A 121 6.69 59.93 32.00
CA ARG A 121 6.69 60.71 30.77
C ARG A 121 5.50 61.67 30.71
N ILE A 122 4.42 61.36 31.42
CA ILE A 122 3.28 62.28 31.49
C ILE A 122 3.61 63.46 32.39
N ARG A 123 4.25 63.19 33.54
CA ARG A 123 4.67 64.27 34.43
C ARG A 123 5.58 65.26 33.73
N LYS A 124 6.38 64.79 32.76
CA LYS A 124 7.20 65.69 31.97
C LYS A 124 6.34 66.70 31.22
N LEU A 125 5.31 66.21 30.51
CA LEU A 125 4.42 67.12 29.81
C LEU A 125 3.64 68.00 30.78
N ALA A 126 3.20 67.43 31.90
CA ALA A 126 2.43 68.18 32.88
C ALA A 126 3.27 69.29 33.52
N ASP A 127 4.58 69.07 33.64
CA ASP A 127 5.47 70.08 34.18
C ASP A 127 5.86 71.15 33.15
N GLN A 128 5.61 70.90 31.86
CA GLN A 128 5.81 71.91 30.83
C GLN A 128 4.57 72.77 30.60
N CYS A 129 3.60 72.72 31.52
CA CYS A 129 2.35 73.46 31.39
C CYS A 129 2.15 74.36 32.59
N THR A 130 1.55 75.53 32.35
CA THR A 130 1.22 76.46 33.41
C THR A 130 -0.14 76.15 34.03
N GLY A 131 -1.17 76.05 33.19
CA GLY A 131 -2.50 75.73 33.67
C GLY A 131 -3.07 74.50 33.00
N LEU A 132 -2.70 73.33 33.49
CA LEU A 132 -3.13 72.07 32.88
C LEU A 132 -4.61 71.85 33.14
N GLN A 133 -5.40 71.80 32.07
CA GLN A 133 -6.83 71.52 32.20
C GLN A 133 -7.06 70.06 32.60
N GLY A 134 -6.53 69.13 31.83
CA GLY A 134 -6.76 67.72 32.10
C GLY A 134 -6.27 66.85 30.96
N PHE A 135 -6.89 65.68 30.83
CA PHE A 135 -6.42 64.65 29.92
C PHE A 135 -7.53 64.21 28.98
N SER A 136 -7.13 63.82 27.77
CA SER A 136 -8.00 63.21 26.78
C SER A 136 -7.44 61.82 26.46
N VAL A 137 -8.16 60.78 26.90
CA VAL A 137 -7.69 59.41 26.79
C VAL A 137 -8.36 58.76 25.58
N PHE A 138 -7.55 58.16 24.71
CA PHE A 138 -8.03 57.46 23.52
C PHE A 138 -7.68 55.98 23.67
N HIS A 139 -8.68 55.12 23.57
CA HIS A 139 -8.48 53.69 23.79
C HIS A 139 -9.66 52.93 23.21
N SER A 140 -9.50 51.61 23.14
CA SER A 140 -10.55 50.71 22.70
C SER A 140 -11.17 50.00 23.89
N PHE A 141 -12.38 49.48 23.67
CA PHE A 141 -13.08 48.70 24.69
C PHE A 141 -12.68 47.23 24.69
N GLY A 142 -12.28 46.70 23.55
CA GLY A 142 -12.10 45.27 23.40
C GLY A 142 -10.69 44.76 23.61
N GLY A 143 -9.70 45.60 23.34
CA GLY A 143 -8.32 45.17 23.48
C GLY A 143 -7.89 45.05 24.92
N GLY A 144 -6.83 44.26 25.13
CA GLY A 144 -6.28 44.13 26.47
C GLY A 144 -5.63 45.41 26.96
N THR A 145 -4.86 46.07 26.09
CA THR A 145 -4.22 47.32 26.48
C THR A 145 -5.23 48.46 26.55
N GLY A 146 -6.12 48.54 25.57
CA GLY A 146 -7.09 49.63 25.55
C GLY A 146 -8.10 49.56 26.68
N SER A 147 -8.34 48.37 27.22
CA SER A 147 -9.25 48.22 28.34
C SER A 147 -8.53 48.07 29.66
N GLY A 148 -7.55 47.16 29.73
CA GLY A 148 -6.84 46.89 30.96
C GLY A 148 -5.93 48.02 31.39
N PHE A 149 -4.97 48.38 30.54
CA PHE A 149 -3.98 49.37 30.94
C PHE A 149 -4.60 50.75 31.09
N THR A 150 -5.58 51.08 30.25
CA THR A 150 -6.23 52.39 30.33
C THR A 150 -6.90 52.58 31.69
N SER A 151 -7.68 51.58 32.13
CA SER A 151 -8.31 51.65 33.44
C SER A 151 -7.28 51.75 34.55
N LEU A 152 -6.12 51.11 34.38
CA LEU A 152 -5.04 51.28 35.36
C LEU A 152 -4.51 52.70 35.35
N LEU A 153 -4.30 53.28 34.17
CA LEU A 153 -3.81 54.65 34.09
C LEU A 153 -4.84 55.63 34.65
N MET A 154 -6.12 55.36 34.40
CA MET A 154 -7.17 56.24 34.94
C MET A 154 -7.20 56.19 36.46
N GLU A 155 -6.91 55.03 37.05
CA GLU A 155 -6.83 54.94 38.50
C GLU A 155 -5.64 55.75 39.03
N ARG A 156 -4.53 55.76 38.30
CA ARG A 156 -3.34 56.46 38.76
C ARG A 156 -3.41 57.96 38.51
N LEU A 157 -4.11 58.38 37.45
CA LEU A 157 -4.26 59.81 37.20
C LEU A 157 -5.18 60.46 38.24
N SER A 158 -6.19 59.73 38.72
CA SER A 158 -7.07 60.27 39.75
C SER A 158 -6.33 60.43 41.08
N VAL A 159 -5.29 59.63 41.30
CA VAL A 159 -4.50 59.75 42.53
C VAL A 159 -3.54 60.93 42.43
N ASP A 160 -2.74 60.97 41.37
CA ASP A 160 -1.76 62.03 41.19
C ASP A 160 -2.44 63.34 40.83
N TYR A 161 -3.01 63.43 39.63
CA TYR A 161 -3.65 64.65 39.15
C TYR A 161 -5.14 64.65 39.51
N GLY A 162 -5.40 64.64 40.82
CA GLY A 162 -6.76 64.43 41.29
C GLY A 162 -7.72 65.55 40.93
N LYS A 163 -7.23 66.79 40.91
CA LYS A 163 -8.11 67.92 40.71
C LYS A 163 -8.55 68.09 39.26
N LYS A 164 -7.75 67.63 38.31
CA LYS A 164 -8.01 67.89 36.90
C LYS A 164 -9.00 66.89 36.32
N SER A 165 -9.57 67.26 35.18
CA SER A 165 -10.59 66.46 34.52
C SER A 165 -9.95 65.46 33.55
N LYS A 166 -10.72 64.43 33.22
CA LYS A 166 -10.25 63.37 32.32
C LYS A 166 -11.40 62.99 31.40
N LEU A 167 -11.15 63.07 30.10
CA LEU A 167 -12.13 62.74 29.07
C LEU A 167 -11.72 61.50 28.31
N GLU A 168 -12.71 60.72 27.88
CA GLU A 168 -12.48 59.46 27.18
C GLU A 168 -13.03 59.53 25.76
N PHE A 169 -12.32 58.91 24.83
CA PHE A 169 -12.81 58.63 23.48
C PHE A 169 -12.67 57.14 23.26
N SER A 170 -13.65 56.39 23.72
CA SER A 170 -13.60 54.93 23.71
C SER A 170 -14.18 54.39 22.41
N ILE A 171 -13.63 53.27 21.96
CA ILE A 171 -14.02 52.64 20.70
C ILE A 171 -14.87 51.42 21.04
N TYR A 172 -16.18 51.59 20.93
CA TYR A 172 -17.11 50.51 21.22
C TYR A 172 -16.94 49.40 20.19
N PRO A 173 -16.87 48.14 20.61
CA PRO A 173 -16.57 47.06 19.66
C PRO A 173 -17.74 46.72 18.75
N ALA A 174 -17.42 46.03 17.67
CA ALA A 174 -18.40 45.60 16.69
C ALA A 174 -17.89 44.35 15.99
N PRO A 175 -18.75 43.34 15.79
CA PRO A 175 -18.28 42.08 15.19
C PRO A 175 -17.76 42.21 13.77
N GLN A 176 -18.11 43.29 13.06
CA GLN A 176 -17.64 43.44 11.69
C GLN A 176 -16.11 43.53 11.61
N VAL A 177 -15.48 44.08 12.64
CA VAL A 177 -14.04 44.26 12.67
C VAL A 177 -13.47 43.71 13.97
N SER A 178 -14.27 42.94 14.69
CA SER A 178 -13.86 42.42 15.99
C SER A 178 -12.71 41.43 15.82
N THR A 179 -11.63 41.66 16.56
CA THR A 179 -10.46 40.78 16.52
C THR A 179 -10.37 39.88 17.74
N ALA A 180 -11.43 39.81 18.55
CA ALA A 180 -11.40 38.99 19.76
C ALA A 180 -12.82 38.60 20.13
N VAL A 181 -12.95 37.43 20.76
CA VAL A 181 -14.26 36.96 21.20
C VAL A 181 -14.59 37.53 22.57
N VAL A 182 -13.59 37.74 23.42
CA VAL A 182 -13.80 38.13 24.81
C VAL A 182 -13.98 39.63 24.93
N GLU A 183 -14.18 40.31 23.79
CA GLU A 183 -14.33 41.76 23.83
C GLU A 183 -15.47 42.24 24.72
N PRO A 184 -16.61 41.54 24.83
CA PRO A 184 -17.59 41.93 25.86
C PRO A 184 -17.05 41.89 27.27
N TYR A 185 -16.23 40.88 27.61
CA TYR A 185 -15.60 40.84 28.93
C TYR A 185 -14.77 42.09 29.18
N ASN A 186 -13.85 42.39 28.25
CA ASN A 186 -12.96 43.53 28.45
C ASN A 186 -13.73 44.83 28.52
N SER A 187 -14.81 44.96 27.73
CA SER A 187 -15.59 46.20 27.73
C SER A 187 -16.24 46.43 29.08
N ILE A 188 -16.86 45.39 29.65
CA ILE A 188 -17.53 45.52 30.95
C ILE A 188 -16.51 45.80 32.04
N LEU A 189 -15.34 45.17 31.96
CA LEU A 189 -14.34 45.31 33.02
C LEU A 189 -13.76 46.71 33.05
N THR A 190 -13.43 47.28 31.89
CA THR A 190 -12.84 48.61 31.87
C THR A 190 -13.88 49.68 32.18
N THR A 191 -15.11 49.50 31.71
CA THR A 191 -16.16 50.47 31.99
C THR A 191 -16.47 50.54 33.48
N HIS A 192 -16.32 49.42 34.19
CA HIS A 192 -16.56 49.40 35.63
C HIS A 192 -15.46 50.13 36.39
N THR A 193 -14.20 49.77 36.15
CA THR A 193 -13.09 50.35 36.90
C THR A 193 -12.78 51.79 36.50
N THR A 194 -13.29 52.26 35.36
CA THR A 194 -13.06 53.62 34.92
C THR A 194 -14.24 54.54 35.18
N LEU A 195 -15.38 53.99 35.62
CA LEU A 195 -16.60 54.79 35.72
C LEU A 195 -16.46 55.92 36.74
N GLU A 196 -15.79 55.66 37.86
CA GLU A 196 -15.64 56.66 38.90
C GLU A 196 -14.43 57.56 38.69
N HIS A 197 -13.67 57.35 37.62
CA HIS A 197 -12.52 58.19 37.32
C HIS A 197 -12.70 59.05 36.08
N SER A 198 -13.67 58.75 35.23
CA SER A 198 -13.88 59.48 33.99
C SER A 198 -14.96 60.54 34.20
N ASP A 199 -14.66 61.77 33.77
CA ASP A 199 -15.62 62.86 33.84
C ASP A 199 -16.54 62.92 32.63
N CYS A 200 -16.07 62.47 31.48
CA CYS A 200 -16.88 62.46 30.27
C CYS A 200 -16.27 61.43 29.32
N ALA A 201 -17.14 60.60 28.71
CA ALA A 201 -16.69 59.51 27.85
C ALA A 201 -17.50 59.50 26.58
N PHE A 202 -16.83 59.70 25.44
CA PHE A 202 -17.47 59.69 24.12
C PHE A 202 -17.22 58.34 23.48
N MET A 203 -18.24 57.47 23.51
CA MET A 203 -18.14 56.16 22.89
C MET A 203 -18.30 56.28 21.38
N VAL A 204 -17.59 55.43 20.65
CA VAL A 204 -17.64 55.39 19.19
C VAL A 204 -17.90 53.95 18.79
N ASP A 205 -19.14 53.64 18.45
CA ASP A 205 -19.48 52.30 17.95
C ASP A 205 -18.80 52.10 16.61
N ASN A 206 -17.91 51.11 16.54
CA ASN A 206 -17.26 50.80 15.27
C ASN A 206 -18.28 50.42 14.19
N GLU A 207 -19.39 49.79 14.59
CA GLU A 207 -20.42 49.43 13.63
C GLU A 207 -21.06 50.66 13.00
N ALA A 208 -21.27 51.71 13.81
CA ALA A 208 -21.84 52.94 13.28
C ALA A 208 -20.90 53.60 12.28
N ILE A 209 -19.62 53.74 12.64
CA ILE A 209 -18.63 54.29 11.71
C ILE A 209 -18.49 53.38 10.50
N TYR A 210 -18.56 52.06 10.71
CA TYR A 210 -18.44 51.11 9.61
C TYR A 210 -19.59 51.28 8.61
N ASP A 211 -20.81 51.45 9.11
CA ASP A 211 -21.97 51.59 8.23
C ASP A 211 -22.05 52.96 7.60
N ILE A 212 -21.60 54.01 8.30
CA ILE A 212 -21.59 55.34 7.71
C ILE A 212 -20.58 55.40 6.56
N CYS A 213 -19.45 54.71 6.70
CA CYS A 213 -18.48 54.64 5.60
C CYS A 213 -19.05 53.86 4.42
N ARG A 214 -19.77 52.78 4.69
CA ARG A 214 -20.38 52.01 3.61
C ARG A 214 -21.49 52.80 2.92
N ARG A 215 -22.33 53.47 3.70
CA ARG A 215 -23.52 54.11 3.15
C ARG A 215 -23.17 55.43 2.44
N ASN A 216 -22.49 56.33 3.13
CA ASN A 216 -22.28 57.67 2.63
C ASN A 216 -21.02 57.82 1.78
N LEU A 217 -19.97 57.07 2.10
CA LEU A 217 -18.75 57.10 1.30
C LEU A 217 -18.72 56.04 0.21
N ASP A 218 -19.70 55.14 0.20
CA ASP A 218 -19.79 54.06 -0.78
C ASP A 218 -18.51 53.22 -0.78
N ILE A 219 -18.06 52.84 0.41
CA ILE A 219 -16.92 51.97 0.61
C ILE A 219 -17.46 50.60 1.01
N GLU A 220 -17.32 49.62 0.11
CA GLU A 220 -17.91 48.31 0.34
C GLU A 220 -17.35 47.66 1.61
N ARG A 221 -16.06 47.87 1.87
CA ARG A 221 -15.39 47.24 3.00
C ARG A 221 -14.40 48.23 3.61
N PRO A 222 -14.86 49.06 4.55
CA PRO A 222 -13.99 50.09 5.13
C PRO A 222 -12.81 49.49 5.86
N THR A 223 -11.64 50.10 5.66
CA THR A 223 -10.44 49.77 6.42
C THR A 223 -10.39 50.60 7.70
N TYR A 224 -9.40 50.30 8.53
CA TYR A 224 -9.20 51.11 9.74
C TYR A 224 -8.90 52.56 9.38
N THR A 225 -8.20 52.78 8.25
CA THR A 225 -7.90 54.15 7.83
C THR A 225 -9.19 54.91 7.53
N ASN A 226 -10.16 54.26 6.90
CA ASN A 226 -11.45 54.90 6.65
C ASN A 226 -12.13 55.25 7.96
N LEU A 227 -12.20 54.31 8.89
CA LEU A 227 -12.87 54.56 10.16
C LEU A 227 -12.15 55.64 10.95
N ASN A 228 -10.82 55.62 10.95
CA ASN A 228 -10.06 56.56 11.76
C ASN A 228 -10.16 57.99 11.21
N ARG A 229 -10.17 58.14 9.88
CA ARG A 229 -10.32 59.47 9.31
C ARG A 229 -11.69 60.04 9.56
N LEU A 230 -12.73 59.20 9.53
CA LEU A 230 -14.07 59.66 9.87
C LEU A 230 -14.16 60.00 11.36
N ILE A 231 -13.55 59.18 12.22
CA ILE A 231 -13.55 59.45 13.65
C ILE A 231 -12.79 60.74 13.95
N GLY A 232 -11.61 60.90 13.33
CA GLY A 232 -10.83 62.10 13.55
C GLY A 232 -11.58 63.37 13.19
N GLN A 233 -12.51 63.28 12.23
CA GLN A 233 -13.35 64.43 11.90
C GLN A 233 -14.22 64.82 13.09
N ILE A 234 -14.79 63.84 13.79
CA ILE A 234 -15.65 64.14 14.93
C ILE A 234 -14.83 64.64 16.11
N VAL A 235 -13.75 63.93 16.43
CA VAL A 235 -12.90 64.32 17.55
C VAL A 235 -12.37 65.74 17.35
N SER A 236 -12.08 66.11 16.10
CA SER A 236 -11.68 67.48 15.83
C SER A 236 -12.80 68.46 16.14
N SER A 237 -14.03 68.13 15.76
CA SER A 237 -15.16 69.02 16.02
C SER A 237 -15.41 69.18 17.51
N ILE A 238 -15.10 68.16 18.31
CA ILE A 238 -15.31 68.26 19.75
C ILE A 238 -14.19 69.06 20.39
N THR A 239 -12.95 68.82 20.00
CA THR A 239 -11.81 69.53 20.58
C THR A 239 -11.60 70.91 19.97
N ALA A 240 -12.28 71.24 18.87
CA ALA A 240 -12.08 72.54 18.23
C ALA A 240 -12.40 73.68 19.18
N SER A 241 -13.36 73.49 20.09
CA SER A 241 -13.68 74.51 21.07
C SER A 241 -12.51 74.77 22.02
N LEU A 242 -11.61 73.80 22.19
CA LEU A 242 -10.43 73.99 23.01
C LEU A 242 -9.24 74.55 22.22
N ARG A 243 -9.16 74.22 20.93
CA ARG A 243 -8.08 74.69 20.08
C ARG A 243 -8.37 76.05 19.45
N PHE A 244 -9.62 76.47 19.40
CA PHE A 244 -9.99 77.79 18.93
C PHE A 244 -10.82 78.49 19.99
N ASP A 245 -10.66 79.80 20.08
CA ASP A 245 -11.43 80.58 21.04
C ASP A 245 -12.88 80.65 20.57
N GLY A 246 -13.78 80.02 21.32
CA GLY A 246 -15.19 80.08 21.02
C GLY A 246 -16.02 80.39 22.26
N ALA A 247 -17.30 80.06 22.22
CA ALA A 247 -18.20 80.29 23.35
C ALA A 247 -18.62 79.01 24.06
N LEU A 248 -18.82 77.93 23.31
CA LEU A 248 -19.32 76.68 23.87
C LEU A 248 -18.17 75.71 24.08
N ASN A 249 -18.08 75.14 25.30
CA ASN A 249 -17.11 74.11 25.65
C ASN A 249 -15.67 74.62 25.57
N VAL A 250 -15.41 75.76 26.24
CA VAL A 250 -14.09 76.36 26.19
C VAL A 250 -13.07 75.66 27.07
N ASP A 251 -13.50 74.79 27.98
CA ASP A 251 -12.57 73.99 28.77
C ASP A 251 -13.22 72.65 29.10
N LEU A 252 -12.41 71.74 29.64
CA LEU A 252 -12.91 70.39 29.92
C LEU A 252 -13.97 70.38 31.01
N THR A 253 -13.88 71.31 31.97
CA THR A 253 -14.90 71.41 33.00
C THR A 253 -16.25 71.80 32.43
N GLU A 254 -16.27 72.47 31.28
CA GLU A 254 -17.54 72.87 30.66
C GLU A 254 -18.22 71.73 29.92
N PHE A 255 -17.47 70.68 29.56
CA PHE A 255 -18.10 69.50 28.97
C PHE A 255 -19.01 68.80 29.97
N GLN A 256 -18.56 68.68 31.22
CA GLN A 256 -19.40 68.09 32.26
C GLN A 256 -20.58 68.99 32.58
N THR A 257 -20.34 70.31 32.63
CA THR A 257 -21.40 71.24 33.00
C THR A 257 -22.56 71.21 32.02
N ASN A 258 -22.26 70.97 30.74
CA ASN A 258 -23.28 71.03 29.69
C ASN A 258 -23.83 69.67 29.31
N LEU A 259 -23.17 68.57 29.69
CA LEU A 259 -23.57 67.24 29.25
C LEU A 259 -23.66 66.20 30.35
N VAL A 260 -23.19 66.50 31.56
CA VAL A 260 -23.17 65.49 32.63
C VAL A 260 -24.03 65.97 33.80
N PRO A 261 -25.31 65.57 33.87
CA PRO A 261 -26.12 65.95 35.03
C PRO A 261 -25.85 65.12 36.27
N TYR A 262 -25.32 63.91 36.12
CA TYR A 262 -24.99 63.04 37.24
C TYR A 262 -23.69 62.31 36.93
N PRO A 263 -22.86 62.06 37.94
CA PRO A 263 -21.51 61.53 37.66
C PRO A 263 -21.49 60.22 36.88
N ARG A 264 -22.49 59.37 37.04
CA ARG A 264 -22.49 58.10 36.34
C ARG A 264 -23.07 58.20 34.92
N ALA A 265 -23.80 59.27 34.63
CA ALA A 265 -24.38 59.46 33.30
C ALA A 265 -23.52 60.44 32.50
N HIS A 266 -22.30 60.01 32.21
CA HIS A 266 -21.31 60.81 31.51
C HIS A 266 -20.94 60.20 30.17
N PHE A 267 -21.94 59.70 29.43
CA PHE A 267 -21.74 59.09 28.12
C PHE A 267 -22.59 59.81 27.09
N PRO A 268 -22.08 60.88 26.48
CA PRO A 268 -22.85 61.59 25.45
C PRO A 268 -22.88 60.81 24.15
N LEU A 269 -23.79 61.23 23.27
CA LEU A 269 -23.96 60.62 21.95
C LEU A 269 -23.66 61.65 20.89
N ALA A 270 -22.62 61.41 20.10
CA ALA A 270 -22.18 62.36 19.09
C ALA A 270 -22.79 62.01 17.73
N THR A 271 -23.25 63.04 17.03
CA THR A 271 -23.87 62.87 15.72
C THR A 271 -23.30 63.93 14.78
N TYR A 272 -22.55 63.49 13.78
CA TYR A 272 -21.84 64.40 12.87
C TYR A 272 -22.50 64.40 11.49
N ALA A 273 -22.48 65.57 10.85
CA ALA A 273 -23.03 65.76 9.51
C ALA A 273 -22.50 67.07 8.93
N PRO A 274 -22.30 67.16 7.60
CA PRO A 274 -22.52 66.08 6.63
C PRO A 274 -21.26 65.28 6.35
N VAL A 275 -21.44 64.01 5.99
CA VAL A 275 -20.36 63.14 5.57
C VAL A 275 -20.60 62.81 4.10
N ILE A 276 -19.82 63.44 3.22
CA ILE A 276 -20.04 63.39 1.78
C ILE A 276 -18.81 62.76 1.14
N SER A 277 -19.03 61.84 0.20
CA SER A 277 -17.94 61.25 -0.55
C SER A 277 -17.29 62.29 -1.46
N ALA A 278 -16.04 62.04 -1.82
CA ALA A 278 -15.29 62.97 -2.66
C ALA A 278 -15.39 62.55 -4.13
N GLU A 279 -16.57 62.76 -4.69
CA GLU A 279 -16.83 62.43 -6.09
C GLU A 279 -17.91 63.33 -6.67
N HIS A 283 -24.70 66.68 -4.58
CA HIS A 283 -24.22 67.53 -5.67
C HIS A 283 -23.67 68.85 -5.14
N GLU A 284 -24.54 69.64 -4.53
CA GLU A 284 -24.21 70.99 -4.09
C GLU A 284 -24.28 71.09 -2.58
N GLN A 285 -23.82 72.23 -2.07
CA GLN A 285 -23.62 72.39 -0.63
C GLN A 285 -24.94 72.32 0.12
N LEU A 286 -24.86 71.82 1.35
CA LEU A 286 -26.04 71.65 2.19
C LEU A 286 -26.23 72.86 3.09
N SER A 287 -27.48 73.23 3.31
CA SER A 287 -27.82 74.37 4.15
C SER A 287 -27.65 74.03 5.62
N VAL A 288 -27.80 75.06 6.47
CA VAL A 288 -27.73 74.85 7.91
C VAL A 288 -28.89 73.96 8.38
N ALA A 289 -30.07 74.15 7.79
CA ALA A 289 -31.23 73.37 8.20
C ALA A 289 -31.09 71.90 7.80
N GLU A 290 -30.40 71.62 6.70
CA GLU A 290 -30.27 70.23 6.25
C GLU A 290 -29.25 69.47 7.09
N ILE A 291 -28.13 70.10 7.45
CA ILE A 291 -27.13 69.42 8.28
C ILE A 291 -27.63 69.32 9.72
N THR A 292 -28.48 70.25 10.15
CA THR A 292 -29.06 70.14 11.49
C THR A 292 -30.12 69.05 11.54
N ASN A 293 -30.86 68.86 10.46
CA ASN A 293 -31.82 67.76 10.40
C ASN A 293 -31.11 66.42 10.43
N ALA A 294 -29.95 66.31 9.77
CA ALA A 294 -29.23 65.04 9.72
C ALA A 294 -28.71 64.61 11.09
N CYS A 295 -28.51 65.56 12.02
CA CYS A 295 -28.05 65.21 13.36
C CYS A 295 -29.10 64.45 14.16
N PHE A 296 -30.36 64.45 13.71
CA PHE A 296 -31.42 63.70 14.37
C PHE A 296 -31.82 62.47 13.58
N GLU A 297 -31.01 62.05 12.60
CA GLU A 297 -31.22 60.79 11.91
C GLU A 297 -30.29 59.77 12.53
N PRO A 298 -30.80 58.70 13.15
CA PRO A 298 -29.91 57.74 13.83
C PRO A 298 -28.87 57.11 12.91
N ALA A 299 -29.07 57.14 11.60
CA ALA A 299 -28.06 56.64 10.68
C ALA A 299 -26.78 57.46 10.72
N ASN A 300 -26.84 58.69 11.23
CA ASN A 300 -25.68 59.56 11.33
C ASN A 300 -25.04 59.55 12.71
N GLN A 301 -25.53 58.73 13.63
CA GLN A 301 -24.95 58.66 14.97
C GLN A 301 -23.68 57.82 14.95
N MET A 302 -22.91 57.94 16.03
CA MET A 302 -21.70 57.14 16.21
C MET A 302 -21.88 56.03 17.22
N VAL A 303 -23.04 55.93 17.84
CA VAL A 303 -23.41 54.79 18.68
C VAL A 303 -24.80 54.35 18.27
N LYS A 304 -24.91 53.12 17.78
CA LYS A 304 -26.18 52.62 17.28
C LYS A 304 -27.19 52.50 18.41
N CYS A 305 -28.22 53.34 18.37
CA CYS A 305 -29.32 53.33 19.32
C CYS A 305 -30.38 54.30 18.81
N ASP A 306 -31.57 54.21 19.38
CA ASP A 306 -32.69 55.04 18.91
C ASP A 306 -33.06 56.07 19.97
N PRO A 307 -32.64 57.33 19.82
CA PRO A 307 -33.01 58.34 20.82
C PRO A 307 -34.49 58.55 20.96
N ARG A 308 -35.28 58.22 19.93
CA ARG A 308 -36.72 58.30 20.03
C ARG A 308 -37.27 57.34 21.08
N HIS A 309 -36.51 56.31 21.44
CA HIS A 309 -36.85 55.40 22.52
C HIS A 309 -36.22 55.81 23.85
N GLY A 310 -35.84 57.08 24.00
CA GLY A 310 -35.25 57.56 25.22
C GLY A 310 -35.56 59.03 25.43
N LYS A 311 -35.07 59.57 26.54
CA LYS A 311 -35.30 60.96 26.90
C LYS A 311 -33.98 61.71 26.97
N TYR A 312 -33.98 62.95 26.49
CA TYR A 312 -32.78 63.76 26.45
C TYR A 312 -32.52 64.43 27.80
N MET A 313 -31.24 64.65 28.08
CA MET A 313 -30.81 65.46 29.21
C MET A 313 -29.94 66.64 28.81
N ALA A 314 -29.52 66.71 27.55
CA ALA A 314 -28.67 67.77 27.04
C ALA A 314 -28.62 67.67 25.53
N CYS A 315 -28.37 68.81 24.87
CA CYS A 315 -28.24 68.83 23.42
C CYS A 315 -27.43 70.04 23.03
N CYS A 316 -26.26 69.82 22.44
CA CYS A 316 -25.34 70.88 22.04
C CYS A 316 -25.01 70.73 20.56
N LEU A 317 -25.15 71.82 19.82
CA LEU A 317 -24.86 71.85 18.39
C LEU A 317 -23.56 72.61 18.18
N LEU A 318 -22.52 71.88 17.78
CA LEU A 318 -21.20 72.45 17.54
C LEU A 318 -21.04 72.67 16.04
N TYR A 319 -21.44 73.85 15.58
CA TYR A 319 -21.30 74.18 14.17
C TYR A 319 -19.87 74.64 13.86
N ARG A 320 -19.44 74.38 12.63
CA ARG A 320 -18.20 74.94 12.13
C ARG A 320 -18.33 75.12 10.62
N GLY A 321 -17.90 76.28 10.13
CA GLY A 321 -18.00 76.62 8.73
C GLY A 321 -18.81 77.88 8.47
N ASP A 322 -19.38 77.99 7.27
CA ASP A 322 -20.19 79.15 6.89
C ASP A 322 -21.57 78.99 7.52
N VAL A 323 -21.71 79.44 8.76
CA VAL A 323 -22.91 79.24 9.55
C VAL A 323 -23.29 80.56 10.21
N VAL A 324 -24.54 80.99 10.00
CA VAL A 324 -25.05 82.24 10.57
C VAL A 324 -26.00 81.90 11.71
N PRO A 325 -25.93 82.61 12.84
CA PRO A 325 -26.78 82.24 13.99
C PRO A 325 -28.27 82.25 13.70
N LYS A 326 -28.77 83.21 12.92
CA LYS A 326 -30.21 83.25 12.66
C LYS A 326 -30.64 82.05 11.82
N ASP A 327 -29.78 81.54 10.94
CA ASP A 327 -30.10 80.33 10.21
C ASP A 327 -30.15 79.12 11.14
N VAL A 328 -29.35 79.14 12.21
CA VAL A 328 -29.37 78.05 13.18
C VAL A 328 -30.68 78.04 13.96
N ASN A 329 -31.05 79.18 14.54
CA ASN A 329 -32.28 79.25 15.32
C ASN A 329 -33.50 78.98 14.46
N ALA A 330 -33.44 79.34 13.18
CA ALA A 330 -34.54 79.00 12.28
C ALA A 330 -34.65 77.49 12.09
N ALA A 331 -33.52 76.81 11.92
CA ALA A 331 -33.56 75.36 11.76
C ALA A 331 -33.93 74.65 13.05
N ILE A 332 -33.41 75.14 14.19
CA ILE A 332 -33.72 74.53 15.48
C ILE A 332 -35.21 74.62 15.76
N ALA A 333 -35.81 75.80 15.55
CA ALA A 333 -37.23 75.97 15.79
C ALA A 333 -38.05 75.05 14.91
N THR A 334 -37.59 74.78 13.68
CA THR A 334 -38.29 73.85 12.81
C THR A 334 -38.19 72.42 13.34
N ILE A 335 -36.98 72.01 13.73
CA ILE A 335 -36.79 70.64 14.20
C ILE A 335 -37.50 70.42 15.53
N LYS A 336 -37.44 71.41 16.43
CA LYS A 336 -38.08 71.26 17.73
C LYS A 336 -39.58 71.15 17.61
N THR A 337 -40.18 71.64 16.52
CA THR A 337 -41.61 71.53 16.29
C THR A 337 -41.93 70.65 15.09
N LYS A 338 -40.99 69.81 14.66
CA LYS A 338 -41.26 68.84 13.61
C LYS A 338 -40.69 67.47 13.89
N ARG A 339 -40.00 67.30 15.02
CA ARG A 339 -39.49 66.00 15.45
C ARG A 339 -39.89 65.76 16.90
N THR A 340 -39.43 64.64 17.44
CA THR A 340 -39.82 64.19 18.78
C THR A 340 -38.57 64.14 19.64
N ILE A 341 -38.24 65.25 20.27
CA ILE A 341 -37.10 65.34 21.19
C ILE A 341 -37.67 65.42 22.59
N GLN A 342 -37.69 64.29 23.29
CA GLN A 342 -38.22 64.22 24.64
C GLN A 342 -37.13 64.56 25.65
N PHE A 343 -37.33 65.65 26.37
CA PHE A 343 -36.46 66.01 27.48
C PHE A 343 -37.05 65.49 28.79
N VAL A 344 -36.17 65.20 29.74
CA VAL A 344 -36.63 64.93 31.10
C VAL A 344 -37.21 66.20 31.67
N ASP A 345 -38.22 66.07 32.52
CA ASP A 345 -38.99 67.21 32.97
C ASP A 345 -38.27 68.02 34.03
N TRP A 346 -36.95 67.82 34.17
CA TRP A 346 -36.14 68.59 35.10
C TRP A 346 -34.92 69.19 34.42
N CYS A 347 -34.91 69.24 33.08
CA CYS A 347 -33.80 69.70 32.26
C CYS A 347 -34.09 71.07 31.66
N PRO A 348 -33.06 71.91 31.47
CA PRO A 348 -33.28 73.23 30.86
C PRO A 348 -33.84 73.19 29.44
N THR A 349 -33.98 72.02 28.83
CA THR A 349 -34.64 71.78 27.53
C THR A 349 -34.16 72.70 26.42
N GLY A 350 -33.17 73.55 26.69
CA GLY A 350 -32.65 74.49 25.71
C GLY A 350 -31.39 73.98 25.03
N PHE A 351 -31.32 74.18 23.72
CA PHE A 351 -30.15 73.78 22.95
C PHE A 351 -29.04 74.78 23.15
N LYS A 352 -27.80 74.29 23.24
CA LYS A 352 -26.62 75.13 23.26
C LYS A 352 -25.96 75.09 21.88
N VAL A 353 -25.53 76.25 21.40
CA VAL A 353 -25.00 76.39 20.04
C VAL A 353 -23.65 77.06 20.11
N GLY A 354 -22.64 76.42 19.53
CA GLY A 354 -21.33 77.02 19.35
C GLY A 354 -20.99 77.05 17.87
N ILE A 355 -20.40 78.16 17.43
CA ILE A 355 -20.09 78.38 16.02
C ILE A 355 -18.60 78.67 15.88
N ASN A 356 -17.97 78.00 14.92
CA ASN A 356 -16.55 78.23 14.59
C ASN A 356 -16.48 78.48 13.09
N TYR A 357 -16.25 79.73 12.70
CA TYR A 357 -16.32 80.09 11.28
C TYR A 357 -15.17 79.52 10.43
N GLU A 358 -14.31 78.62 10.94
CA GLU A 358 -13.31 78.01 10.08
C GLU A 358 -13.91 76.79 9.37
N PRO A 359 -13.60 76.60 8.09
CA PRO A 359 -14.21 75.49 7.36
C PRO A 359 -13.72 74.15 7.87
N PRO A 360 -14.53 73.10 7.74
CA PRO A 360 -14.09 71.76 8.15
C PRO A 360 -12.96 71.27 7.24
N THR A 361 -11.83 70.96 7.84
CA THR A 361 -10.67 70.47 7.11
C THR A 361 -10.75 68.96 6.97
N VAL A 362 -10.37 68.47 5.79
CA VAL A 362 -10.29 67.05 5.52
C VAL A 362 -8.87 66.72 5.09
N VAL A 363 -8.56 65.42 5.09
CA VAL A 363 -7.25 64.98 4.62
C VAL A 363 -7.15 65.17 3.11
N PRO A 364 -6.11 65.82 2.60
CA PRO A 364 -6.00 66.01 1.15
C PRO A 364 -5.90 64.69 0.42
N GLY A 365 -6.66 64.56 -0.67
CA GLY A 365 -6.73 63.31 -1.39
C GLY A 365 -7.44 62.21 -0.66
N GLY A 366 -8.12 62.51 0.43
CA GLY A 366 -8.78 61.51 1.25
C GLY A 366 -10.10 61.05 0.66
N ASP A 367 -10.93 60.49 1.53
CA ASP A 367 -12.23 59.96 1.14
C ASP A 367 -13.38 60.91 1.44
N LEU A 368 -13.16 61.93 2.26
CA LEU A 368 -14.19 62.91 2.60
C LEU A 368 -13.98 64.18 1.81
N ALA A 369 -15.06 64.71 1.26
CA ALA A 369 -14.99 65.95 0.50
C ALA A 369 -15.03 67.15 1.44
N LYS A 370 -14.34 68.22 1.03
CA LYS A 370 -14.41 69.47 1.76
C LYS A 370 -15.82 70.03 1.71
N VAL A 371 -16.31 70.51 2.85
CA VAL A 371 -17.66 71.02 2.95
C VAL A 371 -17.62 72.48 3.38
N GLN A 372 -18.61 73.25 2.91
CA GLN A 372 -18.71 74.64 3.29
C GLN A 372 -19.01 74.79 4.77
N ARG A 373 -19.84 73.90 5.32
CA ARG A 373 -20.25 73.97 6.71
C ARG A 373 -20.54 72.56 7.20
N ALA A 374 -20.44 72.38 8.52
CA ALA A 374 -20.72 71.10 9.13
C ALA A 374 -21.13 71.33 10.58
N VAL A 375 -21.62 70.26 11.21
CA VAL A 375 -22.13 70.34 12.58
C VAL A 375 -21.93 68.99 13.25
N CYS A 376 -21.56 69.04 14.53
CA CYS A 376 -21.47 67.85 15.37
C CYS A 376 -22.34 68.08 16.60
N MET A 377 -23.36 67.24 16.76
CA MET A 377 -24.30 67.35 17.86
C MET A 377 -23.88 66.43 19.00
N LEU A 378 -23.79 67.00 20.21
CA LEU A 378 -23.48 66.25 21.42
C LEU A 378 -24.72 66.21 22.28
N SER A 379 -25.38 65.07 22.33
CA SER A 379 -26.64 64.89 23.04
C SER A 379 -26.51 63.77 24.06
N ASN A 380 -26.92 64.04 25.29
CA ASN A 380 -26.88 63.06 26.38
C ASN A 380 -28.29 62.47 26.53
N THR A 381 -28.53 61.34 25.89
CA THR A 381 -29.83 60.68 25.90
C THR A 381 -29.73 59.33 26.60
N THR A 382 -30.86 58.91 27.18
CA THR A 382 -30.91 57.61 27.85
C THR A 382 -30.86 56.45 26.87
N ALA A 383 -31.12 56.71 25.59
CA ALA A 383 -31.13 55.63 24.61
C ALA A 383 -29.75 55.04 24.38
N ILE A 384 -28.69 55.73 24.80
CA ILE A 384 -27.35 55.18 24.68
C ILE A 384 -27.16 53.98 25.60
N ALA A 385 -28.07 53.78 26.57
CA ALA A 385 -28.01 52.59 27.41
C ALA A 385 -28.32 51.32 26.64
N GLU A 386 -28.88 51.43 25.44
CA GLU A 386 -29.05 50.26 24.59
C GLU A 386 -27.71 49.63 24.23
N ALA A 387 -26.67 50.46 24.09
CA ALA A 387 -25.34 49.93 23.83
C ALA A 387 -24.82 49.11 25.01
N TRP A 388 -25.11 49.56 26.23
CA TRP A 388 -24.75 48.77 27.40
C TRP A 388 -25.51 47.45 27.44
N ALA A 389 -26.74 47.43 26.94
CA ALA A 389 -27.52 46.19 26.93
C ALA A 389 -26.93 45.17 25.97
N ARG A 390 -26.46 45.62 24.80
CA ARG A 390 -25.85 44.70 23.85
C ARG A 390 -24.56 44.11 24.37
N LEU A 391 -23.80 44.88 25.16
CA LEU A 391 -22.59 44.34 25.78
C LEU A 391 -22.94 43.43 26.96
N ASP A 392 -23.87 43.87 27.81
CA ASP A 392 -24.24 43.07 28.97
C ASP A 392 -24.83 41.72 28.58
N HIS A 393 -25.47 41.65 27.41
CA HIS A 393 -26.05 40.39 26.97
C HIS A 393 -24.97 39.40 26.53
N LYS A 394 -24.08 39.84 25.62
CA LYS A 394 -22.97 39.00 25.21
C LYS A 394 -22.12 38.59 26.40
N PHE A 395 -21.95 39.51 27.37
CA PHE A 395 -21.25 39.18 28.60
C PHE A 395 -21.96 38.07 29.36
N ASP A 396 -23.28 38.19 29.51
CA ASP A 396 -24.03 37.24 30.33
C ASP A 396 -24.01 35.85 29.72
N LEU A 397 -24.06 35.76 28.38
CA LEU A 397 -24.09 34.46 27.73
C LEU A 397 -22.84 33.64 28.04
N MET A 398 -21.68 34.28 27.94
CA MET A 398 -20.43 33.56 28.15
C MET A 398 -20.13 33.37 29.63
N TYR A 399 -20.40 34.38 30.45
CA TYR A 399 -20.08 34.27 31.87
C TYR A 399 -20.97 33.27 32.60
N ALA A 400 -22.18 33.02 32.10
CA ALA A 400 -23.03 32.00 32.70
C ALA A 400 -22.40 30.62 32.62
N LYS A 401 -21.54 30.40 31.63
CA LYS A 401 -20.78 29.16 31.50
C LYS A 401 -19.35 29.30 32.00
N ARG A 402 -18.95 30.51 32.41
CA ARG A 402 -17.58 30.82 32.81
C ARG A 402 -16.59 30.55 31.68
N ALA A 403 -17.02 30.73 30.43
CA ALA A 403 -16.14 30.56 29.30
C ALA A 403 -15.12 31.69 29.23
N PHE A 404 -13.87 31.33 28.90
CA PHE A 404 -12.74 32.24 28.77
C PHE A 404 -12.38 32.94 30.07
N VAL A 405 -13.00 32.55 31.19
CA VAL A 405 -12.70 33.21 32.46
C VAL A 405 -11.33 32.80 32.97
N HIS A 406 -10.91 31.56 32.69
CA HIS A 406 -9.63 31.08 33.20
C HIS A 406 -8.46 31.93 32.72
N TRP A 407 -8.60 32.56 31.54
CA TRP A 407 -7.55 33.44 31.04
C TRP A 407 -7.37 34.65 31.95
N TYR A 408 -8.47 35.22 32.43
CA TYR A 408 -8.38 36.39 33.29
C TYR A 408 -7.90 36.01 34.70
N VAL A 409 -8.43 34.91 35.23
CA VAL A 409 -8.00 34.45 36.56
C VAL A 409 -6.52 34.08 36.55
N GLY A 410 -6.04 33.53 35.44
CA GLY A 410 -4.63 33.18 35.32
C GLY A 410 -3.70 34.35 35.15
N GLU A 411 -4.21 35.58 35.21
CA GLU A 411 -3.40 36.80 35.04
C GLU A 411 -3.69 37.80 36.14
N GLY A 412 -3.88 37.32 37.37
CA GLY A 412 -3.98 38.18 38.53
C GLY A 412 -5.37 38.69 38.86
N MET A 413 -6.39 38.27 38.13
CA MET A 413 -7.75 38.71 38.38
C MET A 413 -8.49 37.69 39.25
N GLU A 414 -9.13 38.18 40.31
CA GLU A 414 -10.03 37.34 41.08
C GLU A 414 -11.37 37.25 40.37
N GLU A 415 -11.93 36.05 40.33
CA GLU A 415 -13.14 35.81 39.54
C GLU A 415 -14.30 36.68 40.02
N GLY A 416 -14.33 37.02 41.30
CA GLY A 416 -15.38 37.89 41.82
C GLY A 416 -15.40 39.27 41.20
N GLU A 417 -14.29 39.72 40.63
CA GLU A 417 -14.26 41.02 39.98
C GLU A 417 -15.13 41.04 38.73
N PHE A 418 -15.32 39.88 38.10
CA PHE A 418 -16.31 39.77 37.02
C PHE A 418 -17.70 40.10 37.54
N SER A 419 -18.08 39.50 38.66
CA SER A 419 -19.40 39.75 39.24
C SER A 419 -19.56 41.21 39.64
N GLU A 420 -18.55 41.80 40.27
CA GLU A 420 -18.61 43.20 40.64
C GLU A 420 -18.84 44.08 39.43
N ALA A 421 -18.10 43.83 38.34
CA ALA A 421 -18.22 44.66 37.15
C ALA A 421 -19.60 44.52 36.52
N ARG A 422 -20.16 43.31 36.54
CA ARG A 422 -21.48 43.11 35.96
C ARG A 422 -22.56 43.72 36.85
N GLU A 423 -22.38 43.67 38.17
CA GLU A 423 -23.32 44.32 39.07
C GLU A 423 -23.34 45.83 38.85
N ASP A 424 -22.19 46.42 38.55
CA ASP A 424 -22.13 47.85 38.28
C ASP A 424 -22.86 48.18 36.99
N MET A 425 -22.62 47.40 35.94
CA MET A 425 -23.34 47.60 34.68
C MET A 425 -24.83 47.36 34.84
N ALA A 426 -25.21 46.45 35.74
CA ALA A 426 -26.62 46.29 36.07
C ALA A 426 -27.16 47.55 36.74
N ALA A 427 -26.38 48.12 37.66
CA ALA A 427 -26.80 49.36 38.32
C ALA A 427 -26.81 50.51 37.33
N LEU A 428 -25.82 50.58 36.44
CA LEU A 428 -25.78 51.65 35.45
C LEU A 428 -27.00 51.59 34.54
N GLU A 429 -27.47 50.39 34.21
CA GLU A 429 -28.66 50.27 33.38
C GLU A 429 -29.91 50.69 34.15
N LYS A 430 -29.95 50.41 35.46
CA LYS A 430 -31.05 50.92 36.28
C LYS A 430 -31.02 52.43 36.37
N ASP A 431 -29.83 52.99 36.56
CA ASP A 431 -29.70 54.45 36.67
C ASP A 431 -30.14 55.14 35.39
N TYR A 432 -29.92 54.52 34.23
CA TYR A 432 -30.42 55.08 32.98
C TYR A 432 -31.93 54.92 32.87
N GLU A 433 -32.46 53.80 33.40
CA GLU A 433 -33.90 53.61 33.40
C GLU A 433 -34.60 54.62 34.29
N GLU A 434 -34.06 54.87 35.48
CA GLU A 434 -34.67 55.79 36.42
C GLU A 434 -34.69 57.21 35.85
N VAL A 435 -33.53 57.71 35.42
CA VAL A 435 -33.46 59.04 34.85
C VAL A 435 -34.30 59.13 33.59
N GLY A 436 -34.49 58.01 32.90
CA GLY A 436 -35.30 57.96 31.70
C GLY A 436 -36.73 58.40 31.93
N VAL A 437 -37.47 57.63 32.72
CA VAL A 437 -38.86 57.92 33.01
C VAL A 437 -39.03 59.30 33.65
N MET B 1 5.68 38.89 21.74
CA MET B 1 4.92 37.93 20.97
C MET B 1 5.35 37.94 19.50
N ARG B 2 6.58 37.50 19.22
CA ARG B 2 7.09 37.53 17.87
C ARG B 2 7.60 36.17 17.42
N GLU B 3 8.76 35.76 17.95
CA GLU B 3 9.44 34.57 17.46
C GLU B 3 8.83 33.30 18.04
N ILE B 4 8.74 32.26 17.20
CA ILE B 4 8.19 30.96 17.59
C ILE B 4 9.30 29.92 17.45
N VAL B 5 9.54 29.18 18.53
CA VAL B 5 10.52 28.10 18.53
C VAL B 5 9.82 26.82 18.12
N HIS B 6 10.33 26.16 17.08
CA HIS B 6 9.73 24.95 16.55
C HIS B 6 10.51 23.73 17.02
N ILE B 7 9.80 22.67 17.37
CA ILE B 7 10.41 21.42 17.82
C ILE B 7 9.70 20.24 17.14
N GLN B 8 10.49 19.29 16.67
CA GLN B 8 9.96 18.04 16.12
C GLN B 8 10.61 16.87 16.83
N ALA B 9 9.80 15.90 17.24
CA ALA B 9 10.27 14.79 18.07
C ALA B 9 9.75 13.47 17.52
N GLY B 10 10.64 12.48 17.47
CA GLY B 10 10.27 11.15 17.03
C GLY B 10 10.34 10.99 15.53
N GLN B 11 9.89 9.81 15.09
CA GLN B 11 9.86 9.52 13.66
C GLN B 11 8.86 10.41 12.94
N CYS B 12 7.58 10.33 13.32
CA CYS B 12 6.55 11.14 12.67
C CYS B 12 6.80 12.63 12.86
N GLY B 13 7.30 13.01 14.04
CA GLY B 13 7.53 14.42 14.29
C GLY B 13 8.52 15.04 13.33
N ASN B 14 9.64 14.35 13.08
CA ASN B 14 10.62 14.85 12.12
C ASN B 14 10.17 14.68 10.68
N GLN B 15 9.28 13.72 10.40
CA GLN B 15 8.77 13.56 9.05
C GLN B 15 7.86 14.71 8.64
N ILE B 16 6.78 14.92 9.40
CA ILE B 16 5.85 15.99 9.07
C ILE B 16 6.49 17.35 9.32
N GLY B 17 7.44 17.44 10.23
CA GLY B 17 8.11 18.70 10.48
C GLY B 17 8.99 19.12 9.31
N ALA B 18 9.76 18.17 8.75
CA ALA B 18 10.60 18.49 7.62
C ALA B 18 9.76 18.86 6.39
N LYS B 19 8.65 18.15 6.18
CA LYS B 19 7.74 18.51 5.09
C LYS B 19 7.11 19.87 5.32
N PHE B 20 6.86 20.23 6.59
CA PHE B 20 6.29 21.54 6.89
C PHE B 20 7.28 22.64 6.59
N TRP B 21 8.56 22.43 6.92
CA TRP B 21 9.57 23.44 6.65
C TRP B 21 9.82 23.59 5.15
N GLU B 22 9.71 22.49 4.39
CA GLU B 22 9.80 22.58 2.93
C GLU B 22 8.69 23.48 2.38
N VAL B 23 7.48 23.35 2.93
CA VAL B 23 6.33 24.08 2.37
C VAL B 23 6.46 25.58 2.65
N ILE B 24 6.76 25.94 3.89
CA ILE B 24 6.77 27.36 4.24
C ILE B 24 8.04 28.06 3.76
N SER B 25 9.16 27.33 3.64
CA SER B 25 10.36 27.94 3.08
C SER B 25 10.16 28.32 1.63
N ASP B 26 9.36 27.54 0.90
CA ASP B 26 9.02 27.90 -0.47
C ASP B 26 8.07 29.09 -0.51
N GLU B 27 7.03 29.05 0.33
CA GLU B 27 6.08 30.16 0.35
C GLU B 27 6.74 31.47 0.76
N HIS B 28 7.77 31.40 1.60
CA HIS B 28 8.54 32.57 1.98
C HIS B 28 9.72 32.83 1.05
N GLY B 29 9.80 32.11 -0.07
CA GLY B 29 10.87 32.29 -1.04
C GLY B 29 12.26 31.97 -0.53
N ILE B 30 12.43 30.86 0.17
CA ILE B 30 13.72 30.45 0.73
C ILE B 30 14.13 29.14 0.07
N ASP B 31 15.27 29.14 -0.60
CA ASP B 31 15.81 27.93 -1.21
C ASP B 31 16.60 27.14 -0.18
N PRO B 32 16.88 25.85 -0.44
CA PRO B 32 17.61 25.04 0.54
C PRO B 32 18.92 25.64 1.00
N THR B 33 19.56 26.49 0.16
CA THR B 33 20.75 27.19 0.59
C THR B 33 20.49 28.21 1.69
N GLY B 34 19.21 28.51 1.96
CA GLY B 34 18.83 29.49 2.94
C GLY B 34 18.57 30.87 2.37
N SER B 35 19.00 31.13 1.14
CA SER B 35 18.87 32.45 0.56
C SER B 35 17.42 32.77 0.20
N TYR B 36 17.10 34.06 0.17
CA TYR B 36 15.77 34.52 -0.23
C TYR B 36 15.77 34.80 -1.72
N HIS B 37 14.89 34.11 -2.45
CA HIS B 37 14.75 34.28 -3.90
C HIS B 37 13.31 34.61 -4.27
N GLY B 38 12.54 35.17 -3.34
CA GLY B 38 11.15 35.50 -3.58
C GLY B 38 10.97 36.82 -4.30
N ASP B 39 9.71 37.22 -4.43
CA ASP B 39 9.36 38.45 -5.15
C ASP B 39 8.63 39.44 -4.25
N SER B 40 7.55 39.05 -3.60
CA SER B 40 6.80 39.96 -2.75
C SER B 40 7.56 40.26 -1.47
N ASP B 41 7.21 41.38 -0.85
CA ASP B 41 7.80 41.78 0.42
C ASP B 41 6.98 41.33 1.61
N LEU B 42 5.76 40.84 1.40
CA LEU B 42 5.00 40.24 2.50
C LEU B 42 5.71 39.01 3.04
N GLN B 43 6.45 38.31 2.18
CA GLN B 43 7.13 37.08 2.60
C GLN B 43 8.23 37.37 3.62
N LEU B 44 8.77 38.58 3.62
CA LEU B 44 9.80 38.98 4.56
C LEU B 44 9.27 39.88 5.67
N GLU B 45 7.99 40.27 5.61
CA GLU B 45 7.44 41.16 6.63
C GLU B 45 7.49 40.52 8.00
N ARG B 46 7.10 39.25 8.10
CA ARG B 46 7.09 38.51 9.35
C ARG B 46 7.85 37.20 9.19
N ILE B 47 9.07 37.28 8.64
CA ILE B 47 9.92 36.12 8.53
C ILE B 47 10.66 35.83 9.84
N ASN B 48 10.74 36.81 10.74
CA ASN B 48 11.43 36.62 12.01
C ASN B 48 10.73 35.64 12.93
N VAL B 49 9.49 35.26 12.63
CA VAL B 49 8.75 34.35 13.48
C VAL B 49 9.41 32.97 13.49
N TYR B 50 9.60 32.39 12.30
CA TYR B 50 10.09 31.02 12.18
C TYR B 50 11.56 30.92 11.83
N TYR B 51 12.18 31.99 11.33
CA TYR B 51 13.56 31.95 10.88
C TYR B 51 14.41 32.95 11.65
N ASN B 52 15.73 32.78 11.52
CA ASN B 52 16.72 33.68 12.09
C ASN B 52 17.51 34.33 10.96
N GLU B 53 18.57 35.05 11.34
CA GLU B 53 19.49 35.61 10.38
C GLU B 53 20.79 34.80 10.37
N ALA B 54 21.72 35.25 9.54
CA ALA B 54 23.10 34.77 9.62
C ALA B 54 24.10 35.90 9.48
N ALA B 55 23.64 37.15 9.38
CA ALA B 55 24.53 38.30 9.32
C ALA B 55 25.17 38.58 10.67
N ASN B 57 25.19 33.06 4.79
CA ASN B 57 24.79 34.33 5.38
C ASN B 57 23.35 34.66 5.01
N LYS B 58 22.43 33.77 5.37
CA LYS B 58 21.04 33.92 4.98
C LYS B 58 20.10 33.49 6.11
N TYR B 59 18.87 33.14 5.78
CA TYR B 59 17.86 32.79 6.77
C TYR B 59 17.94 31.33 7.20
N VAL B 60 17.83 31.10 8.50
CA VAL B 60 17.95 29.76 9.08
C VAL B 60 16.72 29.46 9.92
N PRO B 61 16.12 28.27 9.79
CA PRO B 61 14.92 27.97 10.58
C PRO B 61 15.20 27.91 12.07
N ARG B 62 14.21 28.33 12.85
CA ARG B 62 14.28 28.24 14.31
C ARG B 62 13.62 26.94 14.76
N ALA B 63 14.27 25.83 14.39
CA ALA B 63 13.73 24.50 14.62
C ALA B 63 14.75 23.64 15.33
N ILE B 64 14.25 22.74 16.18
CA ILE B 64 15.06 21.78 16.92
C ILE B 64 14.54 20.38 16.59
N LEU B 65 15.44 19.49 16.21
CA LEU B 65 15.09 18.15 15.76
C LEU B 65 15.56 17.15 16.81
N VAL B 66 14.63 16.35 17.31
CA VAL B 66 14.88 15.44 18.44
C VAL B 66 14.41 14.05 18.06
N ASP B 67 15.19 13.03 18.43
CA ASP B 67 14.80 11.63 18.28
C ASP B 67 15.78 10.77 19.07
N LEU B 68 15.26 9.69 19.66
CA LEU B 68 16.10 8.72 20.35
C LEU B 68 16.74 7.73 19.38
N GLU B 69 16.40 7.81 18.10
CA GLU B 69 16.97 6.98 17.06
C GLU B 69 17.59 7.87 15.99
N PRO B 70 18.88 7.71 15.68
CA PRO B 70 19.53 8.49 14.61
C PRO B 70 19.11 8.12 13.20
N GLY B 71 18.11 7.27 12.99
CA GLY B 71 17.75 6.93 11.63
C GLY B 71 17.07 8.08 10.90
N THR B 72 16.09 8.70 11.56
CA THR B 72 15.40 9.82 10.92
C THR B 72 16.28 11.05 10.82
N MET B 73 17.31 11.15 11.67
CA MET B 73 18.24 12.28 11.60
C MET B 73 18.90 12.37 10.22
N ASP B 74 19.33 11.25 9.67
CA ASP B 74 20.03 11.25 8.39
C ASP B 74 19.09 11.35 7.21
N SER B 75 17.90 10.75 7.30
CA SER B 75 16.92 10.89 6.23
C SER B 75 16.41 12.32 6.12
N VAL B 76 16.52 13.11 7.17
CA VAL B 76 16.14 14.52 7.11
C VAL B 76 17.27 15.35 6.48
N ARG B 77 18.50 15.13 6.94
CA ARG B 77 19.63 15.87 6.37
C ARG B 77 19.85 15.50 4.91
N SER B 78 19.54 14.26 4.53
CA SER B 78 19.63 13.85 3.14
C SER B 78 18.47 14.36 2.30
N GLY B 79 17.43 14.93 2.94
CA GLY B 79 16.31 15.47 2.22
C GLY B 79 16.68 16.71 1.44
N PRO B 80 15.70 17.26 0.71
CA PRO B 80 16.00 18.42 -0.14
C PRO B 80 16.33 19.67 0.66
N PHE B 81 15.71 19.87 1.82
CA PHE B 81 15.98 21.03 2.66
C PHE B 81 16.77 20.66 3.91
N GLY B 82 17.45 19.51 3.91
CA GLY B 82 18.16 19.08 5.09
C GLY B 82 19.41 19.89 5.41
N GLN B 83 19.94 20.60 4.43
CA GLN B 83 21.17 21.38 4.61
C GLN B 83 20.90 22.77 5.18
N ILE B 84 19.64 23.15 5.41
CA ILE B 84 19.34 24.48 5.92
C ILE B 84 19.25 24.51 7.44
N PHE B 85 18.97 23.39 8.09
CA PHE B 85 18.83 23.37 9.54
C PHE B 85 20.18 23.52 10.22
N ARG B 86 20.16 24.12 11.41
CA ARG B 86 21.39 24.29 12.18
C ARG B 86 21.96 22.93 12.56
N PRO B 87 23.25 22.69 12.35
CA PRO B 87 23.83 21.39 12.75
C PRO B 87 23.72 21.12 14.24
N ASP B 88 23.96 22.14 15.07
CA ASP B 88 23.90 21.96 16.51
C ASP B 88 22.48 21.71 17.01
N ASN B 89 21.46 22.04 16.22
CA ASN B 89 20.08 21.87 16.64
C ASN B 89 19.59 20.42 16.52
N PHE B 90 20.37 19.54 15.91
CA PHE B 90 20.05 18.12 15.88
C PHE B 90 20.48 17.49 17.19
N VAL B 91 19.52 17.07 18.00
CA VAL B 91 19.78 16.39 19.26
C VAL B 91 19.23 14.97 19.13
N PHE B 92 20.13 14.00 19.02
CA PHE B 92 19.70 12.63 18.79
C PHE B 92 20.48 11.67 19.68
N GLY B 93 19.75 10.81 20.38
CA GLY B 93 20.35 9.64 20.99
C GLY B 93 20.39 8.49 20.01
N GLN B 94 21.13 7.45 20.39
CA GLN B 94 21.35 6.31 19.50
C GLN B 94 20.74 5.02 20.04
N SER B 95 19.92 5.09 21.10
CA SER B 95 19.33 3.89 21.68
C SER B 95 18.03 3.53 20.97
N GLY B 96 16.99 4.33 21.18
CA GLY B 96 15.67 4.06 20.65
C GLY B 96 14.62 3.98 21.75
N ALA B 97 13.37 3.96 21.32
CA ALA B 97 12.24 3.93 22.23
C ALA B 97 11.35 2.70 22.08
N GLY B 98 11.51 1.92 21.02
CA GLY B 98 10.74 0.70 20.85
C GLY B 98 9.24 0.93 20.85
N ASN B 99 8.81 2.11 20.40
CA ASN B 99 7.39 2.47 20.40
C ASN B 99 6.78 2.37 21.80
N ASN B 100 7.57 2.75 22.80
CA ASN B 100 7.14 2.73 24.20
C ASN B 100 7.10 4.15 24.72
N TRP B 101 5.91 4.57 25.18
CA TRP B 101 5.77 5.90 25.75
C TRP B 101 6.59 6.05 27.02
N ALA B 102 6.70 4.98 27.81
CA ALA B 102 7.44 5.05 29.07
C ALA B 102 8.93 5.19 28.82
N LYS B 103 9.45 4.52 27.80
CA LYS B 103 10.87 4.64 27.48
C LYS B 103 11.23 6.06 27.08
N GLY B 104 10.35 6.73 26.34
CA GLY B 104 10.62 8.09 25.92
C GLY B 104 10.35 9.11 27.00
N HIS B 105 9.37 8.85 27.87
CA HIS B 105 8.97 9.83 28.87
C HIS B 105 9.74 9.68 30.19
N TYR B 106 10.06 8.46 30.58
CA TYR B 106 10.66 8.20 31.89
C TYR B 106 12.11 7.74 31.83
N THR B 107 12.46 6.84 30.92
CA THR B 107 13.73 6.13 31.00
C THR B 107 14.80 6.79 30.14
N GLU B 108 14.81 6.50 28.83
CA GLU B 108 15.87 6.92 27.95
C GLU B 108 15.61 8.28 27.30
N GLY B 109 14.38 8.79 27.36
CA GLY B 109 14.13 10.15 26.93
C GLY B 109 14.48 11.17 27.98
N ALA B 110 14.36 10.81 29.26
CA ALA B 110 14.73 11.73 30.33
C ALA B 110 16.24 11.92 30.40
N GLU B 111 17.01 10.90 30.01
CA GLU B 111 18.46 11.00 29.96
C GLU B 111 18.96 11.71 28.71
N LEU B 112 18.06 12.14 27.83
CA LEU B 112 18.41 12.95 26.67
C LEU B 112 17.77 14.33 26.69
N VAL B 113 16.74 14.54 27.51
CA VAL B 113 15.96 15.78 27.46
C VAL B 113 16.80 16.97 27.89
N ASP B 114 17.80 16.77 28.77
CA ASP B 114 18.65 17.88 29.16
C ASP B 114 19.45 18.42 27.98
N SER B 115 19.84 17.54 27.06
CA SER B 115 20.53 17.99 25.86
C SER B 115 19.63 18.84 24.98
N VAL B 116 18.33 18.56 24.97
CA VAL B 116 17.41 19.32 24.13
C VAL B 116 17.15 20.70 24.74
N LEU B 117 16.95 20.75 26.06
CA LEU B 117 16.68 22.02 26.71
C LEU B 117 17.86 22.99 26.56
N ASP B 118 19.07 22.46 26.39
CA ASP B 118 20.22 23.33 26.11
C ASP B 118 20.09 23.98 24.74
N VAL B 119 19.61 23.24 23.75
CA VAL B 119 19.37 23.81 22.43
C VAL B 119 18.13 24.71 22.46
N VAL B 120 17.13 24.34 23.25
CA VAL B 120 15.96 25.20 23.43
C VAL B 120 16.38 26.52 24.05
N ARG B 121 17.21 26.47 25.09
CA ARG B 121 17.69 27.69 25.74
C ARG B 121 18.49 28.55 24.77
N LYS B 122 19.27 27.91 23.90
CA LYS B 122 20.11 28.65 22.96
C LYS B 122 19.26 29.46 21.98
N GLU B 123 18.26 28.82 21.38
CA GLU B 123 17.39 29.51 20.43
C GLU B 123 16.51 30.55 21.09
N SER B 124 16.24 30.41 22.40
CA SER B 124 15.40 31.37 23.12
C SER B 124 16.15 32.64 23.49
N GLU B 125 17.48 32.60 23.60
CA GLU B 125 18.23 33.81 23.94
C GLU B 125 18.32 34.76 22.77
N SER B 126 18.44 34.24 21.54
CA SER B 126 18.44 35.06 20.34
C SER B 126 17.03 35.51 19.94
N CYS B 127 16.08 35.54 20.87
CA CYS B 127 14.72 35.96 20.61
C CYS B 127 14.45 37.28 21.32
N ASP B 128 14.10 38.31 20.55
CA ASP B 128 13.79 39.61 21.16
C ASP B 128 12.61 39.50 22.11
N CYS B 129 11.61 38.69 21.74
CA CYS B 129 10.46 38.44 22.62
C CYS B 129 9.85 37.10 22.18
N LEU B 130 10.12 36.05 22.95
CA LEU B 130 9.66 34.71 22.60
C LEU B 130 8.14 34.65 22.66
N GLN B 131 7.52 34.25 21.55
CA GLN B 131 6.07 34.14 21.48
C GLN B 131 5.57 32.83 22.09
N GLY B 132 6.12 31.71 21.62
CA GLY B 132 5.71 30.42 22.14
C GLY B 132 6.50 29.30 21.49
N PHE B 133 6.03 28.08 21.73
CA PHE B 133 6.66 26.89 21.20
C PHE B 133 5.69 26.11 20.33
N GLN B 134 6.25 25.27 19.46
CA GLN B 134 5.47 24.51 18.50
C GLN B 134 6.08 23.12 18.37
N LEU B 135 5.27 22.09 18.63
CA LEU B 135 5.76 20.71 18.64
C LEU B 135 4.98 19.85 17.66
N THR B 136 5.71 19.10 16.85
CA THR B 136 5.13 18.08 15.98
C THR B 136 5.57 16.71 16.48
N HIS B 137 4.63 15.78 16.60
CA HIS B 137 4.92 14.45 17.14
C HIS B 137 3.73 13.55 16.86
N SER B 138 3.88 12.28 17.23
CA SER B 138 2.83 11.27 17.13
C SER B 138 2.52 10.73 18.51
N LEU B 139 1.24 10.67 18.85
CA LEU B 139 0.84 10.20 20.17
C LEU B 139 0.90 8.68 20.31
N GLY B 140 0.88 7.96 19.20
CA GLY B 140 0.91 6.51 19.25
C GLY B 140 2.28 5.87 19.25
N GLY B 141 3.34 6.67 19.21
CA GLY B 141 4.70 6.16 19.17
C GLY B 141 5.35 6.13 20.53
N GLY B 142 6.68 6.13 20.52
CA GLY B 142 7.45 6.07 21.76
C GLY B 142 8.24 7.33 22.05
N THR B 143 8.92 7.86 21.03
CA THR B 143 9.73 9.05 21.24
C THR B 143 8.87 10.31 21.20
N GLY B 144 8.18 10.53 20.07
CA GLY B 144 7.33 11.71 19.96
C GLY B 144 6.26 11.75 21.03
N SER B 145 5.71 10.60 21.40
CA SER B 145 4.69 10.57 22.43
C SER B 145 5.31 10.74 23.82
N GLY B 146 6.20 9.84 24.20
CA GLY B 146 6.81 9.86 25.52
C GLY B 146 7.72 11.04 25.75
N MET B 147 8.79 11.16 24.96
CA MET B 147 9.74 12.25 25.16
C MET B 147 9.13 13.60 24.77
N GLY B 148 8.18 13.61 23.84
CA GLY B 148 7.53 14.86 23.47
C GLY B 148 6.77 15.47 24.62
N THR B 149 5.91 14.68 25.28
CA THR B 149 5.17 15.18 26.42
C THR B 149 6.09 15.54 27.58
N LEU B 150 7.23 14.87 27.69
CA LEU B 150 8.23 15.27 28.68
C LEU B 150 8.85 16.61 28.32
N LEU B 151 9.17 16.79 27.04
CA LEU B 151 9.69 18.09 26.59
C LEU B 151 8.69 19.20 26.83
N ILE B 152 7.40 18.92 26.62
CA ILE B 152 6.36 19.91 26.88
C ILE B 152 6.35 20.30 28.35
N SER B 153 6.34 19.29 29.24
CA SER B 153 6.31 19.58 30.67
C SER B 153 7.59 20.23 31.14
N LYS B 154 8.72 19.93 30.48
CA LYS B 154 9.98 20.58 30.85
C LYS B 154 10.00 22.02 30.37
N ILE B 155 9.56 22.28 29.14
CA ILE B 155 9.44 23.66 28.66
C ILE B 155 8.42 24.42 29.50
N ARG B 156 7.37 23.75 29.95
CA ARG B 156 6.33 24.39 30.75
C ARG B 156 6.92 24.96 32.05
N GLU B 157 7.81 24.21 32.69
CA GLU B 157 8.38 24.66 33.95
C GLU B 157 9.57 25.60 33.78
N GLU B 158 10.14 25.69 32.58
CA GLU B 158 11.19 26.66 32.31
C GLU B 158 10.70 27.90 31.57
N TYR B 159 9.58 27.79 30.85
CA TYR B 159 8.96 28.91 30.15
C TYR B 159 7.48 28.94 30.48
N PRO B 160 7.12 29.27 31.73
CA PRO B 160 5.70 29.35 32.10
C PRO B 160 4.98 30.57 31.54
N ASP B 161 5.70 31.47 30.86
CA ASP B 161 5.07 32.62 30.21
C ASP B 161 4.63 32.32 28.80
N ARG B 162 5.25 31.37 28.12
CA ARG B 162 5.09 31.20 26.69
C ARG B 162 4.01 30.17 26.36
N ILE B 163 3.39 30.36 25.19
CA ILE B 163 2.35 29.45 24.72
C ILE B 163 2.97 28.13 24.27
N MET B 164 2.31 27.03 24.60
CA MET B 164 2.74 25.69 24.19
C MET B 164 1.71 25.16 23.19
N ASN B 165 2.10 25.11 21.92
CA ASN B 165 1.25 24.63 20.83
C ASN B 165 1.83 23.34 20.26
N THR B 166 0.95 22.39 19.92
CA THR B 166 1.39 21.09 19.42
C THR B 166 0.59 20.68 18.20
N PHE B 167 1.27 19.93 17.32
CA PHE B 167 0.65 19.27 16.17
C PHE B 167 0.79 17.76 16.41
N SER B 168 -0.18 17.18 17.10
CA SER B 168 -0.14 15.78 17.47
C SER B 168 -1.00 14.97 16.50
N VAL B 169 -0.44 13.89 15.98
CA VAL B 169 -1.17 13.01 15.07
C VAL B 169 -1.67 11.80 15.85
N VAL B 170 -2.83 11.30 15.46
CA VAL B 170 -3.53 10.26 16.21
C VAL B 170 -3.24 8.90 15.59
N PRO B 171 -3.01 7.86 16.39
CA PRO B 171 -2.88 6.52 15.82
C PRO B 171 -4.22 5.93 15.40
N SER B 172 -4.15 4.99 14.45
CA SER B 172 -5.33 4.34 13.92
C SER B 172 -4.98 2.94 13.42
N PRO B 173 -5.85 1.95 13.62
CA PRO B 173 -5.56 0.60 13.10
C PRO B 173 -5.43 0.56 11.58
N LYS B 174 -5.98 1.53 10.86
CA LYS B 174 -5.85 1.54 9.40
C LYS B 174 -4.42 1.81 8.97
N VAL B 175 -3.68 2.61 9.74
CA VAL B 175 -2.25 2.84 9.48
C VAL B 175 -1.49 2.74 10.79
N SER B 176 -1.47 1.55 11.39
CA SER B 176 -0.82 1.35 12.68
C SER B 176 0.47 0.56 12.52
N ASP B 177 1.42 0.85 13.40
CA ASP B 177 2.68 0.13 13.45
C ASP B 177 2.81 -0.78 14.65
N THR B 178 1.96 -0.64 15.66
CA THR B 178 2.08 -1.39 16.89
C THR B 178 0.71 -1.53 17.52
N VAL B 179 0.60 -2.44 18.49
CA VAL B 179 -0.67 -2.64 19.20
C VAL B 179 -0.77 -1.76 20.45
N VAL B 180 0.33 -1.21 20.94
CA VAL B 180 0.35 -0.45 22.19
C VAL B 180 0.11 1.02 21.89
N GLU B 181 -0.27 1.34 20.65
CA GLU B 181 -0.58 2.72 20.31
C GLU B 181 -1.71 3.31 21.14
N PRO B 182 -2.81 2.60 21.43
CA PRO B 182 -3.79 3.16 22.38
C PRO B 182 -3.21 3.49 23.74
N TYR B 183 -2.30 2.65 24.24
CA TYR B 183 -1.62 2.97 25.49
C TYR B 183 -0.84 4.27 25.38
N ASN B 184 -0.01 4.39 24.35
CA ASN B 184 0.82 5.59 24.18
C ASN B 184 -0.05 6.82 23.97
N ALA B 185 -1.08 6.71 23.13
CA ALA B 185 -1.94 7.86 22.85
C ALA B 185 -2.71 8.29 24.10
N THR B 186 -3.21 7.33 24.89
CA THR B 186 -3.93 7.66 26.10
C THR B 186 -3.02 8.34 27.11
N LEU B 187 -1.81 7.80 27.29
CA LEU B 187 -0.86 8.43 28.21
C LEU B 187 -0.44 9.80 27.70
N SER B 188 -0.44 10.00 26.39
CA SER B 188 0.00 11.27 25.83
C SER B 188 -1.11 12.32 25.91
N VAL B 189 -2.34 11.92 25.56
CA VAL B 189 -3.49 12.83 25.70
C VAL B 189 -3.63 13.28 27.15
N HIS B 190 -3.37 12.38 28.09
CA HIS B 190 -3.41 12.74 29.51
C HIS B 190 -2.44 13.87 29.82
N GLN B 191 -1.36 14.01 29.05
CA GLN B 191 -0.41 15.10 29.24
C GLN B 191 -0.82 16.35 28.49
N LEU B 192 -1.26 16.23 27.23
CA LEU B 192 -1.62 17.39 26.43
C LEU B 192 -2.78 18.17 27.04
N VAL B 193 -3.72 17.47 27.68
CA VAL B 193 -4.90 18.13 28.24
C VAL B 193 -4.52 19.03 29.40
N GLU B 194 -3.34 18.84 30.00
CA GLU B 194 -2.92 19.62 31.17
C GLU B 194 -1.63 20.39 30.96
N ASN B 195 -1.06 20.39 29.76
CA ASN B 195 0.23 21.03 29.55
C ASN B 195 0.24 21.97 28.35
N THR B 196 -0.51 21.65 27.31
CA THR B 196 -0.51 22.43 26.09
C THR B 196 -1.64 23.44 26.10
N ASP B 197 -1.35 24.65 25.58
CA ASP B 197 -2.38 25.68 25.48
C ASP B 197 -3.29 25.45 24.28
N GLU B 198 -2.80 24.78 23.25
CA GLU B 198 -3.61 24.45 22.09
C GLU B 198 -2.99 23.25 21.37
N THR B 199 -3.83 22.38 20.85
CA THR B 199 -3.39 21.15 20.21
C THR B 199 -4.26 20.84 19.00
N TYR B 200 -3.62 20.68 17.85
CA TYR B 200 -4.32 20.35 16.60
C TYR B 200 -4.36 18.85 16.44
N CYS B 201 -5.56 18.26 16.55
CA CYS B 201 -5.72 16.83 16.39
C CYS B 201 -5.62 16.45 14.92
N ILE B 202 -4.58 15.68 14.58
CA ILE B 202 -4.38 15.22 13.21
C ILE B 202 -4.62 13.72 13.14
N ASP B 203 -5.86 13.31 12.88
CA ASP B 203 -6.20 11.90 12.92
C ASP B 203 -5.69 11.17 11.68
N ASN B 204 -4.91 10.11 11.90
CA ASN B 204 -4.41 9.33 10.76
C ASN B 204 -5.54 8.53 10.11
N GLU B 205 -6.55 8.12 10.89
CA GLU B 205 -7.71 7.47 10.31
C GLU B 205 -8.45 8.40 9.36
N ALA B 206 -8.51 9.69 9.70
CA ALA B 206 -9.09 10.67 8.78
C ALA B 206 -8.19 10.87 7.57
N LEU B 207 -6.88 10.99 7.78
CA LEU B 207 -5.96 11.17 6.66
C LEU B 207 -6.00 9.98 5.71
N TYR B 208 -6.10 8.76 6.27
CA TYR B 208 -6.19 7.57 5.44
C TYR B 208 -7.49 7.57 4.63
N ASP B 209 -8.62 7.81 5.31
CA ASP B 209 -9.90 7.82 4.62
C ASP B 209 -9.93 8.88 3.52
N ILE B 210 -9.25 10.00 3.72
CA ILE B 210 -9.21 11.04 2.68
C ILE B 210 -8.41 10.56 1.48
N CYS B 211 -7.23 10.00 1.71
CA CYS B 211 -6.43 9.50 0.61
C CYS B 211 -7.13 8.37 -0.13
N PHE B 212 -7.91 7.56 0.59
CA PHE B 212 -8.55 6.39 0.01
C PHE B 212 -9.88 6.72 -0.66
N ARG B 213 -10.77 7.41 0.06
CA ARG B 213 -12.13 7.62 -0.40
C ARG B 213 -12.32 8.92 -1.17
N THR B 214 -11.41 9.88 -1.02
CA THR B 214 -11.49 11.16 -1.73
C THR B 214 -10.48 11.27 -2.85
N LEU B 215 -9.18 11.15 -2.54
CA LEU B 215 -8.16 11.16 -3.58
C LEU B 215 -8.12 9.86 -4.37
N LYS B 216 -8.88 8.84 -3.96
CA LYS B 216 -8.98 7.57 -4.68
C LYS B 216 -7.61 6.92 -4.85
N LEU B 217 -6.92 6.74 -3.74
CA LEU B 217 -5.65 6.02 -3.70
C LEU B 217 -5.88 4.70 -2.99
N THR B 218 -5.58 3.59 -3.67
CA THR B 218 -5.88 2.27 -3.12
C THR B 218 -4.98 1.95 -1.92
N THR B 219 -3.68 2.21 -2.03
CA THR B 219 -2.71 1.94 -0.97
C THR B 219 -2.00 3.25 -0.61
N PRO B 220 -2.50 3.99 0.38
CA PRO B 220 -1.86 5.24 0.75
C PRO B 220 -0.56 5.00 1.51
N THR B 221 0.47 5.76 1.15
CA THR B 221 1.74 5.75 1.86
C THR B 221 1.81 6.92 2.85
N TYR B 222 2.89 6.95 3.63
CA TYR B 222 3.06 8.05 4.57
C TYR B 222 3.28 9.38 3.86
N GLY B 223 3.88 9.35 2.68
CA GLY B 223 3.99 10.56 1.88
C GLY B 223 2.63 11.09 1.46
N ASP B 224 1.70 10.19 1.14
CA ASP B 224 0.34 10.59 0.81
C ASP B 224 -0.36 11.20 2.02
N LEU B 225 -0.06 10.72 3.22
CA LEU B 225 -0.66 11.27 4.42
C LEU B 225 0.01 12.56 4.85
N ASN B 226 1.34 12.63 4.76
CA ASN B 226 2.09 13.81 5.15
C ASN B 226 1.92 14.98 4.19
N HIS B 227 1.37 14.74 3.00
CA HIS B 227 1.01 15.85 2.12
C HIS B 227 -0.18 16.62 2.66
N LEU B 228 -1.19 15.90 3.16
CA LEU B 228 -2.31 16.57 3.80
C LEU B 228 -1.90 17.27 5.08
N VAL B 229 -0.92 16.71 5.80
CA VAL B 229 -0.47 17.31 7.05
C VAL B 229 0.25 18.62 6.78
N SER B 230 1.23 18.61 5.87
CA SER B 230 1.98 19.82 5.58
C SER B 230 1.08 20.93 5.03
N ALA B 231 0.04 20.56 4.28
CA ALA B 231 -0.91 21.56 3.81
C ALA B 231 -1.73 22.11 4.96
N THR B 232 -2.23 21.23 5.84
CA THR B 232 -3.00 21.67 6.99
C THR B 232 -2.16 22.54 7.93
N MET B 233 -0.89 22.17 8.11
CA MET B 233 -0.03 22.94 9.01
C MET B 233 0.28 24.31 8.41
N SER B 234 0.45 24.39 7.09
CA SER B 234 0.71 25.69 6.47
C SER B 234 -0.49 26.62 6.61
N GLY B 235 -1.70 26.08 6.62
CA GLY B 235 -2.88 26.93 6.69
C GLY B 235 -3.11 27.49 8.09
N VAL B 236 -3.06 26.63 9.11
CA VAL B 236 -3.30 27.07 10.47
C VAL B 236 -2.22 27.97 11.02
N THR B 237 -1.09 28.08 10.31
CA THR B 237 -0.01 29.00 10.69
C THR B 237 0.05 30.23 9.79
N THR B 238 -0.93 30.38 8.89
CA THR B 238 -0.88 31.48 7.93
C THR B 238 -0.92 32.83 8.62
N CYS B 239 -1.86 33.01 9.56
CA CYS B 239 -1.99 34.29 10.25
C CYS B 239 -0.78 34.63 11.12
N LEU B 240 0.10 33.66 11.37
CA LEU B 240 1.25 33.88 12.23
C LEU B 240 2.46 34.43 11.49
N ARG B 241 2.63 34.08 10.21
CA ARG B 241 3.80 34.48 9.45
C ARG B 241 3.51 35.50 8.35
N PHE B 242 2.24 35.84 8.11
CA PHE B 242 1.89 36.88 7.18
C PHE B 242 1.15 38.00 7.89
N PRO B 243 1.36 39.27 7.49
CA PRO B 243 0.77 40.39 8.23
C PRO B 243 -0.75 40.39 8.22
N GLY B 244 -1.35 39.81 9.27
CA GLY B 244 -2.79 39.80 9.43
C GLY B 244 -3.18 40.51 10.72
N GLN B 245 -4.48 40.79 10.83
CA GLN B 245 -5.03 41.48 11.99
C GLN B 245 -5.65 40.53 13.00
N LEU B 246 -6.34 39.49 12.53
CA LEU B 246 -7.06 38.56 13.40
C LEU B 246 -6.19 37.35 13.70
N ASN B 247 -6.11 36.99 14.98
CA ASN B 247 -5.35 35.84 15.45
C ASN B 247 -3.89 35.94 14.98
N ALA B 248 -3.24 37.04 15.36
CA ALA B 248 -1.90 37.32 14.88
C ALA B 248 -0.84 36.48 15.60
N ASP B 249 -0.90 36.43 16.92
CA ASP B 249 0.05 35.66 17.71
C ASP B 249 -0.63 34.43 18.30
N LEU B 250 0.18 33.61 18.99
CA LEU B 250 -0.34 32.35 19.52
C LEU B 250 -1.37 32.58 20.62
N ARG B 251 -1.11 33.53 21.52
CA ARG B 251 -2.00 33.75 22.65
C ARG B 251 -3.36 34.29 22.19
N LYS B 252 -3.34 35.29 21.30
CA LYS B 252 -4.60 35.86 20.82
C LYS B 252 -5.46 34.81 20.14
N LEU B 253 -4.83 33.87 19.43
CA LEU B 253 -5.58 32.75 18.86
C LEU B 253 -6.15 31.87 19.97
N ALA B 254 -5.33 31.56 20.97
CA ALA B 254 -5.78 30.70 22.07
C ALA B 254 -6.85 31.39 22.91
N VAL B 255 -6.79 32.71 23.03
CA VAL B 255 -7.81 33.44 23.79
C VAL B 255 -9.15 33.43 23.06
N ASN B 256 -9.12 33.33 21.73
CA ASN B 256 -10.35 33.28 20.96
C ASN B 256 -10.88 31.87 20.74
N MET B 257 -10.02 30.85 20.82
CA MET B 257 -10.43 29.49 20.50
C MET B 257 -10.68 28.62 21.72
N VAL B 258 -10.10 28.96 22.87
CA VAL B 258 -10.16 28.10 24.05
C VAL B 258 -11.03 28.72 25.13
N PRO B 259 -12.33 28.39 25.18
CA PRO B 259 -13.18 28.94 26.25
C PRO B 259 -12.96 28.28 27.60
N PHE B 260 -12.43 27.05 27.63
CA PHE B 260 -12.19 26.32 28.85
C PHE B 260 -10.84 25.62 28.72
N PRO B 261 -10.04 25.62 29.80
CA PRO B 261 -8.62 25.26 29.64
C PRO B 261 -8.40 23.86 29.09
N ARG B 262 -9.14 22.87 29.56
CA ARG B 262 -8.95 21.50 29.11
C ARG B 262 -9.49 21.24 27.72
N LEU B 263 -10.29 22.14 27.16
CA LEU B 263 -10.90 21.96 25.85
C LEU B 263 -10.15 22.74 24.78
N HIS B 264 -8.88 22.39 24.61
CA HIS B 264 -8.00 23.04 23.65
C HIS B 264 -7.56 22.07 22.55
N PHE B 265 -8.45 21.18 22.15
CA PHE B 265 -8.17 20.19 21.11
C PHE B 265 -8.96 20.57 19.87
N PHE B 266 -8.25 20.93 18.80
CA PHE B 266 -8.85 21.52 17.62
C PHE B 266 -9.01 20.48 16.51
N MET B 267 -10.06 20.67 15.71
CA MET B 267 -10.36 19.80 14.59
C MET B 267 -10.05 20.55 13.29
N PRO B 268 -8.87 20.37 12.71
CA PRO B 268 -8.51 21.15 11.52
C PRO B 268 -9.04 20.54 10.25
N GLY B 269 -9.32 21.40 9.29
CA GLY B 269 -9.75 20.99 7.96
C GLY B 269 -9.41 22.08 6.98
N PHE B 270 -9.40 21.73 5.69
CA PHE B 270 -9.07 22.71 4.67
C PHE B 270 -9.58 22.22 3.33
N ALA B 271 -9.53 23.12 2.35
CA ALA B 271 -10.07 22.88 1.02
C ALA B 271 -9.31 23.74 0.03
N PRO B 272 -9.16 23.29 -1.23
CA PRO B 272 -9.61 21.99 -1.73
C PRO B 272 -8.66 20.86 -1.40
N LEU B 273 -9.16 19.62 -1.47
CA LEU B 273 -8.34 18.44 -1.23
C LEU B 273 -7.66 18.05 -2.53
N THR B 274 -6.40 18.44 -2.67
CA THR B 274 -5.62 18.13 -3.86
C THR B 274 -4.68 16.97 -3.58
N SER B 275 -4.47 16.13 -4.60
CA SER B 275 -3.59 14.99 -4.47
C SER B 275 -2.14 15.43 -4.66
N ARG B 276 -1.23 14.45 -4.61
CA ARG B 276 0.20 14.73 -4.84
C ARG B 276 0.53 15.01 -6.30
N GLY B 277 -0.45 15.22 -7.16
CA GLY B 277 -0.19 15.54 -8.55
C GLY B 277 0.30 16.96 -8.75
N SER B 278 0.23 17.45 -9.98
CA SER B 278 0.72 18.79 -10.28
C SER B 278 -0.24 19.86 -9.77
N GLN B 279 -1.41 19.97 -10.40
CA GLN B 279 -2.39 20.99 -10.06
C GLN B 279 -3.73 20.63 -10.68
N GLN B 280 -4.80 21.11 -10.05
CA GLN B 280 -6.16 20.89 -10.54
C GLN B 280 -6.66 22.14 -11.26
N TYR B 281 -7.73 21.93 -12.05
CA TYR B 281 -8.35 23.01 -12.81
C TYR B 281 -9.75 23.34 -12.30
N ARG B 282 -10.06 22.95 -11.06
CA ARG B 282 -11.39 23.25 -10.51
C ARG B 282 -11.59 24.75 -10.34
N ALA B 283 -10.57 25.45 -9.83
CA ALA B 283 -10.64 26.88 -9.57
C ALA B 283 -11.88 27.23 -8.75
N LEU B 284 -11.81 26.85 -7.48
CA LEU B 284 -12.99 26.86 -6.62
C LEU B 284 -13.45 28.29 -6.33
N THR B 285 -14.77 28.48 -6.34
CA THR B 285 -15.37 29.75 -5.97
C THR B 285 -15.49 29.85 -4.45
N VAL B 286 -15.78 31.08 -3.99
CA VAL B 286 -15.93 31.31 -2.55
C VAL B 286 -17.06 30.47 -1.95
N PRO B 287 -18.25 30.38 -2.56
CA PRO B 287 -19.27 29.49 -1.99
C PRO B 287 -18.86 28.03 -1.95
N GLU B 288 -17.97 27.60 -2.86
CA GLU B 288 -17.47 26.23 -2.82
C GLU B 288 -16.48 26.04 -1.68
N LEU B 289 -15.51 26.96 -1.54
CA LEU B 289 -14.53 26.86 -0.46
C LEU B 289 -15.20 26.84 0.91
N THR B 290 -16.36 27.48 1.04
CA THR B 290 -17.06 27.49 2.32
C THR B 290 -17.79 26.17 2.56
N GLN B 291 -18.48 25.65 1.55
CA GLN B 291 -19.14 24.36 1.69
C GLN B 291 -18.14 23.24 1.93
N GLN B 292 -16.99 23.31 1.27
CA GLN B 292 -15.97 22.27 1.43
C GLN B 292 -15.31 22.33 2.81
N MET B 293 -15.15 23.54 3.34
CA MET B 293 -14.49 23.68 4.65
C MET B 293 -15.30 23.02 5.75
N PHE B 294 -16.58 23.34 5.84
CA PHE B 294 -17.46 22.83 6.90
C PHE B 294 -18.00 21.44 6.60
N ASP B 295 -17.32 20.66 5.75
CA ASP B 295 -17.74 19.31 5.39
C ASP B 295 -16.85 18.30 6.09
N ALA B 296 -17.46 17.22 6.58
CA ALA B 296 -16.71 16.20 7.31
C ALA B 296 -15.68 15.51 6.43
N LYS B 297 -15.93 15.46 5.12
CA LYS B 297 -15.00 14.82 4.20
C LYS B 297 -13.68 15.58 4.08
N ASN B 298 -13.58 16.80 4.63
CA ASN B 298 -12.35 17.56 4.59
C ASN B 298 -11.75 17.78 5.96
N MET B 299 -12.26 17.10 6.98
CA MET B 299 -11.73 17.23 8.34
C MET B 299 -10.53 16.30 8.53
N MET B 300 -9.48 16.83 9.18
CA MET B 300 -8.31 16.03 9.48
C MET B 300 -8.51 15.31 10.80
N ALA B 301 -9.76 15.04 11.16
CA ALA B 301 -10.07 14.33 12.39
C ALA B 301 -11.34 13.51 12.18
N ALA B 302 -11.26 12.21 12.50
CA ALA B 302 -12.38 11.30 12.30
C ALA B 302 -13.53 11.62 13.24
N CYS B 303 -14.20 12.76 13.02
CA CYS B 303 -15.34 13.17 13.82
C CYS B 303 -16.35 13.87 12.92
N ASP B 304 -17.62 13.56 13.11
CA ASP B 304 -18.67 14.19 12.33
C ASP B 304 -19.13 15.47 13.01
N PRO B 305 -18.93 16.64 12.40
CA PRO B 305 -19.41 17.88 13.03
C PRO B 305 -20.91 17.91 13.25
N ARG B 306 -21.66 17.03 12.59
CA ARG B 306 -23.09 16.94 12.83
C ARG B 306 -23.40 16.36 14.20
N HIS B 307 -22.46 15.64 14.80
CA HIS B 307 -22.66 15.00 16.10
C HIS B 307 -22.32 15.90 17.28
N GLY B 308 -21.77 17.09 17.03
CA GLY B 308 -21.40 18.00 18.10
C GLY B 308 -21.57 19.43 17.67
N ARG B 309 -21.42 20.34 18.63
CA ARG B 309 -21.56 21.76 18.37
C ARG B 309 -20.21 22.47 18.43
N TYR B 310 -20.05 23.48 17.57
CA TYR B 310 -18.82 24.24 17.51
C TYR B 310 -18.81 25.28 18.62
N LEU B 311 -17.84 25.17 19.53
CA LEU B 311 -17.64 26.20 20.54
C LEU B 311 -17.05 27.46 19.91
N THR B 312 -15.89 27.32 19.28
CA THR B 312 -15.23 28.41 18.58
C THR B 312 -14.73 27.90 17.23
N VAL B 313 -14.56 28.83 16.29
CA VAL B 313 -14.17 28.51 14.92
C VAL B 313 -13.23 29.59 14.41
N ALA B 314 -12.19 29.18 13.69
CA ALA B 314 -11.26 30.09 13.05
C ALA B 314 -11.08 29.67 11.60
N ALA B 315 -11.56 30.51 10.68
CA ALA B 315 -11.47 30.25 9.25
C ALA B 315 -10.41 31.15 8.64
N VAL B 316 -9.63 30.60 7.71
CA VAL B 316 -8.53 31.32 7.08
C VAL B 316 -8.63 31.09 5.57
N PHE B 317 -8.92 32.14 4.82
CA PHE B 317 -8.95 32.10 3.37
C PHE B 317 -7.63 32.62 2.81
N ARG B 318 -7.18 32.02 1.71
CA ARG B 318 -5.95 32.43 1.06
C ARG B 318 -6.19 32.62 -0.43
N GLY B 319 -5.59 33.66 -0.98
CA GLY B 319 -5.71 34.00 -2.37
C GLY B 319 -6.57 35.24 -2.59
N ARG B 320 -6.40 35.85 -3.76
CA ARG B 320 -7.18 37.03 -4.12
C ARG B 320 -8.64 36.64 -4.33
N MET B 321 -9.53 37.24 -3.55
CA MET B 321 -10.94 36.95 -3.63
C MET B 321 -11.71 38.13 -3.05
N SER B 322 -13.02 38.09 -3.21
CA SER B 322 -13.91 39.14 -2.71
C SER B 322 -14.13 38.90 -1.22
N MET B 323 -13.49 39.72 -0.38
CA MET B 323 -13.69 39.60 1.06
C MET B 323 -15.14 39.86 1.44
N LYS B 324 -15.83 40.73 0.69
CA LYS B 324 -17.26 40.93 0.92
C LYS B 324 -18.04 39.65 0.65
N GLU B 325 -17.68 38.93 -0.41
CA GLU B 325 -18.32 37.66 -0.70
C GLU B 325 -18.00 36.60 0.35
N VAL B 326 -16.88 36.75 1.05
CA VAL B 326 -16.53 35.79 2.11
C VAL B 326 -17.45 35.98 3.31
N ASP B 327 -17.70 37.23 3.70
CA ASP B 327 -18.57 37.49 4.85
C ASP B 327 -19.97 36.95 4.61
N GLU B 328 -20.50 37.11 3.40
CA GLU B 328 -21.83 36.63 3.10
C GLU B 328 -21.93 35.12 3.22
N GLN B 329 -20.88 34.40 2.84
CA GLN B 329 -20.88 32.94 2.96
C GLN B 329 -20.67 32.51 4.40
N MET B 330 -19.70 33.12 5.08
CA MET B 330 -19.43 32.76 6.47
C MET B 330 -20.60 33.09 7.37
N LEU B 331 -21.32 34.18 7.09
CA LEU B 331 -22.53 34.48 7.84
C LEU B 331 -23.63 33.50 7.50
N ASN B 332 -23.72 33.09 6.22
CA ASN B 332 -24.77 32.18 5.78
C ASN B 332 -24.68 30.85 6.50
N VAL B 333 -23.52 30.19 6.45
CA VAL B 333 -23.36 28.87 7.04
C VAL B 333 -23.71 28.91 8.53
N GLN B 334 -23.49 30.05 9.18
CA GLN B 334 -23.83 30.17 10.59
C GLN B 334 -25.34 30.19 10.80
N ASN B 335 -26.03 31.15 10.18
CA ASN B 335 -27.46 31.28 10.40
C ASN B 335 -28.27 30.19 9.70
N LYS B 336 -27.65 29.40 8.83
CA LYS B 336 -28.33 28.25 8.22
C LYS B 336 -28.09 26.96 8.99
N ASN B 337 -27.08 26.92 9.86
CA ASN B 337 -26.78 25.77 10.70
C ASN B 337 -26.56 26.21 12.14
N SER B 338 -27.47 27.04 12.64
CA SER B 338 -27.32 27.63 13.98
C SER B 338 -27.34 26.58 15.08
N SER B 339 -27.95 25.41 14.83
CA SER B 339 -27.98 24.38 15.86
C SER B 339 -26.60 23.82 16.16
N TYR B 340 -25.68 23.87 15.18
CA TYR B 340 -24.34 23.33 15.34
C TYR B 340 -23.33 24.38 15.78
N PHE B 341 -23.80 25.56 16.21
CA PHE B 341 -22.94 26.60 16.75
C PHE B 341 -23.46 27.00 18.12
N VAL B 342 -22.54 27.14 19.08
CA VAL B 342 -22.92 27.47 20.45
C VAL B 342 -23.52 28.87 20.49
N GLU B 343 -24.69 28.99 21.12
CA GLU B 343 -25.35 30.29 21.23
C GLU B 343 -24.73 31.14 22.33
N TRP B 344 -24.38 30.53 23.46
CA TRP B 344 -23.86 31.29 24.60
C TRP B 344 -22.43 31.83 24.38
N ILE B 345 -21.89 31.76 23.16
CA ILE B 345 -20.65 32.44 22.81
C ILE B 345 -20.93 33.28 21.57
N PRO B 346 -21.26 34.57 21.73
CA PRO B 346 -21.56 35.40 20.55
C PRO B 346 -20.32 35.64 19.71
N ASN B 347 -20.51 35.62 18.39
CA ASN B 347 -19.45 35.88 17.42
C ASN B 347 -18.27 34.92 17.62
N ASN B 348 -18.58 33.63 17.79
CA ASN B 348 -17.56 32.63 18.02
C ASN B 348 -16.78 32.26 16.77
N VAL B 349 -17.33 32.54 15.58
CA VAL B 349 -16.64 32.26 14.32
C VAL B 349 -15.89 33.52 13.89
N LYS B 350 -14.63 33.35 13.51
CA LYS B 350 -13.77 34.46 13.08
C LYS B 350 -13.10 34.08 11.77
N THR B 351 -13.16 34.98 10.79
CA THR B 351 -12.65 34.73 9.46
C THR B 351 -11.54 35.71 9.14
N ALA B 352 -10.40 35.20 8.69
CA ALA B 352 -9.27 35.99 8.25
C ALA B 352 -9.01 35.75 6.77
N VAL B 353 -8.29 36.68 6.14
CA VAL B 353 -7.99 36.61 4.72
C VAL B 353 -6.51 36.92 4.52
N CYS B 354 -5.87 36.17 3.62
CA CYS B 354 -4.49 36.41 3.23
C CYS B 354 -4.39 36.40 1.71
N ASP B 355 -3.73 37.40 1.15
CA ASP B 355 -3.66 37.54 -0.31
C ASP B 355 -2.83 36.44 -0.96
N ILE B 356 -1.83 35.93 -0.25
CA ILE B 356 -0.88 34.97 -0.81
C ILE B 356 -1.46 33.57 -0.67
N PRO B 357 -1.65 32.83 -1.77
CA PRO B 357 -2.12 31.45 -1.66
C PRO B 357 -0.95 30.50 -1.48
N PRO B 358 -1.21 29.23 -1.14
CA PRO B 358 -0.12 28.25 -1.14
C PRO B 358 0.32 27.91 -2.55
N ARG B 359 1.61 27.61 -2.70
CA ARG B 359 2.17 27.37 -4.03
C ARG B 359 1.51 26.18 -4.72
N GLY B 360 0.83 26.44 -5.83
CA GLY B 360 0.15 25.40 -6.57
C GLY B 360 -1.33 25.69 -6.76
N LEU B 361 -1.88 26.57 -5.92
CA LEU B 361 -3.29 26.90 -5.94
C LEU B 361 -3.46 28.41 -5.98
N LYS B 362 -4.66 28.83 -6.40
CA LYS B 362 -5.03 30.24 -6.41
C LYS B 362 -5.96 30.62 -5.28
N MET B 363 -6.84 29.71 -4.86
CA MET B 363 -7.75 29.93 -3.75
C MET B 363 -7.78 28.71 -2.87
N SER B 364 -7.59 28.91 -1.57
CA SER B 364 -7.67 27.83 -0.59
C SER B 364 -8.27 28.40 0.69
N ALA B 365 -8.67 27.50 1.58
CA ALA B 365 -9.31 27.89 2.84
C ALA B 365 -9.04 26.84 3.89
N THR B 366 -8.52 27.26 5.04
CA THR B 366 -8.19 26.37 6.14
C THR B 366 -9.17 26.60 7.29
N PHE B 367 -9.64 25.50 7.88
CA PHE B 367 -10.63 25.53 8.94
C PHE B 367 -10.01 25.06 10.25
N ILE B 368 -10.31 25.77 11.34
CA ILE B 368 -9.90 25.40 12.68
C ILE B 368 -11.14 25.46 13.57
N GLY B 369 -11.55 24.32 14.10
CA GLY B 369 -12.77 24.24 14.89
C GLY B 369 -12.55 23.60 16.24
N ASN B 370 -13.13 24.21 17.27
CA ASN B 370 -13.14 23.63 18.61
C ASN B 370 -14.53 23.03 18.82
N SER B 371 -14.74 21.87 18.21
CA SER B 371 -16.03 21.20 18.20
C SER B 371 -16.12 20.18 19.33
N THR B 372 -17.33 20.01 19.86
CA THR B 372 -17.57 18.97 20.84
C THR B 372 -17.61 17.58 20.21
N ALA B 373 -17.65 17.49 18.88
CA ALA B 373 -17.60 16.20 18.21
C ALA B 373 -16.25 15.52 18.35
N ILE B 374 -15.21 16.26 18.73
CA ILE B 374 -13.89 15.69 18.94
C ILE B 374 -13.88 14.63 20.03
N GLN B 375 -14.96 14.55 20.83
CA GLN B 375 -15.06 13.49 21.82
C GLN B 375 -15.15 12.11 21.17
N GLU B 376 -15.63 12.05 19.92
CA GLU B 376 -15.65 10.79 19.20
C GLU B 376 -14.24 10.24 19.02
N LEU B 377 -13.27 11.13 18.78
CA LEU B 377 -11.89 10.70 18.63
C LEU B 377 -11.36 10.10 19.92
N PHE B 378 -11.62 10.75 21.06
CA PHE B 378 -11.16 10.21 22.34
C PHE B 378 -11.96 8.98 22.73
N LYS B 379 -13.26 8.96 22.44
CA LYS B 379 -14.06 7.74 22.64
C LYS B 379 -13.46 6.57 21.88
N ARG B 380 -13.00 6.81 20.66
CA ARG B 380 -12.41 5.75 19.85
C ARG B 380 -11.12 5.23 20.48
N ILE B 381 -10.24 6.13 20.92
CA ILE B 381 -9.00 5.71 21.54
C ILE B 381 -9.27 5.06 22.90
N SER B 382 -10.22 5.61 23.65
CA SER B 382 -10.55 5.03 24.95
C SER B 382 -11.12 3.62 24.82
N GLU B 383 -11.84 3.35 23.73
CA GLU B 383 -12.35 2.01 23.50
C GLU B 383 -11.21 1.01 23.35
N GLN B 384 -10.24 1.32 22.47
CA GLN B 384 -9.13 0.41 22.24
C GLN B 384 -8.25 0.27 23.48
N PHE B 385 -8.09 1.37 24.23
CA PHE B 385 -7.27 1.32 25.43
C PHE B 385 -7.82 0.31 26.44
N THR B 386 -9.13 0.41 26.72
CA THR B 386 -9.74 -0.47 27.71
C THR B 386 -9.76 -1.92 27.23
N ALA B 387 -9.90 -2.13 25.92
CA ALA B 387 -9.96 -3.48 25.38
C ALA B 387 -8.71 -4.28 25.76
N MET B 388 -7.55 -3.64 25.78
CA MET B 388 -6.32 -4.30 26.21
C MET B 388 -6.08 -4.19 27.71
N PHE B 389 -6.45 -3.05 28.30
CA PHE B 389 -6.12 -2.79 29.70
C PHE B 389 -6.95 -3.63 30.67
N ARG B 390 -8.12 -4.11 30.23
CA ARG B 390 -8.92 -4.97 31.12
C ARG B 390 -8.15 -6.24 31.48
N ARG B 391 -7.38 -6.78 30.54
CA ARG B 391 -6.55 -7.95 30.77
C ARG B 391 -5.10 -7.59 31.05
N LYS B 392 -4.76 -6.30 31.08
CA LYS B 392 -3.41 -5.83 31.35
C LYS B 392 -2.41 -6.42 30.36
N ALA B 393 -2.81 -6.48 29.09
CA ALA B 393 -1.93 -6.98 28.04
C ALA B 393 -0.85 -5.97 27.69
N PHE B 394 0.36 -6.46 27.47
CA PHE B 394 1.53 -5.66 27.11
C PHE B 394 1.93 -4.65 28.18
N LEU B 395 1.38 -4.76 29.39
CA LEU B 395 1.64 -3.76 30.43
C LEU B 395 3.05 -3.86 30.99
N HIS B 396 3.69 -5.03 30.87
CA HIS B 396 4.99 -5.24 31.50
C HIS B 396 6.07 -4.34 30.90
N TRP B 397 5.92 -3.94 29.63
CA TRP B 397 6.91 -3.06 29.04
C TRP B 397 6.87 -1.66 29.63
N TYR B 398 5.69 -1.22 30.08
CA TYR B 398 5.59 0.09 30.74
C TYR B 398 5.99 -0.02 32.21
N THR B 399 5.55 -1.08 32.89
CA THR B 399 5.95 -1.27 34.28
C THR B 399 7.44 -1.58 34.39
N GLY B 400 8.00 -2.26 33.41
CA GLY B 400 9.42 -2.55 33.40
C GLY B 400 10.29 -1.31 33.27
N GLU B 401 9.72 -0.21 32.78
CA GLU B 401 10.44 1.06 32.64
C GLU B 401 10.16 2.01 33.78
N GLY B 402 9.45 1.58 34.81
CA GLY B 402 9.21 2.36 36.02
C GLY B 402 7.77 2.72 36.27
N MET B 403 6.92 2.70 35.24
CA MET B 403 5.55 3.14 35.40
C MET B 403 4.77 2.23 36.34
N ASP B 404 4.00 2.85 37.24
CA ASP B 404 3.07 2.10 38.07
C ASP B 404 1.77 1.87 37.31
N GLU B 405 1.08 0.80 37.68
CA GLU B 405 -0.19 0.49 37.03
C GLU B 405 -1.23 1.58 37.25
N MET B 406 -1.10 2.37 38.32
CA MET B 406 -2.07 3.42 38.59
C MET B 406 -2.03 4.52 37.55
N GLU B 407 -0.86 4.77 36.95
CA GLU B 407 -0.74 5.81 35.94
C GLU B 407 -1.66 5.54 34.75
N PHE B 408 -1.83 4.26 34.39
CA PHE B 408 -2.76 3.93 33.32
C PHE B 408 -4.20 4.24 33.71
N THR B 409 -4.58 3.93 34.95
CA THR B 409 -5.94 4.19 35.41
C THR B 409 -6.24 5.68 35.43
N GLU B 410 -5.27 6.50 35.86
CA GLU B 410 -5.49 7.93 35.91
C GLU B 410 -5.63 8.53 34.51
N ALA B 411 -4.72 8.15 33.60
CA ALA B 411 -4.78 8.67 32.23
C ALA B 411 -6.09 8.27 31.57
N GLU B 412 -6.53 7.03 31.77
CA GLU B 412 -7.81 6.60 31.24
C GLU B 412 -8.96 7.38 31.85
N SER B 413 -8.89 7.63 33.16
CA SER B 413 -9.97 8.36 33.83
C SER B 413 -10.02 9.80 33.34
N ASN B 414 -8.87 10.47 33.26
CA ASN B 414 -8.86 11.86 32.82
C ASN B 414 -9.31 12.01 31.37
N MET B 415 -9.01 11.01 30.53
CA MET B 415 -9.49 11.07 29.15
C MET B 415 -11.01 10.96 29.08
N ASN B 416 -11.60 10.07 29.89
CA ASN B 416 -13.04 9.95 29.92
C ASN B 416 -13.68 11.18 30.55
N ASP B 417 -12.99 11.84 31.49
CA ASP B 417 -13.48 13.11 32.00
C ASP B 417 -13.48 14.16 30.89
N LEU B 418 -12.44 14.17 30.05
CA LEU B 418 -12.41 15.09 28.93
C LEU B 418 -13.57 14.84 27.97
N VAL B 419 -13.90 13.56 27.75
CA VAL B 419 -15.02 13.24 26.87
C VAL B 419 -16.33 13.73 27.48
N SER B 420 -16.50 13.52 28.78
CA SER B 420 -17.75 13.93 29.44
C SER B 420 -17.91 15.44 29.43
N GLU B 421 -16.80 16.19 29.58
CA GLU B 421 -16.87 17.64 29.54
C GLU B 421 -17.21 18.14 28.14
N TYR B 422 -16.63 17.52 27.11
CA TYR B 422 -16.99 17.88 25.74
C TYR B 422 -18.47 17.60 25.48
N GLN B 423 -19.02 16.54 26.10
CA GLN B 423 -20.45 16.29 26.02
C GLN B 423 -21.22 17.26 26.91
N GLN B 424 -20.60 17.73 28.00
CA GLN B 424 -21.28 18.61 28.94
C GLN B 424 -21.68 19.93 28.27
N TYR B 425 -20.74 20.57 27.58
CA TYR B 425 -21.04 21.81 26.88
C TYR B 425 -21.77 21.58 25.56
N GLN B 426 -21.75 20.35 25.04
CA GLN B 426 -22.59 20.01 23.90
C GLN B 426 -24.07 19.99 24.27
N ASP B 427 -24.39 19.88 25.55
CA ASP B 427 -25.78 19.86 26.01
C ASP B 427 -26.21 21.17 26.65
N ALA B 428 -25.28 22.05 26.99
CA ALA B 428 -25.64 23.33 27.61
C ALA B 428 -26.38 24.22 26.63
N THR B 429 -27.34 24.97 27.12
CA THR B 429 -28.21 25.81 26.32
C THR B 429 -28.11 27.27 26.77
N ALA B 430 -28.83 28.14 26.07
CA ALA B 430 -28.83 29.57 26.36
C ALA B 430 -29.92 29.97 27.35
N ASP B 431 -31.13 29.41 27.20
CA ASP B 431 -32.31 29.66 28.03
C ASP B 431 -32.23 30.84 29.01
N ARG C 2 22.24 -1.10 17.82
CA ARG C 2 22.85 -1.57 16.58
C ARG C 2 23.36 -3.00 16.71
N GLU C 3 24.54 -3.14 17.31
CA GLU C 3 25.26 -4.42 17.28
C GLU C 3 24.48 -5.52 18.00
N CYS C 4 24.74 -6.76 17.60
CA CYS C 4 24.12 -7.94 18.20
C CYS C 4 25.19 -9.01 18.35
N ILE C 5 25.32 -9.55 19.57
CA ILE C 5 26.30 -10.59 19.86
C ILE C 5 25.58 -11.94 19.86
N SER C 6 25.97 -12.83 18.96
CA SER C 6 25.40 -14.17 18.88
C SER C 6 26.22 -15.12 19.73
N ILE C 7 25.55 -15.94 20.53
CA ILE C 7 26.20 -16.93 21.39
C ILE C 7 25.70 -18.30 21.00
N HIS C 8 26.63 -19.24 20.82
CA HIS C 8 26.32 -20.59 20.37
C HIS C 8 26.86 -21.58 21.39
N VAL C 9 25.96 -22.26 22.10
CA VAL C 9 26.32 -23.13 23.21
C VAL C 9 26.04 -24.57 22.81
N GLY C 10 26.99 -25.47 23.09
CA GLY C 10 26.81 -26.88 22.82
C GLY C 10 26.96 -27.22 21.35
N GLN C 11 26.86 -28.52 21.07
CA GLN C 11 26.99 -29.01 19.70
C GLN C 11 25.91 -28.41 18.81
N ALA C 12 24.65 -28.43 19.25
CA ALA C 12 23.56 -27.90 18.45
C ALA C 12 23.75 -26.41 18.17
N GLY C 13 24.05 -25.63 19.20
CA GLY C 13 24.25 -24.20 19.01
C GLY C 13 25.43 -23.90 18.11
N VAL C 14 26.53 -24.62 18.28
CA VAL C 14 27.73 -24.38 17.48
C VAL C 14 27.50 -24.82 16.04
N GLN C 15 26.95 -26.02 15.85
CA GLN C 15 26.76 -26.54 14.50
C GLN C 15 25.70 -25.75 13.73
N ILE C 16 24.74 -25.15 14.43
CA ILE C 16 23.75 -24.32 13.75
C ILE C 16 24.35 -22.96 13.41
N GLY C 17 25.14 -22.39 14.32
CA GLY C 17 25.84 -21.15 14.02
C GLY C 17 26.74 -21.27 12.80
N ASN C 18 27.29 -22.45 12.56
CA ASN C 18 28.08 -22.68 11.36
C ASN C 18 27.22 -22.50 10.11
N ALA C 19 26.06 -23.16 10.06
CA ALA C 19 25.17 -23.01 8.92
C ALA C 19 24.61 -21.61 8.82
N CYS C 20 24.45 -20.92 9.97
CA CYS C 20 23.92 -19.56 9.94
C CYS C 20 24.95 -18.56 9.45
N TRP C 21 26.14 -18.56 10.05
CA TRP C 21 27.17 -17.61 9.65
C TRP C 21 27.69 -17.90 8.25
N GLU C 22 27.63 -19.15 7.81
CA GLU C 22 27.89 -19.45 6.40
C GLU C 22 26.86 -18.78 5.51
N LEU C 23 25.58 -18.83 5.91
CA LEU C 23 24.54 -18.18 5.12
C LEU C 23 24.63 -16.66 5.25
N TYR C 24 25.02 -16.16 6.43
CA TYR C 24 25.22 -14.73 6.59
C TYR C 24 26.30 -14.22 5.65
N CYS C 25 27.41 -14.95 5.54
CA CYS C 25 28.48 -14.56 4.64
C CYS C 25 28.02 -14.58 3.19
N LEU C 26 27.23 -15.58 2.82
CA LEU C 26 26.74 -15.66 1.44
C LEU C 26 25.82 -14.49 1.12
N GLU C 27 24.97 -14.12 2.07
CA GLU C 27 24.03 -13.02 1.84
C GLU C 27 24.76 -11.69 1.73
N HIS C 28 25.74 -11.46 2.60
CA HIS C 28 26.47 -10.20 2.63
C HIS C 28 27.69 -10.19 1.72
N GLY C 29 27.92 -11.25 0.95
CA GLY C 29 29.07 -11.30 0.08
C GLY C 29 30.41 -11.33 0.77
N ILE C 30 30.47 -11.87 1.99
CA ILE C 30 31.71 -11.97 2.75
C ILE C 30 32.37 -13.32 2.44
N GLN C 31 33.68 -13.30 2.27
CA GLN C 31 34.44 -14.49 1.95
C GLN C 31 34.93 -15.16 3.22
N PRO C 32 35.30 -16.46 3.15
CA PRO C 32 35.75 -17.16 4.37
C PRO C 32 36.94 -16.54 5.07
N ASP C 33 37.79 -15.79 4.36
CA ASP C 33 38.89 -15.08 4.99
C ASP C 33 38.47 -13.73 5.56
N GLY C 34 37.18 -13.44 5.62
CA GLY C 34 36.69 -12.20 6.18
C GLY C 34 36.81 -10.98 5.28
N GLN C 35 37.22 -11.16 4.03
CA GLN C 35 37.42 -10.06 3.11
C GLN C 35 36.20 -9.86 2.22
N MET C 36 35.92 -8.61 1.90
CA MET C 36 34.86 -8.23 0.96
C MET C 36 35.45 -7.33 -0.12
N PRO C 37 34.83 -7.30 -1.30
CA PRO C 37 35.26 -6.33 -2.31
C PRO C 37 35.02 -4.90 -1.84
N SER C 38 35.69 -3.96 -2.51
CA SER C 38 35.50 -2.55 -2.21
C SER C 38 34.06 -2.14 -2.50
N ASP C 39 33.60 -1.10 -1.82
CA ASP C 39 32.20 -0.69 -1.96
C ASP C 39 31.91 -0.20 -3.37
N LYS C 40 32.72 0.72 -3.89
CA LYS C 40 32.60 1.26 -5.25
C LYS C 40 31.16 1.50 -5.70
N GLY C 43 30.37 4.38 0.22
CA GLY C 43 29.08 4.02 0.77
C GLY C 43 28.59 2.65 0.33
N GLY C 44 27.47 2.64 -0.40
CA GLY C 44 26.89 1.40 -0.88
C GLY C 44 25.96 0.70 0.08
N GLY C 45 25.38 1.40 1.05
CA GLY C 45 24.44 0.79 1.96
C GLY C 45 25.02 -0.31 2.85
N ASP C 46 26.30 -0.20 3.17
CA ASP C 46 26.98 -1.21 3.99
C ASP C 46 26.70 -1.05 5.49
N ASP C 47 25.89 -0.06 5.87
N SER C 48 24.06 -1.53 7.37
CA SER C 48 23.10 -2.36 8.10
C SER C 48 23.73 -3.67 8.59
N PHE C 49 24.62 -4.29 7.80
CA PHE C 49 25.15 -5.59 8.19
C PHE C 49 26.25 -5.50 9.24
N ASN C 50 26.69 -4.29 9.60
CA ASN C 50 27.67 -4.16 10.68
C ASN C 50 27.07 -4.40 12.06
N THR C 51 25.77 -4.65 12.15
CA THR C 51 25.17 -5.05 13.42
C THR C 51 25.59 -6.46 13.81
N PHE C 52 26.05 -7.25 12.85
CA PHE C 52 26.49 -8.62 13.10
C PHE C 52 27.96 -8.85 12.82
N PHE C 53 28.67 -7.88 12.24
CA PHE C 53 30.09 -8.00 11.93
C PHE C 53 30.83 -6.77 12.43
N SER C 54 32.06 -6.98 12.90
CA SER C 54 32.99 -5.90 13.19
C SER C 54 34.00 -5.79 12.04
N GLU C 55 34.76 -4.69 12.08
CA GLU C 55 35.73 -4.41 11.03
C GLU C 55 37.12 -4.25 11.64
N THR C 56 38.05 -5.11 11.20
CA THR C 56 39.44 -4.88 11.52
C THR C 56 39.97 -3.70 10.72
N GLY C 57 41.01 -3.06 11.24
CA GLY C 57 41.64 -1.97 10.51
C GLY C 57 42.12 -2.38 9.13
N ALA C 58 42.46 -3.67 8.96
CA ALA C 58 42.91 -4.20 7.69
C ALA C 58 41.76 -4.60 6.77
N GLY C 59 40.54 -4.14 7.05
CA GLY C 59 39.41 -4.45 6.20
C GLY C 59 38.85 -5.84 6.35
N LYS C 60 39.05 -6.48 7.51
CA LYS C 60 38.54 -7.82 7.77
C LYS C 60 37.24 -7.72 8.56
N HIS C 61 36.25 -8.49 8.14
CA HIS C 61 34.92 -8.46 8.74
C HIS C 61 34.73 -9.74 9.56
N VAL C 62 34.63 -9.58 10.86
CA VAL C 62 34.63 -10.69 11.81
C VAL C 62 33.27 -10.76 12.48
N PRO C 63 32.63 -11.93 12.56
CA PRO C 63 31.32 -12.03 13.22
C PRO C 63 31.40 -11.65 14.70
N ARG C 64 30.32 -11.04 15.18
CA ARG C 64 30.17 -10.75 16.61
C ARG C 64 29.59 -11.96 17.32
N ALA C 65 30.32 -13.08 17.23
CA ALA C 65 29.82 -14.36 17.71
C ALA C 65 30.80 -14.98 18.68
N VAL C 66 30.26 -15.75 19.62
CA VAL C 66 31.04 -16.54 20.57
C VAL C 66 30.55 -17.98 20.48
N PHE C 67 31.48 -18.92 20.36
CA PHE C 67 31.18 -20.33 20.29
C PHE C 67 31.68 -21.01 21.57
N VAL C 68 30.77 -21.58 22.34
CA VAL C 68 31.09 -22.17 23.63
C VAL C 68 30.73 -23.64 23.61
N ASP C 69 31.60 -24.47 24.19
CA ASP C 69 31.35 -25.88 24.35
C ASP C 69 32.20 -26.39 25.50
N LEU C 70 31.69 -27.39 26.21
CA LEU C 70 32.44 -28.05 27.27
C LEU C 70 33.32 -29.16 26.74
N GLU C 71 33.41 -29.31 25.43
CA GLU C 71 34.18 -30.32 24.75
C GLU C 71 34.77 -29.72 23.47
N PRO C 72 36.05 -29.96 23.20
CA PRO C 72 36.69 -29.31 22.04
C PRO C 72 36.30 -29.90 20.70
N THR C 73 35.64 -31.06 20.67
CA THR C 73 35.51 -31.83 19.43
C THR C 73 34.79 -31.04 18.34
N VAL C 74 33.67 -30.42 18.68
CA VAL C 74 32.87 -29.75 17.65
C VAL C 74 33.53 -28.46 17.19
N ILE C 75 33.97 -27.63 18.14
CA ILE C 75 34.54 -26.34 17.78
C ILE C 75 35.91 -26.53 17.12
N ASP C 76 36.59 -27.64 17.40
CA ASP C 76 37.86 -27.91 16.72
C ASP C 76 37.66 -28.00 15.21
N GLU C 77 36.54 -28.59 14.78
CA GLU C 77 36.23 -28.62 13.35
C GLU C 77 36.07 -27.21 12.79
N VAL C 78 35.58 -26.28 13.60
CA VAL C 78 35.40 -24.90 13.15
C VAL C 78 36.75 -24.24 12.92
N ARG C 79 37.67 -24.37 13.89
CA ARG C 79 39.01 -23.82 13.74
C ARG C 79 39.90 -24.78 12.96
N THR C 80 39.29 -25.52 12.03
CA THR C 80 39.98 -26.35 11.06
C THR C 80 39.36 -26.30 9.67
N GLY C 81 38.04 -26.14 9.57
CA GLY C 81 37.36 -26.12 8.28
C GLY C 81 37.52 -24.81 7.52
N THR C 82 36.56 -24.55 6.65
CA THR C 82 36.66 -23.44 5.71
C THR C 82 36.72 -22.09 6.41
N TYR C 83 36.02 -21.94 7.52
CA TYR C 83 35.93 -20.66 8.21
C TYR C 83 36.85 -20.58 9.42
N ARG C 84 38.03 -21.20 9.34
CA ARG C 84 38.99 -21.12 10.44
C ARG C 84 39.56 -19.72 10.59
N GLN C 85 39.65 -18.97 9.49
CA GLN C 85 40.16 -17.61 9.51
C GLN C 85 39.08 -16.57 9.75
N LEU C 86 37.80 -16.97 9.69
CA LEU C 86 36.72 -16.00 9.84
C LEU C 86 36.63 -15.49 11.27
N PHE C 87 36.74 -16.39 12.25
CA PHE C 87 36.63 -16.02 13.66
C PHE C 87 38.01 -15.83 14.28
N HIS C 88 38.09 -14.89 15.20
CA HIS C 88 39.28 -14.82 16.05
C HIS C 88 39.28 -16.00 17.01
N PRO C 89 40.42 -16.66 17.21
CA PRO C 89 40.45 -17.83 18.10
C PRO C 89 40.01 -17.53 19.52
N GLU C 90 40.01 -16.26 19.93
CA GLU C 90 39.51 -15.90 21.26
C GLU C 90 38.01 -16.08 21.39
N GLN C 91 37.30 -16.19 20.26
CA GLN C 91 35.85 -16.37 20.26
C GLN C 91 35.43 -17.82 20.31
N LEU C 92 36.36 -18.76 20.18
CA LEU C 92 36.06 -20.19 20.16
C LEU C 92 36.53 -20.78 21.48
N ILE C 93 35.62 -20.90 22.43
CA ILE C 93 35.93 -21.35 23.79
C ILE C 93 35.53 -22.81 23.92
N THR C 94 36.42 -23.62 24.48
CA THR C 94 36.14 -25.04 24.71
C THR C 94 36.70 -25.46 26.06
N GLY C 95 36.04 -26.45 26.66
CA GLY C 95 36.55 -27.16 27.81
C GLY C 95 37.17 -28.48 27.40
N LYS C 96 37.31 -29.37 28.37
CA LYS C 96 37.82 -30.71 28.11
C LYS C 96 36.82 -31.80 28.44
N GLU C 97 36.04 -31.64 29.50
CA GLU C 97 35.05 -32.62 29.93
C GLU C 97 33.67 -32.03 29.70
N ASP C 98 32.83 -32.72 28.94
CA ASP C 98 31.50 -32.22 28.60
C ASP C 98 30.53 -32.52 29.75
N ALA C 99 29.22 -32.31 29.49
CA ALA C 99 28.20 -32.44 30.52
C ALA C 99 27.45 -33.76 30.47
N ALA C 100 27.67 -34.59 29.45
CA ALA C 100 27.10 -35.94 29.37
C ALA C 100 25.57 -35.92 29.47
N ASN C 101 24.95 -35.01 28.71
CA ASN C 101 23.49 -34.86 28.67
C ASN C 101 22.91 -34.61 30.06
N ASN C 102 23.67 -33.98 30.94
CA ASN C 102 23.26 -33.76 32.32
C ASN C 102 23.21 -32.25 32.56
N TYR C 103 22.01 -31.73 32.77
CA TYR C 103 21.84 -30.31 33.05
C TYR C 103 22.68 -29.89 34.25
N ALA C 104 22.66 -30.68 35.33
CA ALA C 104 23.36 -30.30 36.54
C ALA C 104 24.86 -30.23 36.33
N ARG C 105 25.41 -31.02 35.40
CA ARG C 105 26.82 -30.89 35.08
C ARG C 105 27.11 -29.59 34.36
N GLY C 106 26.30 -29.24 33.37
CA GLY C 106 26.54 -28.02 32.62
C GLY C 106 26.23 -26.76 33.39
N HIS C 107 25.31 -26.84 34.36
CA HIS C 107 24.89 -25.67 35.11
C HIS C 107 25.56 -25.52 36.47
N TYR C 108 25.90 -26.63 37.13
CA TYR C 108 26.45 -26.57 38.48
C TYR C 108 27.90 -27.03 38.56
N THR C 109 28.21 -28.23 38.08
CA THR C 109 29.53 -28.81 38.30
C THR C 109 30.55 -28.30 37.28
N ILE C 110 30.44 -28.75 36.03
CA ILE C 110 31.45 -28.43 35.03
C ILE C 110 31.31 -27.00 34.53
N GLY C 111 30.07 -26.53 34.34
CA GLY C 111 29.86 -25.24 33.72
C GLY C 111 30.41 -24.08 34.53
N LYS C 112 30.44 -24.22 35.85
CA LYS C 112 30.96 -23.14 36.68
C LYS C 112 32.46 -22.96 36.56
N GLU C 113 33.17 -23.92 35.97
CA GLU C 113 34.60 -23.79 35.79
C GLU C 113 34.94 -22.80 34.68
N ILE C 114 34.05 -22.66 33.69
CA ILE C 114 34.34 -21.90 32.48
C ILE C 114 33.41 -20.71 32.31
N ILE C 115 32.49 -20.48 33.25
CA ILE C 115 31.52 -19.39 33.12
C ILE C 115 32.21 -18.03 33.17
N ASP C 116 33.24 -17.89 34.02
CA ASP C 116 33.94 -16.61 34.12
C ASP C 116 34.77 -16.33 32.88
N LEU C 117 35.34 -17.37 32.25
CA LEU C 117 36.10 -17.17 31.03
C LEU C 117 35.20 -16.76 29.87
N VAL C 118 34.00 -17.36 29.80
CA VAL C 118 33.09 -17.03 28.70
C VAL C 118 32.60 -15.59 28.81
N LEU C 119 32.17 -15.19 30.02
CA LEU C 119 31.70 -13.82 30.21
C LEU C 119 32.78 -12.80 29.91
N ASP C 120 34.06 -13.17 30.11
CA ASP C 120 35.15 -12.26 29.79
C ASP C 120 35.28 -12.06 28.28
N ARG C 121 35.27 -13.15 27.52
CA ARG C 121 35.36 -13.04 26.07
C ARG C 121 34.13 -12.35 25.47
N ILE C 122 32.98 -12.42 26.16
CA ILE C 122 31.80 -11.70 25.71
C ILE C 122 31.96 -10.21 26.00
N ARG C 123 32.49 -9.86 27.18
CA ARG C 123 32.77 -8.47 27.48
C ARG C 123 33.71 -7.84 26.47
N LYS C 124 34.64 -8.63 25.94
CA LYS C 124 35.51 -8.15 24.87
C LYS C 124 34.69 -7.68 23.67
N LEU C 125 33.76 -8.52 23.20
CA LEU C 125 32.91 -8.13 22.09
C LEU C 125 31.98 -6.98 22.47
N ALA C 126 31.45 -7.01 23.70
CA ALA C 126 30.56 -5.94 24.14
C ALA C 126 31.29 -4.61 24.22
N ASP C 127 32.58 -4.62 24.54
CA ASP C 127 33.36 -3.39 24.59
C ASP C 127 33.85 -2.95 23.21
N GLN C 128 33.73 -3.80 22.20
CA GLN C 128 34.00 -3.42 20.81
C GLN C 128 32.75 -2.91 20.11
N CYS C 129 31.67 -2.67 20.84
CA CYS C 129 30.40 -2.21 20.28
C CYS C 129 30.09 -0.81 20.78
N THR C 130 29.69 0.07 19.85
CA THR C 130 29.30 1.42 20.22
C THR C 130 27.89 1.48 20.78
N GLY C 131 27.03 0.55 20.37
CA GLY C 131 25.67 0.50 20.86
C GLY C 131 25.09 -0.89 20.81
N LEU C 132 25.15 -1.61 21.93
CA LEU C 132 24.71 -3.00 21.96
C LEU C 132 23.20 -3.08 22.01
N GLN C 133 22.62 -3.94 21.18
CA GLN C 133 21.19 -4.16 21.12
C GLN C 133 20.74 -5.35 21.96
N GLY C 134 21.48 -6.45 21.92
CA GLY C 134 21.10 -7.62 22.69
C GLY C 134 21.94 -8.81 22.32
N PHE C 135 21.51 -9.98 22.80
CA PHE C 135 22.19 -11.24 22.57
C PHE C 135 21.26 -12.23 21.86
N SER C 136 21.87 -13.08 21.04
CA SER C 136 21.17 -14.16 20.35
C SER C 136 21.82 -15.47 20.79
N VAL C 137 21.12 -16.23 21.63
CA VAL C 137 21.65 -17.47 22.20
C VAL C 137 21.13 -18.65 21.39
N PHE C 138 22.04 -19.54 21.00
CA PHE C 138 21.70 -20.72 20.22
C PHE C 138 22.10 -21.95 21.01
N HIS C 139 21.12 -22.78 21.35
CA HIS C 139 21.37 -23.94 22.19
C HIS C 139 20.29 -24.98 21.95
N SER C 140 20.57 -26.19 22.43
CA SER C 140 19.60 -27.27 22.39
C SER C 140 18.83 -27.33 23.70
N PHE C 141 17.81 -28.20 23.74
CA PHE C 141 17.03 -28.43 24.94
C PHE C 141 17.43 -29.69 25.68
N GLY C 142 18.08 -30.65 25.01
CA GLY C 142 18.37 -31.92 25.64
C GLY C 142 19.80 -32.08 26.13
N GLY C 143 20.75 -31.48 25.44
CA GLY C 143 22.14 -31.64 25.82
C GLY C 143 22.46 -30.99 27.15
N GLY C 144 23.50 -31.50 27.80
CA GLY C 144 23.86 -30.97 29.11
C GLY C 144 24.39 -29.55 29.02
N THR C 145 25.21 -29.27 28.01
CA THR C 145 25.72 -27.91 27.85
C THR C 145 24.64 -26.98 27.32
N GLY C 146 23.86 -27.43 26.32
CA GLY C 146 22.86 -26.58 25.72
C GLY C 146 21.75 -26.22 26.67
N SER C 147 21.52 -27.04 27.70
CA SER C 147 20.50 -26.79 28.69
C SER C 147 21.08 -26.22 29.98
N GLY C 148 22.11 -26.88 30.52
CA GLY C 148 22.69 -26.48 31.79
C GLY C 148 23.51 -25.22 31.72
N PHE C 149 24.51 -25.20 30.83
CA PHE C 149 25.40 -24.05 30.75
C PHE C 149 24.70 -22.83 30.17
N THR C 150 23.75 -23.02 29.26
CA THR C 150 23.03 -21.90 28.69
C THR C 150 22.22 -21.17 29.76
N SER C 151 21.44 -21.92 30.54
CA SER C 151 20.67 -21.30 31.61
C SER C 151 21.59 -20.62 32.64
N LEU C 152 22.79 -21.16 32.85
CA LEU C 152 23.75 -20.47 33.70
C LEU C 152 24.20 -19.16 33.07
N LEU C 153 24.49 -19.18 31.76
CA LEU C 153 24.92 -17.96 31.08
C LEU C 153 23.79 -16.93 31.05
N MET C 154 22.54 -17.39 30.91
CA MET C 154 21.41 -16.47 30.91
C MET C 154 21.22 -15.81 32.27
N GLU C 155 21.51 -16.52 33.36
CA GLU C 155 21.46 -15.91 34.68
C GLU C 155 22.51 -14.83 34.84
N ARG C 156 23.70 -15.06 34.28
CA ARG C 156 24.79 -14.10 34.44
C ARG C 156 24.65 -12.89 33.53
N LEU C 157 24.10 -13.07 32.33
CA LEU C 157 23.90 -11.94 31.43
C LEU C 157 22.87 -10.97 32.00
N SER C 158 21.83 -11.48 32.66
CA SER C 158 20.84 -10.59 33.27
C SER C 158 21.44 -9.76 34.40
N VAL C 159 22.49 -10.27 35.04
CA VAL C 159 23.14 -9.52 36.12
C VAL C 159 24.06 -8.45 35.54
N ASP C 160 24.91 -8.83 34.58
CA ASP C 160 25.86 -7.88 34.00
C ASP C 160 25.17 -6.93 33.02
N TYR C 161 24.66 -7.48 31.91
CA TYR C 161 24.02 -6.68 30.87
C TYR C 161 22.51 -6.64 31.09
N GLY C 162 22.11 -6.09 32.24
CA GLY C 162 20.71 -6.15 32.65
C GLY C 162 19.78 -5.45 31.69
N LYS C 163 20.23 -4.34 31.10
CA LYS C 163 19.36 -3.58 30.21
C LYS C 163 19.16 -4.29 28.88
N LYS C 164 20.16 -5.04 28.42
CA LYS C 164 20.12 -5.58 27.06
C LYS C 164 19.14 -6.74 26.96
N SER C 165 18.53 -6.86 25.78
CA SER C 165 17.61 -7.96 25.52
C SER C 165 18.38 -9.23 25.18
N LYS C 166 17.69 -10.37 25.31
CA LYS C 166 18.28 -11.68 25.08
C LYS C 166 17.27 -12.56 24.36
N LEU C 167 17.61 -13.01 23.16
CA LEU C 167 16.77 -13.90 22.36
C LEU C 167 17.46 -15.24 22.21
N GLU C 168 16.68 -16.32 22.30
CA GLU C 168 17.22 -17.67 22.21
C GLU C 168 16.53 -18.45 21.10
N PHE C 169 17.33 -19.18 20.33
CA PHE C 169 16.85 -20.15 19.34
C PHE C 169 17.11 -21.54 19.91
N SER C 170 16.07 -22.16 20.46
CA SER C 170 16.20 -23.42 21.17
C SER C 170 15.80 -24.58 20.27
N ILE C 171 16.50 -25.69 20.41
CA ILE C 171 16.28 -26.89 19.60
C ILE C 171 15.44 -27.86 20.43
N TYR C 172 14.14 -27.85 20.18
CA TYR C 172 13.22 -28.75 20.85
C TYR C 172 13.55 -30.20 20.47
N PRO C 173 13.65 -31.11 21.43
CA PRO C 173 14.13 -32.46 21.12
C PRO C 173 13.08 -33.29 20.38
N ALA C 174 13.55 -34.37 19.75
CA ALA C 174 12.70 -35.29 19.01
C ALA C 174 13.35 -36.66 19.01
N PRO C 175 12.57 -37.73 19.22
CA PRO C 175 13.17 -39.06 19.32
C PRO C 175 13.86 -39.53 18.04
N GLN C 176 13.51 -38.95 16.89
CA GLN C 176 14.10 -39.39 15.63
C GLN C 176 15.61 -39.18 15.62
N VAL C 177 16.11 -38.17 16.33
CA VAL C 177 17.53 -37.86 16.35
C VAL C 177 17.99 -37.69 17.79
N SER C 178 17.18 -38.15 18.74
CA SER C 178 17.50 -37.97 20.15
C SER C 178 18.73 -38.79 20.53
N THR C 179 19.70 -38.12 21.15
CA THR C 179 20.93 -38.77 21.60
C THR C 179 20.96 -38.99 23.11
N ALA C 180 19.83 -38.82 23.80
CA ALA C 180 19.80 -38.98 25.24
C ALA C 180 18.37 -39.27 25.68
N VAL C 181 18.24 -40.08 26.73
CA VAL C 181 16.92 -40.42 27.26
C VAL C 181 16.43 -39.32 28.19
N VAL C 182 17.32 -38.65 28.90
CA VAL C 182 16.95 -37.68 29.92
C VAL C 182 16.72 -36.30 29.29
N GLU C 183 16.58 -36.26 27.97
CA GLU C 183 16.34 -34.98 27.30
C GLU C 183 15.08 -34.27 27.80
N PRO C 184 13.97 -34.95 28.11
CA PRO C 184 12.84 -34.22 28.75
C PRO C 184 13.20 -33.58 30.07
N TYR C 185 14.03 -34.25 30.89
CA TYR C 185 14.50 -33.64 32.13
C TYR C 185 15.22 -32.32 31.85
N ASN C 186 16.22 -32.36 30.97
CA ASN C 186 17.01 -31.17 30.69
C ASN C 186 16.16 -30.06 30.10
N SER C 187 15.19 -30.42 29.24
CA SER C 187 14.33 -29.41 28.63
C SER C 187 13.53 -28.66 29.69
N ILE C 188 12.91 -29.40 30.62
CA ILE C 188 12.11 -28.77 31.67
C ILE C 188 13.00 -27.92 32.58
N LEU C 189 14.19 -28.42 32.89
CA LEU C 189 15.06 -27.71 33.84
C LEU C 189 15.57 -26.40 33.25
N THR C 190 15.96 -26.39 31.97
CA THR C 190 16.48 -25.18 31.37
C THR C 190 15.37 -24.19 31.03
N THR C 191 14.19 -24.68 30.65
CA THR C 191 13.06 -23.79 30.40
C THR C 191 12.63 -23.07 31.66
N HIS C 192 12.84 -23.71 32.82
CA HIS C 192 12.45 -23.09 34.09
C HIS C 192 13.40 -21.98 34.50
N THR C 193 14.69 -22.28 34.55
CA THR C 193 15.67 -21.28 35.02
C THR C 193 15.94 -20.18 34.01
N THR C 194 15.51 -20.33 32.76
CA THR C 194 15.71 -19.32 31.73
C THR C 194 14.44 -18.51 31.46
N LEU C 195 13.30 -18.92 32.01
CA LEU C 195 12.03 -18.29 31.67
C LEU C 195 12.01 -16.81 32.04
N GLU C 196 12.59 -16.46 33.18
CA GLU C 196 12.58 -15.08 33.64
C GLU C 196 13.75 -14.26 33.12
N HIS C 197 14.64 -14.86 32.33
CA HIS C 197 15.78 -14.15 31.76
C HIS C 197 15.69 -13.94 30.26
N SER C 198 14.82 -14.67 29.57
CA SER C 198 14.68 -14.59 28.13
C SER C 198 13.56 -13.62 27.76
N ASP C 199 13.82 -12.79 26.75
CA ASP C 199 12.80 -11.88 26.23
C ASP C 199 11.99 -12.51 25.12
N CYS C 200 12.59 -13.38 24.32
CA CYS C 200 11.91 -14.02 23.22
C CYS C 200 12.62 -15.35 22.94
N ALA C 201 11.83 -16.39 22.68
CA ALA C 201 12.37 -17.75 22.53
C ALA C 201 11.73 -18.40 21.32
N PHE C 202 12.53 -18.63 20.29
CA PHE C 202 12.07 -19.31 19.07
C PHE C 202 12.44 -20.78 19.17
N MET C 203 11.46 -21.61 19.52
CA MET C 203 11.69 -23.05 19.58
C MET C 203 11.69 -23.66 18.18
N VAL C 204 12.53 -24.67 18.00
CA VAL C 204 12.66 -25.39 16.73
C VAL C 204 12.50 -26.87 17.04
N ASP C 205 11.31 -27.41 16.83
CA ASP C 205 11.09 -28.85 17.00
C ASP C 205 11.90 -29.60 15.95
N ASN C 206 12.83 -30.44 16.40
CA ASN C 206 13.62 -31.23 15.47
C ASN C 206 12.77 -32.19 14.67
N GLU C 207 11.63 -32.61 15.22
CA GLU C 207 10.71 -33.47 14.49
C GLU C 207 10.08 -32.75 13.31
N ALA C 208 9.79 -31.45 13.47
CA ALA C 208 9.23 -30.68 12.37
C ALA C 208 10.25 -30.50 11.25
N ILE C 209 11.46 -30.06 11.60
CA ILE C 209 12.51 -29.91 10.60
C ILE C 209 12.87 -31.26 9.98
N TYR C 210 12.79 -32.33 10.78
CA TYR C 210 13.06 -33.67 10.25
C TYR C 210 12.03 -34.07 9.21
N ASP C 211 10.74 -33.82 9.49
CA ASP C 211 9.68 -34.22 8.56
C ASP C 211 9.62 -33.31 7.35
N ILE C 212 9.86 -32.01 7.53
CA ILE C 212 9.86 -31.10 6.40
C ILE C 212 10.97 -31.48 5.41
N CYS C 213 12.12 -31.92 5.92
CA CYS C 213 13.18 -32.38 5.02
C CYS C 213 12.80 -33.67 4.32
N ARG C 214 12.11 -34.57 5.01
CA ARG C 214 11.67 -35.81 4.38
C ARG C 214 10.55 -35.55 3.36
N ARG C 215 9.64 -34.64 3.68
CA ARG C 215 8.48 -34.41 2.82
C ARG C 215 8.84 -33.52 1.63
N ASN C 216 9.35 -32.32 1.90
CA ASN C 216 9.53 -31.32 0.86
C ASN C 216 10.86 -31.43 0.12
N LEU C 217 11.91 -31.97 0.76
CA LEU C 217 13.19 -32.17 0.12
C LEU C 217 13.42 -33.60 -0.34
N ASP C 218 12.55 -34.54 0.05
CA ASP C 218 12.64 -35.94 -0.33
C ASP C 218 13.98 -36.55 0.10
N ILE C 219 14.29 -36.38 1.38
CA ILE C 219 15.48 -36.96 2.00
C ILE C 219 15.02 -38.07 2.94
N GLU C 220 15.58 -39.27 2.79
CA GLU C 220 15.08 -40.42 3.53
C GLU C 220 15.32 -40.27 5.03
N ARG C 221 16.59 -40.20 5.43
CA ARG C 221 16.93 -39.85 6.82
C ARG C 221 17.80 -38.60 6.79
N PRO C 222 17.23 -37.43 7.07
CA PRO C 222 18.01 -36.20 7.05
C PRO C 222 19.15 -36.23 8.05
N THR C 223 20.32 -35.74 7.62
CA THR C 223 21.44 -35.55 8.52
C THR C 223 21.28 -34.22 9.27
N TYR C 224 22.15 -34.01 10.26
CA TYR C 224 22.17 -32.74 10.97
C TYR C 224 22.42 -31.57 10.03
N THR C 225 23.22 -31.79 8.98
CA THR C 225 23.46 -30.74 8.00
C THR C 225 22.17 -30.34 7.29
N ASN C 226 21.31 -31.31 7.00
CA ASN C 226 20.03 -31.00 6.38
C ASN C 226 19.16 -30.17 7.31
N LEU C 227 19.06 -30.58 8.58
CA LEU C 227 18.26 -29.83 9.55
C LEU C 227 18.83 -28.43 9.77
N ASN C 228 20.15 -28.33 9.89
CA ASN C 228 20.77 -27.04 10.19
C ASN C 228 20.61 -26.05 9.04
N ARG C 229 20.77 -26.52 7.80
CA ARG C 229 20.63 -25.62 6.67
C ARG C 229 19.19 -25.12 6.52
N LEU C 230 18.22 -25.97 6.82
CA LEU C 230 16.83 -25.53 6.83
C LEU C 230 16.58 -24.55 7.97
N ILE C 231 17.14 -24.84 9.15
CA ILE C 231 17.00 -23.92 10.29
C ILE C 231 17.69 -22.60 10.00
N GLY C 232 18.90 -22.65 9.42
CA GLY C 232 19.61 -21.43 9.10
C GLY C 232 18.84 -20.53 8.15
N GLN C 233 17.99 -21.11 7.30
CA GLN C 233 17.13 -20.30 6.44
C GLN C 233 16.14 -19.49 7.27
N ILE C 234 15.55 -20.11 8.29
CA ILE C 234 14.57 -19.41 9.13
C ILE C 234 15.28 -18.37 10.00
N VAL C 235 16.39 -18.74 10.62
CA VAL C 235 17.13 -17.81 11.47
C VAL C 235 17.56 -16.59 10.65
N SER C 236 17.90 -16.81 9.37
CA SER C 236 18.28 -15.69 8.51
C SER C 236 17.12 -14.74 8.29
N SER C 237 15.93 -15.28 7.99
CA SER C 237 14.77 -14.43 7.76
C SER C 237 14.39 -13.63 9.00
N ILE C 238 14.62 -14.20 10.18
CA ILE C 238 14.30 -13.49 11.42
C ILE C 238 15.31 -12.37 11.66
N THR C 239 16.59 -12.64 11.47
CA THR C 239 17.64 -11.65 11.70
C THR C 239 17.85 -10.71 10.52
N ALA C 240 17.22 -10.97 9.36
CA ALA C 240 17.43 -10.12 8.20
C ALA C 240 16.97 -8.69 8.45
N SER C 241 15.99 -8.51 9.33
CA SER C 241 15.54 -7.16 9.68
C SER C 241 16.65 -6.36 10.35
N LEU C 242 17.49 -7.02 11.14
CA LEU C 242 18.60 -6.34 11.80
C LEU C 242 19.80 -6.16 10.87
N ARG C 243 20.00 -7.08 9.92
CA ARG C 243 21.18 -7.08 9.08
C ARG C 243 21.03 -6.29 7.80
N PHE C 244 19.80 -5.95 7.39
CA PHE C 244 19.57 -5.20 6.17
C PHE C 244 18.73 -3.96 6.45
N ASP C 245 18.83 -2.99 5.55
CA ASP C 245 17.97 -1.83 5.55
C ASP C 245 16.95 -1.95 4.41
N GLY C 246 15.78 -1.36 4.64
CA GLY C 246 14.73 -1.34 3.64
C GLY C 246 13.61 -0.40 4.03
N ALA C 247 13.00 0.26 3.05
CA ALA C 247 11.93 1.22 3.35
C ALA C 247 10.80 0.54 4.10
N LEU C 248 10.47 -0.70 3.73
CA LEU C 248 9.41 -1.47 4.39
C LEU C 248 9.97 -2.60 5.26
N ASN C 249 11.27 -2.58 5.54
CA ASN C 249 11.92 -3.64 6.31
C ASN C 249 11.78 -3.30 7.79
N VAL C 250 10.69 -3.78 8.39
CA VAL C 250 10.43 -3.49 9.80
C VAL C 250 11.44 -4.21 10.68
N ASP C 251 11.94 -3.51 11.70
CA ASP C 251 12.92 -4.09 12.61
C ASP C 251 12.28 -5.19 13.45
N LEU C 252 13.11 -6.16 13.85
CA LEU C 252 12.61 -7.30 14.62
C LEU C 252 12.14 -6.87 16.00
N THR C 253 12.81 -5.91 16.62
CA THR C 253 12.41 -5.43 17.93
C THR C 253 11.02 -4.80 17.91
N GLU C 254 10.55 -4.37 16.74
CA GLU C 254 9.19 -3.88 16.61
C GLU C 254 8.17 -5.00 16.54
N PHE C 255 8.59 -6.20 16.11
CA PHE C 255 7.69 -7.35 16.09
C PHE C 255 7.54 -7.94 17.49
N GLN C 256 8.60 -7.94 18.28
CA GLN C 256 8.52 -8.45 19.66
C GLN C 256 7.46 -7.72 20.46
N THR C 257 7.28 -6.43 20.20
CA THR C 257 6.27 -5.66 20.94
C THR C 257 4.87 -6.21 20.72
N ASN C 258 4.64 -6.86 19.57
CA ASN C 258 3.36 -7.49 19.30
C ASN C 258 3.35 -8.98 19.65
N LEU C 259 4.50 -9.64 19.60
CA LEU C 259 4.56 -11.08 19.81
C LEU C 259 4.50 -11.47 21.28
N VAL C 260 4.83 -10.57 22.20
CA VAL C 260 4.93 -10.93 23.61
C VAL C 260 3.90 -10.15 24.42
N PRO C 261 2.68 -10.65 24.59
CA PRO C 261 1.69 -9.92 25.40
C PRO C 261 1.96 -10.02 26.89
N TYR C 262 2.69 -11.03 27.34
CA TYR C 262 3.03 -11.22 28.73
C TYR C 262 4.42 -11.79 28.81
N PRO C 263 5.16 -11.49 29.89
CA PRO C 263 6.57 -11.92 29.94
C PRO C 263 6.77 -13.42 29.80
N ARG C 264 5.85 -14.23 30.33
CA ARG C 264 5.99 -15.68 30.24
C ARG C 264 5.52 -16.23 28.91
N ALA C 265 4.69 -15.50 28.18
CA ALA C 265 4.22 -15.94 26.86
C ALA C 265 5.09 -15.35 25.76
N HIS C 266 6.36 -15.76 25.75
CA HIS C 266 7.36 -15.26 24.81
C HIS C 266 7.91 -16.39 23.94
N PHE C 267 7.05 -17.32 23.53
CA PHE C 267 7.43 -18.44 22.67
C PHE C 267 6.64 -18.35 21.37
N PRO C 268 7.13 -17.61 20.38
CA PRO C 268 6.45 -17.56 19.09
C PRO C 268 6.63 -18.83 18.29
N LEU C 269 5.77 -18.98 17.28
CA LEU C 269 5.75 -20.15 16.41
C LEU C 269 6.12 -19.69 15.00
N ALA C 270 7.25 -20.15 14.50
CA ALA C 270 7.75 -19.75 13.18
C ALA C 270 7.31 -20.75 12.12
N THR C 271 6.89 -20.21 10.97
CA THR C 271 6.41 -21.03 9.85
C THR C 271 6.99 -20.45 8.57
N TYR C 272 7.88 -21.22 7.93
CA TYR C 272 8.61 -20.75 6.77
C TYR C 272 8.12 -21.48 5.51
N ALA C 273 8.10 -20.74 4.40
CA ALA C 273 7.66 -21.24 3.10
C ALA C 273 8.14 -20.28 2.04
N PRO C 274 8.45 -20.76 0.82
CA PRO C 274 8.43 -22.18 0.43
C PRO C 274 9.77 -22.88 0.59
N VAL C 275 9.72 -24.17 0.88
CA VAL C 275 10.89 -25.02 0.98
C VAL C 275 10.83 -26.03 -0.16
N ILE C 276 11.70 -25.86 -1.16
CA ILE C 276 11.67 -26.65 -2.38
C ILE C 276 13.05 -27.25 -2.62
N SER C 277 13.08 -28.52 -3.00
CA SER C 277 14.32 -29.19 -3.32
C SER C 277 14.77 -28.86 -4.73
N ALA C 278 16.06 -29.04 -4.98
CA ALA C 278 16.64 -28.73 -6.29
C ALA C 278 16.74 -30.01 -7.13
N GLU C 279 15.58 -30.43 -7.65
CA GLU C 279 15.54 -31.66 -8.45
C GLU C 279 14.79 -31.50 -9.76
N LYS C 280 13.67 -30.79 -9.77
CA LYS C 280 12.88 -30.59 -10.98
C LYS C 280 12.73 -29.08 -11.20
N ALA C 281 11.93 -28.71 -12.21
CA ALA C 281 11.60 -27.31 -12.43
C ALA C 281 10.36 -26.93 -11.63
N TYR C 282 10.28 -25.67 -11.22
CA TYR C 282 9.18 -25.17 -10.39
C TYR C 282 8.29 -24.20 -11.15
N GLN C 285 7.55 -21.34 -9.68
CA GLN C 285 7.59 -20.06 -8.99
C GLN C 285 6.26 -19.78 -8.32
N LEU C 286 6.27 -19.67 -6.99
CA LEU C 286 5.05 -19.48 -6.22
C LEU C 286 4.78 -18.00 -6.00
N SER C 287 3.50 -17.65 -6.04
CA SER C 287 3.08 -16.27 -5.86
C SER C 287 3.12 -15.89 -4.38
N VAL C 288 2.74 -14.65 -4.09
CA VAL C 288 2.67 -14.19 -2.70
C VAL C 288 1.52 -14.89 -1.98
N ALA C 289 0.39 -15.07 -2.66
CA ALA C 289 -0.77 -15.68 -2.02
C ALA C 289 -0.53 -17.15 -1.70
N GLU C 290 0.29 -17.83 -2.50
CA GLU C 290 0.53 -19.25 -2.27
C GLU C 290 1.51 -19.46 -1.11
N ILE C 291 2.54 -18.62 -1.01
CA ILE C 291 3.48 -18.76 0.09
C ILE C 291 2.88 -18.25 1.39
N THR C 292 1.93 -17.31 1.30
CA THR C 292 1.23 -16.86 2.49
C THR C 292 0.20 -17.88 2.96
N ASN C 293 -0.43 -18.60 2.02
CA ASN C 293 -1.31 -19.71 2.40
C ASN C 293 -0.52 -20.82 3.09
N ALA C 294 0.71 -21.08 2.63
CA ALA C 294 1.51 -22.16 3.20
C ALA C 294 1.94 -21.87 4.63
N CYS C 295 1.88 -20.61 5.07
CA CYS C 295 2.23 -20.29 6.44
C CYS C 295 1.20 -20.79 7.42
N PHE C 296 -0.01 -21.09 6.96
CA PHE C 296 -1.07 -21.59 7.82
C PHE C 296 -1.32 -23.08 7.65
N GLU C 297 -0.42 -23.79 6.96
CA GLU C 297 -0.48 -25.23 6.90
C GLU C 297 0.44 -25.79 7.97
N PRO C 298 -0.08 -26.47 8.99
CA PRO C 298 0.79 -26.93 10.09
C PRO C 298 1.95 -27.81 9.63
N ALA C 299 1.88 -28.40 8.44
CA ALA C 299 3.02 -29.17 7.94
C ALA C 299 4.23 -28.31 7.65
N ASN C 300 4.06 -26.99 7.59
CA ASN C 300 5.16 -26.07 7.33
C ASN C 300 5.70 -25.43 8.60
N GLN C 301 5.16 -25.77 9.77
CA GLN C 301 5.61 -25.18 11.01
C GLN C 301 6.90 -25.83 11.48
N MET C 302 7.60 -25.14 12.37
CA MET C 302 8.82 -25.65 12.98
C MET C 302 8.60 -26.21 14.38
N VAL C 303 7.37 -26.13 14.90
CA VAL C 303 6.99 -26.80 16.14
C VAL C 303 5.68 -27.51 15.86
N LYS C 304 5.65 -28.83 16.06
CA LYS C 304 4.45 -29.61 15.75
C LYS C 304 3.34 -29.25 16.73
N CYS C 305 2.29 -28.64 16.21
CA CYS C 305 1.09 -28.30 16.97
C CYS C 305 0.05 -27.78 15.98
N ASP C 306 -1.20 -27.72 16.42
CA ASP C 306 -2.30 -27.31 15.54
C ASP C 306 -2.86 -25.97 15.99
N PRO C 307 -2.52 -24.87 15.30
CA PRO C 307 -3.04 -23.56 15.72
C PRO C 307 -4.55 -23.45 15.61
N ARG C 308 -5.19 -24.30 14.81
CA ARG C 308 -6.65 -24.29 14.74
C ARG C 308 -7.26 -24.74 16.06
N HIS C 309 -6.53 -25.53 16.85
CA HIS C 309 -6.95 -25.92 18.18
C HIS C 309 -6.61 -24.87 19.24
N GLY C 310 -6.20 -23.69 18.82
CA GLY C 310 -5.84 -22.62 19.74
C GLY C 310 -6.26 -21.25 19.26
N LYS C 311 -5.84 -20.21 19.97
CA LYS C 311 -6.22 -18.85 19.63
C LYS C 311 -4.95 -18.01 19.45
N TYR C 312 -4.97 -17.15 18.44
CA TYR C 312 -3.83 -16.29 18.14
C TYR C 312 -3.78 -15.09 19.08
N MET C 313 -2.57 -14.63 19.36
CA MET C 313 -2.34 -13.34 19.99
C MET C 313 -1.55 -12.38 19.10
N ALA C 314 -0.89 -12.88 18.07
CA ALA C 314 -0.11 -12.06 17.17
C ALA C 314 0.16 -12.85 15.90
N CYS C 315 0.36 -12.14 14.80
CA CYS C 315 0.67 -12.78 13.53
C CYS C 315 1.50 -11.80 12.71
N CYS C 316 2.76 -12.17 12.45
CA CYS C 316 3.71 -11.31 11.77
C CYS C 316 4.24 -12.03 10.53
N LEU C 317 4.23 -11.34 9.40
CA LEU C 317 4.67 -11.90 8.13
C LEU C 317 5.98 -11.24 7.72
N LEU C 318 7.06 -12.02 7.74
CA LEU C 318 8.39 -11.54 7.37
C LEU C 318 8.67 -11.96 5.93
N TYR C 319 8.24 -11.14 4.98
CA TYR C 319 8.48 -11.41 3.58
C TYR C 319 9.91 -11.03 3.19
N ARG C 320 10.48 -11.80 2.27
CA ARG C 320 11.74 -11.41 1.64
C ARG C 320 11.76 -11.93 0.21
N GLY C 321 12.16 -11.06 -0.72
CA GLY C 321 12.16 -11.40 -2.13
C GLY C 321 11.30 -10.45 -2.95
N ASP C 322 10.91 -10.87 -4.14
CA ASP C 322 10.06 -10.05 -5.02
C ASP C 322 8.63 -10.08 -4.48
N VAL C 323 8.35 -9.13 -3.58
CA VAL C 323 7.08 -9.09 -2.86
C VAL C 323 6.57 -7.65 -2.88
N VAL C 324 5.37 -7.46 -3.43
CA VAL C 324 4.76 -6.14 -3.52
C VAL C 324 3.72 -6.02 -2.41
N PRO C 325 3.63 -4.88 -1.72
CA PRO C 325 2.67 -4.76 -0.60
C PRO C 325 1.22 -5.02 -0.98
N LYS C 326 0.77 -4.53 -2.14
CA LYS C 326 -0.63 -4.75 -2.51
C LYS C 326 -0.93 -6.22 -2.76
N ASP C 327 0.04 -6.99 -3.23
CA ASP C 327 -0.14 -8.42 -3.35
C ASP C 327 -0.22 -9.09 -1.99
N VAL C 328 0.44 -8.52 -0.98
CA VAL C 328 0.36 -9.06 0.38
C VAL C 328 -1.03 -8.87 0.95
N ASN C 329 -1.50 -7.61 0.97
CA ASN C 329 -2.81 -7.31 1.53
C ASN C 329 -3.92 -8.05 0.80
N ALA C 330 -3.75 -8.27 -0.51
CA ALA C 330 -4.72 -9.07 -1.24
C ALA C 330 -4.73 -10.51 -0.76
N ALA C 331 -3.56 -11.08 -0.49
CA ALA C 331 -3.48 -12.44 0.00
C ALA C 331 -3.98 -12.54 1.44
N ILE C 332 -3.63 -11.55 2.27
CA ILE C 332 -4.06 -11.55 3.67
C ILE C 332 -5.59 -11.48 3.75
N ALA C 333 -6.19 -10.58 2.98
CA ALA C 333 -7.65 -10.45 3.00
C ALA C 333 -8.33 -11.73 2.56
N THR C 334 -7.71 -12.48 1.64
CA THR C 334 -8.28 -13.75 1.22
C THR C 334 -8.17 -14.80 2.32
N ILE C 335 -7.01 -14.88 2.96
CA ILE C 335 -6.80 -15.89 4.00
C ILE C 335 -7.62 -15.56 5.23
N LYS C 336 -7.73 -14.28 5.58
CA LYS C 336 -8.49 -13.88 6.75
C LYS C 336 -9.98 -14.17 6.61
N THR C 337 -10.47 -14.31 5.37
CA THR C 337 -11.88 -14.61 5.13
C THR C 337 -12.05 -15.94 4.41
N LYS C 338 -11.06 -16.83 4.49
CA LYS C 338 -11.19 -18.17 3.95
C LYS C 338 -10.49 -19.22 4.81
N ARG C 339 -9.96 -18.83 5.96
CA ARG C 339 -9.41 -19.75 6.95
C ARG C 339 -10.00 -19.41 8.31
N THR C 340 -9.62 -20.18 9.32
CA THR C 340 -10.11 -20.00 10.68
C THR C 340 -8.93 -19.58 11.56
N ILE C 341 -8.70 -18.27 11.61
CA ILE C 341 -7.68 -17.69 12.49
C ILE C 341 -8.44 -17.06 13.65
N GLN C 342 -8.45 -17.75 14.79
CA GLN C 342 -9.11 -17.26 15.98
C GLN C 342 -8.14 -16.39 16.78
N PHE C 343 -8.48 -15.12 16.95
CA PHE C 343 -7.77 -14.22 17.84
C PHE C 343 -8.48 -14.17 19.18
N VAL C 344 -7.71 -13.93 20.24
CA VAL C 344 -8.32 -13.65 21.53
C VAL C 344 -9.08 -12.33 21.42
N ASP C 345 -10.13 -12.19 22.25
CA ASP C 345 -11.01 -11.04 22.17
C ASP C 345 -10.40 -9.76 22.74
N TRP C 346 -9.14 -9.79 23.17
CA TRP C 346 -8.45 -8.60 23.66
C TRP C 346 -7.30 -8.18 22.75
N CYS C 347 -7.23 -8.71 21.54
CA CYS C 347 -6.17 -8.42 20.59
C CYS C 347 -6.70 -7.59 19.42
N PRO C 348 -5.82 -6.89 18.70
CA PRO C 348 -6.28 -6.01 17.62
C PRO C 348 -6.64 -6.73 16.33
N THR C 349 -6.33 -8.02 16.21
CA THR C 349 -6.61 -8.92 15.09
C THR C 349 -5.84 -8.57 13.82
N GLY C 350 -4.96 -7.57 13.86
CA GLY C 350 -4.23 -7.15 12.67
C GLY C 350 -2.93 -7.93 12.46
N PHE C 351 -2.53 -8.00 11.19
CA PHE C 351 -1.29 -8.66 10.79
C PHE C 351 -0.20 -7.61 10.59
N LYS C 352 0.97 -7.86 11.16
CA LYS C 352 2.13 -6.98 10.99
C LYS C 352 3.04 -7.54 9.91
N VAL C 353 3.34 -6.71 8.91
CA VAL C 353 4.02 -7.14 7.70
C VAL C 353 5.34 -6.39 7.55
N GLY C 354 6.41 -7.13 7.30
CA GLY C 354 7.67 -6.54 6.90
C GLY C 354 8.14 -7.16 5.60
N ILE C 355 8.82 -6.35 4.79
CA ILE C 355 9.26 -6.76 3.47
C ILE C 355 10.73 -6.42 3.30
N ASN C 356 11.51 -7.37 2.78
CA ASN C 356 12.92 -7.17 2.46
C ASN C 356 13.12 -7.64 1.02
N TYR C 357 13.43 -6.73 0.12
CA TYR C 357 13.44 -7.04 -1.30
C TYR C 357 14.68 -7.82 -1.75
N GLU C 358 15.52 -8.29 -0.82
CA GLU C 358 16.64 -9.12 -1.27
C GLU C 358 16.21 -10.58 -1.36
N PRO C 359 16.62 -11.30 -2.42
CA PRO C 359 16.14 -12.66 -2.60
C PRO C 359 16.66 -13.59 -1.51
N PRO C 360 15.94 -14.68 -1.22
CA PRO C 360 16.43 -15.66 -0.24
C PRO C 360 17.66 -16.38 -0.77
N THR C 361 18.74 -16.35 0.00
CA THR C 361 19.98 -17.01 -0.36
C THR C 361 20.00 -18.43 0.19
N VAL C 362 20.47 -19.37 -0.63
CA VAL C 362 20.64 -20.75 -0.21
C VAL C 362 22.11 -21.13 -0.37
N VAL C 363 22.49 -22.22 0.28
CA VAL C 363 23.86 -22.71 0.13
C VAL C 363 24.05 -23.24 -1.29
N PRO C 364 25.09 -22.82 -2.01
CA PRO C 364 25.28 -23.34 -3.36
C PRO C 364 25.53 -24.84 -3.33
N GLY C 365 24.84 -25.56 -4.22
CA GLY C 365 25.03 -27.00 -4.35
C GLY C 365 24.36 -27.71 -3.18
N GLY C 366 23.54 -26.95 -2.46
CA GLY C 366 22.82 -27.48 -1.31
C GLY C 366 21.62 -28.30 -1.73
N ASP C 367 20.66 -28.45 -0.81
CA ASP C 367 19.43 -29.17 -1.09
C ASP C 367 18.22 -28.25 -1.18
N LEU C 368 18.40 -26.96 -0.92
CA LEU C 368 17.33 -25.98 -1.05
C LEU C 368 17.50 -25.20 -2.34
N ALA C 369 16.39 -24.98 -3.04
CA ALA C 369 16.40 -24.26 -4.30
C ALA C 369 16.27 -22.77 -4.08
N LYS C 370 16.97 -21.99 -4.91
CA LYS C 370 16.81 -20.54 -4.90
C LYS C 370 15.39 -20.19 -5.32
N VAL C 371 14.75 -19.32 -4.55
CA VAL C 371 13.37 -18.94 -4.80
C VAL C 371 13.31 -17.45 -5.06
N GLN C 372 12.32 -17.05 -5.87
CA GLN C 372 12.10 -15.63 -6.14
C GLN C 372 11.69 -14.88 -4.88
N ARG C 373 10.80 -15.47 -4.09
CA ARG C 373 10.29 -14.82 -2.89
C ARG C 373 9.99 -15.89 -1.84
N ALA C 374 10.02 -15.46 -0.58
CA ALA C 374 9.74 -16.36 0.54
C ALA C 374 9.17 -15.54 1.69
N VAL C 375 8.66 -16.24 2.69
CA VAL C 375 8.01 -15.59 3.83
C VAL C 375 8.21 -16.46 5.06
N CYS C 376 8.46 -15.82 6.20
CA CYS C 376 8.55 -16.48 7.49
C CYS C 376 7.52 -15.84 8.41
N MET C 377 6.54 -16.62 8.84
CA MET C 377 5.47 -16.12 9.70
C MET C 377 5.84 -16.37 11.16
N LEU C 378 5.76 -15.33 11.98
CA LEU C 378 5.96 -15.42 13.42
C LEU C 378 4.62 -15.19 14.09
N SER C 379 4.03 -16.27 14.60
CA SER C 379 2.71 -16.23 15.21
C SER C 379 2.80 -16.69 16.67
N ASN C 380 2.17 -15.93 17.56
CA ASN C 380 2.14 -16.25 18.98
C ASN C 380 0.76 -16.85 19.27
N THR C 381 0.67 -18.18 19.21
CA THR C 381 -0.58 -18.90 19.39
C THR C 381 -0.51 -19.78 20.64
N THR C 382 -1.67 -19.97 21.27
CA THR C 382 -1.75 -20.84 22.43
C THR C 382 -1.50 -22.29 22.09
N ALA C 383 -1.60 -22.67 20.82
CA ALA C 383 -1.40 -24.06 20.43
C ALA C 383 0.02 -24.53 20.65
N ILE C 384 0.97 -23.60 20.83
CA ILE C 384 2.34 -24.01 21.09
C ILE C 384 2.47 -24.66 22.46
N ALA C 385 1.45 -24.50 23.32
CA ALA C 385 1.47 -25.15 24.62
C ALA C 385 1.38 -26.67 24.50
N GLU C 386 0.98 -27.16 23.32
CA GLU C 386 0.98 -28.61 23.08
C GLU C 386 2.39 -29.17 23.15
N ALA C 387 3.40 -28.38 22.76
CA ALA C 387 4.78 -28.83 22.84
C ALA C 387 5.22 -28.99 24.30
N TRP C 388 4.83 -28.05 25.17
CA TRP C 388 5.11 -28.18 26.58
C TRP C 388 4.45 -29.43 27.17
N ALA C 389 3.24 -29.74 26.71
CA ALA C 389 2.54 -30.92 27.22
C ALA C 389 3.26 -32.21 26.85
N ARG C 390 3.79 -32.28 25.63
CA ARG C 390 4.54 -33.47 25.22
C ARG C 390 5.81 -33.63 26.03
N LEU C 391 6.45 -32.53 26.41
CA LEU C 391 7.63 -32.61 27.27
C LEU C 391 7.24 -32.92 28.71
N ASP C 392 6.23 -32.23 29.23
CA ASP C 392 5.80 -32.46 30.61
C ASP C 392 5.34 -33.90 30.82
N HIS C 393 4.81 -34.54 29.77
CA HIS C 393 4.35 -35.92 29.91
C HIS C 393 5.53 -36.88 30.04
N LYS C 394 6.47 -36.82 29.09
CA LYS C 394 7.66 -37.64 29.18
C LYS C 394 8.43 -37.37 30.47
N PHE C 395 8.40 -36.13 30.94
CA PHE C 395 9.00 -35.79 32.24
C PHE C 395 8.27 -36.51 33.36
N ASP C 396 6.93 -36.45 33.37
CA ASP C 396 6.17 -37.02 34.47
C ASP C 396 6.34 -38.53 34.56
N LEU C 397 6.45 -39.20 33.41
CA LEU C 397 6.56 -40.65 33.40
C LEU C 397 7.81 -41.10 34.15
N MET C 398 8.95 -40.46 33.89
CA MET C 398 10.19 -40.86 34.53
C MET C 398 10.32 -40.33 35.95
N TYR C 399 9.94 -39.07 36.17
CA TYR C 399 10.11 -38.48 37.49
C TYR C 399 9.18 -39.10 38.53
N ALA C 400 8.06 -39.68 38.11
CA ALA C 400 7.21 -40.38 39.06
C ALA C 400 7.92 -41.58 39.67
N LYS C 401 8.90 -42.14 38.95
CA LYS C 401 9.74 -43.21 39.44
C LYS C 401 11.09 -42.73 39.93
N ARG C 402 11.36 -41.42 39.80
CA ARG C 402 12.67 -40.83 40.13
C ARG C 402 13.79 -41.49 39.34
N ALA C 403 13.48 -41.95 38.13
CA ALA C 403 14.50 -42.54 37.27
C ALA C 403 15.47 -41.48 36.78
N PHE C 404 16.75 -41.83 36.74
CA PHE C 404 17.86 -40.99 36.29
C PHE C 404 18.07 -39.76 37.16
N VAL C 405 17.32 -39.61 38.26
CA VAL C 405 17.45 -38.42 39.10
C VAL C 405 18.77 -38.43 39.85
N HIS C 406 19.27 -39.62 40.21
CA HIS C 406 20.52 -39.71 40.97
C HIS C 406 21.68 -39.08 40.22
N TRP C 407 21.64 -39.08 38.89
CA TRP C 407 22.70 -38.44 38.11
C TRP C 407 22.71 -36.93 38.36
N TYR C 408 21.54 -36.31 38.36
CA TYR C 408 21.46 -34.88 38.59
C TYR C 408 21.80 -34.53 40.02
N VAL C 409 21.24 -35.26 40.99
CA VAL C 409 21.52 -34.99 42.40
C VAL C 409 22.99 -35.26 42.71
N GLY C 410 23.63 -36.16 41.97
CA GLY C 410 25.05 -36.41 42.11
C GLY C 410 25.94 -35.37 41.49
N GLU C 411 25.38 -34.26 41.01
CA GLU C 411 26.15 -33.19 40.38
C GLU C 411 25.70 -31.83 40.86
N GLY C 412 25.43 -31.71 42.17
CA GLY C 412 25.23 -30.42 42.80
C GLY C 412 23.80 -29.94 42.86
N MET C 413 22.87 -30.59 42.16
CA MET C 413 21.49 -30.15 42.12
C MET C 413 20.67 -30.83 43.20
N GLU C 414 19.88 -30.05 43.92
CA GLU C 414 18.95 -30.61 44.88
C GLU C 414 17.73 -31.18 44.16
N GLU C 415 17.25 -32.33 44.64
CA GLU C 415 16.15 -33.01 43.97
C GLU C 415 14.90 -32.14 43.90
N GLY C 416 14.71 -31.25 44.87
CA GLY C 416 13.55 -30.38 44.85
C GLY C 416 13.52 -29.42 43.68
N GLU C 417 14.66 -29.19 43.02
CA GLU C 417 14.67 -28.33 41.84
C GLU C 417 13.93 -28.98 40.68
N PHE C 418 13.87 -30.32 40.64
CA PHE C 418 12.99 -30.99 39.70
C PHE C 418 11.53 -30.60 39.94
N SER C 419 11.12 -30.60 41.21
CA SER C 419 9.74 -30.26 41.55
C SER C 419 9.43 -28.82 41.19
N GLU C 420 10.33 -27.90 41.55
CA GLU C 420 10.13 -26.49 41.23
C GLU C 420 9.98 -26.29 39.72
N ALA C 421 10.86 -26.91 38.94
CA ALA C 421 10.83 -26.73 37.49
C ALA C 421 9.55 -27.28 36.90
N ARG C 422 9.03 -28.37 37.46
CA ARG C 422 7.78 -28.94 36.95
C ARG C 422 6.58 -28.10 37.37
N GLU C 423 6.62 -27.53 38.58
CA GLU C 423 5.57 -26.61 39.00
C GLU C 423 5.48 -25.41 38.08
N ASP C 424 6.63 -24.90 37.65
CA ASP C 424 6.64 -23.75 36.73
C ASP C 424 6.02 -24.13 35.38
N MET C 425 6.38 -25.32 34.86
CA MET C 425 5.79 -25.78 33.62
C MET C 425 4.29 -26.03 33.78
N ALA C 426 3.85 -26.45 34.96
CA ALA C 426 2.42 -26.59 35.21
C ALA C 426 1.73 -25.23 35.18
N ALA C 427 2.32 -24.23 35.82
CA ALA C 427 1.76 -22.88 35.76
C ALA C 427 1.83 -22.31 34.36
N LEU C 428 2.91 -22.60 33.63
CA LEU C 428 3.02 -22.11 32.26
C LEU C 428 1.93 -22.67 31.36
N GLU C 429 1.52 -23.92 31.61
CA GLU C 429 0.43 -24.49 30.83
C GLU C 429 -0.91 -23.87 31.21
N LYS C 430 -1.09 -23.55 32.50
CA LYS C 430 -2.29 -22.82 32.92
C LYS C 430 -2.32 -21.42 32.32
N ASP C 431 -1.16 -20.74 32.33
CA ASP C 431 -1.09 -19.39 31.78
C ASP C 431 -1.45 -19.37 30.29
N TYR C 432 -1.09 -20.41 29.56
CA TYR C 432 -1.50 -20.48 28.16
C TYR C 432 -2.98 -20.79 28.04
N GLU C 433 -3.51 -21.63 28.93
CA GLU C 433 -4.95 -21.90 28.95
C GLU C 433 -5.74 -20.64 29.28
N GLU C 434 -5.30 -19.88 30.26
CA GLU C 434 -6.06 -18.72 30.72
C GLU C 434 -6.06 -17.61 29.68
N VAL C 435 -4.95 -17.44 28.96
CA VAL C 435 -4.84 -16.34 28.00
C VAL C 435 -5.87 -16.50 26.88
N GLY C 436 -6.10 -17.73 26.43
CA GLY C 436 -7.00 -17.98 25.32
C GLY C 436 -8.48 -17.84 25.63
N VAL C 437 -8.84 -17.50 26.86
CA VAL C 437 -10.24 -17.37 27.23
C VAL C 437 -10.71 -15.97 26.95
N ASP C 438 -11.99 -15.85 26.58
CA ASP C 438 -12.59 -14.55 26.33
C ASP C 438 -13.10 -13.96 27.64
N SER C 439 -13.72 -12.79 27.55
CA SER C 439 -14.25 -12.13 28.74
C SER C 439 -15.69 -11.64 28.52
N MET D 1 36.46 -36.23 28.90
CA MET D 1 35.99 -37.56 28.49
C MET D 1 36.70 -38.01 27.22
N ARG D 2 37.91 -38.56 27.38
CA ARG D 2 38.68 -39.02 26.22
C ARG D 2 39.30 -40.38 26.46
N GLU D 3 40.31 -40.44 27.34
CA GLU D 3 41.12 -41.64 27.51
C GLU D 3 40.50 -42.59 28.52
N ILE D 4 40.59 -43.88 28.24
CA ILE D 4 40.06 -44.93 29.10
C ILE D 4 41.23 -45.78 29.60
N VAL D 5 41.34 -45.91 30.92
CA VAL D 5 42.37 -46.74 31.54
C VAL D 5 41.81 -48.14 31.72
N HIS D 6 42.46 -49.12 31.10
CA HIS D 6 42.02 -50.51 31.14
C HIS D 6 42.82 -51.28 32.18
N ILE D 7 42.14 -52.18 32.90
CA ILE D 7 42.75 -53.02 33.91
C ILE D 7 42.23 -54.44 33.76
N GLN D 8 43.12 -55.41 33.87
CA GLN D 8 42.75 -56.82 33.90
C GLN D 8 43.35 -57.46 35.14
N ALA D 9 42.53 -58.21 35.88
CA ALA D 9 42.92 -58.77 37.16
C ALA D 9 42.58 -60.25 37.23
N GLY D 10 43.52 -61.05 37.75
CA GLY D 10 43.30 -62.47 37.92
C GLY D 10 43.59 -63.28 36.68
N GLN D 11 43.28 -64.57 36.77
CA GLN D 11 43.49 -65.47 35.63
C GLN D 11 42.56 -65.11 34.48
N CYS D 12 41.25 -65.19 34.72
CA CYS D 12 40.29 -64.89 33.66
C CYS D 12 40.40 -63.44 33.19
N GLY D 13 40.72 -62.52 34.10
CA GLY D 13 40.85 -61.12 33.71
C GLY D 13 41.93 -60.90 32.68
N ASN D 14 43.12 -61.48 32.90
CA ASN D 14 44.20 -61.35 31.95
C ASN D 14 43.98 -62.19 30.68
N GLN D 15 43.18 -63.26 30.78
CA GLN D 15 42.87 -64.06 29.59
C GLN D 15 41.99 -63.29 28.62
N ILE D 16 40.78 -62.92 29.06
CA ILE D 16 39.88 -62.19 28.18
C ILE D 16 40.38 -60.78 27.90
N GLY D 17 41.25 -60.24 28.76
CA GLY D 17 41.81 -58.93 28.50
C GLY D 17 42.82 -58.95 27.36
N ALA D 18 43.71 -59.94 27.37
CA ALA D 18 44.68 -60.06 26.28
C ALA D 18 43.99 -60.41 24.96
N LYS D 19 42.96 -61.25 25.02
CA LYS D 19 42.21 -61.57 23.80
C LYS D 19 41.44 -60.36 23.29
N PHE D 20 41.00 -59.49 24.19
CA PHE D 20 40.31 -58.27 23.77
C PHE D 20 41.28 -57.30 23.11
N TRP D 21 42.51 -57.21 23.63
CA TRP D 21 43.49 -56.31 23.04
C TRP D 21 43.97 -56.81 21.69
N GLU D 22 44.02 -58.13 21.49
CA GLU D 22 44.32 -58.67 20.17
C GLU D 22 43.27 -58.22 19.16
N VAL D 23 41.99 -58.25 19.54
CA VAL D 23 40.91 -57.99 18.60
C VAL D 23 40.92 -56.53 18.17
N ILE D 24 40.94 -55.61 19.14
CA ILE D 24 40.81 -54.19 18.79
C ILE D 24 42.10 -53.66 18.18
N SER D 25 43.26 -54.21 18.54
CA SER D 25 44.50 -53.78 17.90
C SER D 25 44.49 -54.11 16.42
N ASP D 26 43.88 -55.23 16.03
CA ASP D 26 43.72 -55.55 14.62
C ASP D 26 42.71 -54.63 13.95
N GLU D 27 41.56 -54.41 14.59
CA GLU D 27 40.56 -53.52 14.03
C GLU D 27 41.09 -52.09 13.87
N HIS D 28 42.00 -51.68 14.75
CA HIS D 28 42.64 -50.38 14.65
C HIS D 28 43.94 -50.43 13.83
N GLY D 29 44.22 -51.55 13.17
CA GLY D 29 45.41 -51.68 12.34
C GLY D 29 46.72 -51.58 13.07
N ILE D 30 46.85 -52.26 14.22
CA ILE D 30 48.07 -52.24 15.02
C ILE D 30 48.62 -53.66 15.07
N ASP D 31 49.86 -53.84 14.62
CA ASP D 31 50.54 -55.12 14.70
C ASP D 31 51.21 -55.25 16.07
N PRO D 32 51.62 -56.48 16.46
CA PRO D 32 52.24 -56.67 17.78
C PRO D 32 53.43 -55.76 18.07
N THR D 33 54.08 -55.28 17.02
CA THR D 33 55.22 -54.36 17.21
C THR D 33 54.76 -53.00 17.71
N GLY D 34 53.48 -52.68 17.61
CA GLY D 34 52.95 -51.39 18.03
C GLY D 34 52.80 -50.38 16.91
N SER D 35 53.19 -50.73 15.69
CA SER D 35 53.09 -49.82 14.56
C SER D 35 51.72 -49.92 13.90
N TYR D 36 51.34 -48.85 13.21
CA TYR D 36 50.06 -48.80 12.51
C TYR D 36 50.26 -49.25 11.08
N HIS D 37 49.48 -50.25 10.66
CA HIS D 37 49.53 -50.78 9.30
C HIS D 37 48.14 -50.84 8.68
N GLY D 38 47.22 -49.99 9.14
CA GLY D 38 45.88 -49.95 8.63
C GLY D 38 45.76 -49.15 7.35
N ASP D 39 44.52 -48.96 6.92
CA ASP D 39 44.23 -48.24 5.69
C ASP D 39 43.33 -47.03 5.91
N SER D 40 42.19 -47.21 6.57
CA SER D 40 41.29 -46.11 6.81
C SER D 40 41.82 -45.19 7.92
N ASP D 41 41.38 -43.94 7.89
CA ASP D 41 41.74 -42.98 8.91
C ASP D 41 40.77 -42.95 10.08
N LEU D 42 39.59 -43.55 9.93
CA LEU D 42 38.69 -43.68 11.06
C LEU D 42 39.28 -44.55 12.16
N GLN D 43 40.26 -45.40 11.82
CA GLN D 43 40.93 -46.22 12.82
C GLN D 43 41.77 -45.38 13.76
N LEU D 44 42.34 -44.29 13.26
CA LEU D 44 43.18 -43.40 14.06
C LEU D 44 42.43 -42.18 14.57
N GLU D 45 41.14 -42.05 14.25
CA GLU D 45 40.38 -40.87 14.67
C GLU D 45 40.26 -40.81 16.18
N ARG D 46 39.91 -41.92 16.82
CA ARG D 46 39.78 -42.00 18.26
C ARG D 46 40.62 -43.16 18.81
N ILE D 47 41.88 -43.21 18.37
CA ILE D 47 42.82 -44.19 18.92
C ILE D 47 43.37 -43.73 20.26
N ASN D 48 43.23 -42.44 20.59
CA ASN D 48 43.73 -41.92 21.86
C ASN D 48 43.02 -42.49 23.07
N VAL D 49 41.86 -43.13 22.86
CA VAL D 49 41.08 -43.65 23.99
C VAL D 49 41.83 -44.78 24.67
N TYR D 50 42.15 -45.83 23.92
CA TYR D 50 42.72 -47.04 24.49
C TYR D 50 44.23 -47.11 24.39
N TYR D 51 44.87 -46.28 23.56
CA TYR D 51 46.29 -46.36 23.32
C TYR D 51 46.98 -45.04 23.62
N ASN D 52 48.30 -45.11 23.77
CA ASN D 52 49.15 -43.94 23.95
C ASN D 52 50.02 -43.75 22.71
N GLU D 53 50.73 -42.64 22.68
CA GLU D 53 51.66 -42.33 21.59
C GLU D 53 53.04 -42.91 21.91
N ALA D 54 53.65 -43.53 20.90
CA ALA D 54 54.97 -44.11 21.01
C ALA D 54 55.97 -43.34 20.16
N ALA D 55 57.25 -43.51 20.47
CA ALA D 55 58.35 -42.89 19.74
C ALA D 55 58.17 -41.37 19.65
N TYR D 59 52.27 -46.99 19.00
CA TYR D 59 51.08 -46.94 19.84
C TYR D 59 51.05 -48.06 20.88
N VAL D 60 50.91 -47.70 22.15
CA VAL D 60 50.99 -48.66 23.24
C VAL D 60 49.66 -48.68 23.99
N PRO D 61 49.12 -49.86 24.34
CA PRO D 61 47.84 -49.91 25.05
C PRO D 61 47.92 -49.28 26.42
N ARG D 62 46.83 -48.61 26.82
CA ARG D 62 46.70 -48.04 28.15
C ARG D 62 46.08 -49.07 29.10
N ALA D 63 46.79 -50.18 29.27
CA ALA D 63 46.29 -51.34 30.00
C ALA D 63 47.24 -51.69 31.14
N ILE D 64 46.66 -52.10 32.27
CA ILE D 64 47.41 -52.56 33.44
C ILE D 64 47.03 -54.00 33.71
N LEU D 65 48.05 -54.85 33.90
CA LEU D 65 47.85 -56.28 34.08
C LEU D 65 48.20 -56.66 35.51
N VAL D 66 47.22 -57.23 36.22
CA VAL D 66 47.35 -57.52 37.64
C VAL D 66 46.99 -58.98 37.88
N ASP D 67 47.76 -59.63 38.77
CA ASP D 67 47.47 -60.99 39.23
C ASP D 67 48.42 -61.31 40.37
N LEU D 68 47.91 -62.00 41.39
CA LEU D 68 48.77 -62.46 42.47
C LEU D 68 49.68 -63.58 42.02
N GLU D 69 49.19 -64.45 41.14
CA GLU D 69 49.99 -65.56 40.61
C GLU D 69 50.72 -65.10 39.35
N PRO D 70 52.04 -65.27 39.29
CA PRO D 70 52.79 -64.87 38.08
C PRO D 70 52.66 -65.83 36.91
N GLY D 71 51.77 -66.83 36.99
CA GLY D 71 51.63 -67.77 35.89
C GLY D 71 51.11 -67.13 34.63
N THR D 72 49.98 -66.43 34.73
CA THR D 72 49.39 -65.78 33.56
C THR D 72 50.22 -64.58 33.10
N MET D 73 51.10 -64.07 33.96
CA MET D 73 52.02 -63.01 33.54
C MET D 73 52.83 -63.44 32.32
N ASP D 74 53.40 -64.64 32.37
CA ASP D 74 54.23 -65.13 31.27
C ASP D 74 53.39 -65.68 30.13
N SER D 75 52.21 -66.25 30.43
CA SER D 75 51.34 -66.73 29.37
C SER D 75 50.86 -65.59 28.48
N VAL D 76 50.77 -64.38 29.03
CA VAL D 76 50.36 -63.23 28.23
C VAL D 76 51.55 -62.68 27.43
N ARG D 77 52.71 -62.55 28.08
CA ARG D 77 53.88 -62.04 27.39
C ARG D 77 54.35 -62.99 26.29
N SER D 78 54.14 -64.29 26.47
CA SER D 78 54.44 -65.25 25.41
C SER D 78 53.36 -65.29 24.33
N GLY D 79 52.23 -64.60 24.53
CA GLY D 79 51.20 -64.57 23.54
C GLY D 79 51.60 -63.78 22.31
N PRO D 80 50.73 -63.74 21.31
CA PRO D 80 51.10 -63.05 20.06
C PRO D 80 51.27 -61.56 20.24
N PHE D 81 50.43 -60.91 21.04
CA PHE D 81 50.51 -59.48 21.30
C PHE D 81 51.13 -59.17 22.66
N GLY D 82 51.87 -60.12 23.24
CA GLY D 82 52.46 -59.91 24.55
C GLY D 82 53.61 -58.90 24.55
N GLN D 83 54.18 -58.61 23.39
CA GLN D 83 55.31 -57.68 23.31
C GLN D 83 54.88 -56.23 23.28
N ILE D 84 53.59 -55.93 23.18
CA ILE D 84 53.15 -54.55 23.01
C ILE D 84 52.84 -53.87 24.35
N PHE D 85 52.50 -54.64 25.38
CA PHE D 85 52.15 -54.04 26.66
C PHE D 85 53.38 -53.44 27.33
N ARG D 86 53.14 -52.38 28.10
CA ARG D 86 54.24 -51.72 28.81
C ARG D 86 54.83 -52.68 29.84
N PRO D 87 56.16 -52.82 29.90
CA PRO D 87 56.76 -53.72 30.89
C PRO D 87 56.47 -53.31 32.32
N ASP D 88 56.50 -52.01 32.62
CA ASP D 88 56.25 -51.54 33.97
C ASP D 88 54.79 -51.70 34.40
N ASN D 89 53.88 -51.89 33.43
CA ASN D 89 52.46 -52.03 33.76
C ASN D 89 52.09 -53.41 34.28
N PHE D 90 53.01 -54.38 34.23
CA PHE D 90 52.77 -55.69 34.81
C PHE D 90 53.02 -55.61 36.31
N VAL D 91 51.96 -55.76 37.10
CA VAL D 91 52.03 -55.77 38.55
C VAL D 91 51.56 -57.13 39.02
N PHE D 92 52.51 -58.03 39.31
CA PHE D 92 52.20 -59.40 39.66
C PHE D 92 52.90 -59.78 40.96
N GLY D 93 52.14 -60.32 41.90
CA GLY D 93 52.63 -60.61 43.22
C GLY D 93 53.35 -61.96 43.29
N GLN D 94 53.63 -62.37 44.54
CA GLN D 94 54.40 -63.58 44.80
C GLN D 94 53.49 -64.81 44.88
N SER D 95 52.75 -64.92 45.98
CA SER D 95 51.85 -66.06 46.18
C SER D 95 50.51 -65.82 45.46
N GLY D 96 49.73 -66.88 45.37
CA GLY D 96 48.45 -66.84 44.67
C GLY D 96 47.31 -66.44 45.58
N ALA D 97 46.09 -66.70 45.10
CA ALA D 97 44.87 -66.45 45.86
C ALA D 97 44.09 -67.71 46.20
N GLY D 98 44.43 -68.86 45.61
CA GLY D 98 43.74 -70.10 45.92
C GLY D 98 42.25 -70.06 45.65
N ASN D 99 41.81 -69.25 44.69
CA ASN D 99 40.38 -69.06 44.40
C ASN D 99 39.62 -68.64 45.66
N ASN D 100 40.25 -67.76 46.44
CA ASN D 100 39.66 -67.24 47.67
C ASN D 100 39.43 -65.74 47.50
N TRP D 101 38.17 -65.32 47.57
CA TRP D 101 37.85 -63.91 47.47
C TRP D 101 38.47 -63.13 48.63
N ALA D 102 38.54 -63.74 49.82
CA ALA D 102 39.08 -63.05 50.99
C ALA D 102 40.58 -62.88 50.91
N LYS D 103 41.29 -63.83 50.28
CA LYS D 103 42.72 -63.69 50.11
C LYS D 103 43.07 -62.54 49.17
N GLY D 104 42.28 -62.37 48.11
CA GLY D 104 42.53 -61.29 47.18
C GLY D 104 42.03 -59.93 47.65
N HIS D 105 40.94 -59.91 48.43
CA HIS D 105 40.33 -58.65 48.83
C HIS D 105 40.88 -58.12 50.15
N TYR D 106 41.21 -58.99 51.09
CA TYR D 106 41.60 -58.59 52.44
C TYR D 106 43.05 -58.86 52.76
N THR D 107 43.62 -59.96 52.27
CA THR D 107 44.89 -60.45 52.78
C THR D 107 46.07 -60.12 51.87
N GLU D 108 46.25 -60.91 50.81
CA GLU D 108 47.42 -60.77 49.96
C GLU D 108 47.18 -59.89 48.75
N GLY D 109 45.94 -59.50 48.48
CA GLY D 109 45.67 -58.54 47.44
C GLY D 109 45.83 -57.12 47.94
N ALA D 110 45.44 -56.88 49.20
CA ALA D 110 45.67 -55.58 49.81
C ALA D 110 47.16 -55.30 49.97
N GLU D 111 47.97 -56.34 50.12
CA GLU D 111 49.42 -56.16 50.20
C GLU D 111 50.03 -55.80 48.86
N LEU D 112 49.28 -55.98 47.77
CA LEU D 112 49.76 -55.68 46.43
C LEU D 112 49.02 -54.52 45.78
N VAL D 113 47.87 -54.11 46.34
CA VAL D 113 47.02 -53.14 45.65
C VAL D 113 47.70 -51.77 45.56
N ASP D 114 48.55 -51.42 46.53
CA ASP D 114 49.25 -50.15 46.46
C ASP D 114 50.21 -50.10 45.28
N SER D 115 50.82 -51.23 44.93
CA SER D 115 51.67 -51.28 43.74
C SER D 115 50.89 -51.03 42.47
N VAL D 116 49.62 -51.46 42.43
CA VAL D 116 48.79 -51.24 41.26
C VAL D 116 48.40 -49.78 41.13
N LEU D 117 48.00 -49.16 42.24
CA LEU D 117 47.59 -47.76 42.21
C LEU D 117 48.72 -46.85 41.78
N ASP D 118 49.97 -47.26 42.00
CA ASP D 118 51.10 -46.49 41.50
C ASP D 118 51.17 -46.51 39.99
N VAL D 119 50.86 -47.67 39.38
CA VAL D 119 50.80 -47.75 37.93
C VAL D 119 49.53 -47.09 37.41
N VAL D 120 48.42 -47.21 38.16
CA VAL D 120 47.18 -46.53 37.79
C VAL D 120 47.40 -45.02 37.76
N ARG D 121 48.03 -44.49 38.80
CA ARG D 121 48.32 -43.05 38.84
C ARG D 121 49.18 -42.64 37.67
N LYS D 122 50.18 -43.47 37.32
CA LYS D 122 51.11 -43.12 36.26
C LYS D 122 50.39 -42.93 34.93
N GLU D 123 49.55 -43.90 34.55
CA GLU D 123 48.79 -43.79 33.31
C GLU D 123 47.77 -42.66 33.36
N SER D 124 47.33 -42.26 34.55
CA SER D 124 46.32 -41.21 34.68
C SER D 124 46.93 -39.82 34.56
N GLU D 125 48.18 -39.63 35.00
CA GLU D 125 48.81 -38.32 34.88
C GLU D 125 49.05 -37.94 33.44
N SER D 126 49.36 -38.91 32.57
CA SER D 126 49.56 -38.67 31.15
C SER D 126 48.27 -38.71 30.35
N CYS D 127 47.16 -38.34 30.95
CA CYS D 127 45.86 -38.30 30.27
C CYS D 127 45.39 -36.84 30.22
N ASP D 128 45.09 -36.35 29.02
CA ASP D 128 44.59 -34.98 28.88
C ASP D 128 43.28 -34.79 29.63
N CYS D 129 42.41 -35.80 29.58
CA CYS D 129 41.17 -35.77 30.36
C CYS D 129 40.71 -37.21 30.51
N LEU D 130 40.96 -37.79 31.69
CA LEU D 130 40.61 -39.18 31.94
C LEU D 130 39.10 -39.36 31.88
N GLN D 131 38.66 -40.27 31.01
CA GLN D 131 37.23 -40.54 30.84
C GLN D 131 36.72 -41.50 31.91
N GLY D 132 37.39 -42.63 32.09
CA GLY D 132 36.97 -43.59 33.09
C GLY D 132 37.90 -44.78 33.10
N PHE D 133 37.48 -45.81 33.82
CA PHE D 133 38.25 -47.04 33.97
C PHE D 133 37.46 -48.22 33.44
N GLN D 134 38.18 -49.31 33.17
CA GLN D 134 37.58 -50.50 32.59
C GLN D 134 38.30 -51.71 33.18
N LEU D 135 37.53 -52.64 33.77
CA LEU D 135 38.10 -53.80 34.44
C LEU D 135 37.52 -55.08 33.86
N THR D 136 38.39 -56.06 33.60
CA THR D 136 38.00 -57.40 33.23
C THR D 136 38.43 -58.36 34.33
N HIS D 137 37.52 -59.22 34.76
CA HIS D 137 37.80 -60.14 35.86
C HIS D 137 36.71 -61.20 35.90
N SER D 138 36.87 -62.15 36.82
CA SER D 138 35.90 -63.21 37.08
C SER D 138 35.42 -63.09 38.51
N LEU D 139 34.11 -63.16 38.70
CA LEU D 139 33.53 -63.04 40.04
C LEU D 139 33.69 -64.31 40.86
N GLY D 140 33.87 -65.46 40.22
CA GLY D 140 34.00 -66.71 40.94
C GLY D 140 35.39 -67.10 41.35
N GLY D 141 36.39 -66.30 40.97
CA GLY D 141 37.78 -66.57 41.28
C GLY D 141 38.21 -66.01 42.61
N GLY D 142 39.51 -65.76 42.75
CA GLY D 142 40.06 -65.22 43.97
C GLY D 142 40.69 -63.85 43.79
N THR D 143 41.57 -63.73 42.78
CA THR D 143 42.25 -62.46 42.52
C THR D 143 41.34 -61.48 41.80
N GLY D 144 40.84 -61.87 40.62
CA GLY D 144 39.96 -60.99 39.87
C GLY D 144 38.69 -60.63 40.62
N SER D 145 38.18 -61.56 41.44
CA SER D 145 37.00 -61.27 42.24
C SER D 145 37.36 -60.45 43.48
N GLY D 146 38.26 -60.98 44.30
CA GLY D 146 38.64 -60.34 45.54
C GLY D 146 39.45 -59.06 45.35
N MET D 147 40.63 -59.18 44.72
CA MET D 147 41.48 -58.01 44.53
C MET D 147 40.87 -57.02 43.53
N GLY D 148 40.04 -57.52 42.61
CA GLY D 148 39.40 -56.62 41.65
C GLY D 148 38.44 -55.66 42.33
N THR D 149 37.53 -56.19 43.14
CA THR D 149 36.59 -55.32 43.85
C THR D 149 37.30 -54.40 44.84
N LEU D 150 38.46 -54.81 45.34
CA LEU D 150 39.26 -53.90 46.15
C LEU D 150 39.86 -52.79 45.30
N LEU D 151 40.37 -53.14 44.11
CA LEU D 151 40.88 -52.14 43.19
C LEU D 151 39.79 -51.15 42.80
N ILE D 152 38.58 -51.65 42.57
CA ILE D 152 37.46 -50.78 42.21
C ILE D 152 37.19 -49.78 43.35
N SER D 153 37.06 -50.29 44.58
CA SER D 153 36.80 -49.42 45.71
C SER D 153 37.96 -48.48 45.99
N LYS D 154 39.19 -48.88 45.62
CA LYS D 154 40.34 -48.00 45.79
C LYS D 154 40.36 -46.91 44.72
N ILE D 155 40.13 -47.30 43.46
CA ILE D 155 40.02 -46.32 42.39
C ILE D 155 38.85 -45.37 42.65
N ARG D 156 37.76 -45.89 43.23
CA ARG D 156 36.60 -45.07 43.54
C ARG D 156 36.96 -43.94 44.50
N GLU D 157 37.80 -44.23 45.49
CA GLU D 157 38.15 -43.22 46.49
C GLU D 157 39.25 -42.28 46.02
N GLU D 158 39.97 -42.64 44.96
CA GLU D 158 41.00 -41.78 44.41
C GLU D 158 40.57 -41.07 43.13
N TYR D 159 39.59 -41.61 42.41
CA TYR D 159 39.04 -40.99 41.21
C TYR D 159 37.52 -41.01 41.32
N PRO D 160 36.95 -40.22 42.23
CA PRO D 160 35.49 -40.23 42.41
C PRO D 160 34.72 -39.55 41.29
N ASP D 161 35.41 -38.93 40.33
CA ASP D 161 34.76 -38.27 39.20
C ASP D 161 34.84 -39.04 37.90
N ARG D 162 35.48 -40.21 37.90
CA ARG D 162 35.63 -41.00 36.69
C ARG D 162 34.69 -42.20 36.71
N ILE D 163 34.24 -42.60 35.52
CA ILE D 163 33.34 -43.74 35.39
C ILE D 163 34.10 -45.03 35.69
N MET D 164 33.44 -45.93 36.43
CA MET D 164 34.00 -47.25 36.73
C MET D 164 33.16 -48.28 35.98
N ASN D 165 33.77 -48.91 34.97
CA ASN D 165 33.12 -49.89 34.12
C ASN D 165 33.83 -51.22 34.26
N THR D 166 33.07 -52.32 34.28
CA THR D 166 33.64 -53.65 34.47
C THR D 166 33.06 -54.64 33.48
N PHE D 167 33.87 -55.64 33.14
CA PHE D 167 33.46 -56.81 32.36
C PHE D 167 33.62 -58.01 33.27
N SER D 168 32.58 -58.31 34.05
CA SER D 168 32.60 -59.38 35.04
C SER D 168 31.96 -60.63 34.47
N VAL D 169 32.68 -61.76 34.53
CA VAL D 169 32.15 -63.03 34.06
C VAL D 169 31.62 -63.81 35.26
N VAL D 170 30.57 -64.60 35.02
CA VAL D 170 29.82 -65.25 36.09
C VAL D 170 30.21 -66.73 36.16
N PRO D 171 30.46 -67.28 37.35
CA PRO D 171 30.80 -68.70 37.44
C PRO D 171 29.60 -69.59 37.19
N SER D 172 29.89 -70.82 36.77
CA SER D 172 28.86 -71.83 36.48
C SER D 172 29.43 -73.22 36.67
N PRO D 173 28.63 -74.17 37.16
CA PRO D 173 29.13 -75.55 37.29
C PRO D 173 29.47 -76.20 35.96
N LYS D 174 28.88 -75.72 34.85
CA LYS D 174 29.15 -76.29 33.54
C LYS D 174 30.58 -76.03 33.06
N VAL D 175 31.34 -75.19 33.77
CA VAL D 175 32.71 -74.88 33.38
C VAL D 175 33.67 -75.35 34.46
N SER D 176 33.85 -74.53 35.49
CA SER D 176 34.79 -74.84 36.57
C SER D 176 34.07 -75.54 37.72
N ASP D 177 34.75 -76.50 38.33
CA ASP D 177 34.18 -77.35 39.36
C ASP D 177 34.51 -76.88 40.77
N THR D 178 35.10 -75.69 40.91
CA THR D 178 35.35 -75.14 42.23
C THR D 178 34.02 -74.76 42.89
N VAL D 179 33.82 -75.19 44.14
CA VAL D 179 32.54 -75.04 44.82
C VAL D 179 32.39 -73.72 45.56
N VAL D 180 33.48 -72.98 45.76
CA VAL D 180 33.41 -71.73 46.52
C VAL D 180 33.13 -70.56 45.58
N GLU D 181 32.88 -70.86 44.30
CA GLU D 181 32.57 -69.78 43.36
C GLU D 181 31.28 -69.04 43.69
N PRO D 182 30.19 -69.68 44.13
CA PRO D 182 29.04 -68.89 44.61
C PRO D 182 29.41 -67.94 45.75
N TYR D 183 30.28 -68.37 46.66
CA TYR D 183 30.74 -67.47 47.72
C TYR D 183 31.43 -66.25 47.12
N ASN D 184 32.40 -66.48 46.23
CA ASN D 184 33.16 -65.37 45.66
C ASN D 184 32.26 -64.45 44.85
N ALA D 185 31.37 -65.02 44.04
CA ALA D 185 30.50 -64.21 43.20
C ALA D 185 29.54 -63.39 44.05
N THR D 186 28.97 -63.99 45.10
CA THR D 186 28.09 -63.25 46.00
C THR D 186 28.84 -62.11 46.69
N LEU D 187 30.03 -62.39 47.19
CA LEU D 187 30.84 -61.34 47.82
C LEU D 187 31.26 -60.27 46.82
N SER D 188 31.45 -60.66 45.56
CA SER D 188 31.86 -59.69 44.54
C SER D 188 30.69 -58.87 44.04
N VAL D 189 29.55 -59.52 43.77
CA VAL D 189 28.35 -58.78 43.37
C VAL D 189 27.97 -57.77 44.45
N HIS D 190 28.18 -58.13 45.72
CA HIS D 190 27.94 -57.21 46.83
C HIS D 190 28.78 -55.95 46.72
N GLN D 191 29.89 -55.99 45.98
CA GLN D 191 30.74 -54.82 45.78
C GLN D 191 30.36 -54.07 44.50
N LEU D 192 30.17 -54.80 43.40
CA LEU D 192 29.88 -54.14 42.13
C LEU D 192 28.59 -53.32 42.20
N VAL D 193 27.62 -53.78 42.98
CA VAL D 193 26.34 -53.08 43.07
C VAL D 193 26.51 -51.73 43.76
N GLU D 194 27.59 -51.53 44.51
CA GLU D 194 27.79 -50.30 45.26
C GLU D 194 29.05 -49.55 44.84
N ASN D 195 29.74 -49.98 43.80
CA ASN D 195 31.00 -49.33 43.43
C ASN D 195 31.13 -49.05 41.94
N THR D 196 30.60 -49.90 41.08
CA THR D 196 30.74 -49.73 39.64
C THR D 196 29.56 -48.93 39.09
N ASP D 197 29.85 -48.09 38.08
CA ASP D 197 28.79 -47.33 37.42
C ASP D 197 28.06 -48.17 36.39
N GLU D 198 28.73 -49.15 35.78
CA GLU D 198 28.10 -50.06 34.84
C GLU D 198 28.91 -51.35 34.79
N THR D 199 28.21 -52.47 34.63
CA THR D 199 28.83 -53.79 34.68
C THR D 199 28.16 -54.68 33.65
N TYR D 200 28.97 -55.25 32.76
CA TYR D 200 28.48 -56.19 31.75
C TYR D 200 28.57 -57.60 32.33
N CYS D 201 27.42 -58.23 32.55
CA CYS D 201 27.38 -59.60 33.06
C CYS D 201 27.67 -60.59 31.94
N ILE D 202 28.74 -61.37 32.10
CA ILE D 202 29.18 -62.32 31.08
C ILE D 202 29.03 -63.72 31.70
N ASP D 203 27.88 -64.34 31.52
CA ASP D 203 27.62 -65.63 32.14
C ASP D 203 28.36 -66.73 31.40
N ASN D 204 29.16 -67.50 32.15
CA ASN D 204 29.85 -68.64 31.54
C ASN D 204 28.89 -69.78 31.23
N GLU D 205 27.79 -69.88 31.98
CA GLU D 205 26.77 -70.88 31.64
C GLU D 205 26.13 -70.56 30.30
N ALA D 206 25.95 -69.27 29.99
CA ALA D 206 25.45 -68.89 28.68
C ALA D 206 26.49 -69.14 27.60
N LEU D 207 27.74 -68.72 27.85
CA LEU D 207 28.82 -68.96 26.88
C LEU D 207 28.97 -70.44 26.57
N TYR D 208 28.88 -71.29 27.60
CA TYR D 208 28.97 -72.73 27.38
C TYR D 208 27.80 -73.25 26.56
N ASP D 209 26.58 -72.85 26.92
CA ASP D 209 25.40 -73.31 26.20
C ASP D 209 25.43 -72.84 24.75
N ILE D 210 26.09 -71.72 24.47
CA ILE D 210 26.19 -71.23 23.10
C ILE D 210 27.15 -72.11 22.30
N CYS D 211 28.35 -72.34 22.85
CA CYS D 211 29.32 -73.18 22.15
C CYS D 211 28.81 -74.61 21.99
N PHE D 212 27.99 -75.09 22.92
CA PHE D 212 27.51 -76.46 22.89
C PHE D 212 26.26 -76.63 22.03
N ARG D 213 25.24 -75.79 22.26
CA ARG D 213 23.95 -75.98 21.61
C ARG D 213 23.79 -75.19 20.32
N THR D 214 24.61 -74.15 20.11
CA THR D 214 24.52 -73.34 18.90
C THR D 214 25.68 -73.60 17.95
N LEU D 215 26.92 -73.44 18.42
CA LEU D 215 28.08 -73.75 17.60
C LEU D 215 28.32 -75.25 17.47
N LYS D 216 27.57 -76.07 18.22
CA LYS D 216 27.64 -77.53 18.13
C LYS D 216 29.05 -78.03 18.38
N LEU D 217 29.64 -77.58 19.50
CA LEU D 217 30.92 -78.07 19.97
C LEU D 217 30.67 -78.96 21.17
N THR D 218 31.14 -80.21 21.09
CA THR D 218 30.85 -81.18 22.15
C THR D 218 31.61 -80.86 23.43
N THR D 219 32.89 -80.50 23.31
CA THR D 219 33.72 -80.16 24.46
C THR D 219 34.28 -78.75 24.27
N PRO D 220 33.60 -77.73 24.78
CA PRO D 220 34.11 -76.36 24.61
C PRO D 220 35.31 -76.11 25.51
N THR D 221 36.31 -75.41 24.95
CA THR D 221 37.49 -75.00 25.69
C THR D 221 37.36 -73.52 26.06
N TYR D 222 38.35 -73.02 26.81
CA TYR D 222 38.34 -71.62 27.20
C TYR D 222 38.55 -70.71 26.00
N GLY D 223 39.28 -71.17 24.99
CA GLY D 223 39.40 -70.39 23.77
C GLY D 223 38.07 -70.28 23.03
N ASP D 224 37.27 -71.34 23.07
CA ASP D 224 35.93 -71.27 22.48
C ASP D 224 35.06 -70.28 23.23
N LEU D 225 35.19 -70.21 24.56
CA LEU D 225 34.42 -69.27 25.35
C LEU D 225 34.93 -67.84 25.22
N ASN D 226 36.25 -67.66 25.24
CA ASN D 226 36.82 -66.33 25.16
C ASN D 226 36.66 -65.71 23.77
N HIS D 227 36.37 -66.51 22.76
CA HIS D 227 36.07 -65.94 21.44
C HIS D 227 34.78 -65.14 21.48
N LEU D 228 33.74 -65.68 22.13
CA LEU D 228 32.50 -64.94 22.28
C LEU D 228 32.67 -63.72 23.16
N VAL D 229 33.55 -63.79 24.15
CA VAL D 229 33.77 -62.66 25.05
C VAL D 229 34.43 -61.51 24.30
N SER D 230 35.51 -61.80 23.56
CA SER D 230 36.22 -60.76 22.84
C SER D 230 35.33 -60.11 21.79
N ALA D 231 34.49 -60.90 21.12
CA ALA D 231 33.55 -60.34 20.15
C ALA D 231 32.55 -59.42 20.85
N THR D 232 32.01 -59.87 21.98
CA THR D 232 31.04 -59.06 22.71
C THR D 232 31.69 -57.80 23.26
N MET D 233 32.92 -57.90 23.76
CA MET D 233 33.62 -56.72 24.27
C MET D 233 33.91 -55.72 23.16
N SER D 234 34.26 -56.22 21.97
CA SER D 234 34.52 -55.32 20.86
C SER D 234 33.27 -54.57 20.42
N GLY D 235 32.11 -55.20 20.52
CA GLY D 235 30.89 -54.54 20.10
C GLY D 235 30.45 -53.46 21.08
N VAL D 236 30.41 -53.79 22.37
CA VAL D 236 29.96 -52.82 23.37
C VAL D 236 30.93 -51.67 23.56
N THR D 237 32.12 -51.74 22.97
CA THR D 237 33.08 -50.65 22.99
C THR D 237 33.21 -49.94 21.65
N THR D 238 32.39 -50.33 20.66
CA THR D 238 32.53 -49.77 19.31
C THR D 238 32.30 -48.26 19.31
N CYS D 239 31.23 -47.81 19.97
CA CYS D 239 30.91 -46.38 19.99
C CYS D 239 31.96 -45.55 20.71
N LEU D 240 32.84 -46.18 21.48
CA LEU D 240 33.83 -45.45 22.27
C LEU D 240 35.11 -45.16 21.49
N ARG D 241 35.45 -46.02 20.53
CA ARG D 241 36.71 -45.87 19.79
C ARG D 241 36.52 -45.49 18.34
N PHE D 242 35.28 -45.43 17.85
CA PHE D 242 35.02 -44.97 16.50
C PHE D 242 34.12 -43.74 16.54
N PRO D 243 34.33 -42.78 15.63
CA PRO D 243 33.58 -41.51 15.71
C PRO D 243 32.08 -41.69 15.52
N GLY D 244 31.37 -41.87 16.63
CA GLY D 244 29.93 -41.98 16.62
C GLY D 244 29.28 -40.81 17.34
N GLN D 245 27.95 -40.73 17.20
CA GLN D 245 27.16 -39.67 17.80
C GLN D 245 26.47 -40.10 19.08
N LEU D 246 25.95 -41.33 19.14
CA LEU D 246 25.18 -41.81 20.26
C LEU D 246 26.06 -42.63 21.20
N ASN D 247 25.97 -42.35 22.50
CA ASN D 247 26.73 -43.05 23.53
C ASN D 247 28.22 -43.01 23.23
N ALA D 248 28.74 -41.78 23.12
CA ALA D 248 30.12 -41.58 22.71
C ALA D 248 31.11 -41.91 23.83
N ASP D 249 30.89 -41.37 25.02
CA ASP D 249 31.77 -41.60 26.16
C ASP D 249 31.08 -42.48 27.19
N LEU D 250 31.83 -42.83 28.24
CA LEU D 250 31.31 -43.77 29.23
C LEU D 250 30.13 -43.18 29.99
N ARG D 251 30.20 -41.90 30.35
CA ARG D 251 29.13 -41.30 31.15
C ARG D 251 27.84 -41.18 30.36
N LYS D 252 27.92 -40.72 29.11
CA LYS D 252 26.72 -40.61 28.29
C LYS D 252 26.04 -41.95 28.13
N LEU D 253 26.80 -43.03 28.02
CA LEU D 253 26.21 -44.36 27.95
C LEU D 253 25.54 -44.72 29.26
N ALA D 254 26.21 -44.46 30.39
CA ALA D 254 25.63 -44.78 31.69
C ALA D 254 24.42 -43.91 31.99
N VAL D 255 24.43 -42.66 31.52
CA VAL D 255 23.27 -41.78 31.73
C VAL D 255 22.06 -42.29 30.94
N ASN D 256 22.29 -42.96 29.82
CA ASN D 256 21.20 -43.49 29.02
C ASN D 256 20.81 -44.91 29.42
N MET D 257 21.67 -45.64 30.12
CA MET D 257 21.42 -47.04 30.42
C MET D 257 21.09 -47.34 31.87
N VAL D 258 21.39 -46.43 32.78
CA VAL D 258 21.23 -46.71 34.21
C VAL D 258 20.18 -45.77 34.80
N PRO D 259 18.90 -46.17 34.83
CA PRO D 259 17.88 -45.31 35.44
C PRO D 259 17.94 -45.30 36.96
N PHE D 260 18.50 -46.34 37.59
CA PHE D 260 18.60 -46.42 39.03
C PHE D 260 19.99 -46.94 39.39
N PRO D 261 20.63 -46.36 40.41
CA PRO D 261 22.08 -46.59 40.60
C PRO D 261 22.48 -48.05 40.77
N ARG D 262 21.76 -48.81 41.59
CA ARG D 262 22.12 -50.20 41.81
C ARG D 262 21.79 -51.11 40.63
N LEU D 263 20.91 -50.67 39.73
CA LEU D 263 20.51 -51.50 38.58
C LEU D 263 21.34 -51.12 37.36
N HIS D 264 22.63 -51.46 37.43
CA HIS D 264 23.60 -51.18 36.38
C HIS D 264 24.26 -52.45 35.89
N PHE D 265 23.49 -53.54 35.82
CA PHE D 265 24.00 -54.84 35.38
C PHE D 265 23.37 -55.15 34.02
N PHE D 266 24.21 -55.21 32.99
CA PHE D 266 23.75 -55.27 31.61
C PHE D 266 23.81 -56.69 31.07
N MET D 267 22.87 -57.01 30.20
CA MET D 267 22.79 -58.32 29.55
C MET D 267 23.22 -58.18 28.10
N PRO D 268 24.48 -58.43 27.76
CA PRO D 268 24.95 -58.20 26.39
C PRO D 268 24.54 -59.30 25.43
N GLY D 269 24.34 -58.90 24.18
CA GLY D 269 24.05 -59.84 23.11
C GLY D 269 24.84 -59.50 21.87
N PHE D 270 24.92 -60.47 20.96
CA PHE D 270 25.73 -60.31 19.76
C PHE D 270 25.22 -61.25 18.69
N ALA D 271 25.27 -60.79 17.44
CA ALA D 271 24.84 -61.56 16.28
C ALA D 271 25.65 -61.13 15.07
N PRO D 272 26.01 -62.06 14.17
CA PRO D 272 25.70 -63.48 14.25
C PRO D 272 26.68 -64.25 15.11
N LEU D 273 26.24 -65.40 15.64
CA LEU D 273 27.10 -66.25 16.46
C LEU D 273 28.01 -67.05 15.54
N THR D 274 29.28 -66.65 15.46
CA THR D 274 30.26 -67.30 14.62
C THR D 274 31.08 -68.31 15.43
N SER D 275 31.74 -69.20 14.71
CA SER D 275 32.64 -70.17 15.31
C SER D 275 34.09 -69.72 15.13
N ARG D 276 35.02 -70.50 15.66
CA ARG D 276 36.44 -70.18 15.57
C ARG D 276 36.97 -70.58 14.19
N GLY D 277 37.22 -69.59 13.34
CA GLY D 277 37.82 -69.86 12.04
C GLY D 277 36.97 -70.71 11.12
N SER D 278 35.65 -70.69 11.30
CA SER D 278 34.75 -71.46 10.45
C SER D 278 34.40 -70.63 9.21
N GLN D 279 33.32 -70.98 8.51
CA GLN D 279 32.92 -70.29 7.30
C GLN D 279 31.47 -69.84 7.44
N GLN D 280 31.27 -68.53 7.62
CA GLN D 280 29.95 -67.91 7.67
C GLN D 280 30.03 -66.61 6.86
N TYR D 281 30.09 -66.75 5.53
CA TYR D 281 30.37 -65.61 4.66
C TYR D 281 29.16 -64.68 4.56
N ARG D 282 28.04 -65.20 4.05
CA ARG D 282 26.89 -64.37 3.68
C ARG D 282 26.45 -63.45 4.81
N ALA D 283 26.72 -62.16 4.65
CA ALA D 283 26.34 -61.18 5.66
C ALA D 283 24.83 -61.19 5.87
N LEU D 284 24.42 -61.44 7.11
CA LEU D 284 23.00 -61.54 7.43
C LEU D 284 22.28 -60.24 7.08
N THR D 285 21.02 -60.38 6.68
CA THR D 285 20.21 -59.22 6.37
C THR D 285 19.86 -58.47 7.66
N VAL D 286 19.46 -57.21 7.49
CA VAL D 286 19.10 -56.38 8.65
C VAL D 286 17.94 -56.98 9.44
N PRO D 287 16.85 -57.44 8.81
CA PRO D 287 15.80 -58.11 9.61
C PRO D 287 16.29 -59.33 10.35
N GLU D 288 17.29 -60.04 9.82
CA GLU D 288 17.85 -61.17 10.55
C GLU D 288 18.66 -60.70 11.75
N LEU D 289 19.58 -59.75 11.53
CA LEU D 289 20.40 -59.24 12.63
C LEU D 289 19.55 -58.72 13.79
N THR D 290 18.36 -58.21 13.49
CA THR D 290 17.48 -57.72 14.55
C THR D 290 16.78 -58.86 15.28
N GLN D 291 16.33 -59.88 14.55
CA GLN D 291 15.66 -61.01 15.19
C GLN D 291 16.62 -61.81 16.06
N GLN D 292 17.84 -62.03 15.58
CA GLN D 292 18.83 -62.78 16.36
C GLN D 292 19.41 -61.93 17.48
N MET D 293 19.24 -60.62 17.44
CA MET D 293 19.74 -59.78 18.52
C MET D 293 18.83 -59.83 19.75
N PHE D 294 17.51 -59.87 19.55
CA PHE D 294 16.55 -59.82 20.64
C PHE D 294 16.09 -61.19 21.11
N ASP D 295 16.87 -62.24 20.87
CA ASP D 295 16.53 -63.57 21.34
C ASP D 295 17.39 -63.96 22.53
N ALA D 296 17.01 -65.06 23.17
CA ALA D 296 17.78 -65.55 24.30
C ALA D 296 18.98 -66.39 23.87
N LYS D 297 18.95 -66.95 22.66
CA LYS D 297 20.03 -67.80 22.19
C LYS D 297 21.28 -67.01 21.82
N ASN D 298 21.24 -65.68 21.81
CA ASN D 298 22.41 -64.86 21.55
C ASN D 298 22.78 -63.99 22.74
N MET D 299 22.17 -64.21 23.90
CA MET D 299 22.51 -63.46 25.10
C MET D 299 23.73 -64.07 25.78
N MET D 300 24.65 -63.22 26.22
CA MET D 300 25.80 -63.67 27.00
C MET D 300 25.47 -63.82 28.47
N ALA D 301 24.20 -64.00 28.80
CA ALA D 301 23.76 -64.13 30.19
C ALA D 301 22.57 -65.06 30.24
N ALA D 302 22.67 -66.11 31.07
CA ALA D 302 21.62 -67.12 31.16
C ALA D 302 20.34 -66.53 31.74
N CYS D 303 19.65 -65.71 30.95
CA CYS D 303 18.38 -65.12 31.34
C CYS D 303 17.48 -65.04 30.12
N ASP D 304 16.19 -65.32 30.32
CA ASP D 304 15.21 -65.22 29.24
C ASP D 304 14.61 -63.82 29.25
N PRO D 305 14.84 -63.01 28.21
CA PRO D 305 14.22 -61.68 28.19
C PRO D 305 12.70 -61.71 28.24
N ARG D 306 12.08 -62.85 27.95
CA ARG D 306 10.64 -62.99 28.08
C ARG D 306 10.19 -62.91 29.53
N HIS D 307 11.07 -63.24 30.47
CA HIS D 307 10.74 -63.26 31.89
C HIS D 307 10.93 -61.91 32.56
N GLY D 308 11.41 -60.90 31.85
CA GLY D 308 11.56 -59.58 32.42
C GLY D 308 11.30 -58.51 31.37
N ARG D 309 11.39 -57.26 31.83
CA ARG D 309 11.17 -56.11 30.96
C ARG D 309 12.47 -55.35 30.77
N TYR D 310 12.65 -54.78 29.58
CA TYR D 310 13.83 -54.01 29.25
C TYR D 310 13.66 -52.58 29.78
N LEU D 311 14.47 -52.20 30.76
CA LEU D 311 14.47 -50.82 31.22
C LEU D 311 15.08 -49.90 30.17
N THR D 312 16.32 -50.17 29.79
CA THR D 312 17.00 -49.44 28.73
C THR D 312 17.71 -50.43 27.81
N VAL D 313 17.93 -50.01 26.57
CA VAL D 313 18.53 -50.86 25.54
C VAL D 313 19.45 -50.02 24.67
N ALA D 314 20.62 -50.57 24.35
CA ALA D 314 21.57 -49.95 23.44
C ALA D 314 21.96 -50.97 22.37
N ALA D 315 21.60 -50.69 21.13
CA ALA D 315 21.94 -51.55 19.99
C ALA D 315 23.02 -50.87 19.15
N VAL D 316 23.94 -51.67 18.64
CA VAL D 316 25.08 -51.19 17.86
C VAL D 316 25.22 -52.08 16.65
N PHE D 317 24.96 -51.53 15.46
CA PHE D 317 25.13 -52.24 14.21
C PHE D 317 26.45 -51.85 13.56
N ARG D 318 27.11 -52.81 12.92
CA ARG D 318 28.39 -52.58 12.28
C ARG D 318 28.35 -53.11 10.85
N GLY D 319 28.98 -52.36 9.94
CA GLY D 319 29.01 -52.71 8.55
C GLY D 319 28.11 -51.80 7.72
N ARG D 320 28.43 -51.73 6.42
CA ARG D 320 27.64 -50.92 5.50
C ARG D 320 26.25 -51.53 5.33
N MET D 321 25.22 -50.76 5.69
CA MET D 321 23.85 -51.22 5.62
C MET D 321 22.94 -50.01 5.48
N SER D 322 21.67 -50.28 5.20
CA SER D 322 20.68 -49.23 5.08
C SER D 322 20.25 -48.76 6.46
N MET D 323 20.66 -47.54 6.84
CA MET D 323 20.28 -47.00 8.14
C MET D 323 18.76 -46.87 8.26
N LYS D 324 18.08 -46.57 7.15
CA LYS D 324 16.63 -46.50 7.17
C LYS D 324 16.01 -47.86 7.45
N GLU D 325 16.57 -48.91 6.84
CA GLU D 325 16.06 -50.27 7.09
C GLU D 325 16.29 -50.68 8.54
N VAL D 326 17.29 -50.10 9.20
CA VAL D 326 17.54 -50.41 10.61
C VAL D 326 16.44 -49.82 11.48
N ASP D 327 16.06 -48.56 11.22
CA ASP D 327 15.03 -47.92 12.02
C ASP D 327 13.71 -48.67 11.94
N GLU D 328 13.35 -49.14 10.73
CA GLU D 328 12.09 -49.86 10.58
C GLU D 328 12.08 -51.14 11.40
N GLN D 329 13.21 -51.85 11.46
CA GLN D 329 13.27 -53.07 12.25
C GLN D 329 13.30 -52.78 13.74
N MET D 330 14.14 -51.83 14.16
CA MET D 330 14.23 -51.47 15.57
C MET D 330 12.92 -50.89 16.08
N LEU D 331 12.19 -50.18 15.23
CA LEU D 331 10.85 -49.74 15.61
C LEU D 331 9.91 -50.93 15.71
N ASN D 332 9.99 -51.86 14.76
CA ASN D 332 9.06 -52.99 14.72
C ASN D 332 9.16 -53.83 15.98
N VAL D 333 10.37 -54.28 16.33
CA VAL D 333 10.54 -55.15 17.49
C VAL D 333 10.05 -54.47 18.75
N GLN D 334 10.06 -53.14 18.79
CA GLN D 334 9.56 -52.42 19.95
C GLN D 334 8.04 -52.47 20.01
N ASN D 335 7.37 -51.96 18.97
CA ASN D 335 5.91 -51.88 19.03
C ASN D 335 5.23 -53.23 18.84
N LYS D 336 5.96 -54.26 18.43
CA LYS D 336 5.38 -55.60 18.37
C LYS D 336 5.58 -56.40 19.65
N ASN D 337 6.59 -56.06 20.45
CA ASN D 337 6.83 -56.66 21.74
C ASN D 337 6.80 -55.59 22.83
N SER D 338 5.82 -54.70 22.75
CA SER D 338 5.77 -53.53 23.63
C SER D 338 5.63 -53.91 25.11
N SER D 339 5.11 -55.10 25.40
CA SER D 339 4.95 -55.49 26.80
C SER D 339 6.29 -55.76 27.46
N TYR D 340 7.31 -56.14 26.69
CA TYR D 340 8.63 -56.40 27.22
C TYR D 340 9.52 -55.17 27.23
N PHE D 341 8.94 -53.99 27.06
CA PHE D 341 9.67 -52.72 27.13
C PHE D 341 8.96 -51.80 28.10
N VAL D 342 9.73 -51.15 28.98
CA VAL D 342 9.13 -50.30 29.99
C VAL D 342 8.47 -49.09 29.32
N GLU D 343 7.20 -48.85 29.67
CA GLU D 343 6.49 -47.70 29.11
C GLU D 343 6.93 -46.39 29.76
N TRP D 344 7.11 -46.39 31.09
CA TRP D 344 7.44 -45.16 31.81
C TRP D 344 8.86 -44.65 31.52
N ILE D 345 9.57 -45.18 30.54
CA ILE D 345 10.84 -44.61 30.08
C ILE D 345 10.73 -44.41 28.57
N PRO D 346 10.32 -43.23 28.11
CA PRO D 346 10.10 -43.04 26.67
C PRO D 346 11.40 -43.12 25.88
N ASN D 347 11.33 -43.80 24.72
CA ASN D 347 12.46 -43.92 23.81
C ASN D 347 13.67 -44.56 24.51
N ASN D 348 13.42 -45.62 25.28
CA ASN D 348 14.48 -46.25 26.05
C ASN D 348 15.44 -47.04 25.17
N VAL D 349 15.05 -47.37 23.95
CA VAL D 349 15.91 -48.09 23.02
C VAL D 349 16.64 -47.09 22.15
N LYS D 350 17.96 -47.27 22.00
CA LYS D 350 18.79 -46.38 21.22
C LYS D 350 19.67 -47.20 20.30
N THR D 351 19.67 -46.87 19.01
CA THR D 351 20.40 -47.62 17.99
C THR D 351 21.49 -46.73 17.38
N ALA D 352 22.70 -47.27 17.31
CA ALA D 352 23.83 -46.61 16.67
C ALA D 352 24.29 -47.45 15.48
N VAL D 353 25.05 -46.81 14.59
CA VAL D 353 25.56 -47.46 13.38
C VAL D 353 27.03 -47.10 13.22
N CYS D 354 27.84 -48.08 12.86
CA CYS D 354 29.26 -47.89 12.58
C CYS D 354 29.59 -48.57 11.25
N ASP D 355 30.26 -47.84 10.35
CA ASP D 355 30.55 -48.38 9.02
C ASP D 355 31.52 -49.54 9.06
N ILE D 356 32.47 -49.52 9.99
CA ILE D 356 33.53 -50.53 10.03
C ILE D 356 33.03 -51.78 10.75
N PRO D 357 33.04 -52.94 10.08
CA PRO D 357 32.66 -54.18 10.74
C PRO D 357 33.85 -54.80 11.45
N PRO D 358 33.63 -55.78 12.33
CA PRO D 358 34.76 -56.54 12.88
C PRO D 358 35.42 -57.40 11.82
N ARG D 359 36.72 -57.63 12.00
CA ARG D 359 37.48 -58.38 11.00
C ARG D 359 36.98 -59.81 10.89
N GLY D 360 36.42 -60.15 9.73
CA GLY D 360 35.90 -61.49 9.49
C GLY D 360 34.46 -61.48 9.03
N LEU D 361 33.76 -60.37 9.27
CA LEU D 361 32.36 -60.25 8.93
C LEU D 361 32.10 -58.94 8.19
N LYS D 362 30.98 -58.90 7.47
CA LYS D 362 30.53 -57.69 6.80
C LYS D 362 29.42 -56.99 7.55
N MET D 363 28.57 -57.72 8.26
CA MET D 363 27.49 -57.14 9.05
C MET D 363 27.40 -57.85 10.38
N SER D 364 27.45 -57.07 11.46
CA SER D 364 27.30 -57.60 12.80
C SER D 364 26.46 -56.62 13.62
N ALA D 365 25.99 -57.08 14.77
CA ALA D 365 25.13 -56.27 15.63
C ALA D 365 25.30 -56.70 17.07
N THR D 366 25.59 -55.74 17.95
CA THR D 366 25.82 -56.00 19.36
C THR D 366 24.68 -55.40 20.18
N PHE D 367 24.19 -56.18 21.14
CA PHE D 367 23.08 -55.79 21.99
C PHE D 367 23.56 -55.51 23.42
N ILE D 368 23.02 -54.46 24.02
CA ILE D 368 23.29 -54.13 25.42
C ILE D 368 21.95 -53.79 26.05
N GLY D 369 21.51 -54.61 26.99
CA GLY D 369 20.20 -54.45 27.60
C GLY D 369 20.27 -54.40 29.11
N ASN D 370 19.48 -53.49 29.69
CA ASN D 370 19.30 -53.40 31.14
C ASN D 370 17.94 -54.01 31.45
N SER D 371 17.88 -55.34 31.41
CA SER D 371 16.64 -56.08 31.59
C SER D 371 16.46 -56.50 33.04
N THR D 372 15.21 -56.53 33.48
CA THR D 372 14.90 -57.07 34.80
C THR D 372 15.04 -58.59 34.87
N ALA D 373 15.16 -59.26 33.72
CA ALA D 373 15.38 -60.70 33.69
C ALA D 373 16.75 -61.09 34.22
N ILE D 374 17.68 -60.14 34.35
CA ILE D 374 18.98 -60.43 34.92
C ILE D 374 18.89 -60.89 36.36
N GLN D 375 17.74 -60.69 37.01
CA GLN D 375 17.54 -61.23 38.35
C GLN D 375 17.61 -62.75 38.37
N GLU D 376 17.26 -63.40 37.26
CA GLU D 376 17.41 -64.84 37.16
C GLU D 376 18.85 -65.26 37.41
N LEU D 377 19.80 -64.49 36.88
CA LEU D 377 21.21 -64.80 37.08
C LEU D 377 21.58 -64.71 38.55
N PHE D 378 21.09 -63.68 39.25
CA PHE D 378 21.40 -63.54 40.66
C PHE D 378 20.64 -64.56 41.51
N LYS D 379 19.40 -64.87 41.12
CA LYS D 379 18.66 -65.94 41.78
C LYS D 379 19.43 -67.26 41.70
N ARG D 380 20.06 -67.53 40.55
CA ARG D 380 20.80 -68.77 40.37
C ARG D 380 22.01 -68.82 41.29
N ILE D 381 22.77 -67.72 41.35
CA ILE D 381 23.94 -67.69 42.23
C ILE D 381 23.52 -67.72 43.69
N SER D 382 22.46 -66.98 44.04
CA SER D 382 22.02 -66.92 45.43
C SER D 382 21.53 -68.28 45.92
N GLU D 383 20.98 -69.09 45.03
CA GLU D 383 20.54 -70.43 45.42
C GLU D 383 21.73 -71.32 45.76
N GLN D 384 22.76 -71.31 44.90
CA GLN D 384 23.96 -72.09 45.18
C GLN D 384 24.67 -71.60 46.43
N PHE D 385 24.68 -70.29 46.64
CA PHE D 385 25.34 -69.72 47.81
C PHE D 385 24.73 -70.26 49.09
N THR D 386 23.40 -70.20 49.20
CA THR D 386 22.73 -70.62 50.43
C THR D 386 22.87 -72.12 50.67
N ALA D 387 22.84 -72.92 49.59
CA ALA D 387 22.98 -74.37 49.74
C ALA D 387 24.27 -74.73 50.47
N MET D 388 25.37 -74.05 50.13
CA MET D 388 26.62 -74.29 50.84
C MET D 388 26.64 -73.57 52.19
N PHE D 389 26.11 -72.35 52.23
CA PHE D 389 26.23 -71.53 53.43
C PHE D 389 25.40 -72.09 54.58
N ARG D 390 24.29 -72.77 54.28
CA ARG D 390 23.50 -73.37 55.35
C ARG D 390 24.30 -74.42 56.12
N ARG D 391 25.25 -75.07 55.45
CA ARG D 391 26.15 -76.02 56.09
C ARG D 391 27.49 -75.40 56.46
N LYS D 392 27.70 -74.12 56.14
CA LYS D 392 28.94 -73.40 56.47
C LYS D 392 30.16 -74.12 55.90
N ALA D 393 30.01 -74.70 54.72
CA ALA D 393 31.10 -75.44 54.10
C ALA D 393 32.16 -74.48 53.57
N PHE D 394 33.43 -74.81 53.84
CA PHE D 394 34.59 -74.04 53.37
C PHE D 394 34.63 -72.62 53.94
N LEU D 395 33.82 -72.34 54.97
CA LEU D 395 33.82 -71.00 55.55
C LEU D 395 35.15 -70.69 56.24
N HIS D 396 35.86 -71.72 56.70
CA HIS D 396 37.15 -71.49 57.38
C HIS D 396 38.16 -70.85 56.45
N TRP D 397 38.02 -71.04 55.14
CA TRP D 397 38.83 -70.30 54.17
C TRP D 397 38.76 -68.80 54.44
N TYR D 398 37.55 -68.27 54.49
CA TYR D 398 37.35 -66.82 54.55
C TYR D 398 37.51 -66.29 55.97
N THR D 399 37.06 -67.05 56.97
CA THR D 399 37.25 -66.63 58.36
C THR D 399 38.73 -66.68 58.75
N GLY D 400 39.46 -67.67 58.22
CA GLY D 400 40.89 -67.75 58.46
C GLY D 400 41.69 -66.60 57.86
N GLU D 401 41.11 -65.89 56.91
CA GLU D 401 41.74 -64.71 56.32
C GLU D 401 41.21 -63.41 56.91
N GLY D 402 40.39 -63.48 57.95
CA GLY D 402 39.91 -62.30 58.67
C GLY D 402 38.42 -62.06 58.57
N MET D 403 37.75 -62.57 57.54
CA MET D 403 36.33 -62.25 57.36
C MET D 403 35.49 -62.82 58.50
N ASP D 404 34.54 -62.01 58.96
CA ASP D 404 33.55 -62.48 59.91
C ASP D 404 32.41 -63.17 59.18
N GLU D 405 31.75 -64.10 59.87
CA GLU D 405 30.64 -64.83 59.26
C GLU D 405 29.50 -63.91 58.87
N MET D 406 29.38 -62.75 59.54
CA MET D 406 28.30 -61.82 59.23
C MET D 406 28.43 -61.26 57.82
N GLU D 407 29.67 -61.14 57.32
CA GLU D 407 29.87 -60.59 55.98
C GLU D 407 29.18 -61.43 54.91
N PHE D 408 29.12 -62.75 55.12
CA PHE D 408 28.40 -63.61 54.17
C PHE D 408 26.91 -63.34 54.21
N THR D 409 26.35 -63.18 55.41
CA THR D 409 24.92 -62.92 55.53
C THR D 409 24.54 -61.60 54.87
N GLU D 410 25.40 -60.59 55.00
CA GLU D 410 25.10 -59.28 54.42
C GLU D 410 25.16 -59.33 52.90
N ALA D 411 26.21 -59.94 52.34
CA ALA D 411 26.33 -60.03 50.90
C ALA D 411 25.18 -60.83 50.31
N GLU D 412 24.73 -61.87 51.01
CA GLU D 412 23.56 -62.63 50.59
C GLU D 412 22.31 -61.77 50.65
N SER D 413 22.19 -60.94 51.70
CA SER D 413 21.00 -60.12 51.85
C SER D 413 20.94 -59.04 50.77
N ASN D 414 22.06 -58.37 50.52
CA ASN D 414 22.06 -57.29 49.53
C ASN D 414 21.83 -57.82 48.12
N MET D 415 22.28 -59.04 47.83
CA MET D 415 21.99 -59.63 46.53
C MET D 415 20.50 -59.90 46.38
N ASN D 416 19.86 -60.44 47.43
CA ASN D 416 18.43 -60.67 47.38
C ASN D 416 17.65 -59.36 47.34
N ASP D 417 18.19 -58.29 47.93
CA ASP D 417 17.59 -56.97 47.75
C ASP D 417 17.69 -56.53 46.30
N LEU D 418 18.84 -56.77 45.66
CA LEU D 418 19.01 -56.43 44.25
C LEU D 418 18.04 -57.22 43.38
N VAL D 419 17.80 -58.48 43.71
CA VAL D 419 16.83 -59.28 42.98
C VAL D 419 15.43 -58.72 43.17
N SER D 420 15.10 -58.36 44.41
CA SER D 420 13.76 -57.84 44.69
C SER D 420 13.53 -56.51 43.98
N GLU D 421 14.56 -55.67 43.88
CA GLU D 421 14.41 -54.40 43.19
C GLU D 421 14.21 -54.60 41.69
N TYR D 422 14.95 -55.55 41.10
CA TYR D 422 14.75 -55.86 39.68
C TYR D 422 13.35 -56.38 39.43
N GLN D 423 12.76 -57.08 40.41
CA GLN D 423 11.36 -57.48 40.31
C GLN D 423 10.42 -56.31 40.58
N GLN D 424 10.87 -55.34 41.38
CA GLN D 424 10.01 -54.22 41.75
C GLN D 424 9.65 -53.38 40.51
N TYR D 425 10.64 -53.01 39.71
CA TYR D 425 10.38 -52.25 38.50
C TYR D 425 9.87 -53.12 37.35
N GLN D 426 10.00 -54.44 37.46
CA GLN D 426 9.36 -55.33 36.50
C GLN D 426 7.84 -55.34 36.65
N ASP D 427 7.34 -54.89 37.81
CA ASP D 427 5.91 -54.84 38.07
C ASP D 427 5.32 -53.44 38.01
N ALA D 428 6.16 -52.40 38.05
CA ALA D 428 5.64 -51.04 37.99
C ALA D 428 4.99 -50.76 36.64
N THR D 429 3.95 -49.95 36.67
CA THR D 429 3.14 -49.66 35.48
C THR D 429 3.13 -48.15 35.24
N ALA D 430 2.38 -47.74 34.21
CA ALA D 430 2.27 -46.34 33.82
C ALA D 430 1.03 -45.66 34.39
N ASP D 431 -0.15 -46.25 34.17
CA ASP D 431 -1.46 -45.74 34.61
C ASP D 431 -1.54 -44.24 34.88
N LEU E 14 27.57 -2.28 46.38
CA LEU E 14 26.78 -1.46 45.47
C LEU E 14 26.54 -0.06 46.05
N GLU E 15 27.24 0.27 47.13
CA GLU E 15 27.04 1.56 47.77
C GLU E 15 27.43 2.70 46.85
N GLN E 16 28.43 2.49 45.99
CA GLN E 16 28.86 3.51 45.05
C GLN E 16 28.01 3.55 43.78
N ARG E 17 27.16 2.54 43.54
CA ARG E 17 26.24 2.60 42.41
C ARG E 17 25.09 3.57 42.63
N ALA E 18 24.99 4.18 43.82
CA ALA E 18 24.00 5.24 44.05
C ALA E 18 24.19 6.42 43.11
N SER E 19 25.32 6.49 42.40
CA SER E 19 25.54 7.48 41.35
C SER E 19 25.93 6.79 40.05
N HIS E 20 25.42 5.58 39.83
CA HIS E 20 25.69 4.85 38.59
C HIS E 20 24.93 5.48 37.43
N LYS E 21 25.41 5.21 36.21
CA LYS E 21 24.81 5.83 35.04
C LYS E 21 23.38 5.35 34.84
N VAL E 22 23.17 4.04 34.84
CA VAL E 22 21.85 3.49 34.61
C VAL E 22 20.95 3.78 35.80
N TRP E 23 19.68 4.11 35.51
CA TRP E 23 18.77 4.54 36.56
C TRP E 23 18.38 3.40 37.49
N LYS E 24 18.18 2.21 36.94
CA LYS E 24 17.66 1.10 37.74
C LYS E 24 18.65 0.69 38.82
N ALA E 25 19.95 0.80 38.55
CA ALA E 25 20.94 0.56 39.58
C ALA E 25 20.89 1.63 40.66
N ARG E 26 20.71 2.89 40.25
CA ARG E 26 20.54 3.96 41.23
C ARG E 26 19.26 3.76 42.05
N LEU E 27 18.17 3.37 41.38
CA LEU E 27 16.91 3.14 42.08
C LEU E 27 17.06 2.04 43.12
N ASN E 28 17.87 1.02 42.81
CA ASN E 28 18.08 -0.07 43.76
C ASN E 28 18.84 0.39 44.99
N ALA E 29 19.88 1.19 44.79
CA ALA E 29 20.69 1.65 45.92
C ALA E 29 19.87 2.52 46.86
N TYR E 30 18.97 3.34 46.32
CA TYR E 30 18.12 4.17 47.16
C TYR E 30 17.22 3.32 48.03
N GLN E 31 16.73 2.20 47.50
CA GLN E 31 15.92 1.28 48.28
C GLN E 31 16.78 0.54 49.30
N GLU E 32 17.99 0.13 48.91
CA GLU E 32 18.91 -0.48 49.86
C GLU E 32 19.26 0.47 50.99
N LEU E 33 19.44 1.74 50.67
CA LEU E 33 19.71 2.74 51.72
C LEU E 33 18.52 2.87 52.66
N ASN E 34 17.30 2.95 52.09
CA ASN E 34 16.10 3.08 52.91
C ASN E 34 15.96 1.91 53.87
N ASN E 35 16.45 0.73 53.48
CA ASN E 35 16.42 -0.41 54.39
C ASN E 35 17.49 -0.27 55.48
N LEU E 36 18.69 0.16 55.10
CA LEU E 36 19.76 0.33 56.08
C LEU E 36 19.36 1.28 57.19
N PHE E 37 18.84 2.45 56.83
CA PHE E 37 18.49 3.44 57.83
C PHE E 37 17.35 2.99 58.73
N THR E 38 16.55 2.01 58.30
CA THR E 38 15.47 1.47 59.11
C THR E 38 15.84 0.19 59.84
N LYS E 39 16.94 -0.46 59.45
CA LYS E 39 17.31 -1.77 59.97
C LYS E 39 18.69 -1.76 60.60
N SER E 40 19.21 -0.59 60.97
CA SER E 40 20.56 -0.50 61.51
C SER E 40 20.53 -0.10 62.99
N SER E 41 21.72 0.14 63.54
CA SER E 41 21.92 0.35 64.95
C SER E 41 21.56 1.77 65.37
N VAL E 42 21.29 1.92 66.67
CA VAL E 42 20.99 3.21 67.29
C VAL E 42 21.75 3.25 68.61
N ILE E 43 22.79 4.07 68.68
CA ILE E 43 23.57 4.22 69.91
C ILE E 43 23.55 5.65 70.39
N PRO E 46 25.67 3.51 65.84
CA PRO E 46 25.48 3.53 64.39
C PRO E 46 26.76 3.19 63.63
N ASN E 47 26.62 2.54 62.49
CA ASN E 47 27.78 2.09 61.72
C ASN E 47 28.55 3.26 61.16
N ASP E 48 29.85 3.05 60.94
CA ASP E 48 30.62 3.98 60.12
C ASP E 48 30.16 3.96 58.67
N VAL E 49 29.55 2.87 58.22
CA VAL E 49 28.97 2.79 56.89
C VAL E 49 27.83 3.78 56.73
N ALA E 50 27.20 4.20 57.83
CA ALA E 50 26.13 5.19 57.76
C ALA E 50 26.73 6.59 57.80
N ASN E 51 27.88 6.76 57.14
CA ASN E 51 28.54 8.06 57.07
C ASN E 51 27.91 8.92 55.97
N TYR E 52 26.62 9.20 56.16
CA TYR E 52 25.88 10.12 55.29
C TYR E 52 25.53 11.41 55.99
N TRP E 53 25.91 11.57 57.26
CA TRP E 53 25.94 12.88 57.90
C TRP E 53 27.08 13.72 57.34
N LEU E 54 28.31 13.27 57.55
CA LEU E 54 29.51 14.09 57.37
C LEU E 54 29.82 14.36 55.91
N ASP E 55 29.17 13.66 54.98
CA ASP E 55 29.23 13.99 53.57
C ASP E 55 27.80 14.17 53.06
N PRO E 56 27.15 15.29 53.42
CA PRO E 56 25.75 15.49 53.02
C PRO E 56 25.58 15.82 51.54
N GLU E 57 26.67 16.02 50.80
CA GLU E 57 26.57 16.21 49.37
C GLU E 57 26.17 14.92 48.65
N LEU E 58 26.28 13.78 49.33
CA LEU E 58 25.83 12.52 48.75
C LEU E 58 24.33 12.54 48.49
N PHE E 59 23.55 12.74 49.55
CA PHE E 59 22.10 12.78 49.39
C PHE E 59 21.64 14.07 48.73
N ALA E 60 22.38 15.17 48.91
CA ALA E 60 22.09 16.38 48.16
C ALA E 60 22.20 16.14 46.65
N SER E 61 23.00 15.14 46.26
CA SER E 61 23.08 14.74 44.85
C SER E 61 21.99 13.75 44.48
N TYR E 62 21.56 12.91 45.43
CA TYR E 62 20.52 11.93 45.13
C TYR E 62 19.17 12.59 44.95
N ILE E 63 18.88 13.62 45.74
CA ILE E 63 17.59 14.31 45.65
C ILE E 63 17.40 14.92 44.26
N VAL E 64 18.49 15.28 43.60
CA VAL E 64 18.43 15.87 42.26
C VAL E 64 18.68 14.77 41.23
N ASP E 65 18.04 13.62 41.42
CA ASP E 65 18.20 12.53 40.47
C ASP E 65 17.47 12.85 39.18
N SER E 66 18.17 12.67 38.05
CA SER E 66 17.61 12.99 36.75
C SER E 66 16.48 12.07 36.34
N ASN E 67 16.18 11.05 37.15
CA ASN E 67 15.12 10.09 36.88
C ASN E 67 14.05 10.26 37.96
N VAL E 68 12.85 10.70 37.55
CA VAL E 68 11.81 11.09 38.50
C VAL E 68 11.40 9.91 39.38
N VAL E 69 11.51 8.69 38.87
CA VAL E 69 11.13 7.52 39.66
C VAL E 69 12.16 7.27 40.75
N ALA E 70 13.43 7.12 40.36
CA ALA E 70 14.49 6.91 41.35
C ALA E 70 14.71 8.14 42.20
N GLN E 71 14.38 9.33 41.68
CA GLN E 71 14.42 10.54 42.50
C GLN E 71 13.43 10.46 43.65
N GLU E 72 12.25 9.88 43.40
CA GLU E 72 11.26 9.72 44.47
C GLU E 72 11.76 8.76 45.54
N ASN E 73 12.49 7.71 45.14
CA ASN E 73 13.02 6.76 46.10
C ASN E 73 14.22 7.32 46.85
N ALA E 74 14.96 8.24 46.25
CA ALA E 74 16.05 8.89 46.97
C ALA E 74 15.51 9.82 48.06
N ILE E 75 14.29 10.32 47.89
CA ILE E 75 13.71 11.23 48.87
C ILE E 75 13.10 10.46 50.03
N ILE E 76 12.39 9.36 49.74
CA ILE E 76 11.84 8.56 50.82
C ILE E 76 12.94 7.89 51.61
N ALA E 77 14.08 7.59 50.97
CA ALA E 77 15.24 7.11 51.71
C ALA E 77 15.86 8.22 52.54
N LEU E 78 15.91 9.44 51.98
CA LEU E 78 16.37 10.59 52.76
C LEU E 78 15.44 10.86 53.93
N HIS E 79 14.14 10.58 53.77
CA HIS E 79 13.19 10.82 54.84
C HIS E 79 13.43 9.88 56.01
N THR E 80 13.54 8.58 55.74
CA THR E 80 13.77 7.62 56.81
C THR E 80 15.15 7.80 57.43
N LEU E 81 16.14 8.21 56.63
CA LEU E 81 17.42 8.61 57.18
C LEU E 81 17.26 9.82 58.10
N LEU E 82 16.43 10.77 57.69
CA LEU E 82 16.30 12.02 58.43
C LEU E 82 15.64 11.82 59.79
N GLU E 83 14.75 10.84 59.90
CA GLU E 83 14.18 10.49 61.21
C GLU E 83 15.05 9.49 61.96
N TYR E 84 15.91 8.75 61.25
CA TYR E 84 16.89 7.90 61.91
C TYR E 84 17.86 8.72 62.73
N ILE E 85 18.25 9.89 62.22
CA ILE E 85 19.29 10.70 62.85
C ILE E 85 18.75 11.40 64.08
N SER E 86 17.49 11.14 64.42
CA SER E 86 16.89 11.69 65.63
C SER E 86 17.41 10.96 66.86
N GLN E 87 18.71 10.68 66.88
CA GLN E 87 19.36 9.95 67.97
C GLN E 87 20.62 10.69 68.38
N VAL E 88 20.74 10.98 69.67
CA VAL E 88 21.84 11.73 70.26
C VAL E 88 23.17 11.06 69.92
N PRO E 89 24.27 11.81 69.71
CA PRO E 89 24.43 13.26 69.66
C PRO E 89 24.68 13.81 68.25
N ASN E 90 23.60 14.17 67.56
CA ASN E 90 23.74 14.66 66.20
C ASN E 90 23.32 16.13 66.07
N VAL E 91 24.11 17.02 66.67
CA VAL E 91 23.86 18.45 66.59
C VAL E 91 24.35 18.92 65.23
N SER E 92 24.85 17.96 64.44
CA SER E 92 25.37 18.26 63.11
C SER E 92 24.23 18.56 62.13
N THR E 93 23.04 18.85 62.65
CA THR E 93 21.90 19.18 61.82
C THR E 93 21.97 20.57 61.21
N SER E 94 22.92 21.41 61.65
CA SER E 94 23.09 22.73 61.05
C SER E 94 23.69 22.61 59.66
N LYS E 95 24.70 21.75 59.49
CA LYS E 95 25.29 21.53 58.17
C LYS E 95 24.30 20.88 57.21
N LEU E 96 23.32 20.14 57.74
CA LEU E 96 22.38 19.42 56.89
C LEU E 96 21.41 20.39 56.21
N ARG E 97 20.81 21.29 56.97
CA ARG E 97 19.81 22.20 56.41
C ARG E 97 20.38 23.04 55.29
N LEU E 98 21.64 23.47 55.42
CA LEU E 98 22.26 24.30 54.39
C LEU E 98 22.42 23.54 53.09
N GLN E 99 22.74 22.25 53.17
CA GLN E 99 23.07 21.44 52.00
C GLN E 99 21.88 20.72 51.41
N TRP E 100 20.79 20.57 52.15
CA TRP E 100 19.71 19.66 51.77
C TRP E 100 18.39 20.34 51.42
N ILE E 101 17.97 21.36 52.15
CA ILE E 101 16.66 21.93 51.90
C ILE E 101 16.65 22.83 50.66
N PRO E 102 17.77 23.37 50.17
CA PRO E 102 17.73 24.02 48.85
C PRO E 102 17.48 23.01 47.73
N PRO E 103 18.12 21.83 47.74
CA PRO E 103 17.70 20.80 46.78
C PRO E 103 16.29 20.30 47.02
N LEU E 104 15.85 20.24 48.28
CA LEU E 104 14.48 19.83 48.56
C LEU E 104 13.47 20.83 48.02
N VAL E 105 13.77 22.12 48.15
CA VAL E 105 12.83 23.13 47.68
C VAL E 105 12.87 23.26 46.16
N GLU E 106 14.08 23.30 45.58
CA GLU E 106 14.21 23.63 44.16
C GLU E 106 13.66 22.52 43.26
N LYS E 107 13.83 21.26 43.64
CA LYS E 107 13.41 20.15 42.78
C LYS E 107 12.59 19.09 43.50
N GLY E 108 12.16 19.35 44.73
CA GLY E 108 11.26 18.44 45.42
C GLY E 108 9.88 19.05 45.54
N LEU E 109 9.80 20.25 46.12
CA LEU E 109 8.54 20.97 46.18
C LEU E 109 8.10 21.43 44.80
N SER E 110 9.06 21.74 43.93
CA SER E 110 8.74 22.14 42.56
C SER E 110 8.27 20.96 41.71
N SER E 111 8.54 19.73 42.13
CA SER E 111 8.19 18.56 41.33
C SER E 111 6.68 18.49 41.10
N SER E 112 6.32 17.95 39.93
CA SER E 112 4.91 17.78 39.58
C SER E 112 4.31 16.51 40.16
N ARG E 113 5.13 15.61 40.69
CA ARG E 113 4.64 14.36 41.26
C ARG E 113 4.13 14.59 42.68
N ALA E 114 2.88 14.21 42.92
CA ALA E 114 2.27 14.45 44.23
C ALA E 114 2.99 13.68 45.33
N ALA E 115 3.56 12.52 45.01
CA ALA E 115 4.28 11.74 46.01
C ALA E 115 5.69 12.29 46.24
N THR E 116 6.38 12.66 45.15
CA THR E 116 7.71 13.24 45.29
C THR E 116 7.66 14.53 46.10
N LYS E 117 6.62 15.34 45.91
CA LYS E 117 6.49 16.59 46.64
C LYS E 117 6.02 16.36 48.08
N ALA E 118 5.18 15.35 48.31
CA ALA E 118 4.67 15.11 49.65
C ALA E 118 5.78 14.69 50.61
N LYS E 119 6.74 13.90 50.12
CA LYS E 119 7.84 13.48 50.98
C LYS E 119 8.88 14.57 51.16
N ALA E 120 9.06 15.43 50.16
CA ALA E 120 9.98 16.56 50.31
C ALA E 120 9.49 17.53 51.38
N THR E 121 8.18 17.82 51.39
CA THR E 121 7.62 18.60 52.47
C THR E 121 7.80 17.90 53.82
N ASP E 122 7.77 16.57 53.82
CA ASP E 122 7.97 15.84 55.08
C ASP E 122 9.42 15.89 55.53
N CYS E 123 10.37 15.97 54.60
CA CYS E 123 11.78 16.11 54.98
C CYS E 123 12.08 17.50 55.49
N ILE E 124 11.47 18.53 54.88
CA ILE E 124 11.68 19.90 55.36
C ILE E 124 11.15 20.05 56.78
N MET E 125 10.08 19.32 57.13
CA MET E 125 9.57 19.36 58.50
C MET E 125 10.59 18.78 59.48
N LEU E 126 11.17 17.63 59.13
CA LEU E 126 12.14 17.00 60.02
C LEU E 126 13.40 17.83 60.16
N LEU E 127 13.91 18.38 59.06
CA LEU E 127 15.09 19.22 59.12
C LEU E 127 14.83 20.50 59.91
N THR E 128 13.57 20.93 59.97
CA THR E 128 13.24 22.14 60.73
C THR E 128 13.21 21.87 62.23
N GLN E 129 12.61 20.74 62.65
CA GLN E 129 12.60 20.42 64.07
C GLN E 129 13.95 19.93 64.56
N SER E 130 14.86 19.57 63.65
CA SER E 130 16.25 19.35 64.03
C SER E 130 16.95 20.65 64.41
N ASP E 131 16.43 21.78 63.93
CA ASP E 131 17.00 23.09 64.22
C ASP E 131 16.58 23.55 65.62
N THR E 132 17.01 24.75 65.98
CA THR E 132 16.60 25.38 67.23
C THR E 132 15.45 26.35 67.04
N SER E 133 15.25 26.87 65.83
CA SER E 133 14.11 27.72 65.52
C SER E 133 13.83 27.60 64.02
N ILE E 134 12.82 28.35 63.56
CA ILE E 134 12.40 28.25 62.16
C ILE E 134 13.16 29.20 61.24
N GLN E 135 14.01 30.08 61.79
CA GLN E 135 14.60 31.13 60.97
C GLN E 135 15.67 30.59 60.03
N GLN E 136 16.52 29.69 60.51
CA GLN E 136 17.55 29.12 59.66
C GLN E 136 17.00 28.12 58.66
N THR E 137 15.68 28.03 58.53
CA THR E 137 14.99 27.28 57.49
C THR E 137 14.18 28.19 56.57
N VAL E 138 13.63 29.28 57.12
CA VAL E 138 12.89 30.23 56.31
C VAL E 138 13.83 30.98 55.37
N ASN E 139 15.01 31.38 55.86
CA ASN E 139 15.92 32.17 55.06
C ASN E 139 16.41 31.45 53.82
N LEU E 140 16.37 30.11 53.81
CA LEU E 140 16.87 29.37 52.67
C LEU E 140 15.82 29.23 51.57
N MET E 141 14.56 29.06 51.95
CA MET E 141 13.47 28.94 50.97
C MET E 141 12.78 30.27 50.70
N LEU E 142 13.25 31.37 51.26
CA LEU E 142 12.73 32.69 50.94
C LEU E 142 13.11 33.13 49.52
N PRO E 143 14.35 32.88 49.06
CA PRO E 143 14.65 33.20 47.65
C PRO E 143 13.77 32.47 46.64
N SER E 144 13.28 31.28 46.99
CA SER E 144 12.41 30.53 46.09
C SER E 144 11.07 31.20 45.87
N LEU E 145 10.68 32.14 46.74
CA LEU E 145 9.45 32.89 46.55
C LEU E 145 9.47 33.79 45.32
N SER E 146 10.63 33.97 44.69
CA SER E 146 10.74 34.82 43.51
C SER E 146 11.23 34.02 42.32
N ASN E 147 10.63 32.87 42.06
CA ASN E 147 11.02 32.00 40.97
C ASN E 147 10.08 32.15 39.78
N LYS E 148 10.61 31.84 38.59
CA LYS E 148 9.81 31.89 37.37
C LYS E 148 8.63 30.94 37.45
N LEU E 149 8.90 29.67 37.75
CA LEU E 149 7.89 28.62 37.85
C LEU E 149 6.90 28.93 38.96
N PRO E 150 5.66 29.27 38.64
CA PRO E 150 4.68 29.55 39.71
C PRO E 150 4.38 28.34 40.57
N ARG E 151 4.39 27.14 40.01
CA ARG E 151 4.11 25.94 40.79
C ARG E 151 5.12 25.77 41.92
N LEU E 152 6.35 26.24 41.73
CA LEU E 152 7.32 26.20 42.80
C LEU E 152 6.97 27.19 43.91
N VAL E 153 6.70 28.45 43.52
CA VAL E 153 6.34 29.44 44.54
C VAL E 153 4.93 29.20 45.07
N SER E 154 4.09 28.48 44.33
CA SER E 154 2.80 28.07 44.87
C SER E 154 3.00 27.05 45.98
N SER E 155 3.98 26.16 45.82
CA SER E 155 4.15 25.03 46.72
C SER E 155 4.91 25.42 47.98
N CYS E 156 5.98 26.21 47.84
CA CYS E 156 6.82 26.53 48.98
C CYS E 156 6.31 27.74 49.77
N VAL E 157 5.27 28.41 49.30
CA VAL E 157 4.57 29.34 50.18
C VAL E 157 3.54 28.57 51.03
N LYS E 158 3.03 27.46 50.51
CA LYS E 158 2.21 26.57 51.32
C LYS E 158 3.05 25.87 52.37
N CYS E 159 4.24 25.40 51.98
CA CYS E 159 5.17 24.82 52.95
C CYS E 159 5.53 25.84 54.01
N LEU E 160 6.00 27.02 53.58
CA LEU E 160 6.32 28.11 54.51
C LEU E 160 5.16 28.36 55.47
N ALA E 161 3.93 28.31 54.97
CA ALA E 161 2.77 28.53 55.83
C ALA E 161 2.56 27.39 56.83
N THR E 162 2.95 26.17 56.45
CA THR E 162 2.78 25.04 57.34
C THR E 162 3.95 24.85 58.30
N ILE E 163 5.11 25.43 58.01
CA ILE E 163 6.17 25.45 59.03
C ILE E 163 5.93 26.53 60.08
N ILE E 164 5.01 27.45 59.81
CA ILE E 164 4.63 28.44 60.81
C ILE E 164 3.42 27.96 61.61
N GLU E 165 2.50 27.27 60.94
CA GLU E 165 1.31 26.76 61.61
C GLU E 165 1.67 25.79 62.72
N GLU E 166 2.64 24.90 62.46
CA GLU E 166 3.00 23.86 63.42
C GLU E 166 4.13 24.31 64.35
N PHE E 167 5.22 24.85 63.80
CA PHE E 167 6.37 25.22 64.62
C PHE E 167 6.15 26.55 65.33
N GLY E 168 5.99 27.62 64.56
CA GLY E 168 5.77 28.94 65.11
C GLY E 168 7.07 29.68 65.40
N PHE E 169 6.93 30.96 65.70
CA PHE E 169 8.06 31.84 65.99
C PHE E 169 8.39 31.72 67.47
N ILE E 170 9.31 30.82 67.82
CA ILE E 170 9.85 30.74 69.16
C ILE E 170 11.36 30.55 69.05
N ASN E 171 12.07 31.11 70.04
CA ASN E 171 13.52 30.99 70.17
C ASN E 171 14.26 31.53 68.94
N VAL E 172 13.58 32.29 68.08
CA VAL E 172 14.22 32.92 66.94
C VAL E 172 14.86 34.22 67.39
N SER E 173 16.10 34.46 66.94
CA SER E 173 16.93 35.56 67.40
C SER E 173 16.21 36.89 67.38
N ASP E 174 16.04 37.48 66.20
CA ASP E 174 15.30 38.74 66.04
C ASP E 174 14.05 38.43 65.22
N ILE E 175 12.89 38.43 65.88
CA ILE E 175 11.67 38.13 65.16
C ILE E 175 11.30 39.26 64.20
N ASN E 176 11.62 40.50 64.58
CA ASN E 176 11.30 41.63 63.70
C ASN E 176 12.06 41.55 62.40
N ILE E 177 13.30 41.07 62.43
CA ILE E 177 14.05 40.90 61.20
C ILE E 177 13.48 39.72 60.41
N LEU E 178 12.88 38.75 61.11
CA LEU E 178 12.30 37.60 60.43
C LEU E 178 10.87 37.88 59.97
N LEU E 179 10.10 38.61 60.81
CA LEU E 179 8.75 39.00 60.40
C LEU E 179 8.79 39.91 59.18
N SER E 180 9.64 40.93 59.21
CA SER E 180 9.76 41.83 58.08
C SER E 180 10.31 41.13 56.84
N GLU E 181 11.17 40.14 57.03
CA GLU E 181 11.73 39.42 55.89
C GLU E 181 10.68 38.58 55.18
N ILE E 182 9.77 37.96 55.95
CA ILE E 182 8.71 37.16 55.34
C ILE E 182 7.49 37.99 54.95
N LEU E 183 7.34 39.19 55.50
CA LEU E 183 6.27 40.08 55.10
C LEU E 183 6.64 40.95 53.91
N GLU E 184 7.89 40.93 53.48
CA GLU E 184 8.30 41.74 52.32
C GLU E 184 7.65 41.27 51.03
N PRO E 185 7.72 39.98 50.65
CA PRO E 185 7.13 39.58 49.36
C PRO E 185 5.62 39.40 49.38
N LEU E 186 4.98 39.48 50.55
CA LEU E 186 3.55 39.17 50.62
C LEU E 186 2.67 40.05 49.73
N PRO E 187 2.91 41.36 49.61
CA PRO E 187 2.11 42.13 48.63
C PRO E 187 2.35 41.70 47.19
N LYS E 188 3.57 41.32 46.84
CA LYS E 188 3.83 40.81 45.49
C LYS E 188 3.16 39.46 45.28
N LEU E 189 3.20 38.58 46.30
CA LEU E 189 2.65 37.24 46.16
C LEU E 189 1.14 37.26 46.02
N SER E 190 0.48 38.20 46.70
CA SER E 190 -0.98 38.29 46.64
C SER E 190 -1.49 38.98 45.39
N SER E 191 -0.60 39.53 44.56
CA SER E 191 -0.96 40.05 43.25
C SER E 191 -0.41 39.19 42.12
N HIS E 192 0.09 38.00 42.44
CA HIS E 192 0.69 37.13 41.44
C HIS E 192 -0.34 36.72 40.39
N ALA E 193 0.15 36.45 39.18
CA ALA E 193 -0.76 36.09 38.09
C ALA E 193 -1.41 34.73 38.33
N ASP E 194 -0.67 33.81 38.93
CA ASP E 194 -1.20 32.47 39.19
C ASP E 194 -2.31 32.51 40.23
N ARG E 195 -3.37 31.76 39.98
CA ARG E 195 -4.47 31.68 40.93
C ARG E 195 -4.07 30.94 42.20
N ASN E 196 -3.18 29.95 42.09
CA ASN E 196 -2.79 29.16 43.25
C ASN E 196 -1.78 29.89 44.12
N VAL E 197 -0.90 30.68 43.51
CA VAL E 197 0.06 31.47 44.28
C VAL E 197 -0.69 32.45 45.17
N ARG E 198 -1.68 33.13 44.61
CA ARG E 198 -2.51 34.04 45.41
C ARG E 198 -3.22 33.28 46.52
N SER E 199 -3.88 32.18 46.17
CA SER E 199 -4.67 31.42 47.13
C SER E 199 -3.83 30.93 48.30
N GLU E 200 -2.61 30.46 48.02
CA GLU E 200 -1.76 29.96 49.08
C GLU E 200 -1.10 31.08 49.87
N THR E 201 -1.05 32.29 49.32
CA THR E 201 -0.56 33.43 50.09
C THR E 201 -1.63 33.90 51.08
N MET E 202 -2.90 33.88 50.67
CA MET E 202 -3.98 34.21 51.60
C MET E 202 -3.99 33.25 52.79
N ASN E 203 -3.57 32.00 52.57
CA ASN E 203 -3.48 31.06 53.68
C ASN E 203 -2.28 31.37 54.57
N LEU E 204 -1.16 31.81 53.98
CA LEU E 204 -0.01 32.19 54.78
C LEU E 204 -0.31 33.40 55.64
N ILE E 205 -1.08 34.36 55.10
CA ILE E 205 -1.47 35.53 55.89
C ILE E 205 -2.28 35.10 57.11
N LEU E 206 -3.15 34.09 56.94
CA LEU E 206 -3.94 33.59 58.06
C LEU E 206 -3.04 33.02 59.15
N GLN E 207 -1.97 32.32 58.76
CA GLN E 207 -1.03 31.77 59.74
C GLN E 207 -0.30 32.88 60.49
N ILE E 208 0.13 33.92 59.78
CA ILE E 208 0.71 35.08 60.45
C ILE E 208 -0.32 35.74 61.34
N TYR E 209 -1.58 35.80 60.87
CA TYR E 209 -2.65 36.35 61.68
C TYR E 209 -2.88 35.54 62.95
N LYS E 210 -2.73 34.22 62.87
CA LYS E 210 -3.03 33.37 64.01
C LYS E 210 -1.99 33.53 65.12
N TRP E 211 -0.75 33.86 64.78
CA TRP E 211 0.29 33.98 65.81
C TRP E 211 0.33 35.36 66.44
N PHE E 212 0.03 36.40 65.69
CA PHE E 212 -0.08 37.76 66.16
C PHE E 212 -1.57 38.12 66.24
N GLY E 213 -1.89 39.40 66.14
CA GLY E 213 -3.26 39.84 66.12
C GLY E 213 -3.74 40.18 64.73
N LYS E 214 -4.82 40.97 64.65
CA LYS E 214 -5.21 41.60 63.40
C LYS E 214 -4.66 43.00 63.27
N GLU E 215 -4.42 43.67 64.40
CA GLU E 215 -3.91 45.03 64.38
C GLU E 215 -2.58 45.13 63.65
N LEU E 216 -1.70 44.14 63.85
CA LEU E 216 -0.35 44.23 63.31
C LEU E 216 -0.36 44.26 61.78
N LEU E 217 -0.87 43.21 61.16
CA LEU E 217 -0.75 43.09 59.71
C LEU E 217 -1.75 43.97 58.97
N GLN E 218 -2.62 44.68 59.67
CA GLN E 218 -3.31 45.80 59.04
C GLN E 218 -2.43 47.04 59.01
N GLU E 219 -1.66 47.24 60.08
CA GLU E 219 -0.65 48.30 60.10
C GLU E 219 0.41 48.07 59.03
N LEU E 220 0.79 46.81 58.80
CA LEU E 220 1.93 46.48 57.95
C LEU E 220 1.55 45.98 56.57
N LEU E 221 0.42 45.30 56.42
CA LEU E 221 0.18 44.55 55.19
C LEU E 221 -1.18 44.78 54.57
N LEU E 222 -2.26 44.52 55.33
CA LEU E 222 -3.59 44.37 54.74
C LEU E 222 -4.01 45.59 53.91
N GLU E 223 -3.49 46.77 54.23
CA GLU E 223 -3.84 47.96 53.46
C GLU E 223 -3.34 47.91 52.03
N LYS E 224 -2.30 47.12 51.76
CA LYS E 224 -1.69 47.05 50.44
C LYS E 224 -2.25 45.93 49.58
N LEU E 225 -3.36 45.33 49.97
CA LEU E 225 -3.99 44.26 49.22
C LEU E 225 -5.25 44.77 48.52
N LYS E 226 -5.70 44.01 47.54
CA LYS E 226 -6.96 44.34 46.88
C LYS E 226 -8.09 44.29 47.91
N PRO E 227 -9.04 45.23 47.86
CA PRO E 227 -10.13 45.21 48.84
C PRO E 227 -10.91 43.91 48.85
N ILE E 228 -11.07 43.28 47.69
CA ILE E 228 -11.72 41.98 47.63
C ILE E 228 -10.90 40.94 48.39
N GLN E 229 -9.58 41.12 48.43
CA GLN E 229 -8.72 40.17 49.12
C GLN E 229 -8.81 40.35 50.63
N GLN E 230 -8.67 41.58 51.13
CA GLN E 230 -8.76 41.79 52.56
C GLN E 230 -10.16 41.57 53.10
N ARG E 231 -11.17 41.51 52.23
CA ARG E 231 -12.48 41.03 52.66
C ARG E 231 -12.46 39.52 52.86
N ASP E 232 -11.76 38.80 51.98
CA ASP E 232 -11.60 37.36 52.13
C ASP E 232 -10.90 37.02 53.45
N LEU E 233 -9.81 37.73 53.74
CA LEU E 233 -9.08 37.48 54.98
C LEU E 233 -9.96 37.75 56.19
N SER E 234 -10.79 38.80 56.13
CA SER E 234 -11.75 39.05 57.21
C SER E 234 -12.69 37.87 57.38
N ARG E 235 -13.18 37.31 56.28
CA ARG E 235 -14.02 36.12 56.37
C ARG E 235 -13.22 34.92 56.89
N MET E 236 -11.94 34.84 56.52
CA MET E 236 -11.11 33.75 57.02
C MET E 236 -10.79 33.92 58.50
N PHE E 237 -10.66 35.17 58.96
CA PHE E 237 -10.38 35.40 60.38
C PHE E 237 -11.60 35.06 61.23
N GLU E 238 -12.81 35.27 60.70
CA GLU E 238 -14.01 34.93 61.43
C GLU E 238 -14.15 33.42 61.62
N LYS E 239 -13.75 32.65 60.60
CA LYS E 239 -13.88 31.20 60.66
C LYS E 239 -12.83 30.56 61.57
N TYR E 240 -11.84 31.31 62.04
CA TYR E 240 -10.87 30.80 63.00
C TYR E 240 -11.44 30.97 64.41
N GLU E 241 -11.57 29.85 65.13
CA GLU E 241 -12.18 29.86 66.46
C GLU E 241 -11.16 29.92 67.59
N GLY E 242 -9.93 29.48 67.37
CA GLY E 242 -8.93 29.44 68.43
C GLY E 242 -8.58 30.81 68.96
N THR E 243 -7.84 30.80 70.06
CA THR E 243 -7.47 32.04 70.74
C THR E 243 -6.56 32.87 69.85
N ILE E 244 -6.43 34.16 70.19
CA ILE E 244 -5.72 35.09 69.33
C ILE E 244 -4.31 34.61 69.02
N PRO E 245 -3.50 34.19 69.99
CA PRO E 245 -2.36 33.32 69.67
C PRO E 245 -2.60 31.91 70.18
N PRO E 246 -2.19 30.90 69.43
CA PRO E 246 -2.40 29.52 69.90
C PRO E 246 -1.65 29.26 71.19
N LYS E 247 -2.37 28.78 72.20
CA LYS E 247 -1.82 28.51 73.52
C LYS E 247 -0.81 27.36 73.53
N GLN E 248 -0.37 26.86 72.38
CA GLN E 248 0.47 25.69 72.29
C GLN E 248 0.95 25.53 70.86
N GLN E 249 2.17 25.02 70.70
CA GLN E 249 2.67 24.72 69.37
C GLN E 249 2.13 23.38 68.91
N PRO E 250 1.53 23.30 67.72
CA PRO E 250 1.07 21.99 67.22
C PRO E 250 2.21 21.00 67.03
N ARG E 251 3.44 21.47 66.88
CA ARG E 251 4.60 20.60 66.74
C ARG E 251 5.76 21.19 67.53
N LEU E 252 6.50 20.33 68.22
CA LEU E 252 7.64 20.75 69.02
C LEU E 252 8.95 20.52 68.27
N PHE E 253 9.94 21.36 68.59
CA PHE E 253 11.29 21.11 68.13
C PHE E 253 11.88 19.92 68.87
N GLN E 254 13.08 19.50 68.43
CA GLN E 254 13.73 18.36 69.08
C GLN E 254 14.21 18.73 70.48
N TRP E 255 14.76 19.94 70.66
CA TRP E 255 15.24 20.35 71.97
C TRP E 255 14.12 20.61 72.96
N GLN E 256 12.89 20.79 72.48
CA GLN E 256 11.76 20.93 73.39
C GLN E 256 11.30 19.58 73.91
N LYS E 257 11.23 18.57 73.05
CA LYS E 257 10.83 17.23 73.46
C LYS E 257 11.87 16.56 74.36
N GLU E 258 13.06 17.15 74.48
CA GLU E 258 14.08 16.64 75.39
C GLU E 258 14.04 17.40 76.70
N GLN E 259 14.43 18.67 76.66
CA GLN E 259 14.48 19.49 77.87
C GLN E 259 14.13 20.95 77.57
N PRO E 301 33.41 -39.37 91.61
CA PRO E 301 33.36 -40.37 90.53
C PRO E 301 33.83 -41.73 91.00
N PHE E 302 33.41 -42.79 90.31
CA PHE E 302 33.90 -44.12 90.61
C PHE E 302 35.31 -44.35 90.06
N GLU E 303 36.01 -43.27 89.73
CA GLU E 303 37.37 -43.34 89.20
C GLU E 303 38.43 -43.25 90.29
N LEU E 304 38.13 -43.76 91.50
CA LEU E 304 39.12 -43.95 92.53
C LEU E 304 39.81 -45.30 92.42
N LEU E 305 39.77 -45.92 91.23
CA LEU E 305 40.30 -47.25 91.04
C LEU E 305 41.83 -47.24 91.08
N PRO E 306 42.44 -48.36 91.46
CA PRO E 306 43.90 -48.43 91.48
C PRO E 306 44.46 -48.47 90.07
N PRO E 307 45.39 -47.56 89.74
CA PRO E 307 45.95 -47.54 88.38
C PRO E 307 46.87 -48.72 88.15
N SER E 308 46.50 -49.57 87.20
CA SER E 308 47.33 -50.71 86.83
C SER E 308 48.39 -50.29 85.81
N VAL E 309 49.47 -51.06 85.75
CA VAL E 309 50.60 -50.79 84.88
C VAL E 309 50.66 -51.87 83.81
N ILE E 310 50.63 -51.45 82.55
CA ILE E 310 50.61 -52.39 81.43
C ILE E 310 51.79 -52.22 80.48
N LEU E 311 52.62 -51.20 80.65
CA LEU E 311 53.78 -51.06 79.78
C LEU E 311 54.85 -52.11 80.04
N ASP E 312 54.74 -52.87 81.14
CA ASP E 312 55.67 -53.96 81.39
C ASP E 312 55.32 -55.21 80.61
N LYS E 313 54.03 -55.46 80.37
CA LYS E 313 53.57 -56.71 79.80
C LYS E 313 53.97 -56.93 78.36
N PHE E 314 54.51 -55.91 77.69
CA PHE E 314 54.85 -56.03 76.28
C PHE E 314 55.96 -57.05 76.08
N PRO E 315 55.72 -58.15 75.36
CA PRO E 315 56.77 -59.15 75.16
C PRO E 315 57.84 -58.65 74.21
N ALA E 316 59.00 -59.31 74.29
CA ALA E 316 60.12 -58.95 73.43
C ALA E 316 59.78 -59.17 71.96
N ASP E 317 59.08 -60.26 71.64
CA ASP E 317 58.64 -60.52 70.28
C ASP E 317 57.38 -59.70 69.99
N PHE E 318 57.61 -58.40 69.80
CA PHE E 318 56.52 -57.50 69.48
C PHE E 318 56.94 -56.48 68.42
N GLN E 319 57.85 -55.57 68.80
CA GLN E 319 58.33 -54.57 67.85
C GLN E 319 58.87 -55.21 66.58
N THR E 320 59.44 -56.41 66.70
CA THR E 320 59.85 -57.16 65.52
C THR E 320 58.64 -57.71 64.77
N ARG E 321 57.68 -58.27 65.51
CA ARG E 321 56.52 -58.89 64.88
C ARG E 321 55.57 -57.85 64.30
N ILE E 322 55.33 -56.76 65.02
CA ILE E 322 54.47 -55.70 64.51
C ILE E 322 55.08 -54.99 63.32
N SER E 323 56.38 -55.19 63.07
CA SER E 323 57.02 -54.67 61.87
C SER E 323 57.46 -55.82 60.99
N SER E 324 56.50 -56.61 60.51
CA SER E 324 56.79 -57.81 59.73
C SER E 324 56.08 -57.76 58.39
N THR E 325 56.69 -58.42 57.40
CA THR E 325 56.07 -58.54 56.08
C THR E 325 54.90 -59.51 56.07
N LYS E 326 54.69 -60.24 57.15
CA LYS E 326 53.56 -61.17 57.26
C LYS E 326 52.44 -60.49 58.04
N TRP E 327 51.26 -60.42 57.44
CA TRP E 327 50.13 -59.77 58.08
C TRP E 327 49.75 -60.48 59.37
N LYS E 328 49.81 -61.81 59.38
CA LYS E 328 49.43 -62.59 60.56
C LYS E 328 50.22 -62.16 61.79
N ASP E 329 51.51 -61.87 61.61
CA ASP E 329 52.33 -61.43 62.74
C ASP E 329 51.85 -60.09 63.28
N ARG E 330 51.53 -59.14 62.40
CA ARG E 330 51.07 -57.84 62.85
C ARG E 330 49.68 -57.92 63.45
N VAL E 331 48.82 -58.77 62.90
CA VAL E 331 47.48 -58.92 63.45
C VAL E 331 47.52 -59.56 64.83
N GLU E 332 48.30 -60.65 64.96
CA GLU E 332 48.34 -61.36 66.24
C GLU E 332 49.07 -60.56 67.31
N ALA E 333 50.10 -59.81 66.93
CA ALA E 333 50.82 -59.00 67.90
C ALA E 333 49.92 -57.91 68.48
N LEU E 334 49.13 -57.25 67.62
CA LEU E 334 48.21 -56.23 68.10
C LEU E 334 47.07 -56.85 68.90
N GLU E 335 46.59 -58.02 68.48
CA GLU E 335 45.42 -58.61 69.10
C GLU E 335 45.72 -59.16 70.49
N GLU E 336 46.93 -59.69 70.70
CA GLU E 336 47.28 -60.23 72.00
C GLU E 336 47.37 -59.14 73.06
N ILE E 337 48.07 -58.05 72.74
CA ILE E 337 48.17 -56.94 73.69
C ILE E 337 46.82 -56.24 73.85
N HIS E 338 45.90 -56.40 72.89
CA HIS E 338 44.57 -55.81 73.05
C HIS E 338 43.71 -56.69 73.95
N ASN E 339 43.70 -58.00 73.71
CA ASN E 339 42.82 -58.89 74.45
C ASN E 339 43.39 -59.26 75.82
N ASN E 340 44.71 -59.32 75.97
CA ASN E 340 45.32 -59.78 77.21
C ASN E 340 45.88 -58.68 78.09
N VAL E 341 46.19 -57.52 77.52
CA VAL E 341 46.84 -56.44 78.25
C VAL E 341 45.91 -55.25 78.43
N LEU E 342 45.19 -54.86 77.37
CA LEU E 342 44.31 -53.70 77.44
C LEU E 342 42.87 -54.07 77.79
N LYS E 343 42.42 -55.26 77.37
CA LYS E 343 41.03 -55.64 77.62
C LYS E 343 40.75 -55.85 79.11
N PRO E 344 41.56 -56.61 79.87
CA PRO E 344 41.16 -56.92 81.25
C PRO E 344 41.54 -55.86 82.28
N VAL E 345 41.65 -54.59 81.86
CA VAL E 345 41.92 -53.49 82.77
C VAL E 345 40.87 -52.41 82.55
N LYS E 346 40.85 -51.45 83.48
CA LYS E 346 39.94 -50.32 83.39
C LYS E 346 40.55 -49.00 83.85
N LYS E 347 41.71 -49.01 84.50
CA LYS E 347 42.35 -47.79 84.99
C LYS E 347 43.86 -47.96 84.84
N LEU E 348 44.46 -47.21 83.92
CA LEU E 348 45.88 -47.31 83.65
C LEU E 348 46.66 -46.26 84.44
N ALA E 349 47.98 -46.40 84.43
CA ALA E 349 48.84 -45.54 85.25
C ALA E 349 49.11 -44.23 84.54
N HIS E 350 48.65 -43.13 85.15
CA HIS E 350 48.82 -41.80 84.57
C HIS E 350 50.22 -41.24 84.82
N LYS E 351 50.87 -41.65 85.90
CA LYS E 351 52.15 -41.10 86.31
C LYS E 351 53.28 -42.09 86.00
N ASN E 352 54.41 -41.54 85.55
CA ASN E 352 55.63 -42.33 85.31
C ASN E 352 55.42 -43.39 84.24
N GLN E 353 54.60 -43.08 83.24
CA GLN E 353 54.36 -43.99 82.12
C GLN E 353 54.25 -43.16 80.84
N ASP E 354 55.14 -43.44 79.89
CA ASP E 354 55.16 -42.73 78.61
C ASP E 354 54.63 -43.69 77.55
N TYR E 355 53.32 -43.64 77.32
CA TYR E 355 52.68 -44.46 76.30
C TYR E 355 52.92 -43.95 74.88
N SER E 356 53.63 -42.82 74.73
CA SER E 356 53.79 -42.23 73.40
C SER E 356 54.58 -43.14 72.47
N ASP E 357 55.45 -43.99 73.03
CA ASP E 357 56.16 -44.95 72.20
C ASP E 357 55.21 -46.02 71.65
N TYR E 358 54.21 -46.40 72.45
CA TYR E 358 53.22 -47.37 72.00
C TYR E 358 52.18 -46.74 71.08
N LEU E 359 51.81 -45.49 71.35
CA LEU E 359 50.76 -44.86 70.55
C LEU E 359 51.21 -44.63 69.11
N ARG E 360 52.48 -44.31 68.89
CA ARG E 360 52.93 -44.02 67.54
C ARG E 360 53.07 -45.27 66.67
N VAL E 361 53.26 -46.44 67.29
CA VAL E 361 53.26 -47.67 66.50
C VAL E 361 51.83 -48.08 66.15
N LEU E 362 50.83 -47.60 66.89
CA LEU E 362 49.44 -47.81 66.49
C LEU E 362 49.08 -46.91 65.32
N ALA E 363 49.48 -45.64 65.39
CA ALA E 363 49.21 -44.71 64.29
C ALA E 363 49.93 -45.14 63.01
N ASN E 364 51.08 -45.80 63.13
CA ASN E 364 51.79 -46.24 61.95
C ASN E 364 51.03 -47.32 61.20
N VAL E 365 50.37 -48.23 61.92
CA VAL E 365 49.59 -49.26 61.25
C VAL E 365 48.20 -48.75 60.90
N ILE E 366 47.66 -47.81 61.66
CA ILE E 366 46.37 -47.21 61.29
C ILE E 366 46.50 -46.46 59.97
N GLN E 367 47.54 -45.63 59.86
CA GLN E 367 47.68 -44.79 58.67
C GLN E 367 48.17 -45.56 57.45
N LYS E 368 49.13 -46.47 57.64
CA LYS E 368 49.88 -47.01 56.51
C LYS E 368 49.72 -48.52 56.29
N ASP E 369 49.29 -49.28 57.28
CA ASP E 369 49.18 -50.73 57.09
C ASP E 369 48.03 -51.05 56.15
N ALA E 370 48.32 -51.87 55.13
CA ALA E 370 47.30 -52.26 54.17
C ALA E 370 46.31 -53.27 54.74
N ASN E 371 46.70 -54.00 55.78
CA ASN E 371 45.80 -54.96 56.41
C ASN E 371 44.72 -54.20 57.18
N VAL E 372 43.52 -54.17 56.61
CA VAL E 372 42.41 -53.46 57.23
C VAL E 372 42.03 -54.11 58.55
N GLN E 373 42.31 -55.41 58.71
CA GLN E 373 42.02 -56.10 59.97
C GLN E 373 42.83 -55.51 61.11
N ALA E 374 44.13 -55.29 60.90
CA ALA E 374 44.97 -54.73 61.94
C ALA E 374 44.57 -53.29 62.25
N VAL E 375 44.17 -52.53 61.24
CA VAL E 375 43.72 -51.16 61.45
C VAL E 375 42.55 -51.12 62.42
N THR E 376 41.66 -52.10 62.33
CA THR E 376 40.51 -52.18 63.23
C THR E 376 40.96 -52.44 64.66
N ILE E 377 41.74 -53.52 64.86
CA ILE E 377 42.14 -53.91 66.21
C ILE E 377 43.11 -52.90 66.82
N ALA E 378 43.79 -52.11 65.99
CA ALA E 378 44.69 -51.10 66.54
C ALA E 378 43.95 -49.85 66.98
N ALA E 379 42.99 -49.39 66.16
CA ALA E 379 42.18 -48.24 66.55
C ALA E 379 41.37 -48.52 67.80
N ASN E 380 40.92 -49.77 67.98
CA ASN E 380 40.21 -50.13 69.19
C ASN E 380 41.10 -49.96 70.42
N SER E 381 42.38 -50.28 70.29
CA SER E 381 43.31 -50.11 71.40
C SER E 381 43.47 -48.63 71.74
N VAL E 382 43.48 -47.76 70.73
CA VAL E 382 43.53 -46.33 70.97
C VAL E 382 42.32 -45.88 71.79
N GLN E 383 41.13 -46.34 71.37
CA GLN E 383 39.92 -46.04 72.12
C GLN E 383 40.00 -46.55 73.55
N LEU E 384 40.55 -47.75 73.74
CA LEU E 384 40.68 -48.31 75.08
C LEU E 384 41.69 -47.53 75.92
N LEU E 385 42.76 -47.05 75.28
CA LEU E 385 43.77 -46.28 76.01
C LEU E 385 43.17 -44.98 76.54
N CYS E 386 42.70 -44.11 75.65
CA CYS E 386 42.18 -42.83 76.09
C CYS E 386 40.90 -42.96 76.91
N ASN E 387 40.24 -44.12 76.86
CA ASN E 387 39.13 -44.37 77.77
C ASN E 387 39.65 -44.70 79.17
N SER E 388 40.54 -45.68 79.28
CA SER E 388 41.11 -46.08 80.57
C SER E 388 42.18 -45.11 81.06
N LEU E 389 42.52 -44.09 80.29
CA LEU E 389 43.45 -43.05 80.71
C LEU E 389 42.77 -41.69 80.58
N ARG E 390 41.78 -41.46 81.44
CA ARG E 390 41.12 -40.15 81.46
C ARG E 390 42.11 -39.05 81.83
N SER E 391 42.03 -37.95 81.10
CA SER E 391 42.90 -36.78 81.33
C SER E 391 44.39 -37.19 81.22
N ASN E 392 44.73 -37.75 80.08
CA ASN E 392 46.09 -38.19 79.79
C ASN E 392 46.60 -37.65 78.46
N PHE E 393 45.74 -37.52 77.45
CA PHE E 393 46.14 -37.11 76.11
C PHE E 393 46.19 -35.58 76.05
N THR E 394 47.14 -35.02 76.80
CA THR E 394 47.24 -33.56 76.88
C THR E 394 47.54 -32.95 75.52
N ARG E 395 48.68 -33.33 74.92
CA ARG E 395 49.04 -32.83 73.61
C ARG E 395 49.69 -33.94 72.77
N SER E 396 50.78 -34.51 73.29
CA SER E 396 51.53 -35.50 72.52
C SER E 396 50.72 -36.76 72.29
N TYR E 397 50.09 -37.29 73.35
CA TYR E 397 49.28 -38.50 73.19
C TYR E 397 48.08 -38.26 72.28
N GLY E 398 47.46 -37.08 72.40
CA GLY E 398 46.28 -36.81 71.60
C GLY E 398 46.59 -36.58 70.13
N ALA E 399 47.72 -35.94 69.85
CA ALA E 399 48.10 -35.59 68.48
C ALA E 399 48.81 -36.73 67.75
N ILE E 400 49.42 -37.66 68.47
CA ILE E 400 50.14 -38.75 67.82
C ILE E 400 49.20 -39.70 67.08
N VAL E 401 47.90 -39.68 67.40
CA VAL E 401 46.93 -40.58 66.77
C VAL E 401 45.82 -39.84 66.04
N LEU E 402 45.65 -38.53 66.25
CA LEU E 402 44.49 -37.84 65.71
C LEU E 402 44.46 -37.88 64.18
N VAL E 403 45.49 -37.34 63.55
CA VAL E 403 45.52 -37.20 62.09
C VAL E 403 45.64 -38.55 61.39
N PRO E 404 46.30 -39.57 61.94
CA PRO E 404 46.19 -40.90 61.31
C PRO E 404 44.79 -41.47 61.36
N LEU E 405 44.02 -41.17 62.41
CA LEU E 405 42.62 -41.61 62.46
C LEU E 405 41.77 -40.88 61.42
N LEU E 406 41.97 -39.57 61.28
CA LEU E 406 41.21 -38.81 60.29
C LEU E 406 41.54 -39.26 58.87
N GLU E 407 42.82 -39.50 58.59
CA GLU E 407 43.19 -39.98 57.26
C GLU E 407 42.57 -41.34 56.97
N ARG E 408 42.55 -42.23 57.97
CA ARG E 408 42.05 -43.58 57.77
C ARG E 408 40.52 -43.67 57.79
N THR E 409 39.82 -42.54 57.92
CA THR E 409 38.36 -42.55 57.75
C THR E 409 37.95 -42.92 56.33
N LYS E 410 38.92 -43.05 55.41
CA LYS E 410 38.62 -43.45 54.04
C LYS E 410 38.03 -44.85 53.97
N GLU E 411 38.34 -45.70 54.95
CA GLU E 411 37.88 -47.08 54.92
C GLU E 411 36.37 -47.13 55.07
N LYS E 412 35.72 -47.93 54.20
CA LYS E 412 34.27 -47.95 54.12
C LYS E 412 33.62 -49.17 54.76
N LYS E 413 34.39 -50.18 55.13
CA LYS E 413 33.82 -51.34 55.80
C LYS E 413 33.22 -50.90 57.14
N PRO E 414 31.95 -51.21 57.41
CA PRO E 414 31.29 -50.65 58.60
C PRO E 414 31.99 -50.98 59.90
N SER E 415 32.58 -52.18 60.01
CA SER E 415 33.29 -52.53 61.23
C SER E 415 34.52 -51.65 61.43
N VAL E 416 35.18 -51.28 60.34
CA VAL E 416 36.39 -50.47 60.42
C VAL E 416 36.05 -49.01 60.68
N ASN E 417 35.10 -48.47 59.94
CA ASN E 417 34.65 -47.11 60.19
C ASN E 417 34.07 -46.96 61.60
N GLU E 418 33.49 -48.03 62.14
CA GLU E 418 33.02 -48.01 63.52
C GLU E 418 34.18 -47.89 64.49
N ALA E 419 35.26 -48.64 64.26
CA ALA E 419 36.39 -48.62 65.18
C ALA E 419 37.13 -47.29 65.14
N ILE E 420 37.33 -46.74 63.95
CA ILE E 420 38.10 -45.51 63.82
C ILE E 420 37.30 -44.32 64.36
N CYS E 421 35.98 -44.31 64.13
CA CYS E 421 35.16 -43.21 64.61
C CYS E 421 35.05 -43.24 66.14
N SER E 422 34.79 -44.42 66.71
CA SER E 422 34.65 -44.52 68.16
C SER E 422 35.92 -44.09 68.88
N ALA E 423 37.09 -44.36 68.29
CA ALA E 423 38.33 -43.86 68.86
C ALA E 423 38.44 -42.35 68.68
N LEU E 424 38.01 -41.84 67.52
CA LEU E 424 37.97 -40.39 67.33
C LEU E 424 37.01 -39.72 68.32
N ASP E 425 35.92 -40.41 68.66
CA ASP E 425 35.02 -39.87 69.68
C ASP E 425 35.67 -39.93 71.06
N ALA E 426 36.43 -41.00 71.33
CA ALA E 426 37.03 -41.15 72.64
C ALA E 426 38.18 -40.17 72.85
N VAL E 427 38.95 -39.86 71.80
CA VAL E 427 39.98 -38.85 71.94
C VAL E 427 39.39 -37.45 72.02
N ALA E 428 38.18 -37.26 71.48
CA ALA E 428 37.54 -35.95 71.53
C ALA E 428 36.94 -35.64 72.90
N THR E 429 36.45 -36.67 73.60
CA THR E 429 35.84 -36.45 74.91
C THR E 429 36.85 -36.00 75.95
N TYR E 430 38.14 -36.22 75.71
CA TYR E 430 39.19 -35.75 76.61
C TYR E 430 40.09 -34.69 76.01
N CYS E 431 39.93 -34.38 74.71
CA CYS E 431 40.60 -33.27 74.03
C CYS E 431 39.53 -32.67 73.11
N GLY E 432 38.66 -31.86 73.70
CA GLY E 432 37.52 -31.30 73.00
C GLY E 432 37.84 -30.67 71.66
N PHE E 433 38.66 -29.62 71.67
CA PHE E 433 39.03 -28.94 70.43
C PHE E 433 40.46 -28.44 70.52
N ASP E 434 41.35 -29.27 71.07
CA ASP E 434 42.78 -28.95 71.13
C ASP E 434 43.33 -28.86 69.72
N ASP E 435 43.57 -30.02 69.10
CA ASP E 435 43.91 -30.07 67.68
C ASP E 435 42.71 -30.41 66.82
N CYS E 436 41.70 -31.08 67.38
CA CYS E 436 40.58 -31.61 66.62
C CYS E 436 39.93 -30.56 65.73
N LEU E 437 39.35 -29.53 66.35
CA LEU E 437 38.65 -28.49 65.60
C LEU E 437 39.48 -28.00 64.42
N GLU E 438 40.73 -27.59 64.69
CA GLU E 438 41.57 -27.08 63.61
C GLU E 438 41.94 -28.18 62.63
N GLU E 439 42.15 -29.41 63.11
CA GLU E 439 42.57 -30.49 62.24
C GLU E 439 41.39 -31.14 61.52
N THR E 440 40.21 -31.16 62.15
CA THR E 440 39.05 -31.74 61.49
C THR E 440 38.60 -30.90 60.31
N LEU E 441 38.63 -29.56 60.45
CA LEU E 441 38.27 -28.70 59.34
C LEU E 441 39.17 -28.91 58.14
N ASN E 442 40.43 -29.29 58.38
CA ASN E 442 41.36 -29.52 57.28
C ASN E 442 40.92 -30.71 56.43
N TYR E 443 40.37 -31.75 57.06
CA TYR E 443 40.01 -32.97 56.36
C TYR E 443 38.58 -32.98 55.86
N MET E 444 37.80 -31.94 56.17
CA MET E 444 36.55 -31.73 55.43
C MET E 444 36.82 -31.17 54.05
N LYS E 445 37.99 -30.56 53.86
CA LYS E 445 38.42 -30.06 52.56
C LYS E 445 39.41 -31.02 51.89
N HIS E 446 39.31 -32.31 52.21
CA HIS E 446 40.17 -33.33 51.64
C HIS E 446 39.59 -33.82 50.33
N LYS E 447 40.47 -34.33 49.46
CA LYS E 447 40.07 -34.71 48.11
C LYS E 447 39.15 -35.92 48.08
N THR E 448 39.20 -36.79 49.09
CA THR E 448 38.41 -38.01 49.06
C THR E 448 37.00 -37.74 49.60
N PRO E 449 35.96 -38.16 48.88
CA PRO E 449 34.59 -37.91 49.37
C PRO E 449 34.26 -38.65 50.65
N GLN E 450 34.88 -39.80 50.90
CA GLN E 450 34.54 -40.58 52.10
C GLN E 450 35.06 -39.90 53.36
N VAL E 451 36.32 -39.44 53.34
CA VAL E 451 36.86 -38.73 54.49
C VAL E 451 36.17 -37.39 54.70
N ARG E 452 35.49 -36.86 53.69
CA ARG E 452 34.75 -35.63 53.87
C ARG E 452 33.49 -35.86 54.69
N ILE E 453 32.74 -36.92 54.37
CA ILE E 453 31.50 -37.16 55.09
C ILE E 453 31.76 -37.63 56.52
N GLU E 454 32.86 -38.36 56.74
CA GLU E 454 33.11 -38.89 58.08
C GLU E 454 33.68 -37.84 59.00
N CYS E 455 34.62 -37.02 58.51
CA CYS E 455 35.13 -35.92 59.32
C CYS E 455 34.05 -34.88 59.60
N THR E 456 33.12 -34.69 58.66
CA THR E 456 32.02 -33.77 58.91
C THR E 456 31.06 -34.33 59.95
N LYS E 457 30.72 -35.62 59.84
CA LYS E 457 29.92 -36.26 60.88
C LYS E 457 30.64 -36.17 62.23
N PHE E 458 31.97 -36.26 62.23
CA PHE E 458 32.71 -36.25 63.48
C PHE E 458 32.63 -34.89 64.17
N LEU E 459 32.60 -33.80 63.39
CA LEU E 459 32.42 -32.48 63.99
C LEU E 459 31.05 -32.36 64.65
N THR E 460 30.01 -32.84 63.97
CA THR E 460 28.67 -32.89 64.54
C THR E 460 28.68 -33.59 65.90
N ARG E 461 29.43 -34.70 66.00
CA ARG E 461 29.51 -35.43 67.26
C ARG E 461 30.11 -34.55 68.35
N MET E 462 31.29 -33.97 68.09
CA MET E 462 31.89 -33.05 69.04
C MET E 462 31.01 -31.83 69.26
N LEU E 463 30.36 -31.35 68.21
CA LEU E 463 29.49 -30.19 68.33
C LEU E 463 28.28 -30.50 69.20
N GLN E 464 27.77 -31.73 69.13
CA GLN E 464 26.63 -32.11 69.97
C GLN E 464 27.03 -32.08 71.44
N GLY E 465 28.08 -32.80 71.81
CA GLY E 465 28.55 -32.80 73.17
C GLY E 465 29.44 -31.61 73.51
N TRP E 466 29.20 -30.47 72.87
CA TRP E 466 29.96 -29.26 73.14
C TRP E 466 29.33 -28.56 74.34
N LYS E 467 29.96 -28.69 75.51
CA LYS E 467 29.54 -27.97 76.69
C LYS E 467 30.50 -26.84 77.05
N SER E 468 31.77 -26.94 76.64
CA SER E 468 32.76 -25.90 76.86
C SER E 468 32.96 -25.59 78.33
N ASP E 469 33.64 -24.48 78.62
CA ASP E 469 33.78 -23.98 79.98
C ASP E 469 33.10 -22.64 80.21
N GLY E 470 32.89 -21.84 79.15
CA GLY E 470 32.20 -20.58 79.27
C GLY E 470 33.12 -19.45 79.70
N PRO E 471 32.55 -18.23 79.84
CA PRO E 471 31.15 -17.93 79.52
C PRO E 471 30.91 -17.83 78.03
N LEU E 472 31.80 -17.18 77.31
CA LEU E 472 31.70 -17.03 75.86
C LEU E 472 33.11 -16.88 75.29
N GLN E 473 33.20 -16.59 73.99
CA GLN E 473 34.43 -16.32 73.25
C GLN E 473 35.33 -17.54 73.10
N ASN E 474 34.78 -18.75 73.21
CA ASN E 474 35.56 -19.96 73.07
C ASN E 474 36.16 -20.06 71.66
N GLN E 475 37.03 -21.07 71.49
CA GLN E 475 37.69 -21.29 70.21
C GLN E 475 36.69 -21.50 69.09
N LEU E 476 35.49 -21.97 69.40
CA LEU E 476 34.49 -22.21 68.36
C LEU E 476 33.92 -20.89 67.84
N LEU E 477 33.69 -19.92 68.72
CA LEU E 477 33.04 -18.68 68.31
C LEU E 477 33.92 -17.86 67.38
N PHE E 478 35.20 -17.70 67.74
CA PHE E 478 36.10 -16.90 66.90
C PHE E 478 36.39 -17.58 65.57
N LYS E 479 36.17 -18.88 65.46
CA LYS E 479 36.29 -19.59 64.19
C LYS E 479 34.92 -19.88 63.56
N LEU E 480 33.83 -19.43 64.18
CA LEU E 480 32.49 -19.73 63.70
C LEU E 480 32.36 -19.41 62.21
N LEU E 481 32.51 -18.15 61.85
CA LEU E 481 32.39 -17.78 60.44
C LEU E 481 33.72 -17.69 59.71
N PRO E 482 34.84 -17.30 60.35
CA PRO E 482 36.11 -17.26 59.59
C PRO E 482 36.50 -18.59 58.98
N GLU E 483 36.30 -19.70 59.69
CA GLU E 483 36.74 -20.99 59.17
C GLU E 483 35.69 -22.08 59.27
N VAL E 484 34.94 -22.14 60.38
CA VAL E 484 34.06 -23.30 60.61
C VAL E 484 32.87 -23.25 59.66
N THR E 485 32.16 -22.12 59.61
CA THR E 485 31.01 -22.06 58.71
C THR E 485 31.43 -22.13 57.25
N THR E 486 32.67 -21.76 56.94
CA THR E 486 33.16 -21.85 55.57
C THR E 486 33.44 -23.30 55.19
N ALA E 487 34.00 -24.09 56.10
CA ALA E 487 34.24 -25.50 55.83
C ALA E 487 32.95 -26.28 55.74
N VAL E 488 31.93 -25.90 56.52
CA VAL E 488 30.64 -26.60 56.47
C VAL E 488 29.94 -26.30 55.16
N LEU E 489 30.08 -25.07 54.64
CA LEU E 489 29.41 -24.71 53.39
C LEU E 489 29.95 -25.53 52.22
N LYS E 490 31.25 -25.85 52.24
CA LYS E 490 31.81 -26.69 51.19
C LYS E 490 31.13 -28.06 51.17
N ILE E 491 30.78 -28.58 52.34
CA ILE E 491 30.06 -29.85 52.40
C ILE E 491 28.61 -29.64 51.98
N VAL E 492 28.01 -28.51 52.38
CA VAL E 492 26.63 -28.22 52.01
C VAL E 492 26.49 -28.08 50.50
N ASN E 493 27.52 -27.60 49.82
CA ASN E 493 27.48 -27.43 48.36
C ASN E 493 28.36 -28.45 47.64
N ASP E 494 28.51 -29.64 48.23
CA ASP E 494 29.27 -30.70 47.57
C ASP E 494 28.45 -31.29 46.41
N THR E 495 29.16 -31.91 45.48
CA THR E 495 28.48 -32.48 44.31
C THR E 495 27.68 -33.73 44.68
N GLN E 496 28.03 -34.42 45.78
CA GLN E 496 27.34 -35.67 46.08
C GLN E 496 26.21 -35.43 47.08
N PRO E 497 25.11 -36.20 46.96
CA PRO E 497 23.95 -35.98 47.83
C PRO E 497 24.19 -36.36 49.28
N THR E 498 24.70 -37.57 49.51
CA THR E 498 24.95 -38.02 50.88
C THR E 498 25.94 -37.10 51.59
N THR E 499 26.92 -36.55 50.86
CA THR E 499 27.85 -35.61 51.46
C THR E 499 27.11 -34.34 51.90
N ARG E 500 26.34 -33.74 50.99
CA ARG E 500 25.55 -32.56 51.35
C ARG E 500 24.63 -32.86 52.52
N ASN E 501 24.06 -34.06 52.56
CA ASN E 501 23.17 -34.43 53.66
C ASN E 501 23.88 -34.36 55.00
N THR E 502 25.18 -34.65 55.03
CA THR E 502 25.95 -34.50 56.26
C THR E 502 26.09 -33.03 56.64
N GLY E 503 26.43 -32.18 55.66
CA GLY E 503 26.58 -30.76 55.95
C GLY E 503 25.28 -30.09 56.36
N PHE E 504 24.15 -30.56 55.81
CA PHE E 504 22.85 -30.02 56.23
C PHE E 504 22.63 -30.26 57.71
N GLU E 505 22.90 -31.48 58.19
CA GLU E 505 22.84 -31.75 59.61
C GLU E 505 23.86 -30.91 60.36
N CYS E 506 25.12 -30.96 59.94
CA CYS E 506 26.19 -30.24 60.64
C CYS E 506 25.87 -28.75 60.74
N PHE E 507 25.27 -28.17 59.70
CA PHE E 507 24.86 -26.78 59.78
C PHE E 507 23.71 -26.60 60.77
N ALA E 508 22.72 -27.50 60.72
CA ALA E 508 21.59 -27.42 61.64
C ALA E 508 22.03 -27.68 63.08
N THR E 509 22.97 -28.61 63.28
CA THR E 509 23.54 -28.80 64.61
C THR E 509 24.29 -27.56 65.08
N LEU E 510 24.77 -26.73 64.15
CA LEU E 510 25.46 -25.51 64.52
C LEU E 510 24.46 -24.43 64.92
N MET E 511 23.38 -24.27 64.13
CA MET E 511 22.33 -23.33 64.49
C MET E 511 21.66 -23.70 65.81
N LYS E 512 21.80 -24.95 66.25
CA LYS E 512 21.24 -25.33 67.55
C LYS E 512 22.04 -24.72 68.69
N LEU E 513 23.36 -24.61 68.53
CA LEU E 513 24.21 -24.05 69.57
C LEU E 513 24.12 -22.54 69.61
N VAL E 514 24.39 -21.88 68.48
CA VAL E 514 24.38 -20.43 68.39
C VAL E 514 23.07 -19.99 67.75
N GLY E 515 22.50 -18.89 68.25
CA GLY E 515 21.24 -18.36 67.77
C GLY E 515 21.09 -18.36 66.26
N GLU E 516 19.93 -18.85 65.78
CA GLU E 516 19.74 -19.03 64.35
C GLU E 516 19.82 -17.72 63.57
N ARG E 517 19.59 -16.58 64.22
CA ARG E 517 19.73 -15.29 63.53
C ARG E 517 21.18 -14.91 63.33
N GLU E 518 22.10 -15.45 64.15
CA GLU E 518 23.51 -15.14 63.98
C GLU E 518 24.07 -15.70 62.68
N LEU E 519 23.49 -16.80 62.20
CA LEU E 519 23.92 -17.42 60.95
C LEU E 519 22.93 -17.21 59.82
N ALA E 520 22.01 -16.25 59.96
CA ALA E 520 21.10 -15.93 58.88
C ALA E 520 21.83 -15.28 57.71
N ASP E 521 22.98 -14.65 57.95
CA ASP E 521 23.73 -14.02 56.85
C ASP E 521 24.24 -15.03 55.85
N PRO E 522 24.94 -16.11 56.23
CA PRO E 522 25.31 -17.12 55.22
C PRO E 522 24.15 -17.98 54.76
N LEU E 523 23.03 -17.96 55.48
CA LEU E 523 21.86 -18.72 55.05
C LEU E 523 21.23 -18.15 53.79
N GLU E 524 21.34 -16.84 53.57
CA GLU E 524 20.69 -16.22 52.43
C GLU E 524 21.45 -16.44 51.13
N LYS E 525 22.76 -16.66 51.21
CA LYS E 525 23.54 -17.02 50.02
C LYS E 525 23.19 -18.41 49.50
N LEU E 526 22.51 -19.22 50.30
CA LEU E 526 22.17 -20.59 49.93
C LEU E 526 20.87 -20.64 49.15
N ASP E 527 20.73 -21.73 48.39
CA ASP E 527 19.47 -21.97 47.68
C ASP E 527 18.31 -22.05 48.66
N ASN E 528 17.13 -21.66 48.20
CA ASN E 528 15.93 -21.86 49.00
C ASN E 528 15.71 -23.35 49.26
N LEU E 529 16.20 -24.21 48.37
CA LEU E 529 16.09 -25.65 48.56
C LEU E 529 17.01 -26.13 49.66
N LYS E 530 18.29 -25.76 49.59
CA LYS E 530 19.24 -26.15 50.63
C LYS E 530 18.89 -25.55 51.98
N LYS E 531 18.09 -24.46 51.99
CA LYS E 531 17.61 -23.92 53.25
C LYS E 531 16.56 -24.83 53.88
N LYS E 532 15.79 -25.55 53.06
CA LYS E 532 14.74 -26.40 53.62
C LYS E 532 15.30 -27.73 54.11
N LYS E 533 16.37 -28.23 53.48
CA LYS E 533 17.05 -29.42 54.00
C LYS E 533 17.83 -29.13 55.26
N ILE E 534 18.25 -27.87 55.45
CA ILE E 534 18.93 -27.48 56.68
C ILE E 534 17.94 -27.30 57.81
N TYR E 535 16.86 -26.55 57.54
CA TYR E 535 15.75 -26.48 58.49
C TYR E 535 15.13 -27.85 58.76
N GLU E 536 15.31 -28.79 57.83
CA GLU E 536 14.83 -30.16 58.04
C GLU E 536 15.48 -30.79 59.25
N TYR E 537 16.81 -30.75 59.30
CA TYR E 537 17.53 -31.35 60.42
C TYR E 537 17.36 -30.54 61.70
N TYR E 538 17.10 -29.24 61.58
CA TYR E 538 16.99 -28.40 62.77
C TYR E 538 15.86 -28.85 63.69
N GLU E 539 14.82 -29.47 63.13
CA GLU E 539 13.75 -30.00 63.97
C GLU E 539 14.19 -31.28 64.67
N LYS E 540 15.00 -32.11 64.00
CA LYS E 540 15.42 -33.38 64.57
C LYS E 540 16.60 -33.23 65.51
N VAL E 541 17.50 -32.30 65.23
CA VAL E 541 18.74 -32.15 66.00
C VAL E 541 18.46 -31.51 67.35
N GLU E 542 19.17 -31.98 68.38
CA GLU E 542 19.18 -31.34 69.67
C GLU E 542 20.57 -31.46 70.30
N VAL E 543 20.81 -30.63 71.31
CA VAL E 543 22.11 -30.48 71.96
C VAL E 543 23.18 -30.11 70.92
N THR F 14 31.96 -87.09 68.27
CA THR F 14 31.25 -85.84 68.00
C THR F 14 31.80 -84.70 68.86
N ASP F 15 31.47 -83.46 68.48
CA ASP F 15 31.87 -82.29 69.26
C ASP F 15 30.64 -81.58 69.81
N ALA F 16 30.72 -80.25 69.98
CA ALA F 16 29.57 -79.49 70.44
C ALA F 16 28.48 -79.40 69.37
N SER F 17 28.81 -79.70 68.12
CA SER F 17 27.85 -79.64 67.03
C SER F 17 27.30 -81.00 66.60
N GLY F 18 27.91 -82.09 67.06
CA GLY F 18 27.54 -83.42 66.61
C GLY F 18 28.26 -83.89 65.37
N LEU F 19 29.18 -83.09 64.83
CA LEU F 19 29.92 -83.49 63.65
C LEU F 19 30.91 -84.59 63.99
N THR F 20 30.90 -85.65 63.21
CA THR F 20 31.79 -86.79 63.36
C THR F 20 32.98 -86.64 62.43
N PRO F 21 34.04 -87.42 62.63
CA PRO F 21 35.12 -87.46 61.62
C PRO F 21 34.63 -87.85 60.24
N LEU F 22 33.49 -88.54 60.15
CA LEU F 22 32.94 -88.94 58.85
C LEU F 22 32.26 -87.78 58.16
N HIS F 23 31.53 -86.94 58.91
CA HIS F 23 30.96 -85.72 58.33
C HIS F 23 32.04 -84.89 57.66
N LEU F 24 33.10 -84.57 58.40
CA LEU F 24 34.11 -83.64 57.93
C LEU F 24 35.02 -84.26 56.87
N ALA F 25 35.21 -85.57 56.90
CA ALA F 25 35.95 -86.23 55.83
C ALA F 25 35.13 -86.28 54.55
N ALA F 26 33.83 -86.55 54.66
CA ALA F 26 32.96 -86.57 53.50
C ALA F 26 32.68 -85.17 52.95
N THR F 27 32.87 -84.12 53.75
CA THR F 27 32.65 -82.76 53.28
C THR F 27 33.81 -82.27 52.44
N TYR F 28 35.04 -82.47 52.92
CA TYR F 28 36.23 -81.89 52.31
C TYR F 28 37.07 -82.93 51.56
N GLY F 29 36.40 -83.91 50.95
CA GLY F 29 37.03 -84.82 50.00
C GLY F 29 38.21 -85.61 50.52
N HIS F 30 38.05 -86.26 51.67
CA HIS F 30 39.08 -87.09 52.27
C HIS F 30 38.67 -88.55 52.09
N LEU F 31 38.85 -89.06 50.87
CA LEU F 31 38.36 -90.40 50.55
C LEU F 31 39.08 -91.45 51.37
N GLU F 32 40.41 -91.37 51.45
CA GLU F 32 41.18 -92.34 52.22
C GLU F 32 40.75 -92.33 53.69
N ILE F 33 40.42 -91.16 54.22
CA ILE F 33 39.95 -91.07 55.60
C ILE F 33 38.55 -91.65 55.72
N VAL F 34 37.73 -91.53 54.68
CA VAL F 34 36.38 -92.08 54.72
C VAL F 34 36.41 -93.60 54.66
N GLU F 35 37.10 -94.16 53.66
CA GLU F 35 37.14 -95.61 53.50
C GLU F 35 37.67 -96.31 54.74
N VAL F 36 38.56 -95.65 55.48
CA VAL F 36 39.13 -96.25 56.69
C VAL F 36 38.12 -96.20 57.83
N LEU F 37 37.53 -95.03 58.07
CA LEU F 37 36.53 -94.90 59.14
C LEU F 37 35.36 -95.85 58.92
N LEU F 38 34.99 -96.12 57.67
CA LEU F 38 33.88 -97.02 57.39
C LEU F 38 34.27 -98.48 57.56
N LYS F 39 35.53 -98.82 57.26
CA LYS F 39 35.99 -100.19 57.50
C LYS F 39 35.92 -100.54 58.98
N HIS F 40 36.27 -99.60 59.85
CA HIS F 40 36.26 -99.81 61.29
C HIS F 40 34.95 -99.38 61.94
N GLY F 41 33.87 -99.30 61.17
CA GLY F 41 32.53 -99.17 61.72
C GLY F 41 32.14 -97.80 62.23
N ALA F 42 32.18 -96.80 61.36
CA ALA F 42 31.67 -95.48 61.68
C ALA F 42 30.24 -95.36 61.17
N ASP F 43 29.35 -94.84 62.02
CA ASP F 43 27.94 -94.74 61.65
C ASP F 43 27.78 -93.86 60.43
N VAL F 44 27.27 -94.44 59.33
CA VAL F 44 27.11 -93.69 58.10
C VAL F 44 25.97 -92.68 58.23
N ASN F 45 24.92 -93.01 58.98
CA ASN F 45 23.75 -92.16 59.13
C ASN F 45 23.86 -91.21 60.32
N ALA F 46 25.08 -90.96 60.81
CA ALA F 46 25.26 -90.03 61.92
C ALA F 46 24.85 -88.62 61.50
N ILE F 47 24.01 -87.99 62.31
CA ILE F 47 23.52 -86.64 62.03
C ILE F 47 24.17 -85.68 62.99
N ASP F 48 24.36 -84.45 62.54
CA ASP F 48 24.83 -83.38 63.41
C ASP F 48 23.63 -82.69 64.04
N ILE F 49 23.86 -81.52 64.65
CA ILE F 49 22.78 -80.80 65.31
C ILE F 49 21.76 -80.29 64.31
N MET F 50 22.10 -80.24 63.02
CA MET F 50 21.20 -79.77 61.98
C MET F 50 20.62 -80.90 61.14
N GLY F 51 20.88 -82.15 61.50
CA GLY F 51 20.35 -83.28 60.76
C GLY F 51 21.10 -83.64 59.50
N SER F 52 22.31 -83.11 59.30
CA SER F 52 23.09 -83.39 58.12
C SER F 52 23.84 -84.71 58.31
N THR F 53 23.62 -85.65 57.38
CA THR F 53 24.37 -86.89 57.35
C THR F 53 25.62 -86.70 56.50
N PRO F 54 26.63 -87.57 56.66
CA PRO F 54 27.81 -87.48 55.78
C PRO F 54 27.47 -87.60 54.30
N LEU F 55 26.33 -88.19 53.96
CA LEU F 55 25.91 -88.22 52.56
C LEU F 55 25.39 -86.85 52.13
N HIS F 56 24.72 -86.13 53.03
CA HIS F 56 24.30 -84.76 52.73
C HIS F 56 25.49 -83.90 52.32
N LEU F 57 26.52 -83.88 53.15
CA LEU F 57 27.66 -82.99 52.91
C LEU F 57 28.49 -83.46 51.71
N ALA F 58 28.48 -84.76 51.43
CA ALA F 58 29.21 -85.26 50.26
C ALA F 58 28.49 -84.87 48.97
N ALA F 59 27.16 -84.98 48.95
CA ALA F 59 26.40 -84.55 47.78
C ALA F 59 26.46 -83.04 47.62
N LEU F 60 26.63 -82.30 48.71
CA LEU F 60 26.72 -80.85 48.63
C LEU F 60 28.01 -80.41 47.94
N ILE F 61 29.15 -80.91 48.41
CA ILE F 61 30.43 -80.46 47.86
C ILE F 61 30.74 -81.15 46.54
N GLY F 62 30.22 -82.35 46.32
CA GLY F 62 30.37 -83.01 45.03
C GLY F 62 31.53 -83.99 44.95
N HIS F 63 31.73 -84.78 45.99
CA HIS F 63 32.80 -85.79 46.02
C HIS F 63 32.19 -87.11 45.59
N LEU F 64 32.28 -87.39 44.28
CA LEU F 64 31.59 -88.53 43.69
C LEU F 64 32.05 -89.85 44.30
N GLU F 65 33.37 -90.06 44.35
CA GLU F 65 33.91 -91.29 44.90
C GLU F 65 33.48 -91.49 46.35
N ILE F 66 33.34 -90.40 47.11
CA ILE F 66 32.90 -90.51 48.49
C ILE F 66 31.42 -90.86 48.55
N VAL F 67 30.61 -90.26 47.68
CA VAL F 67 29.17 -90.51 47.70
C VAL F 67 28.87 -91.98 47.47
N GLU F 68 29.58 -92.61 46.54
CA GLU F 68 29.36 -94.03 46.27
C GLU F 68 29.81 -94.90 47.45
N VAL F 69 31.00 -94.61 47.99
CA VAL F 69 31.50 -95.37 49.12
C VAL F 69 30.55 -95.24 50.32
N LEU F 70 30.01 -94.05 50.54
CA LEU F 70 29.02 -93.86 51.60
C LEU F 70 27.79 -94.74 51.35
N LEU F 71 27.28 -94.72 50.12
CA LEU F 71 26.10 -95.52 49.80
C LEU F 71 26.38 -97.01 49.91
N LYS F 72 27.56 -97.44 49.46
CA LYS F 72 27.90 -98.86 49.48
C LYS F 72 27.92 -99.42 50.90
N HIS F 73 28.11 -98.57 51.91
CA HIS F 73 27.99 -98.97 53.31
C HIS F 73 26.61 -98.70 53.88
N GLY F 74 25.58 -98.68 53.03
CA GLY F 74 24.22 -98.52 53.50
C GLY F 74 23.84 -97.12 53.94
N ALA F 75 24.21 -96.11 53.16
CA ALA F 75 23.86 -94.74 53.51
C ALA F 75 22.37 -94.48 53.25
N ASP F 76 21.70 -93.92 54.25
CA ASP F 76 20.32 -93.49 54.07
C ASP F 76 20.28 -92.41 53.00
N VAL F 77 19.82 -92.78 51.80
CA VAL F 77 19.88 -91.86 50.67
C VAL F 77 18.79 -90.79 50.73
N ASN F 78 17.71 -91.02 51.46
CA ASN F 78 16.61 -90.07 51.55
C ASN F 78 16.49 -89.48 52.95
N ALA F 79 17.62 -89.23 53.59
CA ALA F 79 17.60 -88.56 54.88
C ALA F 79 17.30 -87.07 54.70
N VAL F 80 16.69 -86.48 55.72
CA VAL F 80 16.31 -85.07 55.69
C VAL F 80 17.02 -84.34 56.83
N ASP F 81 17.53 -83.16 56.52
CA ASP F 81 18.13 -82.31 57.54
C ASP F 81 17.07 -81.39 58.14
N THR F 82 17.49 -80.45 58.98
CA THR F 82 16.54 -79.54 59.60
C THR F 82 15.79 -78.72 58.56
N TRP F 83 16.51 -78.22 57.54
CA TRP F 83 15.89 -77.39 56.52
C TRP F 83 14.98 -78.17 55.58
N GLY F 84 14.97 -79.49 55.68
CA GLY F 84 14.12 -80.32 54.83
C GLY F 84 14.75 -80.76 53.54
N ASP F 85 16.07 -80.61 53.38
CA ASP F 85 16.74 -80.99 52.15
C ASP F 85 17.25 -82.43 52.24
N THR F 86 17.13 -83.15 51.14
CA THR F 86 17.71 -84.48 50.98
C THR F 86 18.95 -84.40 50.08
N PRO F 87 19.84 -85.40 50.16
CA PRO F 87 21.04 -85.39 49.30
C PRO F 87 20.74 -85.20 47.82
N LEU F 88 19.53 -85.55 47.39
CA LEU F 88 19.15 -85.30 46.01
C LEU F 88 18.93 -83.81 45.76
N HIS F 89 18.40 -83.09 46.75
CA HIS F 89 18.23 -81.64 46.60
C HIS F 89 19.57 -80.94 46.49
N LEU F 90 20.54 -81.34 47.31
CA LEU F 90 21.84 -80.67 47.35
C LEU F 90 22.69 -80.98 46.13
N ALA F 91 22.69 -82.24 45.68
CA ALA F 91 23.41 -82.58 44.46
C ALA F 91 22.82 -81.88 43.24
N ALA F 92 21.56 -81.46 43.32
CA ALA F 92 20.88 -80.79 42.22
C ALA F 92 21.09 -79.28 42.24
N ILE F 93 20.96 -78.67 43.42
CA ILE F 93 21.13 -77.22 43.52
C ILE F 93 22.53 -76.82 43.05
N MET F 94 23.54 -77.58 43.44
CA MET F 94 24.90 -77.29 43.02
C MET F 94 25.22 -77.83 41.62
N GLY F 95 24.39 -78.72 41.09
CA GLY F 95 24.60 -79.21 39.74
C GLY F 95 25.64 -80.30 39.60
N HIS F 96 25.80 -81.15 40.62
CA HIS F 96 26.69 -82.30 40.54
C HIS F 96 25.92 -83.44 39.88
N LEU F 97 25.80 -83.37 38.55
CA LEU F 97 24.88 -84.22 37.81
C LEU F 97 25.23 -85.70 37.98
N GLU F 98 26.52 -86.04 37.99
CA GLU F 98 26.90 -87.43 38.17
C GLU F 98 26.43 -87.97 39.51
N ILE F 99 26.53 -87.15 40.57
CA ILE F 99 26.02 -87.56 41.87
C ILE F 99 24.49 -87.60 41.85
N VAL F 100 23.85 -86.71 41.11
CA VAL F 100 22.40 -86.75 40.97
C VAL F 100 21.95 -88.10 40.41
N GLU F 101 22.70 -88.63 39.44
CA GLU F 101 22.37 -89.93 38.88
C GLU F 101 22.54 -91.04 39.91
N VAL F 102 23.72 -91.10 40.54
CA VAL F 102 24.04 -92.21 41.44
C VAL F 102 23.03 -92.30 42.58
N LEU F 103 22.56 -91.14 43.06
CA LEU F 103 21.53 -91.14 44.10
C LEU F 103 20.26 -91.83 43.62
N LEU F 104 19.76 -91.41 42.45
CA LEU F 104 18.56 -92.01 41.90
C LEU F 104 18.74 -93.51 41.67
N LYS F 105 19.91 -93.91 41.16
CA LYS F 105 20.17 -95.33 40.93
C LYS F 105 20.21 -96.12 42.22
N HIS F 106 20.30 -95.45 43.38
CA HIS F 106 20.21 -96.10 44.68
C HIS F 106 18.92 -95.74 45.40
N GLY F 107 17.85 -95.50 44.64
CA GLY F 107 16.54 -95.30 45.22
C GLY F 107 16.28 -93.94 45.81
N ALA F 108 16.85 -92.89 45.25
CA ALA F 108 16.61 -91.54 45.75
C ALA F 108 15.19 -91.12 45.39
N ASP F 109 14.36 -90.91 46.40
CA ASP F 109 12.99 -90.44 46.17
C ASP F 109 13.04 -89.03 45.58
N VAL F 110 12.19 -88.81 44.56
CA VAL F 110 12.18 -87.55 43.85
C VAL F 110 11.12 -86.58 44.39
N ASN F 111 10.13 -87.09 45.12
CA ASN F 111 8.99 -86.28 45.55
C ASN F 111 9.17 -85.64 46.92
N ALA F 112 10.38 -85.70 47.49
CA ALA F 112 10.61 -85.12 48.80
C ALA F 112 10.51 -83.60 48.75
N GLN F 113 9.69 -83.04 49.63
CA GLN F 113 9.44 -81.61 49.68
C GLN F 113 10.14 -81.03 50.90
N ASP F 114 10.93 -79.98 50.69
CA ASP F 114 11.60 -79.30 51.80
C ASP F 114 10.58 -78.45 52.57
N LYS F 115 11.08 -77.66 53.52
CA LYS F 115 10.19 -76.79 54.28
C LYS F 115 9.51 -75.77 53.38
N PHE F 116 10.18 -75.33 52.32
CA PHE F 116 9.57 -74.44 51.34
C PHE F 116 8.62 -75.18 50.41
N GLY F 117 8.77 -76.49 50.28
CA GLY F 117 7.89 -77.30 49.44
C GLY F 117 8.40 -77.59 48.05
N LYS F 118 9.62 -77.19 47.73
CA LYS F 118 10.18 -77.40 46.40
C LYS F 118 10.93 -78.73 46.38
N THR F 119 10.53 -79.62 45.48
CA THR F 119 11.15 -80.92 45.34
C THR F 119 12.34 -80.85 44.39
N ALA F 120 12.89 -82.01 44.02
CA ALA F 120 14.03 -82.04 43.11
C ALA F 120 13.65 -81.52 41.73
N PHE F 121 12.45 -81.86 41.26
CA PHE F 121 12.03 -81.38 39.95
C PHE F 121 11.62 -79.91 40.00
N ASP F 122 11.13 -79.44 41.14
CA ASP F 122 10.82 -78.03 41.30
C ASP F 122 12.07 -77.17 41.45
N ILE F 123 13.21 -77.78 41.73
CA ILE F 123 14.48 -77.06 41.78
C ILE F 123 15.16 -77.04 40.42
N SER F 124 14.99 -78.09 39.61
CA SER F 124 15.39 -78.05 38.21
C SER F 124 14.57 -77.04 37.41
N ILE F 125 13.42 -76.62 37.93
CA ILE F 125 12.57 -75.65 37.26
C ILE F 125 12.79 -74.24 37.79
N ASP F 126 12.90 -74.08 39.11
CA ASP F 126 13.12 -72.77 39.70
C ASP F 126 14.45 -72.15 39.28
N ASN F 127 15.36 -72.93 38.69
CA ASN F 127 16.62 -72.42 38.18
C ASN F 127 16.81 -72.72 36.70
N GLY F 128 15.79 -73.25 36.04
CA GLY F 128 15.84 -73.51 34.61
C GLY F 128 16.98 -74.40 34.17
N ASN F 129 17.17 -75.52 34.87
CA ASN F 129 18.26 -76.43 34.57
C ASN F 129 17.79 -77.42 33.52
N GLU F 130 18.06 -77.11 32.25
CA GLU F 130 17.66 -77.99 31.16
C GLU F 130 18.40 -79.32 31.21
N ASP F 131 19.64 -79.32 31.72
CA ASP F 131 20.37 -80.58 31.88
C ASP F 131 19.72 -81.45 32.95
N LEU F 132 19.37 -80.85 34.08
CA LEU F 132 18.83 -81.62 35.20
C LEU F 132 17.45 -82.19 34.89
N ALA F 133 16.62 -81.41 34.18
CA ALA F 133 15.28 -81.88 33.85
C ALA F 133 15.32 -83.14 32.99
N GLU F 134 16.34 -83.27 32.15
CA GLU F 134 16.47 -84.47 31.30
C GLU F 134 16.74 -85.70 32.16
N ILE F 135 17.72 -85.62 33.06
CA ILE F 135 18.09 -86.79 33.86
C ILE F 135 17.02 -87.08 34.90
N LEU F 136 16.38 -86.04 35.44
CA LEU F 136 15.50 -86.20 36.60
C LEU F 136 14.26 -87.03 36.29
N GLN F 137 13.86 -87.14 35.02
CA GLN F 137 12.70 -87.92 34.65
C GLN F 137 13.03 -89.08 33.71
N LYS F 138 14.29 -89.21 33.29
CA LYS F 138 14.69 -90.31 32.42
C LYS F 138 14.97 -91.58 33.23
N ARG G 2 20.60 -68.54 -11.20
CA ARG G 2 19.32 -69.17 -10.96
C ARG G 2 18.16 -68.22 -11.25
N GLU G 3 17.94 -67.29 -10.32
CA GLU G 3 16.76 -66.44 -10.38
C GLU G 3 16.77 -65.57 -11.63
N CYS G 4 15.57 -65.21 -12.09
CA CYS G 4 15.39 -64.34 -13.24
C CYS G 4 14.28 -63.34 -12.94
N ILE G 5 14.57 -62.05 -13.14
CA ILE G 5 13.61 -60.99 -12.90
C ILE G 5 13.05 -60.54 -14.25
N SER G 6 11.73 -60.66 -14.41
CA SER G 6 11.06 -60.24 -15.62
C SER G 6 10.52 -58.82 -15.45
N ILE G 7 10.75 -57.98 -16.46
CA ILE G 7 10.32 -56.59 -16.44
C ILE G 7 9.39 -56.36 -17.62
N HIS G 8 8.24 -55.76 -17.35
CA HIS G 8 7.18 -55.57 -18.34
C HIS G 8 6.88 -54.09 -18.44
N VAL G 9 7.20 -53.48 -19.57
CA VAL G 9 7.11 -52.04 -19.77
C VAL G 9 6.03 -51.75 -20.81
N GLY G 10 5.20 -50.75 -20.54
CA GLY G 10 4.18 -50.34 -21.48
C GLY G 10 3.03 -51.33 -21.55
N GLN G 11 2.01 -50.94 -22.31
CA GLN G 11 0.81 -51.77 -22.44
C GLN G 11 1.16 -53.15 -22.99
N ALA G 12 1.94 -53.19 -24.07
CA ALA G 12 2.30 -54.47 -24.68
C ALA G 12 3.08 -55.35 -23.70
N GLY G 13 4.07 -54.76 -23.02
CA GLY G 13 4.83 -55.52 -22.05
C GLY G 13 3.98 -55.98 -20.88
N VAL G 14 3.10 -55.12 -20.38
CA VAL G 14 2.28 -55.46 -19.23
C VAL G 14 1.22 -56.50 -19.61
N GLN G 15 0.49 -56.24 -20.71
CA GLN G 15 -0.60 -57.14 -21.08
C GLN G 15 -0.09 -58.52 -21.49
N ILE G 16 1.13 -58.60 -22.01
CA ILE G 16 1.69 -59.91 -22.34
C ILE G 16 2.19 -60.60 -21.08
N GLY G 17 2.79 -59.85 -20.15
CA GLY G 17 3.15 -60.42 -18.87
C GLY G 17 1.97 -61.05 -18.15
N ASN G 18 0.77 -60.50 -18.35
CA ASN G 18 -0.43 -61.12 -17.80
C ASN G 18 -0.66 -62.50 -18.41
N ALA G 19 -0.60 -62.59 -19.74
CA ALA G 19 -0.82 -63.86 -20.41
C ALA G 19 0.30 -64.86 -20.13
N CYS G 20 1.52 -64.37 -19.89
CA CYS G 20 2.63 -65.26 -19.60
C CYS G 20 2.58 -65.78 -18.17
N TRP G 21 2.42 -64.89 -17.20
CA TRP G 21 2.38 -65.33 -15.81
C TRP G 21 1.12 -66.14 -15.52
N GLU G 22 0.02 -65.87 -16.23
CA GLU G 22 -1.14 -66.75 -16.16
C GLU G 22 -0.80 -68.15 -16.66
N LEU G 23 -0.06 -68.24 -17.76
CA LEU G 23 0.33 -69.54 -18.29
C LEU G 23 1.40 -70.19 -17.42
N TYR G 24 2.30 -69.38 -16.85
CA TYR G 24 3.30 -69.92 -15.92
C TYR G 24 2.62 -70.59 -14.73
N CYS G 25 1.62 -69.93 -14.15
CA CYS G 25 0.93 -70.49 -12.99
C CYS G 25 0.18 -71.76 -13.36
N LEU G 26 -0.37 -71.82 -14.58
CA LEU G 26 -1.06 -73.02 -15.01
C LEU G 26 -0.11 -74.19 -15.19
N GLU G 27 1.10 -73.93 -15.70
CA GLU G 27 2.07 -74.99 -15.91
C GLU G 27 2.64 -75.50 -14.60
N HIS G 28 2.89 -74.61 -13.65
CA HIS G 28 3.47 -74.98 -12.36
C HIS G 28 2.42 -75.29 -11.30
N GLY G 29 1.15 -75.30 -11.65
CA GLY G 29 0.10 -75.59 -10.68
C GLY G 29 -0.05 -74.56 -9.57
N ILE G 30 0.27 -73.31 -9.86
CA ILE G 30 0.16 -72.23 -8.87
C ILE G 30 -1.19 -71.53 -9.09
N GLN G 31 -1.90 -71.29 -7.99
CA GLN G 31 -3.23 -70.69 -8.03
C GLN G 31 -3.13 -69.17 -7.96
N PRO G 32 -4.21 -68.46 -8.36
CA PRO G 32 -4.15 -66.99 -8.35
C PRO G 32 -3.77 -66.37 -7.01
N ASP G 33 -4.12 -67.01 -5.89
CA ASP G 33 -3.72 -66.52 -4.58
C ASP G 33 -2.28 -66.91 -4.21
N GLY G 34 -1.53 -67.47 -5.16
CA GLY G 34 -0.14 -67.82 -4.93
C GLY G 34 0.07 -69.11 -4.17
N GLN G 35 -0.98 -69.84 -3.82
CA GLN G 35 -0.85 -71.07 -3.07
C GLN G 35 -0.67 -72.25 -4.02
N MET G 36 0.17 -73.20 -3.62
CA MET G 36 0.56 -74.33 -4.46
C MET G 36 0.59 -75.62 -3.68
N PRO G 37 -0.29 -76.58 -3.97
CA PRO G 37 -0.27 -77.86 -3.26
C PRO G 37 0.49 -78.95 -4.02
N SER G 38 1.78 -79.09 -3.73
CA SER G 38 2.58 -80.11 -4.41
C SER G 38 3.87 -80.34 -3.60
N ASP G 39 3.82 -81.29 -2.67
CA ASP G 39 4.97 -81.67 -1.85
C ASP G 39 5.60 -80.47 -1.15
N ASP G 47 13.79 -76.01 -6.27
CA ASP G 47 13.04 -76.46 -7.43
C ASP G 47 13.34 -75.59 -8.65
N SER G 48 13.20 -76.17 -9.84
CA SER G 48 13.58 -75.46 -11.07
C SER G 48 12.68 -74.28 -11.35
N PHE G 49 11.42 -74.31 -10.89
CA PHE G 49 10.53 -73.19 -11.12
C PHE G 49 10.74 -72.05 -10.13
N ASN G 50 11.58 -72.24 -9.11
CA ASN G 50 11.89 -71.16 -8.19
C ASN G 50 12.78 -70.09 -8.82
N THR G 51 13.25 -70.31 -10.05
CA THR G 51 13.99 -69.28 -10.76
C THR G 51 13.09 -68.12 -11.18
N PHE G 52 11.77 -68.34 -11.26
CA PHE G 52 10.83 -67.31 -11.62
C PHE G 52 9.88 -66.92 -10.50
N PHE G 53 9.88 -67.66 -9.38
CA PHE G 53 9.02 -67.38 -8.25
C PHE G 53 9.82 -67.38 -6.97
N SER G 54 9.41 -66.54 -6.03
CA SER G 54 9.93 -66.56 -4.66
C SER G 54 8.87 -67.19 -3.75
N GLU G 55 9.29 -67.50 -2.52
CA GLU G 55 8.43 -68.16 -1.55
C GLU G 55 8.31 -67.32 -0.29
N THR G 56 7.09 -66.90 0.03
CA THR G 56 6.83 -66.29 1.32
C THR G 56 6.91 -67.35 2.42
N GLY G 57 7.20 -66.90 3.64
CA GLY G 57 7.22 -67.82 4.77
C GLY G 57 5.88 -68.51 4.98
N ALA G 58 4.79 -67.89 4.51
CA ALA G 58 3.46 -68.47 4.61
C ALA G 58 3.12 -69.39 3.44
N GLY G 59 4.13 -69.83 2.69
CA GLY G 59 3.90 -70.75 1.59
C GLY G 59 3.32 -70.12 0.35
N LYS G 60 3.50 -68.81 0.15
CA LYS G 60 2.96 -68.10 -1.01
C LYS G 60 4.07 -67.93 -2.04
N HIS G 61 3.74 -68.24 -3.30
CA HIS G 61 4.70 -68.15 -4.40
C HIS G 61 4.41 -66.90 -5.22
N VAL G 62 5.37 -65.98 -5.25
CA VAL G 62 5.20 -64.66 -5.83
C VAL G 62 6.14 -64.54 -7.03
N PRO G 63 5.66 -64.06 -8.18
CA PRO G 63 6.54 -63.91 -9.33
C PRO G 63 7.62 -62.88 -9.09
N ARG G 64 8.79 -63.11 -9.70
CA ARG G 64 9.89 -62.15 -9.68
C ARG G 64 9.75 -61.18 -10.85
N ALA G 65 8.61 -60.48 -10.87
CA ALA G 65 8.25 -59.64 -12.00
C ALA G 65 7.99 -58.21 -11.55
N VAL G 66 8.28 -57.27 -12.46
CA VAL G 66 8.00 -55.85 -12.26
C VAL G 66 7.15 -55.38 -13.44
N PHE G 67 6.08 -54.64 -13.14
CA PHE G 67 5.20 -54.08 -14.17
C PHE G 67 5.32 -52.57 -14.12
N VAL G 68 5.76 -51.97 -15.22
CA VAL G 68 5.98 -50.53 -15.29
C VAL G 68 5.13 -49.94 -16.42
N ASP G 69 4.51 -48.80 -16.14
CA ASP G 69 3.75 -48.07 -17.13
C ASP G 69 3.72 -46.59 -16.72
N LEU G 70 3.67 -45.72 -17.70
CA LEU G 70 3.56 -44.28 -17.45
C LEU G 70 2.12 -43.82 -17.32
N GLU G 71 1.17 -44.75 -17.23
CA GLU G 71 -0.24 -44.45 -17.18
C GLU G 71 -0.93 -45.46 -16.28
N PRO G 72 -1.84 -45.03 -15.40
CA PRO G 72 -2.46 -45.98 -14.46
C PRO G 72 -3.70 -46.64 -15.03
N THR G 73 -3.66 -47.03 -16.31
CA THR G 73 -4.82 -47.63 -16.96
C THR G 73 -4.71 -49.14 -17.08
N VAL G 74 -3.59 -49.66 -17.57
CA VAL G 74 -3.47 -51.09 -17.82
C VAL G 74 -3.13 -51.85 -16.54
N ILE G 75 -2.15 -51.35 -15.78
CA ILE G 75 -1.74 -52.04 -14.56
C ILE G 75 -2.85 -52.01 -13.52
N ASP G 76 -3.72 -50.99 -13.56
CA ASP G 76 -4.86 -50.96 -12.65
C ASP G 76 -5.75 -52.18 -12.84
N GLU G 77 -5.91 -52.65 -14.09
CA GLU G 77 -6.67 -53.86 -14.33
C GLU G 77 -5.99 -55.09 -13.71
N VAL G 78 -4.65 -55.05 -13.58
CA VAL G 78 -3.94 -56.15 -12.97
C VAL G 78 -4.25 -56.23 -11.47
N ARG G 79 -4.12 -55.10 -10.77
CA ARG G 79 -4.42 -55.04 -9.35
C ARG G 79 -5.93 -54.93 -9.13
N THR G 80 -6.69 -55.51 -10.04
CA THR G 80 -8.15 -55.63 -9.93
C THR G 80 -8.68 -56.98 -10.41
N GLY G 81 -8.07 -57.60 -11.42
CA GLY G 81 -8.53 -58.85 -11.97
C GLY G 81 -8.19 -60.05 -11.12
N THR G 82 -8.02 -61.20 -11.78
CA THR G 82 -7.90 -62.47 -11.07
C THR G 82 -6.60 -62.59 -10.29
N TYR G 83 -5.54 -61.95 -10.76
CA TYR G 83 -4.21 -62.07 -10.15
C TYR G 83 -3.83 -60.82 -9.36
N ARG G 84 -4.82 -60.21 -8.70
CA ARG G 84 -4.53 -59.07 -7.85
C ARG G 84 -3.74 -59.48 -6.61
N GLN G 85 -3.95 -60.71 -6.14
CA GLN G 85 -3.26 -61.23 -4.96
C GLN G 85 -1.94 -61.92 -5.31
N LEU G 86 -1.68 -62.16 -6.59
CA LEU G 86 -0.45 -62.86 -6.97
C LEU G 86 0.77 -61.98 -6.80
N PHE G 87 0.69 -60.71 -7.22
CA PHE G 87 1.79 -59.79 -7.13
C PHE G 87 1.67 -58.92 -5.88
N HIS G 88 2.81 -58.54 -5.32
CA HIS G 88 2.79 -57.51 -4.29
C HIS G 88 2.65 -56.14 -4.94
N PRO G 89 1.85 -55.24 -4.35
CA PRO G 89 1.61 -53.93 -4.98
C PRO G 89 2.88 -53.13 -5.20
N GLU G 90 3.98 -53.46 -4.52
CA GLU G 90 5.25 -52.77 -4.74
C GLU G 90 5.85 -53.10 -6.11
N GLN G 91 5.38 -54.16 -6.76
CA GLN G 91 5.86 -54.56 -8.08
C GLN G 91 5.06 -53.93 -9.22
N LEU G 92 3.99 -53.21 -8.92
CA LEU G 92 3.12 -52.62 -9.92
C LEU G 92 3.29 -51.11 -9.87
N ILE G 93 4.11 -50.58 -10.78
CA ILE G 93 4.50 -49.17 -10.79
C ILE G 93 3.81 -48.47 -11.94
N THR G 94 3.18 -47.33 -11.65
CA THR G 94 2.53 -46.53 -12.67
C THR G 94 2.84 -45.06 -12.48
N GLY G 95 2.82 -44.32 -13.58
CA GLY G 95 2.81 -42.87 -13.56
C GLY G 95 1.42 -42.33 -13.78
N LYS G 96 1.34 -41.06 -14.16
CA LYS G 96 0.07 -40.44 -14.48
C LYS G 96 -0.02 -40.00 -15.93
N GLU G 97 1.06 -39.47 -16.50
CA GLU G 97 1.09 -38.99 -17.87
C GLU G 97 1.94 -39.95 -18.69
N ASP G 98 1.38 -40.48 -19.77
CA ASP G 98 2.08 -41.45 -20.59
C ASP G 98 2.99 -40.73 -21.59
N ALA G 99 3.53 -41.48 -22.56
CA ALA G 99 4.51 -40.95 -23.50
C ALA G 99 3.91 -40.56 -24.86
N ALA G 100 2.64 -40.86 -25.10
CA ALA G 100 1.94 -40.43 -26.31
C ALA G 100 2.66 -40.89 -27.58
N ASN G 101 3.05 -42.16 -27.61
CA ASN G 101 3.74 -42.77 -28.76
C ASN G 101 5.01 -42.01 -29.13
N ASN G 102 5.63 -41.34 -28.16
CA ASN G 102 6.80 -40.52 -28.40
C ASN G 102 7.97 -41.10 -27.62
N TYR G 103 9.00 -41.57 -28.36
CA TYR G 103 10.19 -42.12 -27.72
C TYR G 103 10.83 -41.11 -26.79
N ALA G 104 10.95 -39.84 -27.23
CA ALA G 104 11.64 -38.83 -26.44
C ALA G 104 10.90 -38.53 -25.15
N ARG G 105 9.58 -38.70 -25.12
CA ARG G 105 8.84 -38.53 -23.87
C ARG G 105 9.17 -39.66 -22.90
N GLY G 106 9.14 -40.90 -23.36
CA GLY G 106 9.43 -42.01 -22.48
C GLY G 106 10.89 -42.13 -22.10
N HIS G 107 11.78 -41.67 -22.98
CA HIS G 107 13.22 -41.82 -22.72
C HIS G 107 13.81 -40.61 -22.01
N TYR G 108 13.38 -39.40 -22.36
CA TYR G 108 13.98 -38.17 -21.85
C TYR G 108 13.06 -37.42 -20.88
N THR G 109 11.87 -37.01 -21.34
CA THR G 109 11.05 -36.10 -20.55
C THR G 109 10.35 -36.81 -19.39
N ILE G 110 9.31 -37.61 -19.70
CA ILE G 110 8.49 -38.20 -18.66
C ILE G 110 9.21 -39.36 -17.98
N GLY G 111 9.92 -40.17 -18.76
CA GLY G 111 10.53 -41.38 -18.21
C GLY G 111 11.56 -41.11 -17.13
N LYS G 112 12.27 -39.99 -17.22
CA LYS G 112 13.28 -39.68 -16.21
C LYS G 112 12.68 -39.35 -14.85
N GLU G 113 11.38 -39.09 -14.79
CA GLU G 113 10.75 -38.79 -13.50
C GLU G 113 10.57 -40.05 -12.66
N ILE G 114 10.46 -41.21 -13.29
CA ILE G 114 10.11 -42.45 -12.61
C ILE G 114 11.22 -43.49 -12.70
N ILE G 115 12.35 -43.15 -13.33
CA ILE G 115 13.39 -44.15 -13.57
C ILE G 115 14.04 -44.59 -12.26
N ASP G 116 14.27 -43.65 -11.35
CA ASP G 116 14.89 -44.00 -10.07
C ASP G 116 13.95 -44.84 -9.21
N LEU G 117 12.63 -44.59 -9.30
CA LEU G 117 11.69 -45.37 -8.52
C LEU G 117 11.61 -46.81 -9.02
N VAL G 118 11.71 -47.00 -10.34
CA VAL G 118 11.64 -48.35 -10.90
C VAL G 118 12.88 -49.14 -10.52
N LEU G 119 14.06 -48.53 -10.67
CA LEU G 119 15.31 -49.21 -10.32
C LEU G 119 15.33 -49.60 -8.85
N ASP G 120 14.68 -48.82 -7.98
CA ASP G 120 14.65 -49.15 -6.57
C ASP G 120 13.82 -50.40 -6.31
N ARG G 121 12.63 -50.49 -6.91
CA ARG G 121 11.80 -51.67 -6.74
C ARG G 121 12.45 -52.90 -7.36
N ILE G 122 13.26 -52.72 -8.40
CA ILE G 122 13.99 -53.83 -8.99
C ILE G 122 15.09 -54.31 -8.04
N ARG G 123 15.81 -53.36 -7.43
CA ARG G 123 16.84 -53.73 -6.47
C ARG G 123 16.25 -54.50 -5.28
N LYS G 124 14.98 -54.26 -4.97
CA LYS G 124 14.30 -55.05 -3.95
C LYS G 124 14.25 -56.53 -4.35
N LEU G 125 13.80 -56.80 -5.59
CA LEU G 125 13.78 -58.18 -6.06
C LEU G 125 15.19 -58.74 -6.20
N ALA G 126 16.13 -57.92 -6.69
CA ALA G 126 17.50 -58.38 -6.87
C ALA G 126 18.16 -58.74 -5.55
N ASP G 127 17.79 -58.04 -4.46
CA ASP G 127 18.33 -58.36 -3.15
C ASP G 127 17.68 -59.58 -2.53
N GLN G 128 16.51 -60.00 -3.04
CA GLN G 128 15.89 -61.25 -2.63
C GLN G 128 16.40 -62.44 -3.44
N CYS G 129 17.44 -62.24 -4.26
CA CYS G 129 18.00 -63.29 -5.11
C CYS G 129 19.35 -63.72 -4.55
N THR G 130 19.51 -65.04 -4.36
CA THR G 130 20.81 -65.56 -3.98
C THR G 130 21.80 -65.45 -5.14
N GLY G 131 21.40 -65.95 -6.30
CA GLY G 131 22.21 -65.82 -7.50
C GLY G 131 21.38 -65.36 -8.69
N LEU G 132 21.43 -64.06 -8.99
CA LEU G 132 20.61 -63.49 -10.04
C LEU G 132 21.24 -63.76 -11.39
N GLN G 133 20.53 -64.47 -12.26
CA GLN G 133 20.99 -64.69 -13.63
C GLN G 133 20.96 -63.41 -14.44
N GLY G 134 19.77 -62.82 -14.59
CA GLY G 134 19.61 -61.61 -15.36
C GLY G 134 18.17 -61.16 -15.49
N PHE G 135 17.85 -60.44 -16.56
CA PHE G 135 16.54 -59.83 -16.73
C PHE G 135 15.89 -60.25 -18.04
N SER G 136 14.57 -60.32 -18.02
CA SER G 136 13.77 -60.56 -19.22
C SER G 136 12.85 -59.35 -19.40
N VAL G 137 13.12 -58.53 -20.41
CA VAL G 137 12.42 -57.27 -20.63
C VAL G 137 11.36 -57.47 -21.69
N PHE G 138 10.12 -57.09 -21.36
CA PHE G 138 8.99 -57.18 -22.27
C PHE G 138 8.51 -55.77 -22.60
N HIS G 139 8.42 -55.46 -23.89
CA HIS G 139 8.09 -54.12 -24.32
C HIS G 139 7.70 -54.15 -25.79
N SER G 140 7.12 -53.05 -26.25
CA SER G 140 6.78 -52.86 -27.66
C SER G 140 7.86 -52.06 -28.36
N PHE G 141 7.74 -51.97 -29.68
CA PHE G 141 8.62 -51.16 -30.50
C PHE G 141 8.06 -49.80 -30.85
N GLY G 142 6.73 -49.66 -30.89
CA GLY G 142 6.13 -48.43 -31.37
C GLY G 142 5.71 -47.47 -30.28
N GLY G 143 5.36 -47.98 -29.09
CA GLY G 143 4.90 -47.12 -28.03
C GLY G 143 6.02 -46.26 -27.47
N GLY G 144 5.62 -45.12 -26.90
CA GLY G 144 6.61 -44.24 -26.29
C GLY G 144 7.25 -44.86 -25.06
N THR G 145 6.45 -45.52 -24.22
CA THR G 145 7.00 -46.18 -23.04
C THR G 145 7.77 -47.44 -23.40
N GLY G 146 7.22 -48.24 -24.32
CA GLY G 146 7.89 -49.48 -24.69
C GLY G 146 9.19 -49.27 -25.44
N SER G 147 9.33 -48.13 -26.09
CA SER G 147 10.55 -47.83 -26.83
C SER G 147 11.44 -46.86 -26.07
N GLY G 148 10.87 -45.77 -25.55
CA GLY G 148 11.64 -44.76 -24.86
C GLY G 148 12.11 -45.20 -23.49
N PHE G 149 11.16 -45.52 -22.62
CA PHE G 149 11.50 -45.83 -21.23
C PHE G 149 12.30 -47.13 -21.14
N THR G 150 11.99 -48.12 -21.99
CA THR G 150 12.71 -49.38 -21.96
C THR G 150 14.18 -49.17 -22.26
N SER G 151 14.49 -48.45 -23.34
CA SER G 151 15.88 -48.16 -23.67
C SER G 151 16.57 -47.38 -22.55
N LEU G 152 15.84 -46.52 -21.85
CA LEU G 152 16.41 -45.87 -20.67
C LEU G 152 16.71 -46.88 -19.57
N LEU G 153 15.78 -47.80 -19.32
CA LEU G 153 15.99 -48.81 -18.29
C LEU G 153 17.14 -49.73 -18.66
N MET G 154 17.28 -50.07 -19.94
CA MET G 154 18.37 -50.91 -20.38
C MET G 154 19.72 -50.23 -20.19
N GLU G 155 19.76 -48.90 -20.38
CA GLU G 155 21.00 -48.16 -20.12
C GLU G 155 21.36 -48.19 -18.64
N ARG G 156 20.36 -48.13 -17.76
CA ARG G 156 20.62 -48.08 -16.33
C ARG G 156 20.92 -49.46 -15.74
N LEU G 157 20.34 -50.52 -16.33
CA LEU G 157 20.64 -51.86 -15.85
C LEU G 157 22.06 -52.29 -16.21
N SER G 158 22.57 -51.84 -17.37
CA SER G 158 23.96 -52.11 -17.72
C SER G 158 24.93 -51.42 -16.78
N VAL G 159 24.51 -50.32 -16.14
CA VAL G 159 25.38 -49.62 -15.20
C VAL G 159 25.33 -50.29 -13.83
N ASP G 160 24.11 -50.55 -13.34
CA ASP G 160 23.96 -51.12 -12.00
C ASP G 160 24.28 -52.60 -11.99
N TYR G 161 23.63 -53.37 -12.85
CA TYR G 161 23.81 -54.83 -12.90
C TYR G 161 24.62 -55.19 -14.14
N GLY G 162 25.86 -54.71 -14.14
CA GLY G 162 26.69 -54.78 -15.33
C GLY G 162 26.98 -56.21 -15.78
N LYS G 163 27.23 -57.11 -14.83
CA LYS G 163 27.69 -58.45 -15.18
C LYS G 163 26.57 -59.30 -15.76
N LYS G 164 25.35 -59.13 -15.24
CA LYS G 164 24.26 -60.03 -15.58
C LYS G 164 23.75 -59.77 -17.00
N SER G 165 23.04 -60.76 -17.54
CA SER G 165 22.54 -60.72 -18.89
C SER G 165 21.15 -60.13 -18.94
N LYS G 166 20.74 -59.68 -20.14
CA LYS G 166 19.46 -59.02 -20.34
C LYS G 166 18.87 -59.51 -21.66
N LEU G 167 17.67 -60.08 -21.59
CA LEU G 167 16.96 -60.60 -22.75
C LEU G 167 15.73 -59.77 -23.05
N GLU G 168 15.42 -59.64 -24.34
CA GLU G 168 14.31 -58.81 -24.79
C GLU G 168 13.25 -59.66 -25.48
N PHE G 169 11.99 -59.30 -25.26
CA PHE G 169 10.85 -59.80 -26.03
C PHE G 169 10.13 -58.56 -26.55
N SER G 170 10.44 -58.17 -27.78
CA SER G 170 10.05 -56.87 -28.32
C SER G 170 8.95 -57.04 -29.37
N ILE G 171 7.92 -56.21 -29.27
CA ILE G 171 6.73 -56.32 -30.12
C ILE G 171 6.99 -55.54 -31.40
N TYR G 172 7.31 -56.24 -32.47
CA TYR G 172 7.51 -55.60 -33.76
C TYR G 172 6.17 -55.07 -34.27
N PRO G 173 6.08 -53.82 -34.69
CA PRO G 173 4.80 -53.23 -35.06
C PRO G 173 4.27 -53.76 -36.38
N ALA G 174 2.96 -53.54 -36.58
CA ALA G 174 2.28 -53.94 -37.79
C ALA G 174 1.08 -53.01 -38.00
N PRO G 175 0.85 -52.57 -39.24
CA PRO G 175 -0.25 -51.62 -39.47
C PRO G 175 -1.63 -52.17 -39.17
N GLN G 176 -1.80 -53.49 -39.10
CA GLN G 176 -3.11 -54.06 -38.84
C GLN G 176 -3.65 -53.63 -37.47
N VAL G 177 -2.77 -53.43 -36.51
CA VAL G 177 -3.18 -53.04 -35.15
C VAL G 177 -2.38 -51.82 -34.71
N SER G 178 -1.73 -51.15 -35.65
CA SER G 178 -0.88 -50.01 -35.32
C SER G 178 -1.72 -48.87 -34.78
N THR G 179 -1.33 -48.34 -33.63
CA THR G 179 -2.03 -47.24 -32.99
C THR G 179 -1.31 -45.91 -33.14
N ALA G 180 -0.26 -45.85 -33.95
CA ALA G 180 0.52 -44.63 -34.10
C ALA G 180 1.22 -44.64 -35.45
N VAL G 181 1.40 -43.45 -36.02
CA VAL G 181 2.07 -43.32 -37.30
C VAL G 181 3.58 -43.29 -37.13
N VAL G 182 4.06 -42.78 -36.00
CA VAL G 182 5.48 -42.57 -35.77
C VAL G 182 6.13 -43.82 -35.20
N GLU G 183 5.43 -44.96 -35.30
CA GLU G 183 6.00 -46.21 -34.79
C GLU G 183 7.31 -46.60 -35.46
N PRO G 184 7.52 -46.36 -36.77
CA PRO G 184 8.87 -46.58 -37.32
C PRO G 184 9.95 -45.75 -36.64
N TYR G 185 9.64 -44.49 -36.31
CA TYR G 185 10.60 -43.65 -35.59
C TYR G 185 10.98 -44.28 -34.26
N ASN G 186 9.97 -44.63 -33.45
CA ASN G 186 10.25 -45.18 -32.13
C ASN G 186 11.01 -46.51 -32.22
N SER G 187 10.72 -47.30 -33.24
CA SER G 187 11.39 -48.60 -33.38
C SER G 187 12.87 -48.42 -33.65
N ILE G 188 13.21 -47.52 -34.57
CA ILE G 188 14.61 -47.28 -34.90
C ILE G 188 15.37 -46.68 -33.73
N LEU G 189 14.71 -45.78 -32.98
CA LEU G 189 15.39 -45.10 -31.88
C LEU G 189 15.66 -46.05 -30.72
N THR G 190 14.73 -46.96 -30.43
CA THR G 190 14.96 -47.87 -29.30
C THR G 190 15.92 -48.99 -29.68
N THR G 191 15.86 -49.47 -30.92
CA THR G 191 16.78 -50.50 -31.37
C THR G 191 18.21 -50.00 -31.36
N HIS G 192 18.40 -48.70 -31.57
CA HIS G 192 19.74 -48.12 -31.60
C HIS G 192 20.32 -48.02 -30.19
N THR G 193 19.58 -47.40 -29.27
CA THR G 193 20.09 -47.17 -27.91
C THR G 193 20.09 -48.41 -27.04
N THR G 194 19.46 -49.50 -27.48
CA THR G 194 19.43 -50.74 -26.74
C THR G 194 20.35 -51.81 -27.34
N LEU G 195 20.91 -51.57 -28.53
CA LEU G 195 21.65 -52.60 -29.23
C LEU G 195 22.88 -53.04 -28.44
N GLU G 196 23.55 -52.10 -27.78
CA GLU G 196 24.76 -52.42 -27.03
C GLU G 196 24.47 -52.85 -25.60
N HIS G 197 23.21 -52.87 -25.19
CA HIS G 197 22.83 -53.31 -23.86
C HIS G 197 22.06 -54.62 -23.83
N SER G 198 21.58 -55.09 -24.97
CA SER G 198 20.81 -56.33 -25.04
C SER G 198 21.70 -57.48 -25.45
N ASP G 199 21.61 -58.59 -24.72
CA ASP G 199 22.35 -59.79 -25.07
C ASP G 199 21.60 -60.69 -26.05
N CYS G 200 20.27 -60.69 -25.97
CA CYS G 200 19.44 -61.47 -26.87
C CYS G 200 18.07 -60.81 -26.94
N ALA G 201 17.52 -60.71 -28.14
CA ALA G 201 16.25 -60.02 -28.36
C ALA G 201 15.37 -60.86 -29.28
N PHE G 202 14.24 -61.33 -28.76
CA PHE G 202 13.27 -62.11 -29.51
C PHE G 202 12.18 -61.17 -30.01
N MET G 203 12.24 -60.83 -31.29
CA MET G 203 11.20 -59.99 -31.89
C MET G 203 9.97 -60.82 -32.23
N VAL G 204 8.82 -60.17 -32.23
CA VAL G 204 7.55 -60.79 -32.53
C VAL G 204 6.78 -59.82 -33.42
N ASP G 205 6.74 -60.13 -34.72
CA ASP G 205 5.95 -59.33 -35.65
C ASP G 205 4.48 -59.49 -35.32
N ASN G 206 3.83 -58.38 -34.97
CA ASN G 206 2.40 -58.43 -34.69
C ASN G 206 1.62 -58.90 -35.92
N GLU G 207 2.14 -58.65 -37.11
CA GLU G 207 1.49 -59.14 -38.33
C GLU G 207 1.54 -60.65 -38.40
N ALA G 208 2.65 -61.25 -37.99
CA ALA G 208 2.77 -62.71 -38.02
C ALA G 208 1.80 -63.36 -37.04
N ILE G 209 1.77 -62.86 -35.80
CA ILE G 209 0.82 -63.39 -34.83
C ILE G 209 -0.61 -63.10 -35.27
N TYR G 210 -0.83 -61.95 -35.91
CA TYR G 210 -2.16 -61.61 -36.40
C TYR G 210 -2.63 -62.58 -37.48
N ASP G 211 -1.73 -62.92 -38.41
CA ASP G 211 -2.11 -63.81 -39.50
C ASP G 211 -2.21 -65.26 -39.06
N ILE G 212 -1.38 -65.68 -38.10
CA ILE G 212 -1.47 -67.04 -37.58
C ILE G 212 -2.79 -67.25 -36.84
N CYS G 213 -3.26 -66.22 -36.13
CA CYS G 213 -4.56 -66.30 -35.48
C CYS G 213 -5.69 -66.36 -36.50
N ARG G 214 -5.59 -65.58 -37.58
CA ARG G 214 -6.62 -65.62 -38.62
C ARG G 214 -6.59 -66.95 -39.35
N ARG G 215 -5.39 -67.46 -39.66
CA ARG G 215 -5.27 -68.66 -40.51
C ARG G 215 -5.58 -69.93 -39.73
N ASN G 216 -4.87 -70.16 -38.63
CA ASN G 216 -4.96 -71.43 -37.92
C ASN G 216 -6.08 -71.46 -36.89
N LEU G 217 -6.38 -70.34 -36.25
CA LEU G 217 -7.47 -70.28 -35.28
C LEU G 217 -8.79 -69.85 -35.88
N ASP G 218 -8.79 -69.40 -37.13
CA ASP G 218 -10.00 -68.95 -37.84
C ASP G 218 -10.70 -67.83 -37.08
N ILE G 219 -9.94 -66.79 -36.74
CA ILE G 219 -10.45 -65.61 -36.06
C ILE G 219 -10.42 -64.46 -37.06
N GLU G 220 -11.58 -63.86 -37.32
CA GLU G 220 -11.69 -62.81 -38.32
C GLU G 220 -10.76 -61.64 -38.00
N ARG G 221 -11.03 -60.95 -36.89
CA ARG G 221 -10.18 -59.85 -36.43
C ARG G 221 -9.66 -60.20 -35.03
N PRO G 222 -8.45 -60.75 -34.93
CA PRO G 222 -7.92 -61.12 -33.61
C PRO G 222 -7.79 -59.91 -32.69
N THR G 223 -8.23 -60.09 -31.45
CA THR G 223 -8.04 -59.09 -30.42
C THR G 223 -6.64 -59.22 -29.81
N TYR G 224 -6.27 -58.26 -28.97
CA TYR G 224 -5.00 -58.34 -28.27
C TYR G 224 -4.94 -59.59 -27.39
N THR G 225 -6.09 -60.02 -26.86
CA THR G 225 -6.12 -61.23 -26.04
C THR G 225 -5.74 -62.45 -26.87
N ASN G 226 -6.17 -62.51 -28.13
CA ASN G 226 -5.77 -63.59 -29.01
C ASN G 226 -4.26 -63.56 -29.26
N LEU G 227 -3.73 -62.39 -29.60
CA LEU G 227 -2.30 -62.27 -29.88
C LEU G 227 -1.47 -62.61 -28.65
N ASN G 228 -1.89 -62.11 -27.48
CA ASN G 228 -1.09 -62.29 -26.27
C ASN G 228 -1.07 -63.75 -25.82
N ARG G 229 -2.21 -64.45 -25.94
CA ARG G 229 -2.23 -65.86 -25.56
C ARG G 229 -1.36 -66.69 -26.49
N LEU G 230 -1.37 -66.38 -27.79
CA LEU G 230 -0.48 -67.07 -28.71
C LEU G 230 0.98 -66.75 -28.41
N ILE G 231 1.28 -65.48 -28.12
CA ILE G 231 2.64 -65.09 -27.78
C ILE G 231 3.08 -65.77 -26.48
N GLY G 232 2.22 -65.76 -25.47
CA GLY G 232 2.54 -66.40 -24.21
C GLY G 232 2.88 -67.87 -24.36
N GLN G 233 2.30 -68.52 -25.37
CA GLN G 233 2.65 -69.91 -25.66
C GLN G 233 4.11 -70.03 -26.06
N ILE G 234 4.61 -69.09 -26.85
CA ILE G 234 6.00 -69.16 -27.31
C ILE G 234 6.94 -68.76 -26.19
N VAL G 235 6.65 -67.65 -25.50
CA VAL G 235 7.50 -67.19 -24.40
C VAL G 235 7.61 -68.26 -23.33
N SER G 236 6.54 -69.01 -23.09
CA SER G 236 6.63 -70.14 -22.17
C SER G 236 7.58 -71.21 -22.70
N SER G 237 7.52 -71.49 -24.00
CA SER G 237 8.40 -72.52 -24.58
C SER G 237 9.86 -72.11 -24.51
N ILE G 238 10.14 -70.81 -24.57
CA ILE G 238 11.53 -70.34 -24.48
C ILE G 238 12.02 -70.37 -23.04
N THR G 239 11.19 -69.90 -22.11
CA THR G 239 11.57 -69.85 -20.70
C THR G 239 11.41 -71.19 -19.99
N ALA G 240 10.77 -72.18 -20.61
CA ALA G 240 10.55 -73.46 -19.96
C ALA G 240 11.86 -74.12 -19.57
N SER G 241 12.91 -73.91 -20.37
CA SER G 241 14.22 -74.46 -20.05
C SER G 241 14.80 -73.86 -18.77
N LEU G 242 14.35 -72.68 -18.38
CA LEU G 242 14.76 -72.07 -17.12
C LEU G 242 13.87 -72.47 -15.96
N ARG G 243 12.59 -72.73 -16.21
CA ARG G 243 11.65 -73.09 -15.17
C ARG G 243 11.61 -74.59 -14.91
N PHE G 244 12.03 -75.41 -15.87
CA PHE G 244 12.18 -76.84 -15.69
C PHE G 244 13.63 -77.23 -15.93
N ASP G 245 14.09 -78.25 -15.19
CA ASP G 245 15.45 -78.74 -15.38
C ASP G 245 15.53 -79.49 -16.69
N GLY G 246 16.26 -78.92 -17.66
CA GLY G 246 16.47 -79.58 -18.93
C GLY G 246 17.93 -79.60 -19.33
N ALA G 247 18.21 -79.83 -20.61
CA ALA G 247 19.57 -79.84 -21.14
C ALA G 247 19.92 -78.62 -21.96
N LEU G 248 18.96 -78.09 -22.73
CA LEU G 248 19.22 -76.98 -23.63
C LEU G 248 18.73 -75.69 -22.99
N ASN G 249 19.59 -74.66 -23.00
CA ASN G 249 19.25 -73.31 -22.55
C ASN G 249 18.89 -73.28 -21.06
N VAL G 250 19.78 -73.82 -20.22
CA VAL G 250 19.51 -73.89 -18.79
C VAL G 250 19.74 -72.57 -18.07
N ASP G 251 20.40 -71.60 -18.71
CA ASP G 251 20.53 -70.27 -18.13
C ASP G 251 20.59 -69.25 -19.25
N LEU G 252 20.53 -67.97 -18.87
CA LEU G 252 20.48 -66.90 -19.86
C LEU G 252 21.77 -66.77 -20.64
N THR G 253 22.91 -67.11 -20.02
CA THR G 253 24.18 -67.09 -20.73
C THR G 253 24.25 -68.14 -21.83
N GLU G 254 23.45 -69.20 -21.72
CA GLU G 254 23.43 -70.25 -22.73
C GLU G 254 22.61 -69.85 -23.95
N PHE G 255 21.74 -68.84 -23.84
CA PHE G 255 21.04 -68.35 -25.02
C PHE G 255 21.99 -67.63 -25.97
N GLN G 256 22.90 -66.83 -25.43
CA GLN G 256 23.91 -66.18 -26.26
C GLN G 256 24.89 -67.19 -26.84
N THR G 257 25.27 -68.19 -26.03
CA THR G 257 26.23 -69.17 -26.49
C THR G 257 25.72 -69.98 -27.67
N ASN G 258 24.41 -70.24 -27.72
CA ASN G 258 23.83 -71.09 -28.74
C ASN G 258 23.23 -70.33 -29.91
N LEU G 259 23.04 -69.01 -29.78
CA LEU G 259 22.35 -68.24 -30.80
C LEU G 259 23.04 -66.94 -31.19
N VAL G 260 24.01 -66.46 -30.43
CA VAL G 260 24.62 -65.16 -30.69
C VAL G 260 26.10 -65.32 -30.99
N PRO G 261 26.50 -65.43 -32.27
CA PRO G 261 27.92 -65.47 -32.62
C PRO G 261 28.53 -64.09 -32.80
N TYR G 262 27.72 -63.04 -32.73
CA TYR G 262 28.11 -61.69 -33.10
C TYR G 262 27.32 -60.74 -32.20
N PRO G 263 28.00 -59.92 -31.39
CA PRO G 263 27.26 -59.11 -30.39
C PRO G 263 26.12 -58.29 -30.95
N ARG G 264 26.22 -57.82 -32.20
CA ARG G 264 25.13 -57.07 -32.81
C ARG G 264 24.08 -57.98 -33.44
N ALA G 265 24.43 -59.21 -33.78
CA ALA G 265 23.49 -60.15 -34.38
C ALA G 265 22.88 -61.04 -33.29
N HIS G 266 22.07 -60.40 -32.45
CA HIS G 266 21.42 -61.08 -31.33
C HIS G 266 19.89 -61.05 -31.46
N PHE G 267 19.39 -61.29 -32.67
CA PHE G 267 17.96 -61.30 -32.95
C PHE G 267 17.57 -62.65 -33.55
N PRO G 268 17.23 -63.63 -32.71
CA PRO G 268 16.80 -64.92 -33.24
C PRO G 268 15.39 -64.87 -33.80
N LEU G 269 15.05 -65.91 -34.57
CA LEU G 269 13.74 -66.05 -35.20
C LEU G 269 13.05 -67.28 -34.62
N ALA G 270 11.96 -67.07 -33.91
CA ALA G 270 11.24 -68.15 -33.24
C ALA G 270 10.08 -68.62 -34.11
N THR G 271 9.94 -69.95 -34.21
CA THR G 271 8.90 -70.59 -35.01
C THR G 271 8.23 -71.67 -34.18
N TYR G 272 6.95 -71.49 -33.88
CA TYR G 272 6.21 -72.38 -33.00
C TYR G 272 5.19 -73.20 -33.79
N ALA G 273 5.00 -74.44 -33.37
CA ALA G 273 4.04 -75.36 -33.97
C ALA G 273 3.80 -76.54 -33.03
N PRO G 274 2.60 -77.13 -33.02
CA PRO G 274 1.44 -76.73 -33.81
C PRO G 274 0.53 -75.76 -33.08
N VAL G 275 -0.16 -74.91 -33.84
CA VAL G 275 -1.16 -74.00 -33.31
C VAL G 275 -2.50 -74.44 -33.88
N ILE G 276 -3.29 -75.12 -33.06
CA ILE G 276 -4.54 -75.74 -33.50
C ILE G 276 -5.70 -75.09 -32.77
N SER G 277 -6.75 -74.75 -33.51
CA SER G 277 -7.94 -74.18 -32.90
C SER G 277 -8.63 -75.21 -32.01
N ALA G 278 -9.36 -74.70 -31.02
CA ALA G 278 -10.14 -75.53 -30.12
C ALA G 278 -11.57 -75.77 -30.64
N GLU G 279 -11.72 -76.06 -31.92
CA GLU G 279 -13.03 -76.28 -32.52
C GLU G 279 -12.93 -77.16 -33.76
N GLU G 284 -6.77 -84.59 -35.74
CA GLU G 284 -6.14 -85.52 -34.81
C GLU G 284 -4.69 -85.14 -34.55
N GLN G 285 -4.02 -85.94 -33.72
CA GLN G 285 -2.72 -85.56 -33.19
C GLN G 285 -1.63 -85.63 -34.25
N LEU G 286 -0.71 -84.66 -34.21
CA LEU G 286 0.37 -84.56 -35.17
C LEU G 286 1.63 -85.24 -34.64
N SER G 287 2.41 -85.79 -35.56
CA SER G 287 3.62 -86.51 -35.22
C SER G 287 4.78 -85.54 -34.98
N VAL G 288 5.92 -86.08 -34.58
CA VAL G 288 7.11 -85.25 -34.38
C VAL G 288 7.61 -84.72 -35.72
N ALA G 289 7.54 -85.53 -36.77
CA ALA G 289 8.02 -85.10 -38.08
C ALA G 289 7.15 -84.01 -38.66
N GLU G 290 5.85 -83.99 -38.34
CA GLU G 290 4.96 -82.98 -38.90
C GLU G 290 5.13 -81.64 -38.20
N ILE G 291 5.30 -81.64 -36.87
CA ILE G 291 5.48 -80.38 -36.16
C ILE G 291 6.88 -79.82 -36.42
N THR G 292 7.85 -80.69 -36.71
CA THR G 292 9.19 -80.22 -37.05
C THR G 292 9.23 -79.64 -38.46
N ASN G 293 8.44 -80.22 -39.37
CA ASN G 293 8.33 -79.64 -40.72
C ASN G 293 7.70 -78.26 -40.67
N ALA G 294 6.70 -78.08 -39.80
CA ALA G 294 6.01 -76.80 -39.72
C ALA G 294 6.91 -75.68 -39.22
N CYS G 295 8.00 -76.00 -38.52
CA CYS G 295 8.93 -74.98 -38.05
C CYS G 295 9.71 -74.34 -39.20
N PHE G 296 9.72 -74.97 -40.37
CA PHE G 296 10.38 -74.43 -41.54
C PHE G 296 9.40 -73.89 -42.58
N GLU G 297 8.14 -73.70 -42.19
CA GLU G 297 7.17 -73.03 -43.03
C GLU G 297 7.07 -71.58 -42.60
N PRO G 298 7.45 -70.61 -43.43
CA PRO G 298 7.44 -69.21 -42.98
C PRO G 298 6.08 -68.73 -42.48
N ALA G 299 4.99 -69.41 -42.81
CA ALA G 299 3.68 -69.04 -42.29
C ALA G 299 3.58 -69.27 -40.78
N ASN G 300 4.47 -70.08 -40.21
CA ASN G 300 4.48 -70.36 -38.78
C ASN G 300 5.49 -69.53 -38.02
N GLN G 301 6.22 -68.64 -38.68
CA GLN G 301 7.19 -67.79 -38.00
C GLN G 301 6.48 -66.66 -37.26
N MET G 302 7.22 -66.04 -36.35
CA MET G 302 6.72 -64.89 -35.60
C MET G 302 7.31 -63.57 -36.08
N VAL G 303 8.21 -63.61 -37.06
CA VAL G 303 8.67 -62.42 -37.77
C VAL G 303 8.59 -62.73 -39.26
N LYS G 304 7.82 -61.94 -40.00
CA LYS G 304 7.62 -62.20 -41.43
C LYS G 304 8.92 -61.95 -42.18
N CYS G 305 9.49 -63.02 -42.73
CA CYS G 305 10.71 -62.99 -43.53
C CYS G 305 10.92 -64.39 -44.09
N ASP G 306 11.74 -64.47 -45.14
CA ASP G 306 11.95 -65.75 -45.82
C ASP G 306 13.34 -66.28 -45.53
N PRO G 307 13.50 -67.27 -44.65
CA PRO G 307 14.85 -67.79 -44.36
C PRO G 307 15.52 -68.42 -45.55
N ARG G 308 14.76 -68.82 -46.58
CA ARG G 308 15.35 -69.34 -47.80
C ARG G 308 16.14 -68.26 -48.54
N HIS G 309 15.89 -66.99 -48.23
CA HIS G 309 16.65 -65.87 -48.78
C HIS G 309 17.77 -65.42 -47.85
N GLY G 310 18.25 -66.31 -46.97
CA GLY G 310 19.30 -65.98 -46.04
C GLY G 310 20.07 -67.22 -45.62
N LYS G 311 21.06 -67.01 -44.77
CA LYS G 311 21.91 -68.08 -44.27
C LYS G 311 21.76 -68.22 -42.76
N TYR G 312 21.76 -69.46 -42.29
CA TYR G 312 21.60 -69.73 -40.86
C TYR G 312 22.92 -69.59 -40.13
N MET G 313 22.83 -69.21 -38.85
CA MET G 313 23.95 -69.25 -37.94
C MET G 313 23.70 -70.11 -36.71
N ALA G 314 22.46 -70.55 -36.49
CA ALA G 314 22.11 -71.38 -35.35
C ALA G 314 20.71 -71.92 -35.59
N CYS G 315 20.42 -73.05 -34.94
CA CYS G 315 19.09 -73.66 -35.04
C CYS G 315 18.91 -74.59 -33.85
N CYS G 316 17.94 -74.26 -32.98
CA CYS G 316 17.67 -75.04 -31.78
C CYS G 316 16.20 -75.43 -31.77
N LEU G 317 15.95 -76.72 -31.56
CA LEU G 317 14.58 -77.25 -31.50
C LEU G 317 14.22 -77.52 -30.05
N LEU G 318 13.29 -76.73 -29.52
CA LEU G 318 12.85 -76.86 -28.13
C LEU G 318 11.53 -77.63 -28.13
N TYR G 319 11.63 -78.95 -28.05
CA TYR G 319 10.44 -79.79 -27.99
C TYR G 319 9.87 -79.82 -26.58
N ARG G 320 8.55 -79.99 -26.51
CA ARG G 320 7.89 -80.27 -25.24
C ARG G 320 6.65 -81.10 -25.52
N GLY G 321 6.44 -82.11 -24.68
CA GLY G 321 5.34 -83.03 -24.85
C GLY G 321 5.78 -84.47 -25.05
N ASP G 322 4.92 -85.29 -25.68
CA ASP G 322 5.22 -86.70 -25.93
C ASP G 322 6.16 -86.78 -27.14
N VAL G 323 7.44 -86.63 -26.86
CA VAL G 323 8.47 -86.56 -27.90
C VAL G 323 9.60 -87.52 -27.55
N VAL G 324 9.96 -88.38 -28.50
CA VAL G 324 11.03 -89.36 -28.30
C VAL G 324 12.24 -88.90 -29.11
N PRO G 325 13.45 -88.99 -28.57
CA PRO G 325 14.62 -88.49 -29.30
C PRO G 325 14.85 -89.12 -30.66
N LYS G 326 14.64 -90.44 -30.79
CA LYS G 326 14.88 -91.08 -32.08
C LYS G 326 13.90 -90.58 -33.14
N ASP G 327 12.66 -90.25 -32.73
CA ASP G 327 11.72 -89.66 -33.67
C ASP G 327 12.16 -88.26 -34.09
N VAL G 328 12.85 -87.54 -33.22
CA VAL G 328 13.36 -86.22 -33.58
C VAL G 328 14.46 -86.34 -34.63
N ASN G 329 15.48 -87.16 -34.35
CA ASN G 329 16.59 -87.31 -35.28
C ASN G 329 16.13 -87.86 -36.61
N ALA G 330 15.09 -88.69 -36.61
CA ALA G 330 14.52 -89.16 -37.88
C ALA G 330 13.92 -88.01 -38.66
N ALA G 331 13.18 -87.13 -37.99
CA ALA G 331 12.56 -85.98 -38.66
C ALA G 331 13.61 -84.97 -39.10
N ILE G 332 14.63 -84.73 -38.27
CA ILE G 332 15.68 -83.78 -38.63
C ILE G 332 16.43 -84.26 -39.86
N ALA G 333 16.80 -85.54 -39.89
CA ALA G 333 17.52 -86.08 -41.03
C ALA G 333 16.69 -86.00 -42.31
N THR G 334 15.37 -86.09 -42.19
CA THR G 334 14.51 -85.92 -43.36
C THR G 334 14.46 -84.47 -43.81
N ILE G 335 14.35 -83.54 -42.86
CA ILE G 335 14.23 -82.13 -43.20
C ILE G 335 15.56 -81.58 -43.70
N LYS G 336 16.66 -82.00 -43.08
CA LYS G 336 17.97 -81.50 -43.49
C LYS G 336 18.30 -81.88 -44.93
N THR G 337 17.61 -82.87 -45.49
CA THR G 337 17.72 -83.21 -46.91
C THR G 337 16.58 -82.61 -47.73
N LYS G 338 15.33 -82.84 -47.34
CA LYS G 338 14.19 -82.42 -48.13
C LYS G 338 13.97 -80.91 -48.13
N ARG G 339 14.82 -80.14 -47.44
CA ARG G 339 14.68 -78.69 -47.42
C ARG G 339 16.04 -78.04 -47.65
N THR G 340 16.02 -76.71 -47.65
CA THR G 340 17.18 -75.90 -48.02
C THR G 340 17.54 -75.03 -46.82
N ILE G 341 18.39 -75.56 -45.94
CA ILE G 341 18.85 -74.82 -44.78
C ILE G 341 20.32 -74.47 -45.04
N GLN G 342 20.57 -73.24 -45.46
CA GLN G 342 21.92 -72.77 -45.76
C GLN G 342 22.58 -72.24 -44.48
N PHE G 343 23.65 -72.90 -44.05
CA PHE G 343 24.45 -72.41 -42.95
C PHE G 343 25.62 -71.60 -43.50
N VAL G 344 26.06 -70.62 -42.71
CA VAL G 344 27.32 -69.96 -43.03
C VAL G 344 28.45 -70.97 -42.90
N ASP G 345 29.46 -70.83 -43.75
CA ASP G 345 30.52 -71.83 -43.82
C ASP G 345 31.50 -71.77 -42.65
N TRP G 346 31.12 -71.15 -41.53
CA TRP G 346 31.93 -71.13 -40.31
C TRP G 346 31.11 -71.50 -39.08
N CYS G 347 29.95 -72.14 -39.27
CA CYS G 347 29.02 -72.51 -38.21
C CYS G 347 29.01 -74.01 -37.99
N PRO G 348 28.81 -74.47 -36.75
CA PRO G 348 28.78 -75.92 -36.48
C PRO G 348 27.68 -76.68 -37.22
N THR G 349 26.78 -76.01 -37.94
CA THR G 349 25.77 -76.60 -38.82
C THR G 349 24.95 -77.71 -38.17
N GLY G 350 25.13 -77.95 -36.87
CA GLY G 350 24.40 -78.98 -36.16
C GLY G 350 23.25 -78.40 -35.37
N PHE G 351 22.12 -79.09 -35.41
CA PHE G 351 20.94 -78.68 -34.64
C PHE G 351 21.12 -79.05 -33.18
N LYS G 352 20.63 -78.18 -32.29
CA LYS G 352 20.52 -78.50 -30.88
C LYS G 352 19.08 -78.85 -30.56
N VAL G 353 18.90 -79.85 -29.70
CA VAL G 353 17.57 -80.37 -29.38
C VAL G 353 17.40 -80.43 -27.88
N GLY G 354 16.35 -79.80 -27.38
CA GLY G 354 15.95 -79.92 -25.99
C GLY G 354 14.54 -80.49 -25.91
N ILE G 355 14.33 -81.40 -24.96
CA ILE G 355 13.06 -82.08 -24.81
C ILE G 355 12.55 -81.89 -23.39
N ASN G 356 11.30 -81.49 -23.25
CA ASN G 356 10.63 -81.35 -21.96
C ASN G 356 9.36 -82.19 -22.01
N TYR G 357 9.36 -83.32 -21.30
CA TYR G 357 8.24 -84.26 -21.42
C TYR G 357 6.93 -83.76 -20.79
N GLU G 358 6.86 -82.51 -20.31
CA GLU G 358 5.59 -82.00 -19.83
C GLU G 358 4.74 -81.49 -21.00
N PRO G 359 3.43 -81.72 -20.97
CA PRO G 359 2.61 -81.37 -22.12
C PRO G 359 2.44 -79.87 -22.24
N PRO G 360 2.22 -79.35 -23.45
CA PRO G 360 1.99 -77.91 -23.61
C PRO G 360 0.67 -77.50 -22.98
N THR G 361 0.75 -76.63 -21.99
CA THR G 361 -0.44 -76.13 -21.30
C THR G 361 -1.04 -74.95 -22.04
N VAL G 362 -2.37 -74.92 -22.12
CA VAL G 362 -3.10 -73.82 -22.72
C VAL G 362 -4.03 -73.23 -21.67
N VAL G 363 -4.57 -72.06 -21.98
CA VAL G 363 -5.56 -71.44 -21.08
C VAL G 363 -6.86 -72.23 -21.14
N PRO G 364 -7.44 -72.62 -20.00
CA PRO G 364 -8.69 -73.38 -20.04
C PRO G 364 -9.81 -72.55 -20.66
N GLY G 365 -10.57 -73.18 -21.56
CA GLY G 365 -11.60 -72.48 -22.29
C GLY G 365 -11.09 -71.48 -23.29
N GLY G 366 -9.80 -71.51 -23.60
CA GLY G 366 -9.21 -70.53 -24.50
C GLY G 366 -9.48 -70.85 -25.96
N ASP G 367 -8.61 -70.31 -26.82
CA ASP G 367 -8.73 -70.50 -28.26
C ASP G 367 -7.80 -71.57 -28.80
N LEU G 368 -6.79 -71.95 -28.04
CA LEU G 368 -5.83 -72.97 -28.44
C LEU G 368 -6.19 -74.30 -27.80
N ALA G 369 -6.15 -75.36 -28.61
CA ALA G 369 -6.44 -76.70 -28.10
C ALA G 369 -5.20 -77.30 -27.46
N LYS G 370 -5.42 -78.14 -26.45
CA LYS G 370 -4.33 -78.89 -25.84
C LYS G 370 -3.75 -79.87 -26.85
N VAL G 371 -2.42 -79.91 -26.93
CA VAL G 371 -1.74 -80.77 -27.89
C VAL G 371 -0.90 -81.79 -27.15
N GLN G 372 -0.73 -82.95 -27.78
CA GLN G 372 0.10 -84.01 -27.20
C GLN G 372 1.57 -83.60 -27.19
N ARG G 373 2.02 -82.89 -28.22
CA ARG G 373 3.41 -82.49 -28.34
C ARG G 373 3.48 -81.19 -29.14
N ALA G 374 4.54 -80.43 -28.91
CA ALA G 374 4.76 -79.17 -29.60
C ALA G 374 6.25 -78.90 -29.64
N VAL G 375 6.62 -77.90 -30.45
CA VAL G 375 8.03 -77.57 -30.66
C VAL G 375 8.13 -76.09 -30.98
N CYS G 376 9.17 -75.44 -30.46
CA CYS G 376 9.48 -74.06 -30.77
C CYS G 376 10.93 -74.00 -31.24
N MET G 377 11.13 -73.57 -32.49
CA MET G 377 12.46 -73.51 -33.09
C MET G 377 13.04 -72.12 -32.95
N LEU G 378 14.27 -72.05 -32.45
CA LEU G 378 15.00 -70.79 -32.31
C LEU G 378 16.16 -70.81 -33.29
N SER G 379 16.02 -70.06 -34.38
CA SER G 379 17.00 -70.03 -35.46
C SER G 379 17.49 -68.61 -35.66
N ASN G 380 18.82 -68.46 -35.79
CA ASN G 380 19.45 -67.16 -36.01
C ASN G 380 19.82 -67.09 -37.49
N THR G 381 18.92 -66.53 -38.29
CA THR G 381 19.12 -66.43 -39.74
C THR G 381 19.25 -64.96 -40.15
N THR G 382 20.01 -64.74 -41.23
CA THR G 382 20.19 -63.39 -41.74
C THR G 382 18.93 -62.84 -42.39
N ALA G 383 17.96 -63.69 -42.69
CA ALA G 383 16.73 -63.22 -43.33
C ALA G 383 15.89 -62.35 -42.42
N ILE G 384 16.16 -62.38 -41.10
CA ILE G 384 15.42 -61.50 -40.19
C ILE G 384 15.76 -60.04 -40.42
N ALA G 385 16.86 -59.76 -41.12
CA ALA G 385 17.20 -58.39 -41.48
C ALA G 385 16.20 -57.78 -42.45
N GLU G 386 15.34 -58.58 -43.07
CA GLU G 386 14.26 -58.02 -43.88
C GLU G 386 13.32 -57.18 -43.03
N ALA G 387 13.11 -57.56 -41.77
CA ALA G 387 12.27 -56.77 -40.88
C ALA G 387 12.89 -55.41 -40.61
N TRP G 388 14.22 -55.36 -40.49
CA TRP G 388 14.88 -54.07 -40.35
C TRP G 388 14.73 -53.23 -41.61
N ALA G 389 14.64 -53.87 -42.77
CA ALA G 389 14.48 -53.14 -44.02
C ALA G 389 13.10 -52.50 -44.11
N ARG G 390 12.07 -53.22 -43.66
CA ARG G 390 10.72 -52.65 -43.69
C ARG G 390 10.59 -51.48 -42.74
N LEU G 391 11.29 -51.52 -41.60
CA LEU G 391 11.27 -50.39 -40.67
C LEU G 391 12.11 -49.24 -41.19
N ASP G 392 13.32 -49.55 -41.70
CA ASP G 392 14.20 -48.49 -42.19
C ASP G 392 13.60 -47.76 -43.38
N HIS G 393 12.73 -48.43 -44.15
CA HIS G 393 12.12 -47.77 -45.29
C HIS G 393 11.06 -46.77 -44.85
N LYS G 394 10.10 -47.23 -44.02
CA LYS G 394 9.09 -46.31 -43.50
C LYS G 394 9.73 -45.16 -42.75
N PHE G 395 10.83 -45.42 -42.04
CA PHE G 395 11.59 -44.36 -41.39
C PHE G 395 12.12 -43.36 -42.42
N ASP G 396 12.75 -43.86 -43.49
CA ASP G 396 13.36 -42.98 -44.47
C ASP G 396 12.34 -42.12 -45.19
N LEU G 397 11.13 -42.64 -45.41
CA LEU G 397 10.10 -41.88 -46.11
C LEU G 397 9.70 -40.63 -45.34
N MET G 398 9.49 -40.78 -44.02
CA MET G 398 9.07 -39.65 -43.21
C MET G 398 10.24 -38.73 -42.88
N TYR G 399 11.39 -39.29 -42.53
CA TYR G 399 12.51 -38.45 -42.08
C TYR G 399 13.10 -37.63 -43.21
N ALA G 400 12.89 -38.04 -44.47
CA ALA G 400 13.32 -37.22 -45.59
C ALA G 400 12.57 -35.90 -45.65
N LYS G 401 11.37 -35.84 -45.07
CA LYS G 401 10.60 -34.62 -44.95
C LYS G 401 10.63 -34.04 -43.55
N ARG G 402 11.30 -34.71 -42.61
CA ARG G 402 11.31 -34.32 -41.20
C ARG G 402 9.90 -34.24 -40.62
N ALA G 403 9.01 -35.10 -41.12
CA ALA G 403 7.65 -35.16 -40.59
C ALA G 403 7.64 -35.76 -39.20
N PHE G 404 6.87 -35.14 -38.30
CA PHE G 404 6.68 -35.55 -36.91
C PHE G 404 7.96 -35.41 -36.09
N VAL G 405 9.03 -34.85 -36.65
CA VAL G 405 10.28 -34.73 -35.90
C VAL G 405 10.15 -33.69 -34.80
N HIS G 406 9.35 -32.64 -35.03
CA HIS G 406 9.21 -31.59 -34.05
C HIS G 406 8.67 -32.11 -32.73
N TRP G 407 7.91 -33.21 -32.76
CA TRP G 407 7.42 -33.81 -31.53
C TRP G 407 8.57 -34.33 -30.68
N TYR G 408 9.55 -34.98 -31.32
CA TYR G 408 10.68 -35.54 -30.58
C TYR G 408 11.64 -34.45 -30.13
N VAL G 409 11.93 -33.48 -31.01
CA VAL G 409 12.80 -32.37 -30.63
C VAL G 409 12.17 -31.54 -29.53
N GLY G 410 10.85 -31.43 -29.52
CA GLY G 410 10.16 -30.74 -28.46
C GLY G 410 10.10 -31.47 -27.14
N GLU G 411 10.76 -32.63 -27.04
CA GLU G 411 10.76 -33.43 -25.82
C GLU G 411 12.18 -33.90 -25.49
N GLY G 412 13.15 -33.01 -25.65
CA GLY G 412 14.50 -33.25 -25.17
C GLY G 412 15.41 -34.01 -26.10
N MET G 413 14.96 -34.34 -27.31
CA MET G 413 15.77 -35.06 -28.28
C MET G 413 16.41 -34.09 -29.25
N GLU G 414 17.72 -34.22 -29.43
CA GLU G 414 18.40 -33.50 -30.49
C GLU G 414 18.13 -34.20 -31.82
N GLU G 415 17.87 -33.39 -32.86
CA GLU G 415 17.49 -33.96 -34.15
C GLU G 415 18.57 -34.87 -34.72
N GLY G 416 19.83 -34.59 -34.40
CA GLY G 416 20.91 -35.44 -34.89
C GLY G 416 20.88 -36.86 -34.36
N GLU G 417 20.17 -37.09 -33.24
CA GLU G 417 20.03 -38.45 -32.72
C GLU G 417 19.24 -39.32 -33.69
N PHE G 418 18.33 -38.71 -34.47
CA PHE G 418 17.67 -39.44 -35.55
C PHE G 418 18.67 -39.97 -36.56
N SER G 419 19.61 -39.11 -36.98
CA SER G 419 20.62 -39.51 -37.94
C SER G 419 21.52 -40.61 -37.38
N GLU G 420 21.93 -40.48 -36.12
CA GLU G 420 22.77 -41.50 -35.49
C GLU G 420 22.06 -42.85 -35.47
N ALA G 421 20.78 -42.86 -35.10
CA ALA G 421 20.04 -44.11 -35.01
C ALA G 421 19.87 -44.76 -36.38
N ARG G 422 19.69 -43.94 -37.42
CA ARG G 422 19.52 -44.48 -38.76
C ARG G 422 20.84 -45.00 -39.31
N GLU G 423 21.95 -44.32 -39.00
CA GLU G 423 23.26 -44.80 -39.40
C GLU G 423 23.57 -46.15 -38.77
N ASP G 424 23.17 -46.35 -37.51
CA ASP G 424 23.38 -47.63 -36.87
C ASP G 424 22.56 -48.72 -37.54
N MET G 425 21.29 -48.44 -37.84
CA MET G 425 20.46 -49.40 -38.55
C MET G 425 20.98 -49.67 -39.95
N ALA G 426 21.61 -48.67 -40.58
CA ALA G 426 22.28 -48.90 -41.85
C ALA G 426 23.47 -49.83 -41.67
N ALA G 427 24.27 -49.62 -40.61
CA ALA G 427 25.39 -50.50 -40.33
C ALA G 427 24.92 -51.90 -39.96
N LEU G 428 23.83 -51.98 -39.18
CA LEU G 428 23.31 -53.29 -38.79
C LEU G 428 22.87 -54.09 -40.01
N GLU G 429 22.34 -53.41 -41.03
CA GLU G 429 21.94 -54.10 -42.25
C GLU G 429 23.14 -54.54 -43.07
N LYS G 430 24.22 -53.75 -43.05
CA LYS G 430 25.47 -54.21 -43.66
C LYS G 430 26.03 -55.42 -42.93
N ASP G 431 26.03 -55.36 -41.59
CA ASP G 431 26.58 -56.46 -40.79
C ASP G 431 25.83 -57.75 -41.05
N TYR G 432 24.51 -57.67 -41.29
CA TYR G 432 23.77 -58.87 -41.68
C TYR G 432 24.12 -59.30 -43.10
N GLU G 433 24.31 -58.33 -43.99
CA GLU G 433 24.70 -58.65 -45.36
C GLU G 433 26.05 -59.34 -45.41
N GLU G 434 27.03 -58.78 -44.68
CA GLU G 434 28.39 -59.33 -44.72
C GLU G 434 28.44 -60.74 -44.17
N VAL G 435 27.73 -60.99 -43.06
CA VAL G 435 27.67 -62.34 -42.50
C VAL G 435 26.98 -63.28 -43.46
N GLY G 436 26.01 -62.79 -44.21
CA GLY G 436 25.23 -63.61 -45.13
C GLY G 436 26.06 -64.31 -46.20
N VAL G 437 26.62 -63.54 -47.13
CA VAL G 437 27.36 -64.11 -48.25
C VAL G 437 28.55 -64.96 -47.79
N MET H 1 -3.15 -37.57 -18.33
CA MET H 1 -3.90 -37.33 -19.56
C MET H 1 -5.33 -37.87 -19.44
N ARG H 2 -6.11 -37.32 -18.50
CA ARG H 2 -7.46 -37.81 -18.25
C ARG H 2 -8.50 -36.71 -18.43
N GLU H 3 -8.49 -35.68 -17.59
CA GLU H 3 -9.57 -34.69 -17.56
C GLU H 3 -9.33 -33.58 -18.57
N ILE H 4 -10.40 -33.14 -19.22
CA ILE H 4 -10.35 -32.07 -20.21
C ILE H 4 -11.20 -30.92 -19.72
N VAL H 5 -10.60 -29.73 -19.68
CA VAL H 5 -11.31 -28.52 -19.27
C VAL H 5 -11.90 -27.87 -20.52
N HIS H 6 -13.21 -27.68 -20.53
CA HIS H 6 -13.91 -27.09 -21.66
C HIS H 6 -14.19 -25.62 -21.40
N ILE H 7 -14.03 -24.79 -22.43
CA ILE H 7 -14.28 -23.36 -22.37
C ILE H 7 -15.06 -22.93 -23.61
N GLN H 8 -16.06 -22.08 -23.40
CA GLN H 8 -16.82 -21.49 -24.50
C GLN H 8 -16.81 -19.98 -24.33
N ALA H 9 -16.53 -19.27 -25.41
CA ALA H 9 -16.35 -17.82 -25.36
C ALA H 9 -17.15 -17.15 -26.46
N GLY H 10 -17.85 -16.08 -26.11
CA GLY H 10 -18.58 -15.29 -27.07
C GLY H 10 -19.98 -15.83 -27.30
N GLN H 11 -20.65 -15.21 -28.29
CA GLN H 11 -21.99 -15.63 -28.66
C GLN H 11 -21.97 -17.03 -29.26
N CYS H 12 -21.27 -17.19 -30.39
CA CYS H 12 -21.23 -18.48 -31.06
C CYS H 12 -20.60 -19.55 -30.17
N GLY H 13 -19.60 -19.18 -29.38
CA GLY H 13 -18.95 -20.15 -28.51
C GLY H 13 -19.91 -20.76 -27.51
N ASN H 14 -20.71 -19.93 -26.85
CA ASN H 14 -21.69 -20.43 -25.89
C ASN H 14 -22.87 -21.11 -26.56
N GLN H 15 -23.18 -20.75 -27.81
CA GLN H 15 -24.27 -21.42 -28.53
C GLN H 15 -23.89 -22.85 -28.89
N ILE H 16 -22.78 -23.02 -29.64
CA ILE H 16 -22.38 -24.35 -30.06
C ILE H 16 -21.84 -25.15 -28.88
N GLY H 17 -21.33 -24.47 -27.85
CA GLY H 17 -20.89 -25.19 -26.66
C GLY H 17 -22.04 -25.77 -25.87
N ALA H 18 -23.12 -24.99 -25.70
CA ALA H 18 -24.28 -25.49 -24.97
C ALA H 18 -24.97 -26.62 -25.74
N LYS H 19 -25.05 -26.49 -27.08
CA LYS H 19 -25.60 -27.58 -27.89
C LYS H 19 -24.71 -28.82 -27.83
N PHE H 20 -23.40 -28.62 -27.70
CA PHE H 20 -22.49 -29.76 -27.59
C PHE H 20 -22.69 -30.50 -26.27
N TRP H 21 -22.85 -29.75 -25.17
CA TRP H 21 -23.06 -30.38 -23.88
C TRP H 21 -24.41 -31.10 -23.82
N GLU H 22 -25.42 -30.56 -24.50
CA GLU H 22 -26.70 -31.28 -24.59
C GLU H 22 -26.52 -32.63 -25.25
N VAL H 23 -25.69 -32.70 -26.29
CA VAL H 23 -25.55 -33.93 -27.07
C VAL H 23 -24.82 -35.00 -26.26
N ILE H 24 -23.68 -34.65 -25.67
CA ILE H 24 -22.87 -35.66 -25.01
C ILE H 24 -23.44 -36.02 -23.64
N SER H 25 -24.16 -35.11 -22.99
CA SER H 25 -24.82 -35.47 -21.73
C SER H 25 -25.91 -36.49 -21.96
N ASP H 26 -26.60 -36.43 -23.09
CA ASP H 26 -27.58 -37.45 -23.42
C ASP H 26 -26.89 -38.77 -23.75
N GLU H 27 -25.85 -38.72 -24.59
CA GLU H 27 -25.13 -39.94 -24.95
C GLU H 27 -24.53 -40.62 -23.72
N HIS H 28 -24.11 -39.85 -22.73
CA HIS H 28 -23.60 -40.39 -21.48
C HIS H 28 -24.70 -40.64 -20.45
N GLY H 29 -25.96 -40.53 -20.85
CA GLY H 29 -27.09 -40.76 -19.95
C GLY H 29 -27.20 -39.80 -18.78
N ILE H 30 -27.03 -38.50 -19.04
CA ILE H 30 -27.09 -37.48 -17.99
C ILE H 30 -28.27 -36.56 -18.30
N ASP H 31 -29.24 -36.51 -17.40
CA ASP H 31 -30.37 -35.60 -17.55
C ASP H 31 -29.99 -34.21 -17.02
N PRO H 32 -30.77 -33.17 -17.38
CA PRO H 32 -30.43 -31.81 -16.94
C PRO H 32 -30.25 -31.66 -15.44
N THR H 33 -30.84 -32.56 -14.66
CA THR H 33 -30.66 -32.52 -13.21
C THR H 33 -29.25 -32.90 -12.77
N GLY H 34 -28.45 -33.47 -13.67
CA GLY H 34 -27.11 -33.92 -13.34
C GLY H 34 -27.01 -35.38 -12.93
N SER H 35 -28.12 -36.10 -12.90
CA SER H 35 -28.13 -37.50 -12.50
C SER H 35 -27.92 -38.41 -13.71
N TYR H 36 -27.42 -39.61 -13.44
CA TYR H 36 -27.19 -40.61 -14.48
C TYR H 36 -28.41 -41.50 -14.60
N HIS H 37 -28.99 -41.56 -15.80
CA HIS H 37 -30.14 -42.42 -16.06
C HIS H 37 -29.91 -43.33 -17.26
N GLY H 38 -28.64 -43.59 -17.61
CA GLY H 38 -28.32 -44.40 -18.77
C GLY H 38 -28.46 -45.89 -18.49
N ASP H 39 -28.04 -46.68 -19.48
CA ASP H 39 -28.15 -48.13 -19.43
C ASP H 39 -26.79 -48.81 -19.45
N SER H 40 -25.96 -48.54 -20.46
CA SER H 40 -24.67 -49.19 -20.56
C SER H 40 -23.68 -48.60 -19.56
N ASP H 41 -22.65 -49.39 -19.24
CA ASP H 41 -21.59 -48.94 -18.35
C ASP H 41 -20.44 -48.28 -19.10
N LEU H 42 -20.37 -48.44 -20.42
CA LEU H 42 -19.36 -47.73 -21.20
C LEU H 42 -19.55 -46.22 -21.14
N GLN H 43 -20.78 -45.77 -20.84
CA GLN H 43 -21.04 -44.35 -20.73
C GLN H 43 -20.34 -43.74 -19.52
N LEU H 44 -20.17 -44.52 -18.45
CA LEU H 44 -19.51 -44.05 -17.24
C LEU H 44 -18.05 -44.47 -17.16
N GLU H 45 -17.57 -45.26 -18.13
CA GLU H 45 -16.19 -45.74 -18.08
C GLU H 45 -15.19 -44.59 -18.10
N ARG H 46 -15.40 -43.62 -18.98
CA ARG H 46 -14.53 -42.45 -19.10
C ARG H 46 -15.36 -41.17 -19.01
N ILE H 47 -16.21 -41.09 -17.99
CA ILE H 47 -17.01 -39.90 -17.76
C ILE H 47 -16.22 -38.80 -17.06
N ASN H 48 -15.12 -39.16 -16.41
CA ASN H 48 -14.30 -38.19 -15.68
C ASN H 48 -13.62 -37.18 -16.60
N VAL H 49 -13.60 -37.45 -17.91
CA VAL H 49 -12.93 -36.55 -18.85
C VAL H 49 -13.64 -35.20 -18.88
N TYR H 50 -14.95 -35.21 -19.07
CA TYR H 50 -15.72 -34.00 -19.26
C TYR H 50 -16.55 -33.58 -18.06
N TYR H 51 -16.76 -34.47 -17.08
CA TYR H 51 -17.62 -34.18 -15.95
C TYR H 51 -16.88 -34.41 -14.64
N ASN H 52 -17.43 -33.83 -13.57
CA ASN H 52 -16.99 -34.07 -12.20
C ASN H 52 -18.10 -34.78 -11.43
N GLU H 53 -17.71 -35.45 -10.36
CA GLU H 53 -18.65 -36.16 -9.50
C GLU H 53 -18.85 -35.41 -8.20
N ALA H 54 -20.11 -35.26 -7.79
CA ALA H 54 -20.45 -34.57 -6.56
C ALA H 54 -21.85 -34.95 -6.09
N ASN H 57 -23.21 -38.01 -6.04
CA ASN H 57 -24.56 -38.17 -6.54
C ASN H 57 -24.71 -37.62 -7.96
N LYS H 58 -24.06 -36.49 -8.21
CA LYS H 58 -24.35 -35.66 -9.37
C LYS H 58 -23.11 -35.52 -10.25
N TYR H 59 -23.34 -35.55 -11.56
CA TYR H 59 -22.29 -35.30 -12.55
C TYR H 59 -22.45 -33.89 -13.09
N VAL H 60 -21.37 -33.10 -13.01
CA VAL H 60 -21.39 -31.69 -13.37
C VAL H 60 -20.35 -31.47 -14.45
N PRO H 61 -20.68 -30.75 -15.53
CA PRO H 61 -19.70 -30.55 -16.61
C PRO H 61 -18.51 -29.72 -16.16
N ARG H 62 -17.35 -30.06 -16.71
CA ARG H 62 -16.11 -29.31 -16.46
C ARG H 62 -15.96 -28.23 -17.54
N ALA H 63 -16.89 -27.29 -17.48
CA ALA H 63 -17.00 -26.26 -18.51
C ALA H 63 -17.03 -24.88 -17.87
N ILE H 64 -16.47 -23.90 -18.59
CA ILE H 64 -16.43 -22.51 -18.18
C ILE H 64 -17.01 -21.67 -19.31
N LEU H 65 -17.99 -20.82 -18.98
CA LEU H 65 -18.72 -20.03 -19.96
C LEU H 65 -18.29 -18.58 -19.84
N VAL H 66 -17.87 -17.98 -20.95
CA VAL H 66 -17.29 -16.64 -20.97
C VAL H 66 -17.96 -15.81 -22.05
N ASP H 67 -18.26 -14.56 -21.72
CA ASP H 67 -18.76 -13.60 -22.70
C ASP H 67 -18.69 -12.21 -22.10
N LEU H 68 -18.35 -11.23 -22.92
CA LEU H 68 -18.39 -9.83 -22.53
C LEU H 68 -19.81 -9.27 -22.55
N GLU H 69 -20.79 -10.03 -23.04
CA GLU H 69 -22.19 -9.61 -23.10
C GLU H 69 -23.03 -10.59 -22.29
N PRO H 70 -23.84 -10.12 -21.33
CA PRO H 70 -24.57 -11.07 -20.48
C PRO H 70 -25.81 -11.61 -21.17
N GLY H 71 -25.93 -11.34 -22.47
CA GLY H 71 -27.09 -11.79 -23.21
C GLY H 71 -27.16 -13.29 -23.36
N THR H 72 -26.09 -13.90 -23.88
CA THR H 72 -26.06 -15.36 -24.06
C THR H 72 -25.96 -16.08 -22.72
N MET H 73 -25.53 -15.40 -21.66
CA MET H 73 -25.48 -16.03 -20.34
C MET H 73 -26.86 -16.50 -19.90
N ASP H 74 -27.89 -15.69 -20.12
CA ASP H 74 -29.23 -16.04 -19.66
C ASP H 74 -29.93 -17.00 -20.61
N SER H 75 -29.69 -16.87 -21.92
CA SER H 75 -30.28 -17.81 -22.86
C SER H 75 -29.68 -19.20 -22.73
N VAL H 76 -28.50 -19.33 -22.13
CA VAL H 76 -27.94 -20.65 -21.86
C VAL H 76 -28.55 -21.23 -20.60
N ARG H 77 -28.64 -20.44 -19.53
CA ARG H 77 -29.25 -20.91 -18.29
C ARG H 77 -30.73 -21.19 -18.47
N SER H 78 -31.41 -20.44 -19.34
CA SER H 78 -32.81 -20.71 -19.64
C SER H 78 -32.99 -21.91 -20.57
N GLY H 79 -31.91 -22.42 -21.15
CA GLY H 79 -32.00 -23.57 -22.01
C GLY H 79 -32.37 -24.83 -21.26
N PRO H 80 -32.48 -25.94 -21.99
CA PRO H 80 -32.90 -27.19 -21.34
C PRO H 80 -31.85 -27.75 -20.38
N PHE H 81 -30.57 -27.59 -20.69
CA PHE H 81 -29.50 -28.09 -19.84
C PHE H 81 -28.79 -26.97 -19.10
N GLY H 82 -29.38 -25.78 -19.03
CA GLY H 82 -28.70 -24.65 -18.41
C GLY H 82 -28.55 -24.76 -16.91
N GLN H 83 -29.36 -25.60 -16.26
CA GLN H 83 -29.31 -25.75 -14.82
C GLN H 83 -28.24 -26.73 -14.35
N ILE H 84 -27.50 -27.35 -15.27
CA ILE H 84 -26.48 -28.31 -14.88
C ILE H 84 -25.10 -27.69 -14.71
N PHE H 85 -24.84 -26.56 -15.36
CA PHE H 85 -23.52 -25.94 -15.29
C PHE H 85 -23.31 -25.31 -13.91
N ARG H 86 -22.05 -25.27 -13.49
CA ARG H 86 -21.72 -24.65 -12.21
C ARG H 86 -22.05 -23.16 -12.25
N PRO H 87 -22.74 -22.63 -11.25
CA PRO H 87 -23.06 -21.19 -11.25
C PRO H 87 -21.81 -20.32 -11.22
N ASP H 88 -20.78 -20.73 -10.48
CA ASP H 88 -19.57 -19.94 -10.38
C ASP H 88 -18.74 -19.98 -11.67
N ASN H 89 -19.02 -20.94 -12.55
CA ASN H 89 -18.27 -21.05 -13.80
C ASN H 89 -18.73 -20.06 -14.87
N PHE H 90 -19.84 -19.36 -14.65
CA PHE H 90 -20.26 -18.30 -15.56
C PHE H 90 -19.47 -17.04 -15.25
N VAL H 91 -18.58 -16.65 -16.17
CA VAL H 91 -17.78 -15.43 -16.04
C VAL H 91 -18.20 -14.50 -17.17
N PHE H 92 -18.96 -13.47 -16.83
CA PHE H 92 -19.51 -12.57 -17.83
C PHE H 92 -19.32 -11.11 -17.41
N GLY H 93 -18.76 -10.32 -18.32
CA GLY H 93 -18.84 -8.88 -18.21
C GLY H 93 -20.12 -8.35 -18.83
N GLN H 94 -20.41 -7.07 -18.58
CA GLN H 94 -21.65 -6.48 -19.03
C GLN H 94 -21.44 -5.36 -20.04
N SER H 95 -20.24 -5.24 -20.62
CA SER H 95 -19.97 -4.18 -21.59
C SER H 95 -20.28 -4.66 -23.00
N GLY H 96 -19.46 -5.57 -23.53
CA GLY H 96 -19.59 -6.06 -24.88
C GLY H 96 -18.32 -5.85 -25.67
N ALA H 97 -18.34 -6.39 -26.89
CA ALA H 97 -17.19 -6.32 -27.78
C ALA H 97 -17.48 -5.67 -29.13
N GLY H 98 -18.75 -5.46 -29.48
CA GLY H 98 -19.08 -4.79 -30.74
C GLY H 98 -18.53 -5.49 -31.96
N ASN H 99 -18.35 -6.81 -31.90
CA ASN H 99 -17.77 -7.59 -33.00
C ASN H 99 -16.39 -7.05 -33.38
N ASN H 100 -15.62 -6.65 -32.37
CA ASN H 100 -14.27 -6.13 -32.58
C ASN H 100 -13.28 -7.06 -31.91
N TRP H 101 -12.38 -7.62 -32.71
CA TRP H 101 -11.35 -8.51 -32.17
C TRP H 101 -10.47 -7.77 -31.17
N ALA H 102 -10.14 -6.51 -31.45
CA ALA H 102 -9.26 -5.75 -30.58
C ALA H 102 -9.90 -5.48 -29.22
N LYS H 103 -11.20 -5.23 -29.20
CA LYS H 103 -11.89 -4.99 -27.94
C LYS H 103 -11.83 -6.21 -27.04
N GLY H 104 -12.02 -7.40 -27.62
CA GLY H 104 -11.96 -8.62 -26.83
C GLY H 104 -10.56 -9.07 -26.49
N HIS H 105 -9.59 -8.80 -27.38
CA HIS H 105 -8.23 -9.29 -27.17
C HIS H 105 -7.37 -8.31 -26.36
N TYR H 106 -7.58 -7.00 -26.56
CA TYR H 106 -6.71 -5.98 -25.98
C TYR H 106 -7.36 -5.15 -24.90
N THR H 107 -8.60 -4.71 -25.10
CA THR H 107 -9.20 -3.71 -24.22
C THR H 107 -10.11 -4.17 -23.08
N GLU H 108 -11.31 -4.64 -23.43
CA GLU H 108 -12.31 -4.95 -22.41
C GLU H 108 -12.29 -6.44 -22.15
N GLY H 109 -11.66 -7.24 -23.03
CA GLY H 109 -11.45 -8.64 -22.72
C GLY H 109 -10.29 -8.87 -21.78
N ALA H 110 -9.25 -8.03 -21.85
CA ALA H 110 -8.11 -8.19 -20.96
C ALA H 110 -8.47 -7.84 -19.52
N GLU H 111 -9.45 -6.94 -19.34
CA GLU H 111 -9.91 -6.59 -18.00
C GLU H 111 -10.86 -7.63 -17.42
N LEU H 112 -11.24 -8.65 -18.20
CA LEU H 112 -12.07 -9.73 -17.71
C LEU H 112 -11.36 -11.07 -17.72
N VAL H 113 -10.22 -11.19 -18.41
CA VAL H 113 -9.56 -12.48 -18.57
C VAL H 113 -9.04 -13.00 -17.23
N ASP H 114 -8.66 -12.11 -16.31
CA ASP H 114 -8.19 -12.57 -15.01
C ASP H 114 -9.30 -13.26 -14.23
N SER H 115 -10.55 -12.83 -14.41
CA SER H 115 -11.66 -13.49 -13.74
C SER H 115 -11.86 -14.90 -14.29
N VAL H 116 -11.56 -15.11 -15.56
CA VAL H 116 -11.72 -16.44 -16.15
C VAL H 116 -10.62 -17.37 -15.67
N LEU H 117 -9.37 -16.89 -15.64
CA LEU H 117 -8.26 -17.73 -15.22
C LEU H 117 -8.42 -18.21 -13.78
N ASP H 118 -9.13 -17.45 -12.95
CA ASP H 118 -9.41 -17.91 -11.59
C ASP H 118 -10.35 -19.12 -11.62
N VAL H 119 -11.32 -19.13 -12.53
CA VAL H 119 -12.20 -20.28 -12.67
C VAL H 119 -11.47 -21.41 -13.38
N VAL H 120 -10.60 -21.08 -14.34
CA VAL H 120 -9.77 -22.09 -14.98
C VAL H 120 -8.88 -22.79 -13.96
N ARG H 121 -8.21 -22.00 -13.11
CA ARG H 121 -7.37 -22.58 -12.07
C ARG H 121 -8.18 -23.45 -11.13
N LYS H 122 -9.40 -23.03 -10.81
CA LYS H 122 -10.23 -23.78 -9.87
C LYS H 122 -10.56 -25.17 -10.40
N GLU H 123 -11.03 -25.24 -11.66
CA GLU H 123 -11.34 -26.53 -12.26
C GLU H 123 -10.11 -27.38 -12.52
N SER H 124 -8.92 -26.76 -12.60
CA SER H 124 -7.68 -27.51 -12.80
C SER H 124 -7.16 -28.12 -11.52
N GLU H 125 -7.51 -27.58 -10.35
CA GLU H 125 -7.07 -28.18 -9.09
C GLU H 125 -7.81 -29.47 -8.79
N SER H 126 -9.09 -29.54 -9.15
CA SER H 126 -9.88 -30.77 -9.02
C SER H 126 -9.63 -31.76 -10.18
N CYS H 127 -8.41 -31.81 -10.71
CA CYS H 127 -8.06 -32.71 -11.79
C CYS H 127 -6.88 -33.55 -11.34
N ASP H 128 -7.06 -34.89 -11.33
CA ASP H 128 -5.98 -35.76 -10.95
C ASP H 128 -4.80 -35.64 -11.91
N CYS H 129 -5.09 -35.46 -13.19
CA CYS H 129 -4.04 -35.22 -14.19
C CYS H 129 -4.71 -34.53 -15.37
N LEU H 130 -4.50 -33.21 -15.48
CA LEU H 130 -5.14 -32.42 -16.52
C LEU H 130 -4.59 -32.83 -17.89
N GLN H 131 -5.51 -33.21 -18.79
CA GLN H 131 -5.13 -33.64 -20.12
C GLN H 131 -4.91 -32.46 -21.05
N GLY H 132 -5.84 -31.52 -21.06
CA GLY H 132 -5.73 -30.38 -21.94
C GLY H 132 -6.96 -29.49 -21.83
N PHE H 133 -7.07 -28.56 -22.77
CA PHE H 133 -8.15 -27.60 -22.81
C PHE H 133 -8.87 -27.68 -24.15
N GLN H 134 -10.12 -27.20 -24.14
CA GLN H 134 -10.99 -27.27 -25.31
C GLN H 134 -11.79 -25.97 -25.40
N LEU H 135 -11.67 -25.27 -26.53
CA LEU H 135 -12.28 -23.96 -26.70
C LEU H 135 -13.22 -23.96 -27.90
N THR H 136 -14.42 -23.44 -27.70
CA THR H 136 -15.38 -23.19 -28.77
C THR H 136 -15.58 -21.69 -28.90
N HIS H 137 -15.48 -21.18 -30.13
CA HIS H 137 -15.57 -19.75 -30.38
C HIS H 137 -15.75 -19.53 -31.87
N SER H 138 -15.94 -18.26 -32.24
CA SER H 138 -16.07 -17.83 -33.63
C SER H 138 -14.95 -16.87 -33.97
N LEU H 139 -14.28 -17.09 -35.10
CA LEU H 139 -13.17 -16.24 -35.49
C LEU H 139 -13.61 -14.90 -36.07
N GLY H 140 -14.85 -14.81 -36.55
CA GLY H 140 -15.36 -13.59 -37.14
C GLY H 140 -16.01 -12.61 -36.20
N GLY H 141 -16.08 -12.93 -34.90
CA GLY H 141 -16.72 -12.09 -33.93
C GLY H 141 -15.73 -11.22 -33.18
N GLY H 142 -16.16 -10.79 -32.00
CA GLY H 142 -15.33 -9.92 -31.18
C GLY H 142 -14.87 -10.57 -29.89
N THR H 143 -15.80 -11.19 -29.16
CA THR H 143 -15.45 -11.82 -27.89
C THR H 143 -14.77 -13.16 -28.11
N GLY H 144 -15.45 -14.07 -28.81
CA GLY H 144 -14.87 -15.38 -29.08
C GLY H 144 -13.57 -15.32 -29.85
N SER H 145 -13.47 -14.38 -30.78
CA SER H 145 -12.23 -14.23 -31.55
C SER H 145 -11.16 -13.52 -30.74
N GLY H 146 -11.46 -12.31 -30.26
CA GLY H 146 -10.50 -11.52 -29.51
C GLY H 146 -10.14 -12.09 -28.16
N MET H 147 -11.12 -12.18 -27.26
CA MET H 147 -10.85 -12.70 -25.93
C MET H 147 -10.53 -14.18 -25.95
N GLY H 148 -11.03 -14.91 -26.96
CA GLY H 148 -10.72 -16.32 -27.05
C GLY H 148 -9.24 -16.58 -27.28
N THR H 149 -8.67 -15.92 -28.29
CA THR H 149 -7.24 -16.08 -28.55
C THR H 149 -6.39 -15.53 -27.41
N LEU H 150 -6.92 -14.55 -26.66
CA LEU H 150 -6.23 -14.10 -25.46
C LEU H 150 -6.28 -15.15 -24.37
N LEU H 151 -7.44 -15.80 -24.21
CA LEU H 151 -7.55 -16.88 -23.23
C LEU H 151 -6.62 -18.04 -23.59
N ILE H 152 -6.45 -18.30 -24.88
CA ILE H 152 -5.54 -19.35 -25.32
C ILE H 152 -4.11 -19.01 -24.93
N SER H 153 -3.66 -17.79 -25.27
CA SER H 153 -2.30 -17.40 -24.96
C SER H 153 -2.07 -17.28 -23.47
N LYS H 154 -3.12 -16.97 -22.70
CA LYS H 154 -2.98 -16.91 -21.25
C LYS H 154 -2.88 -18.31 -20.65
N ILE H 155 -3.74 -19.23 -21.11
CA ILE H 155 -3.64 -20.62 -20.68
C ILE H 155 -2.32 -21.22 -21.14
N ARG H 156 -1.84 -20.82 -22.31
CA ARG H 156 -0.56 -21.32 -22.82
C ARG H 156 0.58 -21.00 -21.86
N GLU H 157 0.61 -19.77 -21.33
CA GLU H 157 1.69 -19.37 -20.46
C GLU H 157 1.51 -19.83 -19.02
N GLU H 158 0.33 -20.32 -18.65
CA GLU H 158 0.11 -20.88 -17.32
C GLU H 158 0.03 -22.40 -17.32
N TYR H 159 -0.25 -23.01 -18.46
CA TYR H 159 -0.28 -24.47 -18.61
C TYR H 159 0.48 -24.86 -19.86
N PRO H 160 1.81 -24.66 -19.89
CA PRO H 160 2.58 -25.03 -21.09
C PRO H 160 2.78 -26.53 -21.26
N ASP H 161 2.29 -27.35 -20.33
CA ASP H 161 2.32 -28.80 -20.50
C ASP H 161 1.12 -29.33 -21.27
N ARG H 162 -0.02 -28.66 -21.15
CA ARG H 162 -1.29 -29.22 -21.58
C ARG H 162 -1.58 -28.88 -23.04
N ILE H 163 -2.37 -29.74 -23.68
CA ILE H 163 -2.77 -29.56 -25.07
C ILE H 163 -3.85 -28.48 -25.16
N MET H 164 -3.74 -27.62 -26.16
CA MET H 164 -4.72 -26.57 -26.42
C MET H 164 -5.45 -26.90 -27.71
N ASN H 165 -6.71 -27.33 -27.58
CA ASN H 165 -7.53 -27.72 -28.71
C ASN H 165 -8.71 -26.75 -28.84
N THR H 166 -9.03 -26.36 -30.08
CA THR H 166 -10.07 -25.38 -30.31
C THR H 166 -11.04 -25.85 -31.39
N PHE H 167 -12.29 -25.41 -31.26
CA PHE H 167 -13.33 -25.56 -32.27
C PHE H 167 -13.69 -24.16 -32.73
N SER H 168 -13.00 -23.70 -33.77
CA SER H 168 -13.19 -22.36 -34.30
C SER H 168 -14.07 -22.42 -35.54
N VAL H 169 -15.11 -21.58 -35.59
CA VAL H 169 -15.97 -21.51 -36.76
C VAL H 169 -15.52 -20.34 -37.62
N VAL H 170 -15.65 -20.50 -38.93
CA VAL H 170 -15.10 -19.54 -39.90
C VAL H 170 -16.22 -18.63 -40.40
N PRO H 171 -15.98 -17.32 -40.50
CA PRO H 171 -17.01 -16.43 -41.05
C PRO H 171 -17.17 -16.59 -42.55
N SER H 172 -18.36 -16.21 -43.02
CA SER H 172 -18.71 -16.29 -44.44
C SER H 172 -19.73 -15.23 -44.77
N PRO H 173 -19.66 -14.61 -45.95
CA PRO H 173 -20.69 -13.65 -46.36
C PRO H 173 -22.08 -14.27 -46.45
N LYS H 174 -22.18 -15.58 -46.62
CA LYS H 174 -23.50 -16.21 -46.70
C LYS H 174 -24.22 -16.19 -45.37
N VAL H 175 -23.49 -16.17 -44.26
CA VAL H 175 -24.10 -16.04 -42.93
C VAL H 175 -23.28 -15.06 -42.10
N SER H 176 -23.21 -13.80 -42.54
CA SER H 176 -22.41 -12.78 -41.88
C SER H 176 -23.30 -11.71 -41.26
N ASP H 177 -22.81 -11.11 -40.18
CA ASP H 177 -23.48 -10.00 -39.52
C ASP H 177 -22.58 -8.78 -39.37
N THR H 178 -21.42 -8.77 -40.04
CA THR H 178 -20.50 -7.65 -39.98
C THR H 178 -19.57 -7.74 -41.18
N VAL H 179 -18.98 -6.60 -41.54
CA VAL H 179 -18.01 -6.57 -42.63
C VAL H 179 -16.58 -6.80 -42.15
N VAL H 180 -16.31 -6.63 -40.85
CA VAL H 180 -14.95 -6.70 -40.33
C VAL H 180 -14.62 -8.14 -39.92
N GLU H 181 -15.48 -9.08 -40.30
CA GLU H 181 -15.20 -10.48 -40.01
C GLU H 181 -13.89 -10.97 -40.62
N PRO H 182 -13.52 -10.63 -41.87
CA PRO H 182 -12.18 -11.00 -42.34
C PRO H 182 -11.05 -10.46 -41.47
N TYR H 183 -11.18 -9.22 -40.98
CA TYR H 183 -10.21 -8.68 -40.04
C TYR H 183 -10.11 -9.56 -38.80
N ASN H 184 -11.26 -9.85 -38.17
CA ASN H 184 -11.25 -10.63 -36.95
C ASN H 184 -10.73 -12.04 -37.20
N ALA H 185 -11.16 -12.66 -38.30
CA ALA H 185 -10.71 -14.02 -38.62
C ALA H 185 -9.20 -14.05 -38.89
N THR H 186 -8.69 -13.08 -39.66
CA THR H 186 -7.26 -13.04 -39.95
C THR H 186 -6.44 -12.85 -38.69
N LEU H 187 -6.89 -11.94 -37.81
CA LEU H 187 -6.16 -11.71 -36.56
C LEU H 187 -6.22 -12.91 -35.64
N SER H 188 -7.31 -13.68 -35.70
CA SER H 188 -7.43 -14.86 -34.85
C SER H 188 -6.64 -16.04 -35.42
N VAL H 189 -6.73 -16.28 -36.73
CA VAL H 189 -5.93 -17.33 -37.36
C VAL H 189 -4.45 -17.08 -37.10
N HIS H 190 -4.05 -15.80 -37.06
CA HIS H 190 -2.67 -15.46 -36.74
C HIS H 190 -2.28 -15.93 -35.35
N GLN H 191 -3.27 -16.09 -34.46
CA GLN H 191 -3.01 -16.59 -33.12
C GLN H 191 -3.12 -18.11 -33.03
N LEU H 192 -4.14 -18.70 -33.65
CA LEU H 192 -4.32 -20.14 -33.58
C LEU H 192 -3.14 -20.89 -34.20
N VAL H 193 -2.52 -20.33 -35.24
CA VAL H 193 -1.42 -21.00 -35.90
C VAL H 193 -0.19 -21.10 -34.99
N GLU H 194 -0.11 -20.26 -33.96
CA GLU H 194 1.06 -20.23 -33.09
C GLU H 194 0.75 -20.53 -31.63
N ASN H 195 -0.48 -20.92 -31.31
CA ASN H 195 -0.84 -21.13 -29.91
C ASN H 195 -1.59 -22.43 -29.66
N THR H 196 -2.37 -22.88 -30.64
CA THR H 196 -3.17 -24.09 -30.48
C THR H 196 -2.43 -25.30 -31.03
N ASP H 197 -2.53 -26.42 -30.30
CA ASP H 197 -1.92 -27.66 -30.76
C ASP H 197 -2.75 -28.33 -31.86
N GLU H 198 -4.06 -28.07 -31.89
CA GLU H 198 -4.93 -28.61 -32.93
C GLU H 198 -6.18 -27.74 -33.00
N THR H 199 -6.68 -27.54 -34.22
CA THR H 199 -7.82 -26.65 -34.44
C THR H 199 -8.71 -27.25 -35.52
N TYR H 200 -9.99 -27.44 -35.20
CA TYR H 200 -10.97 -27.97 -36.14
C TYR H 200 -11.64 -26.80 -36.86
N CYS H 201 -11.39 -26.68 -38.16
CA CYS H 201 -11.97 -25.60 -38.95
C CYS H 201 -13.41 -25.92 -39.26
N ILE H 202 -14.34 -25.12 -38.73
CA ILE H 202 -15.77 -25.30 -38.94
C ILE H 202 -16.24 -24.14 -39.82
N ASP H 203 -16.31 -24.36 -41.13
CA ASP H 203 -16.62 -23.29 -42.05
C ASP H 203 -18.13 -23.07 -42.09
N ASN H 204 -18.57 -21.83 -41.81
CA ASN H 204 -19.99 -21.53 -41.89
C ASN H 204 -20.47 -21.53 -43.34
N GLU H 205 -19.59 -21.19 -44.29
CA GLU H 205 -19.96 -21.30 -45.70
C GLU H 205 -20.23 -22.74 -46.09
N ALA H 206 -19.47 -23.69 -45.52
CA ALA H 206 -19.75 -25.09 -45.76
C ALA H 206 -21.02 -25.52 -45.03
N LEU H 207 -21.20 -25.09 -43.78
CA LEU H 207 -22.41 -25.43 -43.04
C LEU H 207 -23.65 -24.88 -43.73
N TYR H 208 -23.57 -23.66 -44.26
CA TYR H 208 -24.69 -23.10 -45.00
C TYR H 208 -24.96 -23.89 -46.27
N ASP H 209 -23.92 -24.17 -47.05
CA ASP H 209 -24.09 -24.93 -48.29
C ASP H 209 -24.65 -26.32 -48.02
N ILE H 210 -24.37 -26.90 -46.86
CA ILE H 210 -24.90 -28.21 -46.52
C ILE H 210 -26.39 -28.12 -46.22
N CYS H 211 -26.78 -27.15 -45.39
CA CYS H 211 -28.20 -26.97 -45.09
C CYS H 211 -28.99 -26.65 -46.36
N PHE H 212 -28.41 -25.86 -47.25
CA PHE H 212 -29.14 -25.39 -48.42
C PHE H 212 -29.17 -26.42 -49.53
N ARG H 213 -28.00 -26.94 -49.92
CA ARG H 213 -27.88 -27.79 -51.10
C ARG H 213 -28.02 -29.28 -50.80
N THR H 214 -27.92 -29.69 -49.54
CA THR H 214 -28.06 -31.10 -49.17
C THR H 214 -29.34 -31.34 -48.38
N LEU H 215 -29.51 -30.67 -47.23
CA LEU H 215 -30.74 -30.80 -46.47
C LEU H 215 -31.91 -30.08 -47.12
N LYS H 216 -31.66 -29.32 -48.20
CA LYS H 216 -32.70 -28.64 -48.97
C LYS H 216 -33.53 -27.71 -48.08
N LEU H 217 -32.83 -26.83 -47.35
CA LEU H 217 -33.46 -25.80 -46.54
C LEU H 217 -33.23 -24.46 -47.23
N THR H 218 -34.32 -23.75 -47.54
CA THR H 218 -34.19 -22.52 -48.33
C THR H 218 -33.56 -21.40 -47.51
N THR H 219 -33.97 -21.24 -46.25
CA THR H 219 -33.45 -20.21 -45.36
C THR H 219 -32.90 -20.87 -44.11
N PRO H 220 -31.60 -21.19 -44.07
CA PRO H 220 -31.02 -21.83 -42.88
C PRO H 220 -30.86 -20.84 -41.73
N THR H 221 -31.21 -21.30 -40.53
CA THR H 221 -31.01 -20.53 -39.31
C THR H 221 -29.75 -21.02 -38.59
N TYR H 222 -29.42 -20.33 -37.50
CA TYR H 222 -28.26 -20.74 -36.71
C TYR H 222 -28.50 -22.09 -36.03
N GLY H 223 -29.75 -22.41 -35.71
CA GLY H 223 -30.06 -23.73 -35.18
C GLY H 223 -29.82 -24.83 -36.21
N ASP H 224 -30.12 -24.53 -37.48
CA ASP H 224 -29.83 -25.49 -38.55
C ASP H 224 -28.33 -25.70 -38.70
N LEU H 225 -27.54 -24.63 -38.51
CA LEU H 225 -26.09 -24.75 -38.62
C LEU H 225 -25.49 -25.40 -37.38
N ASN H 226 -25.98 -25.03 -36.19
CA ASN H 226 -25.42 -25.57 -34.96
C ASN H 226 -25.76 -27.04 -34.75
N HIS H 227 -26.75 -27.57 -35.47
CA HIS H 227 -27.01 -29.00 -35.43
C HIS H 227 -25.86 -29.78 -36.07
N LEU H 228 -25.38 -29.32 -37.23
CA LEU H 228 -24.21 -29.95 -37.84
C LEU H 228 -22.97 -29.79 -36.99
N VAL H 229 -22.87 -28.69 -36.25
CA VAL H 229 -21.70 -28.46 -35.40
C VAL H 229 -21.69 -29.42 -34.23
N SER H 230 -22.80 -29.51 -33.51
CA SER H 230 -22.87 -30.40 -32.35
C SER H 230 -22.66 -31.85 -32.75
N ALA H 231 -23.14 -32.24 -33.94
CA ALA H 231 -22.91 -33.59 -34.43
C ALA H 231 -21.43 -33.81 -34.73
N THR H 232 -20.81 -32.85 -35.43
CA THR H 232 -19.40 -32.98 -35.76
C THR H 232 -18.54 -32.99 -34.51
N MET H 233 -18.88 -32.16 -33.51
CA MET H 233 -18.11 -32.11 -32.28
C MET H 233 -18.25 -33.40 -31.49
N SER H 234 -19.44 -34.02 -31.51
CA SER H 234 -19.62 -35.29 -30.83
C SER H 234 -18.79 -36.40 -31.46
N GLY H 235 -18.57 -36.34 -32.77
CA GLY H 235 -17.83 -37.41 -33.43
C GLY H 235 -16.34 -37.31 -33.18
N VAL H 236 -15.77 -36.11 -33.35
CA VAL H 236 -14.33 -35.93 -33.18
C VAL H 236 -13.89 -36.08 -31.74
N THR H 237 -14.81 -36.14 -30.79
CA THR H 237 -14.50 -36.36 -29.38
C THR H 237 -14.88 -37.76 -28.92
N THR H 238 -15.31 -38.62 -29.83
CA THR H 238 -15.79 -39.95 -29.44
C THR H 238 -14.69 -40.77 -28.79
N CYS H 239 -13.50 -40.79 -29.40
CA CYS H 239 -12.41 -41.60 -28.85
C CYS H 239 -11.93 -41.07 -27.50
N LEU H 240 -12.33 -39.86 -27.13
CA LEU H 240 -11.84 -39.28 -25.89
C LEU H 240 -12.67 -39.68 -24.69
N ARG H 241 -13.98 -39.89 -24.88
CA ARG H 241 -14.88 -40.17 -23.77
C ARG H 241 -15.40 -41.60 -23.75
N PHE H 242 -15.09 -42.41 -24.76
CA PHE H 242 -15.43 -43.82 -24.75
C PHE H 242 -14.16 -44.66 -24.81
N PRO H 243 -14.15 -45.82 -24.14
CA PRO H 243 -12.91 -46.61 -24.06
C PRO H 243 -12.43 -47.12 -25.41
N GLY H 244 -11.50 -46.39 -26.03
CA GLY H 244 -10.93 -46.78 -27.30
C GLY H 244 -9.42 -46.95 -27.18
N GLN H 245 -8.83 -47.54 -28.22
CA GLN H 245 -7.40 -47.81 -28.27
C GLN H 245 -6.63 -46.78 -29.09
N LEU H 246 -7.22 -46.28 -30.16
CA LEU H 246 -6.55 -45.35 -31.07
C LEU H 246 -6.98 -43.92 -30.78
N ASN H 247 -6.00 -43.02 -30.68
CA ASN H 247 -6.23 -41.60 -30.42
C ASN H 247 -7.07 -41.41 -29.15
N ALA H 248 -6.54 -41.93 -28.04
CA ALA H 248 -7.29 -41.95 -26.79
C ALA H 248 -7.27 -40.58 -26.10
N ASP H 249 -6.11 -39.96 -25.99
CA ASP H 249 -5.98 -38.66 -25.37
C ASP H 249 -5.66 -37.59 -26.42
N LEU H 250 -5.63 -36.34 -25.98
CA LEU H 250 -5.43 -35.23 -26.90
C LEU H 250 -4.05 -35.27 -27.55
N ARG H 251 -3.02 -35.58 -26.77
CA ARG H 251 -1.66 -35.55 -27.29
C ARG H 251 -1.43 -36.66 -28.30
N LYS H 252 -1.91 -37.87 -28.02
CA LYS H 252 -1.75 -38.97 -28.97
C LYS H 252 -2.40 -38.64 -30.30
N LEU H 253 -3.57 -38.01 -30.26
CA LEU H 253 -4.21 -37.58 -31.50
C LEU H 253 -3.37 -36.54 -32.22
N ALA H 254 -2.87 -35.55 -31.48
CA ALA H 254 -2.05 -34.50 -32.10
C ALA H 254 -0.75 -35.06 -32.66
N VAL H 255 -0.17 -36.06 -31.98
CA VAL H 255 1.07 -36.66 -32.48
C VAL H 255 0.84 -37.39 -33.79
N ASN H 256 -0.35 -37.97 -33.98
CA ASN H 256 -0.67 -38.68 -35.22
C ASN H 256 -1.19 -37.76 -36.32
N MET H 257 -1.71 -36.58 -35.97
CA MET H 257 -2.36 -35.71 -36.95
C MET H 257 -1.52 -34.51 -37.36
N VAL H 258 -0.56 -34.09 -36.54
CA VAL H 258 0.18 -32.86 -36.80
C VAL H 258 1.64 -33.19 -37.14
N PRO H 259 1.98 -33.36 -38.42
CA PRO H 259 3.38 -33.64 -38.77
C PRO H 259 4.26 -32.41 -38.74
N PHE H 260 3.68 -31.21 -38.74
CA PHE H 260 4.42 -29.95 -38.70
C PHE H 260 3.63 -28.97 -37.84
N PRO H 261 4.32 -28.22 -36.96
CA PRO H 261 3.61 -27.51 -35.88
C PRO H 261 2.57 -26.51 -36.36
N ARG H 262 2.86 -25.74 -37.42
CA ARG H 262 1.92 -24.74 -37.89
C ARG H 262 0.76 -25.35 -38.66
N LEU H 263 0.86 -26.60 -39.10
CA LEU H 263 -0.17 -27.23 -39.92
C LEU H 263 -1.04 -28.13 -39.05
N HIS H 264 -1.77 -27.48 -38.14
CA HIS H 264 -2.64 -28.17 -37.20
C HIS H 264 -4.09 -27.74 -37.38
N PHE H 265 -4.49 -27.48 -38.62
CA PHE H 265 -5.85 -27.06 -38.94
C PHE H 265 -6.55 -28.21 -39.66
N PHE H 266 -7.59 -28.75 -39.04
CA PHE H 266 -8.24 -29.97 -39.49
C PHE H 266 -9.52 -29.66 -40.24
N MET H 267 -9.82 -30.51 -41.22
CA MET H 267 -11.03 -30.40 -42.04
C MET H 267 -11.98 -31.52 -41.63
N PRO H 268 -12.93 -31.25 -40.74
CA PRO H 268 -13.81 -32.32 -40.26
C PRO H 268 -14.99 -32.57 -41.20
N GLY H 269 -15.42 -33.84 -41.22
CA GLY H 269 -16.59 -34.26 -41.97
C GLY H 269 -17.19 -35.44 -41.28
N PHE H 270 -18.44 -35.74 -41.62
CA PHE H 270 -19.13 -36.88 -41.03
C PHE H 270 -20.32 -37.25 -41.88
N ALA H 271 -20.87 -38.43 -41.60
CA ALA H 271 -21.94 -39.02 -42.39
C ALA H 271 -22.75 -39.94 -41.49
N PRO H 272 -24.06 -40.08 -41.74
CA PRO H 272 -24.80 -39.39 -42.80
C PRO H 272 -25.21 -37.99 -42.39
N LEU H 273 -25.55 -37.16 -43.37
CA LEU H 273 -26.02 -35.79 -43.12
C LEU H 273 -27.51 -35.83 -42.86
N THR H 274 -27.89 -35.74 -41.59
CA THR H 274 -29.28 -35.78 -41.17
C THR H 274 -29.83 -34.37 -40.98
N SER H 275 -31.16 -34.27 -40.99
CA SER H 275 -31.82 -33.03 -40.68
C SER H 275 -32.11 -32.97 -39.17
N ARG H 276 -32.68 -31.87 -38.71
CA ARG H 276 -32.96 -31.67 -37.29
C ARG H 276 -34.06 -32.64 -36.86
N GLY H 277 -33.66 -33.78 -36.31
CA GLY H 277 -34.61 -34.81 -35.91
C GLY H 277 -35.45 -35.30 -37.07
N SER H 278 -34.79 -35.85 -38.08
CA SER H 278 -35.44 -36.18 -39.34
C SER H 278 -36.03 -37.58 -39.29
N GLN H 279 -36.40 -38.13 -40.45
CA GLN H 279 -36.90 -39.48 -40.59
C GLN H 279 -35.81 -40.33 -41.23
N GLN H 280 -35.26 -41.28 -40.47
CA GLN H 280 -34.22 -42.19 -40.93
C GLN H 280 -34.74 -43.61 -40.76
N TYR H 281 -35.18 -44.21 -41.87
CA TYR H 281 -35.79 -45.53 -41.85
C TYR H 281 -34.79 -46.66 -42.10
N ARG H 282 -33.60 -46.34 -42.59
CA ARG H 282 -32.64 -47.37 -42.99
C ARG H 282 -31.24 -46.86 -42.73
N ALA H 283 -30.51 -47.56 -41.85
CA ALA H 283 -29.13 -47.21 -41.57
C ALA H 283 -28.25 -47.48 -42.80
N LEU H 284 -27.21 -46.67 -42.94
CA LEU H 284 -26.32 -46.78 -44.10
C LEU H 284 -25.37 -47.96 -43.94
N THR H 285 -24.97 -48.53 -45.06
CA THR H 285 -24.00 -49.62 -45.05
C THR H 285 -22.58 -49.06 -44.90
N VAL H 286 -21.64 -49.95 -44.56
CA VAL H 286 -20.25 -49.55 -44.38
C VAL H 286 -19.66 -48.96 -45.66
N PRO H 287 -19.83 -49.56 -46.85
CA PRO H 287 -19.33 -48.90 -48.06
C PRO H 287 -19.96 -47.54 -48.33
N GLU H 288 -21.19 -47.32 -47.89
CA GLU H 288 -21.81 -46.01 -48.04
C GLU H 288 -21.21 -45.00 -47.09
N LEU H 289 -21.05 -45.38 -45.81
CA LEU H 289 -20.47 -44.47 -44.83
C LEU H 289 -19.07 -44.03 -45.24
N THR H 290 -18.33 -44.89 -45.94
CA THR H 290 -16.98 -44.53 -46.38
C THR H 290 -17.00 -43.60 -47.58
N GLN H 291 -17.90 -43.87 -48.54
CA GLN H 291 -18.03 -42.97 -49.70
C GLN H 291 -18.51 -41.60 -49.27
N GLN H 292 -19.47 -41.55 -48.35
CA GLN H 292 -19.97 -40.26 -47.86
C GLN H 292 -18.92 -39.53 -47.05
N MET H 293 -18.08 -40.26 -46.31
CA MET H 293 -17.09 -39.63 -45.45
C MET H 293 -16.05 -38.86 -46.25
N PHE H 294 -15.50 -39.48 -47.29
CA PHE H 294 -14.46 -38.87 -48.12
C PHE H 294 -15.04 -38.00 -49.25
N ASP H 295 -16.23 -37.46 -49.07
CA ASP H 295 -16.88 -36.65 -50.08
C ASP H 295 -16.88 -35.18 -49.63
N ALA H 296 -16.67 -34.28 -50.59
CA ALA H 296 -16.64 -32.85 -50.28
C ALA H 296 -17.99 -32.35 -49.79
N LYS H 297 -19.08 -32.97 -50.22
CA LYS H 297 -20.42 -32.55 -49.82
C LYS H 297 -20.69 -32.79 -48.34
N ASN H 298 -19.81 -33.50 -47.64
CA ASN H 298 -19.97 -33.75 -46.21
C ASN H 298 -18.88 -33.10 -45.37
N MET H 299 -18.04 -32.26 -45.98
CA MET H 299 -16.98 -31.59 -45.24
C MET H 299 -17.52 -30.33 -44.56
N MET H 300 -17.14 -30.15 -43.30
CA MET H 300 -17.48 -28.93 -42.58
C MET H 300 -16.55 -27.79 -42.90
N ALA H 301 -15.89 -27.82 -44.06
CA ALA H 301 -14.94 -26.78 -44.45
C ALA H 301 -15.00 -26.62 -45.96
N ALA H 302 -15.27 -25.40 -46.43
CA ALA H 302 -15.41 -25.13 -47.85
C ALA H 302 -14.11 -25.35 -48.60
N CYS H 303 -13.70 -26.61 -48.74
CA CYS H 303 -12.47 -26.96 -49.44
C CYS H 303 -12.70 -28.28 -50.17
N ASP H 304 -12.21 -28.37 -51.39
CA ASP H 304 -12.34 -29.59 -52.18
C ASP H 304 -11.14 -30.49 -51.91
N PRO H 305 -11.31 -31.67 -51.31
CA PRO H 305 -10.17 -32.56 -51.08
C PRO H 305 -9.47 -32.99 -52.36
N ARG H 306 -10.12 -32.82 -53.53
CA ARG H 306 -9.46 -33.10 -54.80
C ARG H 306 -8.35 -32.11 -55.10
N HIS H 307 -8.41 -30.91 -54.51
CA HIS H 307 -7.44 -29.86 -54.78
C HIS H 307 -6.20 -29.94 -53.89
N GLY H 308 -6.17 -30.87 -52.95
CA GLY H 308 -5.01 -31.03 -52.09
C GLY H 308 -4.80 -32.48 -51.72
N ARG H 309 -3.74 -32.72 -50.97
CA ARG H 309 -3.39 -34.06 -50.50
C ARG H 309 -3.60 -34.17 -49.01
N TYR H 310 -3.99 -35.36 -48.56
CA TYR H 310 -4.20 -35.63 -47.14
C TYR H 310 -2.87 -35.98 -46.50
N LEU H 311 -2.39 -35.11 -45.61
CA LEU H 311 -1.20 -35.46 -44.83
C LEU H 311 -1.50 -36.58 -43.84
N THR H 312 -2.47 -36.35 -42.96
CA THR H 312 -2.92 -37.36 -42.00
C THR H 312 -4.44 -37.37 -41.98
N VAL H 313 -5.00 -38.50 -41.54
CA VAL H 313 -6.45 -38.72 -41.52
C VAL H 313 -6.80 -39.53 -40.29
N ALA H 314 -7.91 -39.18 -39.64
CA ALA H 314 -8.44 -39.94 -38.51
C ALA H 314 -9.93 -40.18 -38.75
N ALA H 315 -10.30 -41.45 -38.93
CA ALA H 315 -11.68 -41.84 -39.16
C ALA H 315 -12.23 -42.53 -37.92
N VAL H 316 -13.48 -42.21 -37.59
CA VAL H 316 -14.14 -42.75 -36.40
C VAL H 316 -15.52 -43.25 -36.81
N PHE H 317 -15.73 -44.56 -36.71
CA PHE H 317 -17.01 -45.18 -37.00
C PHE H 317 -17.74 -45.50 -35.70
N ARG H 318 -19.06 -45.31 -35.71
CA ARG H 318 -19.89 -45.54 -34.53
C ARG H 318 -21.04 -46.46 -34.87
N GLY H 319 -21.36 -47.36 -33.94
CA GLY H 319 -22.42 -48.33 -34.12
C GLY H 319 -21.87 -49.73 -34.37
N ARG H 320 -22.72 -50.72 -34.08
CA ARG H 320 -22.34 -52.11 -34.31
C ARG H 320 -22.22 -52.37 -35.80
N MET H 321 -21.03 -52.80 -36.21
CA MET H 321 -20.76 -53.06 -37.63
C MET H 321 -19.59 -54.02 -37.70
N SER H 322 -19.32 -54.50 -38.92
CA SER H 322 -18.23 -55.43 -39.16
C SER H 322 -16.92 -54.64 -39.26
N MET H 323 -16.10 -54.74 -38.20
CA MET H 323 -14.79 -54.09 -38.23
C MET H 323 -13.94 -54.62 -39.38
N LYS H 324 -14.09 -55.89 -39.73
CA LYS H 324 -13.38 -56.44 -40.87
C LYS H 324 -13.81 -55.76 -42.17
N GLU H 325 -15.12 -55.49 -42.30
CA GLU H 325 -15.61 -54.77 -43.48
C GLU H 325 -15.16 -53.32 -43.50
N VAL H 326 -14.87 -52.73 -42.33
CA VAL H 326 -14.38 -51.36 -42.28
C VAL H 326 -12.97 -51.28 -42.85
N ASP H 327 -12.09 -52.22 -42.47
CA ASP H 327 -10.73 -52.20 -42.97
C ASP H 327 -10.68 -52.32 -44.49
N GLU H 328 -11.50 -53.19 -45.06
CA GLU H 328 -11.50 -53.38 -46.51
C GLU H 328 -11.89 -52.10 -47.23
N GLN H 329 -12.82 -51.33 -46.67
CA GLN H 329 -13.23 -50.08 -47.30
C GLN H 329 -12.19 -48.99 -47.09
N MET H 330 -11.69 -48.84 -45.85
CA MET H 330 -10.69 -47.81 -45.56
C MET H 330 -9.40 -48.08 -46.33
N LEU H 331 -9.04 -49.35 -46.50
CA LEU H 331 -7.88 -49.67 -47.32
C LEU H 331 -8.16 -49.38 -48.79
N ASN H 332 -9.38 -49.65 -49.24
CA ASN H 332 -9.73 -49.46 -50.64
C ASN H 332 -9.60 -47.99 -51.06
N VAL H 333 -10.29 -47.10 -50.33
CA VAL H 333 -10.29 -45.69 -50.68
C VAL H 333 -8.86 -45.14 -50.70
N GLN H 334 -7.96 -45.73 -49.90
CA GLN H 334 -6.57 -45.30 -49.90
C GLN H 334 -5.86 -45.71 -51.19
N ASN H 335 -5.82 -47.01 -51.47
CA ASN H 335 -5.08 -47.48 -52.65
C ASN H 335 -5.79 -47.17 -53.95
N LYS H 336 -7.05 -46.74 -53.91
CA LYS H 336 -7.76 -46.31 -55.12
C LYS H 336 -7.67 -44.81 -55.35
N ASN H 337 -7.25 -44.05 -54.35
CA ASN H 337 -7.03 -42.61 -54.47
C ASN H 337 -5.69 -42.22 -53.86
N SER H 338 -4.66 -43.04 -54.12
CA SER H 338 -3.36 -42.84 -53.51
C SER H 338 -2.73 -41.49 -53.86
N SER H 339 -3.13 -40.90 -54.99
CA SER H 339 -2.58 -39.60 -55.36
C SER H 339 -2.99 -38.52 -54.37
N TYR H 340 -4.12 -38.68 -53.71
CA TYR H 340 -4.62 -37.69 -52.76
C TYR H 340 -4.19 -38.00 -51.32
N PHE H 341 -3.28 -38.95 -51.13
CA PHE H 341 -2.72 -39.26 -49.83
C PHE H 341 -1.21 -39.16 -49.91
N VAL H 342 -0.61 -38.55 -48.89
CA VAL H 342 0.83 -38.35 -48.87
C VAL H 342 1.54 -39.69 -48.80
N GLU H 343 2.47 -39.90 -49.72
CA GLU H 343 3.24 -41.14 -49.71
C GLU H 343 4.31 -41.14 -48.63
N TRP H 344 4.99 -40.00 -48.43
CA TRP H 344 6.09 -39.94 -47.46
C TRP H 344 5.61 -39.97 -45.99
N ILE H 345 4.37 -40.34 -45.72
CA ILE H 345 3.90 -40.62 -44.36
C ILE H 345 3.19 -41.97 -44.40
N PRO H 346 3.91 -43.08 -44.21
CA PRO H 346 3.26 -44.39 -44.26
C PRO H 346 2.21 -44.54 -43.17
N ASN H 347 1.10 -45.19 -43.53
CA ASN H 347 0.00 -45.47 -42.61
C ASN H 347 -0.52 -44.20 -41.96
N ASN H 348 -0.71 -43.16 -42.78
CA ASN H 348 -1.18 -41.87 -42.28
C ASN H 348 -2.66 -41.89 -41.92
N VAL H 349 -3.43 -42.83 -42.46
CA VAL H 349 -4.86 -42.93 -42.16
C VAL H 349 -5.04 -43.93 -41.03
N LYS H 350 -5.83 -43.54 -40.03
CA LYS H 350 -6.10 -44.37 -38.86
C LYS H 350 -7.61 -44.42 -38.63
N THR H 351 -8.13 -45.63 -38.42
CA THR H 351 -9.56 -45.85 -38.27
C THR H 351 -9.85 -46.45 -36.90
N ALA H 352 -10.79 -45.83 -36.18
CA ALA H 352 -11.24 -46.31 -34.88
C ALA H 352 -12.71 -46.68 -34.96
N VAL H 353 -13.15 -47.52 -34.01
CA VAL H 353 -14.51 -48.01 -33.97
C VAL H 353 -15.04 -47.86 -32.55
N CYS H 354 -16.30 -47.41 -32.44
CA CYS H 354 -17.00 -47.32 -31.17
C CYS H 354 -18.37 -47.96 -31.31
N ASP H 355 -18.72 -48.83 -30.36
CA ASP H 355 -19.96 -49.58 -30.47
C ASP H 355 -21.19 -48.70 -30.31
N ILE H 356 -21.08 -47.62 -29.54
CA ILE H 356 -22.22 -46.78 -29.19
C ILE H 356 -22.42 -45.75 -30.30
N PRO H 357 -23.57 -45.71 -30.96
CA PRO H 357 -23.83 -44.68 -31.96
C PRO H 357 -24.37 -43.42 -31.33
N PRO H 358 -24.48 -42.32 -32.08
CA PRO H 358 -25.17 -41.13 -31.55
C PRO H 358 -26.67 -41.36 -31.49
N ARG H 359 -27.31 -40.71 -30.50
CA ARG H 359 -28.73 -40.93 -30.28
C ARG H 359 -29.56 -40.47 -31.48
N GLY H 360 -30.21 -41.43 -32.15
CA GLY H 360 -31.01 -41.12 -33.31
C GLY H 360 -30.59 -41.94 -34.52
N LEU H 361 -29.36 -42.46 -34.50
CA LEU H 361 -28.82 -43.21 -35.61
C LEU H 361 -28.27 -44.53 -35.12
N LYS H 362 -28.12 -45.48 -36.05
CA LYS H 362 -27.51 -46.77 -35.76
C LYS H 362 -26.08 -46.88 -36.24
N MET H 363 -25.76 -46.26 -37.37
CA MET H 363 -24.40 -46.25 -37.91
C MET H 363 -24.05 -44.84 -38.35
N SER H 364 -22.90 -44.36 -37.89
CA SER H 364 -22.40 -43.05 -38.28
C SER H 364 -20.88 -43.12 -38.39
N ALA H 365 -20.29 -42.11 -39.00
CA ALA H 365 -18.86 -42.08 -39.22
C ALA H 365 -18.39 -40.64 -39.30
N THR H 366 -17.36 -40.30 -38.52
CA THR H 366 -16.82 -38.94 -38.46
C THR H 366 -15.41 -38.92 -39.05
N PHE H 367 -15.13 -37.90 -39.84
CA PHE H 367 -13.86 -37.74 -40.54
C PHE H 367 -13.08 -36.58 -39.97
N ILE H 368 -11.77 -36.79 -39.79
CA ILE H 368 -10.83 -35.73 -39.39
C ILE H 368 -9.64 -35.81 -40.32
N GLY H 369 -9.45 -34.78 -41.13
CA GLY H 369 -8.38 -34.78 -42.12
C GLY H 369 -7.50 -33.55 -42.00
N ASN H 370 -6.19 -33.78 -42.13
CA ASN H 370 -5.22 -32.69 -42.19
C ASN H 370 -4.81 -32.55 -43.65
N SER H 371 -5.69 -31.96 -44.44
CA SER H 371 -5.49 -31.84 -45.87
C SER H 371 -4.85 -30.50 -46.24
N THR H 372 -4.09 -30.52 -47.33
CA THR H 372 -3.51 -29.29 -47.87
C THR H 372 -4.53 -28.46 -48.63
N ALA H 373 -5.73 -29.00 -48.87
CA ALA H 373 -6.78 -28.21 -49.50
C ALA H 373 -7.35 -27.16 -48.58
N ILE H 374 -7.08 -27.25 -47.28
CA ILE H 374 -7.52 -26.23 -46.32
C ILE H 374 -6.95 -24.86 -46.63
N GLN H 375 -5.95 -24.79 -47.51
CA GLN H 375 -5.41 -23.50 -47.91
C GLN H 375 -6.44 -22.69 -48.69
N GLU H 376 -7.40 -23.37 -49.32
CA GLU H 376 -8.48 -22.66 -50.00
C GLU H 376 -9.28 -21.82 -49.02
N LEU H 377 -9.47 -22.33 -47.80
CA LEU H 377 -10.21 -21.58 -46.79
C LEU H 377 -9.47 -20.31 -46.39
N PHE H 378 -8.16 -20.41 -46.19
CA PHE H 378 -7.37 -19.22 -45.82
C PHE H 378 -7.19 -18.30 -47.01
N LYS H 379 -7.02 -18.85 -48.21
CA LYS H 379 -7.02 -18.02 -49.42
C LYS H 379 -8.30 -17.21 -49.51
N ARG H 380 -9.44 -17.81 -49.17
CA ARG H 380 -10.71 -17.10 -49.23
C ARG H 380 -10.76 -15.96 -48.23
N ILE H 381 -10.34 -16.22 -46.99
CA ILE H 381 -10.35 -15.17 -45.98
C ILE H 381 -9.32 -14.11 -46.31
N SER H 382 -8.15 -14.51 -46.82
CA SER H 382 -7.13 -13.53 -47.15
C SER H 382 -7.57 -12.62 -48.28
N GLU H 383 -8.36 -13.15 -49.23
CA GLU H 383 -8.88 -12.32 -50.31
C GLU H 383 -9.76 -11.19 -49.76
N GLN H 384 -10.74 -11.54 -48.92
CA GLN H 384 -11.62 -10.53 -48.35
C GLN H 384 -10.89 -9.58 -47.42
N PHE H 385 -9.84 -10.08 -46.74
CA PHE H 385 -9.07 -9.22 -45.83
C PHE H 385 -8.37 -8.11 -46.61
N THR H 386 -7.67 -8.48 -47.68
CA THR H 386 -6.91 -7.50 -48.45
C THR H 386 -7.84 -6.55 -49.21
N ALA H 387 -9.02 -7.04 -49.63
CA ALA H 387 -9.96 -6.19 -50.34
C ALA H 387 -10.35 -4.96 -49.51
N MET H 388 -10.42 -5.11 -48.18
CA MET H 388 -10.68 -3.97 -47.32
C MET H 388 -9.42 -3.31 -46.80
N PHE H 389 -8.36 -4.09 -46.57
CA PHE H 389 -7.16 -3.55 -45.95
C PHE H 389 -6.37 -2.65 -46.90
N ARG H 390 -6.50 -2.88 -48.21
CA ARG H 390 -5.83 -2.00 -49.17
C ARG H 390 -6.31 -0.56 -49.04
N ARG H 391 -7.54 -0.36 -48.59
CA ARG H 391 -8.10 0.96 -48.40
C ARG H 391 -8.19 1.34 -46.92
N LYS H 392 -7.69 0.48 -46.03
CA LYS H 392 -7.67 0.73 -44.59
C LYS H 392 -9.08 1.00 -44.06
N ALA H 393 -10.06 0.29 -44.61
CA ALA H 393 -11.45 0.46 -44.20
C ALA H 393 -11.67 -0.09 -42.80
N PHE H 394 -12.49 0.61 -42.03
CA PHE H 394 -12.91 0.22 -40.68
C PHE H 394 -11.73 0.00 -39.74
N LEU H 395 -10.52 0.44 -40.12
CA LEU H 395 -9.34 0.19 -39.29
C LEU H 395 -9.36 1.01 -38.01
N HIS H 396 -10.10 2.13 -37.98
CA HIS H 396 -10.04 3.03 -36.83
C HIS H 396 -10.58 2.40 -35.56
N TRP H 397 -11.47 1.42 -35.67
CA TRP H 397 -11.97 0.75 -34.48
C TRP H 397 -10.90 -0.12 -33.84
N TYR H 398 -10.03 -0.73 -34.64
CA TYR H 398 -8.94 -1.52 -34.10
C TYR H 398 -7.82 -0.63 -33.58
N THR H 399 -7.46 0.40 -34.34
CA THR H 399 -6.45 1.35 -33.87
C THR H 399 -6.94 2.13 -32.66
N GLY H 400 -8.24 2.46 -32.64
CA GLY H 400 -8.82 3.15 -31.49
C GLY H 400 -8.78 2.34 -30.22
N GLU H 401 -8.62 1.02 -30.32
CA GLU H 401 -8.52 0.15 -29.17
C GLU H 401 -7.08 -0.25 -28.86
N GLY H 402 -6.10 0.34 -29.56
CA GLY H 402 -4.70 0.16 -29.24
C GLY H 402 -3.87 -0.43 -30.36
N MET H 403 -4.51 -1.22 -31.23
CA MET H 403 -3.76 -1.96 -32.25
C MET H 403 -2.99 -1.03 -33.18
N ASP H 404 -1.74 -1.37 -33.42
CA ASP H 404 -0.96 -0.68 -34.44
C ASP H 404 -1.27 -1.28 -35.80
N GLU H 405 -1.15 -0.45 -36.84
CA GLU H 405 -1.45 -0.91 -38.19
C GLU H 405 -0.54 -2.05 -38.61
N MET H 406 0.64 -2.16 -38.00
CA MET H 406 1.57 -3.23 -38.37
C MET H 406 1.03 -4.61 -38.00
N GLU H 407 0.24 -4.70 -36.94
CA GLU H 407 -0.33 -5.98 -36.52
C GLU H 407 -1.16 -6.60 -37.63
N PHE H 408 -1.91 -5.78 -38.38
CA PHE H 408 -2.66 -6.30 -39.51
C PHE H 408 -1.75 -6.85 -40.59
N THR H 409 -0.65 -6.15 -40.87
CA THR H 409 0.27 -6.59 -41.90
C THR H 409 0.93 -7.92 -41.52
N GLU H 410 1.25 -8.08 -40.24
CA GLU H 410 1.88 -9.32 -39.78
C GLU H 410 0.90 -10.49 -39.83
N ALA H 411 -0.33 -10.27 -39.37
CA ALA H 411 -1.33 -11.34 -39.40
C ALA H 411 -1.64 -11.76 -40.83
N GLU H 412 -1.72 -10.80 -41.75
CA GLU H 412 -1.91 -11.12 -43.15
C GLU H 412 -0.73 -11.89 -43.71
N SER H 413 0.49 -11.47 -43.35
CA SER H 413 1.68 -12.13 -43.87
C SER H 413 1.78 -13.55 -43.36
N ASN H 414 1.56 -13.75 -42.06
CA ASN H 414 1.65 -15.09 -41.49
C ASN H 414 0.58 -16.02 -42.03
N MET H 415 -0.60 -15.49 -42.34
CA MET H 415 -1.64 -16.31 -42.96
C MET H 415 -1.23 -16.73 -44.36
N ASN H 416 -0.61 -15.82 -45.12
CA ASN H 416 -0.14 -16.19 -46.45
C ASN H 416 1.04 -17.14 -46.38
N ASP H 417 1.87 -17.04 -45.34
CA ASP H 417 2.91 -18.03 -45.14
C ASP H 417 2.32 -19.41 -44.85
N LEU H 418 1.24 -19.44 -44.07
CA LEU H 418 0.57 -20.70 -43.80
C LEU H 418 0.01 -21.32 -45.07
N VAL H 419 -0.53 -20.49 -45.96
CA VAL H 419 -1.06 -21.00 -47.23
C VAL H 419 0.05 -21.55 -48.09
N SER H 420 1.19 -20.83 -48.16
CA SER H 420 2.30 -21.29 -48.97
C SER H 420 2.87 -22.61 -48.46
N GLU H 421 2.91 -22.78 -47.13
CA GLU H 421 3.43 -24.02 -46.57
C GLU H 421 2.50 -25.18 -46.84
N TYR H 422 1.18 -24.95 -46.76
CA TYR H 422 0.24 -25.99 -47.14
C TYR H 422 0.40 -26.38 -48.60
N GLN H 423 0.72 -25.41 -49.47
CA GLN H 423 1.05 -25.73 -50.84
C GLN H 423 2.42 -26.38 -50.97
N GLN H 424 3.33 -26.05 -50.04
CA GLN H 424 4.69 -26.59 -50.11
C GLN H 424 4.70 -28.10 -49.98
N TYR H 425 4.01 -28.63 -48.97
CA TYR H 425 3.93 -30.08 -48.79
C TYR H 425 2.91 -30.72 -49.72
N GLN H 426 2.04 -29.93 -50.35
CA GLN H 426 1.17 -30.46 -51.39
C GLN H 426 1.96 -30.80 -52.65
N ASP H 427 3.15 -30.23 -52.81
CA ASP H 427 3.98 -30.46 -53.99
C ASP H 427 5.14 -31.41 -53.73
N ALA H 428 5.47 -31.69 -52.47
CA ALA H 428 6.59 -32.57 -52.16
C ALA H 428 6.27 -34.00 -52.59
N THR H 429 7.30 -34.71 -53.06
CA THR H 429 7.17 -36.05 -53.60
C THR H 429 8.09 -37.00 -52.84
N ALA H 430 7.97 -38.29 -53.15
CA ALA H 430 8.76 -39.33 -52.49
C ALA H 430 10.12 -39.53 -53.15
N ASP H 431 10.12 -39.83 -54.46
CA ASP H 431 11.31 -40.08 -55.27
C ASP H 431 12.53 -40.59 -54.50
N ARG I 2 -25.41 -0.21 -21.20
CA ARG I 2 -26.85 -0.13 -21.09
C ARG I 2 -27.37 1.28 -21.31
N GLU I 3 -27.26 2.11 -20.28
CA GLU I 3 -27.94 3.40 -20.24
C GLU I 3 -27.46 4.32 -21.35
N CYS I 4 -28.33 5.26 -21.72
CA CYS I 4 -28.04 6.27 -22.73
C CYS I 4 -28.64 7.59 -22.27
N ILE I 5 -27.81 8.64 -22.25
CA ILE I 5 -28.24 9.97 -21.85
C ILE I 5 -28.47 10.80 -23.11
N SER I 6 -29.70 11.28 -23.28
CA SER I 6 -30.05 12.14 -24.41
C SER I 6 -29.90 13.60 -24.01
N ILE I 7 -29.26 14.39 -24.87
CA ILE I 7 -29.04 15.81 -24.64
C ILE I 7 -29.72 16.58 -25.75
N HIS I 8 -30.49 17.61 -25.38
CA HIS I 8 -31.29 18.39 -26.32
C HIS I 8 -30.92 19.86 -26.19
N VAL I 9 -30.28 20.41 -27.22
CA VAL I 9 -29.71 21.76 -27.18
C VAL I 9 -30.48 22.63 -28.17
N GLY I 10 -30.86 23.83 -27.73
CA GLY I 10 -31.53 24.78 -28.60
C GLY I 10 -32.99 24.45 -28.80
N GLN I 11 -33.68 25.36 -29.49
CA GLN I 11 -35.10 25.17 -29.79
C GLN I 11 -35.33 23.88 -30.56
N ALA I 12 -34.58 23.66 -31.64
CA ALA I 12 -34.75 22.45 -32.43
C ALA I 12 -34.48 21.20 -31.60
N GLY I 13 -33.38 21.19 -30.86
CA GLY I 13 -33.06 20.02 -30.04
C GLY I 13 -34.10 19.77 -28.96
N VAL I 14 -34.58 20.83 -28.31
CA VAL I 14 -35.56 20.68 -27.25
C VAL I 14 -36.91 20.28 -27.82
N GLN I 15 -37.37 20.99 -28.86
CA GLN I 15 -38.68 20.71 -29.43
C GLN I 15 -38.74 19.34 -30.07
N ILE I 16 -37.62 18.85 -30.60
CA ILE I 16 -37.60 17.49 -31.16
C ILE I 16 -37.63 16.46 -30.04
N GLY I 17 -36.87 16.71 -28.96
CA GLY I 17 -36.93 15.81 -27.82
C GLY I 17 -38.32 15.69 -27.23
N ASN I 18 -39.12 16.75 -27.33
CA ASN I 18 -40.50 16.68 -26.89
C ASN I 18 -41.28 15.65 -27.71
N ALA I 19 -41.16 15.72 -29.03
CA ALA I 19 -41.84 14.74 -29.89
C ALA I 19 -41.26 13.35 -29.73
N CYS I 20 -39.96 13.24 -29.41
CA CYS I 20 -39.34 11.93 -29.25
C CYS I 20 -39.75 11.28 -27.95
N TRP I 21 -39.59 12.00 -26.83
CA TRP I 21 -39.93 11.42 -25.53
C TRP I 21 -41.44 11.19 -25.40
N GLU I 22 -42.25 12.01 -26.06
CA GLU I 22 -43.68 11.72 -26.15
C GLU I 22 -43.91 10.39 -26.87
N LEU I 23 -43.17 10.16 -27.95
CA LEU I 23 -43.30 8.90 -28.68
C LEU I 23 -42.70 7.75 -27.88
N TYR I 24 -41.60 8.00 -27.17
CA TYR I 24 -41.01 6.96 -26.33
C TYR I 24 -42.00 6.51 -25.25
N CYS I 25 -42.69 7.46 -24.63
CA CYS I 25 -43.67 7.11 -23.61
C CYS I 25 -44.84 6.33 -24.20
N LEU I 26 -45.26 6.70 -25.41
CA LEU I 26 -46.35 5.98 -26.05
C LEU I 26 -45.95 4.53 -26.34
N GLU I 27 -44.72 4.33 -26.84
CA GLU I 27 -44.28 2.97 -27.17
C GLU I 27 -44.12 2.13 -25.91
N HIS I 28 -43.57 2.72 -24.85
CA HIS I 28 -43.31 1.98 -23.61
C HIS I 28 -44.47 2.02 -22.63
N GLY I 29 -45.61 2.59 -23.01
CA GLY I 29 -46.76 2.63 -22.13
C GLY I 29 -46.58 3.46 -20.87
N ILE I 30 -45.71 4.47 -20.91
CA ILE I 30 -45.47 5.34 -19.77
C ILE I 30 -46.39 6.55 -19.86
N GLN I 31 -46.97 6.92 -18.74
C GLN I 31 -47.16 9.34 -18.40
N PRO I 32 -47.80 10.50 -18.66
CA PRO I 32 -47.10 11.78 -18.45
C PRO I 32 -46.60 12.00 -17.03
N ASP I 33 -47.25 11.42 -16.02
CA ASP I 33 -46.79 11.54 -14.65
C ASP I 33 -45.67 10.57 -14.31
N GLY I 34 -45.12 9.87 -15.30
CA GLY I 34 -44.05 8.93 -15.07
C GLY I 34 -44.46 7.58 -14.52
N GLN I 35 -45.75 7.34 -14.32
CA GLN I 35 -46.21 6.09 -13.75
C GLN I 35 -46.50 5.07 -14.86
N MET I 36 -46.14 3.81 -14.59
CA MET I 36 -46.29 2.72 -15.54
C MET I 36 -46.79 1.47 -14.83
N PRO I 37 -48.04 1.06 -15.05
CA PRO I 37 -48.61 0.00 -14.21
C PRO I 37 -48.18 -1.40 -14.63
N SER I 38 -47.16 -1.48 -15.47
CA SER I 38 -46.65 -2.77 -15.95
C SER I 38 -45.30 -3.15 -15.34
N ASP I 39 -44.34 -2.24 -15.36
CA ASP I 39 -42.99 -2.55 -14.90
C ASP I 39 -42.86 -2.30 -13.40
N LYS I 40 -41.86 -2.95 -12.80
CA LYS I 40 -41.61 -2.84 -11.37
C LYS I 40 -41.01 -1.46 -11.05
N THR I 41 -40.81 -1.21 -9.76
CA THR I 41 -40.39 0.10 -9.27
C THR I 41 -38.90 0.17 -8.96
N ILE I 42 -38.38 -0.75 -8.13
CA ILE I 42 -36.99 -0.74 -7.71
C ILE I 42 -36.28 -2.05 -8.07
N GLY I 43 -36.92 -3.19 -7.76
CA GLY I 43 -36.26 -4.47 -7.95
C GLY I 43 -35.97 -4.77 -9.41
N GLY I 44 -36.86 -4.38 -10.30
CA GLY I 44 -36.65 -4.60 -11.72
C GLY I 44 -35.89 -3.47 -12.39
N GLY I 45 -34.61 -3.71 -12.67
CA GLY I 45 -33.78 -2.69 -13.29
C GLY I 45 -32.88 -3.21 -14.40
N ASP I 46 -33.34 -4.25 -15.11
CA ASP I 46 -32.58 -4.81 -16.22
C ASP I 46 -33.45 -5.00 -17.46
N ASP I 47 -34.53 -4.25 -17.58
CA ASP I 47 -35.38 -4.34 -18.76
C ASP I 47 -34.80 -3.49 -19.90
N SER I 48 -35.32 -3.74 -21.11
CA SER I 48 -34.71 -3.16 -22.30
C SER I 48 -34.93 -1.65 -22.38
N PHE I 49 -36.07 -1.16 -21.92
CA PHE I 49 -36.35 0.28 -22.00
C PHE I 49 -35.75 1.05 -20.83
N ASN I 50 -35.15 0.36 -19.85
CA ASN I 50 -34.46 1.06 -18.78
C ASN I 50 -33.13 1.66 -19.23
N THR I 51 -32.73 1.43 -20.48
CA THR I 51 -31.56 2.11 -21.03
C THR I 51 -31.84 3.59 -21.25
N PHE I 52 -33.11 3.97 -21.41
CA PHE I 52 -33.49 5.36 -21.62
C PHE I 52 -34.26 5.96 -20.45
N PHE I 53 -34.67 5.15 -19.48
CA PHE I 53 -35.43 5.62 -18.33
C PHE I 53 -34.82 5.11 -17.04
N SER I 54 -34.83 5.95 -16.01
CA SER I 54 -34.50 5.54 -14.65
C SER I 54 -35.79 5.28 -13.88
N GLU I 55 -35.64 4.78 -12.66
CA GLU I 55 -36.77 4.42 -11.82
C GLU I 55 -36.61 5.02 -10.43
N THR I 56 -37.53 5.91 -10.07
CA THR I 56 -37.59 6.41 -8.71
C THR I 56 -38.03 5.31 -7.76
N GLY I 57 -37.69 5.47 -6.48
CA GLY I 57 -38.14 4.51 -5.48
C GLY I 57 -39.65 4.39 -5.41
N ALA I 58 -40.37 5.46 -5.74
CA ALA I 58 -41.82 5.47 -5.72
C ALA I 58 -42.43 4.95 -7.02
N GLY I 59 -41.65 4.29 -7.87
CA GLY I 59 -42.19 3.73 -9.10
C GLY I 59 -42.36 4.71 -10.23
N LYS I 60 -41.57 5.78 -10.25
CA LYS I 60 -41.66 6.80 -11.29
C LYS I 60 -40.53 6.60 -12.30
N HIS I 61 -40.89 6.55 -13.57
CA HIS I 61 -39.94 6.35 -14.66
C HIS I 61 -39.60 7.69 -15.27
N VAL I 62 -38.34 8.11 -15.12
CA VAL I 62 -37.88 9.44 -15.50
C VAL I 62 -36.91 9.29 -16.66
N PRO I 63 -37.08 10.05 -17.75
CA PRO I 63 -36.13 9.95 -18.87
C PRO I 63 -34.72 10.36 -18.45
N ARG I 64 -33.73 9.68 -19.03
CA ARG I 64 -32.33 10.04 -18.87
C ARG I 64 -31.95 11.13 -19.87
N ALA I 65 -32.62 12.27 -19.74
CA ALA I 65 -32.49 13.34 -20.72
C ALA I 65 -32.15 14.65 -20.03
N VAL I 66 -31.46 15.52 -20.77
CA VAL I 66 -31.16 16.87 -20.35
C VAL I 66 -31.62 17.82 -21.45
N PHE I 67 -32.29 18.90 -21.05
CA PHE I 67 -32.77 19.92 -21.99
C PHE I 67 -32.04 21.22 -21.70
N VAL I 68 -31.28 21.70 -22.67
CA VAL I 68 -30.45 22.90 -22.51
C VAL I 68 -30.87 23.95 -23.52
N ASP I 69 -30.93 25.20 -23.07
CA ASP I 69 -31.21 26.33 -23.93
C ASP I 69 -30.66 27.59 -23.27
N LEU I 70 -30.23 28.53 -24.09
CA LEU I 70 -29.73 29.82 -23.59
C LEU I 70 -30.86 30.82 -23.40
N GLU I 71 -32.12 30.39 -23.57
CA GLU I 71 -33.31 31.21 -23.45
C GLU I 71 -34.40 30.35 -22.83
N PRO I 72 -35.14 30.88 -21.85
CA PRO I 72 -36.10 30.05 -21.12
C PRO I 72 -37.39 29.78 -21.87
N THR I 73 -37.63 30.46 -22.99
CA THR I 73 -38.97 30.46 -23.59
C THR I 73 -39.43 29.07 -23.99
N VAL I 74 -38.56 28.30 -24.64
CA VAL I 74 -38.97 27.00 -25.17
C VAL I 74 -39.12 25.99 -24.04
N ILE I 75 -38.12 25.90 -23.16
CA ILE I 75 -38.15 24.90 -22.10
C ILE I 75 -39.22 25.25 -21.08
N ASP I 76 -39.59 26.52 -20.96
CA ASP I 76 -40.69 26.91 -20.08
C ASP I 76 -41.98 26.22 -20.49
N GLU I 77 -42.21 26.08 -21.80
CA GLU I 77 -43.38 25.33 -22.27
C GLU I 77 -43.32 23.87 -21.85
N VAL I 78 -42.11 23.33 -21.69
CA VAL I 78 -41.96 21.94 -21.26
C VAL I 78 -42.37 21.80 -19.80
N ARG I 79 -41.84 22.65 -18.93
CA ARG I 79 -42.20 22.64 -17.52
C ARG I 79 -43.52 23.38 -17.31
N THR I 80 -44.39 23.35 -18.31
CA THR I 80 -45.76 23.85 -18.22
C THR I 80 -46.78 22.95 -18.90
N GLY I 81 -46.43 22.27 -19.98
CA GLY I 81 -47.36 21.43 -20.72
C GLY I 81 -47.61 20.10 -20.06
N THR I 82 -47.98 19.11 -20.89
CA THR I 82 -48.45 17.83 -20.37
C THR I 82 -47.36 17.07 -19.62
N TYR I 83 -46.10 17.21 -20.04
CA TYR I 83 -45.01 16.44 -19.46
C TYR I 83 -44.19 17.26 -18.47
N ARG I 84 -44.84 18.16 -17.73
CA ARG I 84 -44.13 18.93 -16.71
C ARG I 84 -43.66 18.05 -15.56
N GLN I 85 -44.40 16.98 -15.26
CA GLN I 85 -44.06 16.08 -14.18
C GLN I 85 -43.14 14.94 -14.63
N LEU I 86 -42.98 14.74 -15.94
CA LEU I 86 -42.17 13.64 -16.43
C LEU I 86 -40.70 13.84 -16.12
N PHE I 87 -40.20 15.06 -16.28
CA PHE I 87 -38.79 15.38 -16.04
C PHE I 87 -38.61 16.02 -14.68
N HIS I 88 -37.52 15.67 -14.01
CA HIS I 88 -37.12 16.43 -12.84
C HIS I 88 -36.70 17.82 -13.28
N PRO I 89 -37.13 18.88 -12.59
CA PRO I 89 -36.75 20.24 -13.02
C PRO I 89 -35.26 20.48 -13.06
N GLU I 90 -34.45 19.62 -12.43
CA GLU I 90 -33.01 19.74 -12.53
C GLU I 90 -32.50 19.41 -13.92
N GLN I 91 -33.30 18.73 -14.74
CA GLN I 91 -32.91 18.34 -16.09
C GLN I 91 -33.28 19.40 -17.13
N LEU I 92 -33.93 20.48 -16.72
CA LEU I 92 -34.38 21.52 -17.63
C LEU I 92 -33.56 22.78 -17.34
N ILE I 93 -32.51 22.98 -18.13
CA ILE I 93 -31.54 24.05 -17.90
C ILE I 93 -31.79 25.16 -18.91
N THR I 94 -31.88 26.40 -18.42
CA THR I 94 -32.07 27.56 -19.29
C THR I 94 -31.19 28.70 -18.82
N GLY I 95 -30.84 29.58 -19.76
CA GLY I 95 -30.25 30.87 -19.46
C GLY I 95 -31.28 31.97 -19.62
N LYS I 96 -30.77 33.19 -19.78
CA LYS I 96 -31.62 34.35 -20.03
C LYS I 96 -31.36 35.03 -21.36
N GLU I 97 -30.11 35.01 -21.84
CA GLU I 97 -29.74 35.64 -23.11
C GLU I 97 -29.31 34.55 -24.08
N ASP I 98 -29.97 34.49 -25.23
CA ASP I 98 -29.69 33.45 -26.21
C ASP I 98 -28.49 33.86 -27.07
N ALA I 99 -28.21 33.07 -28.11
CA ALA I 99 -27.00 33.26 -28.92
C ALA I 99 -27.26 34.04 -30.20
N ALA I 100 -28.52 34.35 -30.53
CA ALA I 100 -28.85 35.21 -31.66
C ALA I 100 -28.27 34.68 -32.98
N ASN I 101 -28.46 33.39 -33.22
CA ASN I 101 -28.00 32.73 -34.44
C ASN I 101 -26.50 32.95 -34.67
N ASN I 102 -25.74 33.08 -33.58
CA ASN I 102 -24.32 33.37 -33.66
C ASN I 102 -23.57 32.24 -32.97
N TYR I 103 -22.83 31.46 -33.76
CA TYR I 103 -22.03 30.36 -33.21
C TYR I 103 -21.10 30.86 -32.12
N ALA I 104 -20.42 31.98 -32.36
CA ALA I 104 -19.44 32.48 -31.40
C ALA I 104 -20.09 32.86 -30.08
N ARG I 105 -21.34 33.30 -30.09
CA ARG I 105 -22.05 33.58 -28.85
C ARG I 105 -22.33 32.30 -28.08
N GLY I 106 -22.79 31.27 -28.78
CA GLY I 106 -23.12 30.02 -28.13
C GLY I 106 -21.91 29.24 -27.68
N HIS I 107 -20.80 29.36 -28.40
CA HIS I 107 -19.60 28.59 -28.13
C HIS I 107 -18.59 29.32 -27.25
N TYR I 108 -18.45 30.63 -27.40
CA TYR I 108 -17.43 31.40 -26.70
C TYR I 108 -18.02 32.32 -25.64
N THR I 109 -18.89 33.26 -26.02
CA THR I 109 -19.31 34.31 -25.09
C THR I 109 -20.36 33.80 -24.10
N ILE I 110 -21.59 33.57 -24.57
CA ILE I 110 -22.68 33.25 -23.66
C ILE I 110 -22.59 31.80 -23.18
N GLY I 111 -22.26 30.87 -24.07
CA GLY I 111 -22.29 29.46 -23.71
C GLY I 111 -21.33 29.09 -22.60
N LYS I 112 -20.20 29.80 -22.50
CA LYS I 112 -19.23 29.48 -21.46
C LYS I 112 -19.73 29.82 -20.06
N GLU I 113 -20.81 30.60 -19.94
CA GLU I 113 -21.37 30.91 -18.63
C GLU I 113 -22.14 29.73 -18.05
N ILE I 114 -22.68 28.87 -18.91
CA ILE I 114 -23.58 27.80 -18.50
C ILE I 114 -23.01 26.42 -18.77
N ILE I 115 -21.78 26.33 -19.29
CA ILE I 115 -21.21 25.02 -19.65
C ILE I 115 -20.92 24.19 -18.41
N ASP I 116 -20.41 24.82 -17.34
CA ASP I 116 -20.10 24.09 -16.12
C ASP I 116 -21.36 23.60 -15.42
N LEU I 117 -22.45 24.37 -15.51
CA LEU I 117 -23.71 23.94 -14.90
C LEU I 117 -24.30 22.76 -15.64
N VAL I 118 -24.21 22.76 -16.97
CA VAL I 118 -24.79 21.67 -17.76
C VAL I 118 -24.04 20.37 -17.52
N LEU I 119 -22.70 20.43 -17.56
CA LEU I 119 -21.91 19.23 -17.30
C LEU I 119 -22.17 18.65 -15.92
N ASP I 120 -22.51 19.51 -14.95
CA ASP I 120 -22.80 19.03 -13.61
C ASP I 120 -24.11 18.25 -13.58
N ARG I 121 -25.17 18.79 -14.19
CA ARG I 121 -26.43 18.07 -14.25
C ARG I 121 -26.33 16.81 -15.08
N ILE I 122 -25.40 16.76 -16.03
CA ILE I 122 -25.16 15.54 -16.80
C ILE I 122 -24.45 14.50 -15.93
N ARG I 123 -23.42 14.94 -15.18
CA ARG I 123 -22.72 14.03 -14.27
C ARG I 123 -23.68 13.41 -13.27
N LYS I 124 -24.73 14.14 -12.88
CA LYS I 124 -25.76 13.57 -12.00
C LYS I 124 -26.40 12.35 -12.65
N LEU I 125 -26.84 12.48 -13.90
CA LEU I 125 -27.41 11.33 -14.60
C LEU I 125 -26.35 10.26 -14.85
N ALA I 126 -25.12 10.66 -15.16
CA ALA I 126 -24.05 9.70 -15.39
C ALA I 126 -23.70 8.92 -14.14
N ASP I 127 -23.84 9.52 -12.97
CA ASP I 127 -23.62 8.82 -11.71
C ASP I 127 -24.79 7.93 -11.32
N GLN I 128 -25.96 8.11 -11.94
CA GLN I 128 -27.08 7.20 -11.77
C GLN I 128 -27.05 6.06 -12.79
N CYS I 129 -25.94 5.89 -13.50
CA CYS I 129 -25.79 4.86 -14.52
C CYS I 129 -24.70 3.89 -14.12
N THR I 130 -25.01 2.60 -14.16
CA THR I 130 -23.99 1.57 -13.92
C THR I 130 -23.09 1.41 -15.13
N GLY I 131 -23.66 1.07 -16.28
CA GLY I 131 -22.92 0.97 -17.52
C GLY I 131 -23.41 1.94 -18.56
N LEU I 132 -22.84 3.15 -18.57
CA LEU I 132 -23.27 4.19 -19.49
C LEU I 132 -22.70 3.91 -20.88
N GLN I 133 -23.57 3.70 -21.86
CA GLN I 133 -23.12 3.47 -23.23
C GLN I 133 -22.59 4.76 -23.85
N GLY I 134 -23.45 5.74 -24.04
CA GLY I 134 -23.03 6.97 -24.67
C GLY I 134 -24.08 8.05 -24.58
N PHE I 135 -23.91 9.06 -25.42
CA PHE I 135 -24.79 10.23 -25.44
C PHE I 135 -25.46 10.36 -26.80
N SER I 136 -26.66 10.92 -26.78
CA SER I 136 -27.41 11.25 -27.99
C SER I 136 -27.69 12.75 -27.97
N VAL I 137 -27.01 13.50 -28.83
CA VAL I 137 -27.08 14.96 -28.84
C VAL I 137 -28.03 15.41 -29.94
N PHE I 138 -29.02 16.20 -29.56
CA PHE I 138 -30.02 16.73 -30.50
C PHE I 138 -29.82 18.23 -30.60
N HIS I 139 -29.54 18.71 -31.81
CA HIS I 139 -29.26 20.12 -32.02
C HIS I 139 -29.50 20.48 -33.48
N SER I 140 -29.54 21.78 -33.75
CA SER I 140 -29.70 22.31 -35.10
C SER I 140 -28.37 22.82 -35.62
N PHE I 141 -28.26 22.89 -36.95
CA PHE I 141 -27.06 23.38 -37.59
C PHE I 141 -27.03 24.91 -37.65
N GLY I 142 -28.18 25.56 -37.73
CA GLY I 142 -28.25 26.97 -38.00
C GLY I 142 -28.23 27.89 -36.79
N GLY I 143 -28.87 27.47 -35.71
CA GLY I 143 -28.98 28.32 -34.54
C GLY I 143 -27.67 28.52 -33.83
N GLY I 144 -27.62 29.59 -33.04
CA GLY I 144 -26.41 29.86 -32.26
C GLY I 144 -26.18 28.84 -31.17
N THR I 145 -27.24 28.46 -30.46
CA THR I 145 -27.10 27.48 -29.39
C THR I 145 -26.88 26.08 -29.97
N GLY I 146 -27.69 25.70 -30.96
CA GLY I 146 -27.58 24.40 -31.58
C GLY I 146 -26.25 24.12 -32.24
N SER I 147 -25.56 25.17 -32.72
CA SER I 147 -24.26 25.03 -33.35
C SER I 147 -23.11 25.39 -32.41
N GLY I 148 -23.20 26.54 -31.74
CA GLY I 148 -22.13 27.00 -30.87
C GLY I 148 -22.01 26.22 -29.59
N PHE I 149 -23.09 26.15 -28.80
CA PHE I 149 -23.02 25.51 -27.50
C PHE I 149 -22.89 24.00 -27.61
N THR I 150 -23.51 23.40 -28.63
CA THR I 150 -23.40 21.96 -28.82
C THR I 150 -21.94 21.56 -29.06
N SER I 151 -21.27 22.24 -30.00
CA SER I 151 -19.87 21.96 -30.25
C SER I 151 -19.01 22.19 -29.02
N LEU I 152 -19.40 23.15 -28.17
CA LEU I 152 -18.70 23.33 -26.90
C LEU I 152 -18.92 22.14 -25.98
N LEU I 153 -20.17 21.66 -25.90
CA LEU I 153 -20.47 20.50 -25.07
C LEU I 153 -19.76 19.25 -25.59
N MET I 154 -19.68 19.10 -26.92
CA MET I 154 -18.99 17.95 -27.49
C MET I 154 -17.50 17.97 -27.17
N GLU I 155 -16.91 19.16 -27.07
CA GLU I 155 -15.50 19.25 -26.66
C GLU I 155 -15.33 18.84 -25.21
N ARG I 156 -16.30 19.18 -24.36
CA ARG I 156 -16.17 18.89 -22.94
C ARG I 156 -16.55 17.46 -22.60
N LEU I 157 -17.41 16.82 -23.39
CA LEU I 157 -17.74 15.43 -23.16
C LEU I 157 -16.58 14.50 -23.54
N SER I 158 -15.87 14.84 -24.62
CA SER I 158 -14.70 14.05 -24.99
C SER I 158 -13.57 14.13 -23.97
N VAL I 159 -13.52 15.21 -23.18
CA VAL I 159 -12.50 15.35 -22.15
C VAL I 159 -12.87 14.58 -20.90
N ASP I 160 -14.10 14.77 -20.42
CA ASP I 160 -14.53 14.13 -19.18
C ASP I 160 -14.78 12.63 -19.38
N TYR I 161 -15.81 12.29 -20.16
CA TYR I 161 -16.20 10.89 -20.29
C TYR I 161 -15.28 10.13 -21.24
N GLY I 162 -14.72 10.80 -22.24
CA GLY I 162 -13.64 10.26 -23.05
C GLY I 162 -13.88 8.94 -23.77
N LYS I 163 -14.12 7.87 -22.99
CA LYS I 163 -14.21 6.54 -23.56
C LYS I 163 -15.60 6.23 -24.12
N LYS I 164 -16.60 7.06 -23.86
CA LYS I 164 -17.96 6.75 -24.26
C LYS I 164 -18.28 7.40 -25.61
N SER I 165 -19.22 6.78 -26.33
CA SER I 165 -19.59 7.23 -27.66
C SER I 165 -20.57 8.40 -27.59
N LYS I 166 -20.63 9.15 -28.68
CA LYS I 166 -21.51 10.32 -28.78
C LYS I 166 -22.13 10.34 -30.17
N LEU I 167 -23.46 10.30 -30.21
CA LEU I 167 -24.21 10.30 -31.47
C LEU I 167 -24.95 11.61 -31.65
N GLU I 168 -25.01 12.08 -32.89
CA GLU I 168 -25.65 13.35 -33.22
C GLU I 168 -26.90 13.12 -34.05
N PHE I 169 -27.92 13.92 -33.78
CA PHE I 169 -29.09 14.06 -34.64
C PHE I 169 -29.17 15.54 -34.98
N SER I 170 -28.49 15.93 -36.06
CA SER I 170 -28.34 17.33 -36.45
C SER I 170 -29.40 17.73 -37.47
N ILE I 171 -29.90 18.95 -37.35
CA ILE I 171 -30.96 19.47 -38.20
C ILE I 171 -30.31 20.32 -39.28
N TYR I 172 -30.16 19.74 -40.46
CA TYR I 172 -29.62 20.45 -41.60
C TYR I 172 -30.57 21.57 -42.02
N PRO I 173 -30.09 22.80 -42.20
CA PRO I 173 -31.00 23.92 -42.45
C PRO I 173 -31.61 23.88 -43.84
N ALA I 174 -32.66 24.68 -44.01
CA ALA I 174 -33.35 24.77 -45.29
C ALA I 174 -34.03 26.12 -45.37
N PRO I 175 -34.00 26.78 -46.54
CA PRO I 175 -34.58 28.14 -46.62
C PRO I 175 -36.08 28.20 -46.43
N GLN I 176 -36.79 27.06 -46.55
CA GLN I 176 -38.24 27.08 -46.40
C GLN I 176 -38.65 27.46 -44.99
N VAL I 177 -37.82 27.15 -43.99
CA VAL I 177 -38.14 27.45 -42.60
C VAL I 177 -36.96 28.14 -41.93
N SER I 178 -36.02 28.62 -42.74
CA SER I 178 -34.81 29.23 -42.20
C SER I 178 -35.14 30.52 -41.45
N THR I 179 -34.64 30.63 -40.22
CA THR I 179 -34.86 31.79 -39.39
C THR I 179 -33.63 32.69 -39.29
N ALA I 180 -32.61 32.45 -40.09
CA ALA I 180 -31.38 33.24 -40.01
C ALA I 180 -30.66 33.17 -41.35
N VAL I 181 -29.91 34.23 -41.66
CA VAL I 181 -29.15 34.29 -42.89
C VAL I 181 -27.80 33.60 -42.73
N VAL I 182 -27.21 33.68 -41.54
CA VAL I 182 -25.86 33.20 -41.30
C VAL I 182 -25.88 31.72 -40.95
N GLU I 183 -26.99 31.04 -41.23
CA GLU I 183 -27.07 29.61 -40.95
C GLU I 183 -25.99 28.79 -41.64
N PRO I 184 -25.60 29.05 -42.90
CA PRO I 184 -24.45 28.33 -43.46
C PRO I 184 -23.16 28.55 -42.68
N TYR I 185 -22.95 29.74 -42.15
CA TYR I 185 -21.78 29.98 -41.30
C TYR I 185 -21.78 29.05 -40.09
N ASN I 186 -22.88 29.07 -39.33
CA ASN I 186 -22.97 28.25 -38.12
C ASN I 186 -22.85 26.76 -38.43
N SER I 187 -23.38 26.33 -39.57
CA SER I 187 -23.31 24.91 -39.93
C SER I 187 -21.87 24.48 -40.16
N ILE I 188 -21.11 25.27 -40.92
CA ILE I 188 -19.72 24.93 -41.21
C ILE I 188 -18.89 24.99 -39.92
N LEU I 189 -19.17 25.96 -39.06
CA LEU I 189 -18.36 26.12 -37.86
C LEU I 189 -18.59 24.98 -36.87
N THR I 190 -19.83 24.56 -36.68
CA THR I 190 -20.09 23.47 -35.74
C THR I 190 -19.69 22.11 -36.31
N THR I 191 -19.82 21.91 -37.62
CA THR I 191 -19.39 20.65 -38.23
C THR I 191 -17.88 20.49 -38.10
N HIS I 192 -17.14 21.61 -38.11
CA HIS I 192 -15.69 21.55 -38.01
C HIS I 192 -15.23 21.18 -36.61
N THR I 193 -15.73 21.90 -35.60
CA THR I 193 -15.29 21.68 -34.22
C THR I 193 -15.88 20.41 -33.60
N THR I 194 -16.88 19.80 -34.22
CA THR I 194 -17.50 18.58 -33.71
C THR I 194 -17.06 17.34 -34.48
N LEU I 195 -16.35 17.51 -35.60
CA LEU I 195 -16.04 16.38 -36.47
C LEU I 195 -15.18 15.35 -35.76
N GLU I 196 -14.24 15.78 -34.94
CA GLU I 196 -13.32 14.87 -34.25
C GLU I 196 -13.88 14.37 -32.93
N HIS I 197 -15.04 14.87 -32.49
CA HIS I 197 -15.65 14.42 -31.24
C HIS I 197 -16.85 13.52 -31.44
N SER I 198 -17.47 13.52 -32.62
CA SER I 198 -18.69 12.76 -32.87
C SER I 198 -18.33 11.40 -33.49
N ASP I 199 -18.97 10.35 -32.98
CA ASP I 199 -18.78 9.01 -33.52
C ASP I 199 -19.75 8.70 -34.65
N CYS I 200 -20.94 9.30 -34.64
CA CYS I 200 -21.94 9.07 -35.66
C CYS I 200 -22.89 10.26 -35.66
N ALA I 201 -23.26 10.74 -36.85
CA ALA I 201 -24.06 11.94 -36.97
C ALA I 201 -25.11 11.73 -38.05
N PHE I 202 -26.38 11.70 -37.66
CA PHE I 202 -27.51 11.52 -38.57
C PHE I 202 -28.07 12.89 -38.90
N MET I 203 -27.73 13.41 -40.07
CA MET I 203 -28.27 14.69 -40.51
C MET I 203 -29.70 14.53 -40.97
N VAL I 204 -30.50 15.57 -40.73
CA VAL I 204 -31.91 15.61 -41.11
C VAL I 204 -32.13 16.91 -41.86
N ASP I 205 -32.09 16.83 -43.20
CA ASP I 205 -32.39 18.01 -44.01
C ASP I 205 -33.83 18.44 -43.77
N ASN I 206 -34.01 19.66 -43.28
CA ASN I 206 -35.35 20.18 -43.05
C ASN I 206 -36.14 20.27 -44.35
N GLU I 207 -35.46 20.46 -45.48
CA GLU I 207 -36.14 20.51 -46.77
C GLU I 207 -36.72 19.15 -47.13
N ALA I 208 -36.03 18.07 -46.80
CA ALA I 208 -36.54 16.74 -47.07
C ALA I 208 -37.78 16.45 -46.24
N ILE I 209 -37.69 16.68 -44.93
CA ILE I 209 -38.84 16.50 -44.05
C ILE I 209 -39.97 17.44 -44.45
N TYR I 210 -39.63 18.64 -44.93
CA TYR I 210 -40.64 19.58 -45.37
C TYR I 210 -41.39 19.07 -46.60
N ASP I 211 -40.65 18.52 -47.57
CA ASP I 211 -41.29 18.06 -48.79
C ASP I 211 -42.04 16.76 -48.57
N ILE I 212 -41.50 15.87 -47.73
CA ILE I 212 -42.20 14.61 -47.44
C ILE I 212 -43.53 14.89 -46.77
N CYS I 213 -43.59 15.89 -45.90
CA CYS I 213 -44.86 16.27 -45.29
C CYS I 213 -45.81 16.85 -46.34
N ARG I 214 -45.29 17.63 -47.27
CA ARG I 214 -46.14 18.18 -48.32
C ARG I 214 -46.62 17.10 -49.28
N ARG I 215 -45.75 16.17 -49.63
CA ARG I 215 -46.08 15.17 -50.65
C ARG I 215 -46.93 14.04 -50.08
N ASN I 216 -46.45 13.39 -49.02
CA ASN I 216 -47.10 12.17 -48.52
C ASN I 216 -48.19 12.45 -47.50
N LEU I 217 -48.07 13.51 -46.70
CA LEU I 217 -49.11 13.88 -45.75
C LEU I 217 -50.09 14.91 -46.30
N ASP I 218 -49.80 15.48 -47.48
CA ASP I 218 -50.64 16.49 -48.12
C ASP I 218 -50.88 17.68 -47.20
N ILE I 219 -49.80 18.16 -46.59
CA ILE I 219 -49.83 19.35 -45.75
C ILE I 219 -49.23 20.49 -46.56
N GLU I 220 -50.06 21.48 -46.92
CA GLU I 220 -49.61 22.56 -47.79
C GLU I 220 -48.46 23.34 -47.17
N ARG I 221 -48.52 23.56 -45.86
CA ARG I 221 -47.56 24.41 -45.16
C ARG I 221 -47.20 23.74 -43.85
N PRO I 222 -46.24 22.82 -43.87
CA PRO I 222 -45.88 22.06 -42.65
C PRO I 222 -45.40 22.99 -41.54
N THR I 223 -45.91 22.76 -40.35
CA THR I 223 -45.42 23.44 -39.15
C THR I 223 -44.28 22.65 -38.53
N TYR I 224 -43.65 23.24 -37.50
CA TYR I 224 -42.58 22.54 -36.81
C TYR I 224 -43.08 21.25 -36.16
N THR I 225 -44.32 21.24 -35.68
CA THR I 225 -44.88 20.03 -35.10
C THR I 225 -44.96 18.91 -36.13
N ASN I 226 -45.30 19.25 -37.37
CA ASN I 226 -45.31 18.24 -38.43
C ASN I 226 -43.90 17.69 -38.66
N LEU I 227 -42.92 18.57 -38.76
CA LEU I 227 -41.56 18.11 -39.02
C LEU I 227 -41.02 17.27 -37.87
N ASN I 228 -41.29 17.70 -36.63
CA ASN I 228 -40.74 17.00 -35.48
C ASN I 228 -41.37 15.62 -35.29
N ARG I 229 -42.67 15.51 -35.56
CA ARG I 229 -43.34 14.21 -35.40
C ARG I 229 -42.85 13.22 -36.46
N LEU I 230 -42.58 13.69 -37.67
CA LEU I 230 -41.99 12.82 -38.68
C LEU I 230 -40.55 12.47 -38.34
N ILE I 231 -39.79 13.44 -37.81
CA ILE I 231 -38.43 13.17 -37.38
C ILE I 231 -38.40 12.21 -36.19
N GLY I 232 -39.28 12.43 -35.21
CA GLY I 232 -39.34 11.55 -34.05
C GLY I 232 -39.60 10.10 -34.42
N GLN I 233 -40.30 9.87 -35.54
CA GLN I 233 -40.53 8.52 -36.01
C GLN I 233 -39.22 7.85 -36.40
N ILE I 234 -38.34 8.58 -37.09
CA ILE I 234 -37.08 8.02 -37.52
C ILE I 234 -36.15 7.81 -36.33
N VAL I 235 -36.02 8.82 -35.48
CA VAL I 235 -35.18 8.70 -34.29
C VAL I 235 -35.63 7.51 -33.45
N SER I 236 -36.95 7.29 -33.36
CA SER I 236 -37.45 6.14 -32.62
C SER I 236 -37.01 4.83 -33.24
N SER I 237 -37.07 4.73 -34.57
CA SER I 237 -36.64 3.51 -35.24
C SER I 237 -35.16 3.25 -35.03
N ILE I 238 -34.35 4.31 -34.97
CA ILE I 238 -32.92 4.16 -34.78
C ILE I 238 -32.62 3.73 -33.34
N THR I 239 -33.28 4.35 -32.37
CA THR I 239 -33.06 4.04 -30.96
C THR I 239 -33.84 2.83 -30.47
N ALA I 240 -34.75 2.28 -31.30
CA ALA I 240 -35.56 1.14 -30.85
C ALA I 240 -34.70 -0.08 -30.56
N SER I 241 -33.55 -0.20 -31.22
CA SER I 241 -32.63 -1.29 -30.94
C SER I 241 -32.11 -1.25 -29.51
N LEU I 242 -31.94 -0.04 -28.97
CA LEU I 242 -31.46 0.10 -27.59
C LEU I 242 -32.58 0.00 -26.57
N ARG I 243 -33.81 0.32 -26.97
CA ARG I 243 -34.93 0.38 -26.03
C ARG I 243 -35.74 -0.90 -25.95
N PHE I 244 -35.62 -1.80 -26.93
CA PHE I 244 -36.36 -3.04 -26.94
C PHE I 244 -35.42 -4.23 -27.04
N ASP I 245 -35.92 -5.39 -26.63
CA ASP I 245 -35.25 -6.66 -26.83
C ASP I 245 -35.94 -7.43 -27.96
N GLY I 246 -35.16 -8.25 -28.66
CA GLY I 246 -35.67 -9.08 -29.73
C GLY I 246 -34.62 -10.05 -30.22
N ALA I 247 -35.03 -11.28 -30.54
CA ALA I 247 -34.08 -12.29 -30.99
C ALA I 247 -33.31 -11.82 -32.22
N LEU I 248 -33.99 -11.12 -33.12
CA LEU I 248 -33.37 -10.57 -34.33
C LEU I 248 -33.19 -9.07 -34.26
N ASN I 249 -33.31 -8.47 -33.07
CA ASN I 249 -33.20 -7.03 -32.89
C ASN I 249 -31.74 -6.68 -32.67
N VAL I 250 -31.04 -6.42 -33.78
CA VAL I 250 -29.61 -6.11 -33.70
C VAL I 250 -29.41 -4.75 -33.04
N ASP I 251 -28.40 -4.67 -32.18
CA ASP I 251 -28.11 -3.43 -31.46
C ASP I 251 -27.56 -2.37 -32.42
N LEU I 252 -27.84 -1.11 -32.10
CA LEU I 252 -27.40 -0.01 -32.97
C LEU I 252 -25.88 0.09 -33.02
N THR I 253 -25.21 -0.15 -31.90
CA THR I 253 -23.75 -0.08 -31.88
C THR I 253 -23.11 -1.11 -32.82
N GLU I 254 -23.83 -2.17 -33.16
CA GLU I 254 -23.35 -3.13 -34.14
C GLU I 254 -23.51 -2.61 -35.57
N PHE I 255 -24.51 -1.75 -35.80
CA PHE I 255 -24.67 -1.14 -37.11
C PHE I 255 -23.60 -0.08 -37.37
N GLN I 256 -23.21 0.66 -36.33
CA GLN I 256 -22.15 1.65 -36.48
C GLN I 256 -20.88 1.01 -37.02
N THR I 257 -20.57 -0.20 -36.55
CA THR I 257 -19.37 -0.91 -36.98
C THR I 257 -19.33 -1.09 -38.50
N ASN I 258 -20.48 -1.07 -39.17
CA ASN I 258 -20.53 -1.12 -40.62
C ASN I 258 -20.69 0.24 -41.26
N LEU I 259 -21.26 1.22 -40.55
CA LEU I 259 -21.62 2.50 -41.16
C LEU I 259 -20.45 3.48 -41.23
N VAL I 260 -19.41 3.29 -40.44
CA VAL I 260 -18.35 4.30 -40.33
C VAL I 260 -17.01 3.70 -40.75
N PRO I 261 -16.72 3.59 -42.05
CA PRO I 261 -15.44 2.99 -42.46
C PRO I 261 -14.23 3.82 -42.06
N TYR I 262 -14.40 5.12 -41.84
CA TYR I 262 -13.32 6.01 -41.44
C TYR I 262 -13.88 7.05 -40.47
N PRO I 263 -13.06 7.54 -39.54
CA PRO I 263 -13.59 8.44 -38.50
C PRO I 263 -14.31 9.67 -39.06
N ARG I 264 -13.83 10.23 -40.17
CA ARG I 264 -14.46 11.41 -40.74
C ARG I 264 -15.70 11.08 -41.55
N ALA I 265 -15.82 9.87 -42.07
CA ALA I 265 -16.99 9.46 -42.85
C ALA I 265 -18.00 8.78 -41.92
N HIS I 266 -18.59 9.58 -41.03
CA HIS I 266 -19.53 9.11 -40.04
C HIS I 266 -20.88 9.83 -40.18
N PHE I 267 -21.30 10.09 -41.42
CA PHE I 267 -22.57 10.74 -41.71
C PHE I 267 -23.43 9.79 -42.52
N PRO I 268 -24.23 8.95 -41.87
CA PRO I 268 -25.15 8.07 -42.60
C PRO I 268 -26.34 8.84 -43.15
N LEU I 269 -27.04 8.18 -44.07
CA LEU I 269 -28.22 8.74 -44.72
C LEU I 269 -29.42 7.86 -44.35
N ALA I 270 -30.36 8.44 -43.60
CA ALA I 270 -31.52 7.70 -43.12
C ALA I 270 -32.69 7.86 -44.08
N THR I 271 -33.32 6.74 -44.43
CA THR I 271 -34.44 6.69 -45.36
C THR I 271 -35.56 5.87 -44.72
N TYR I 272 -36.67 6.51 -44.40
CA TYR I 272 -37.76 5.88 -43.69
C TYR I 272 -38.96 5.69 -44.62
N ALA I 273 -39.69 4.60 -44.39
CA ALA I 273 -40.87 4.25 -45.17
C ALA I 273 -41.64 3.19 -44.42
N PRO I 274 -42.98 3.17 -44.53
CA PRO I 274 -43.79 4.13 -45.29
C PRO I 274 -44.31 5.27 -44.42
N VAL I 275 -44.51 6.43 -45.04
CA VAL I 275 -45.09 7.59 -44.38
C VAL I 275 -46.45 7.83 -45.04
N ILE I 276 -47.51 7.41 -44.36
CA ILE I 276 -48.87 7.42 -44.91
C ILE I 276 -49.70 8.40 -44.11
N SER I 277 -50.43 9.26 -44.83
CA SER I 277 -51.32 10.21 -44.18
C SER I 277 -52.50 9.48 -43.54
N ALA I 278 -53.17 10.17 -42.63
CA ALA I 278 -54.40 9.65 -42.03
C ALA I 278 -55.53 9.83 -43.03
N GLU I 279 -55.72 8.83 -43.88
CA GLU I 279 -56.71 8.84 -44.96
C GLU I 279 -57.94 8.04 -44.56
N LYS I 280 -58.70 7.57 -45.55
CA LYS I 280 -59.81 6.66 -45.33
C LYS I 280 -59.35 5.20 -45.36
N ALA I 281 -58.76 4.78 -46.49
CA ALA I 281 -58.34 3.41 -46.68
C ALA I 281 -57.06 3.38 -47.50
N TYR I 282 -56.03 2.69 -46.98
CA TYR I 282 -54.78 2.50 -47.70
C TYR I 282 -54.42 1.02 -47.82
N GLN I 285 -51.87 -0.87 -46.98
CA GLN I 285 -51.17 -1.92 -46.25
C GLN I 285 -50.06 -2.50 -47.11
N LEU I 286 -48.84 -2.00 -46.92
CA LEU I 286 -47.72 -2.28 -47.81
C LEU I 286 -46.93 -3.49 -47.33
N SER I 287 -46.46 -4.29 -48.29
CA SER I 287 -45.67 -5.47 -47.99
C SER I 287 -44.25 -5.10 -47.62
N VAL I 288 -43.44 -6.12 -47.33
CA VAL I 288 -42.03 -5.87 -47.00
C VAL I 288 -41.27 -5.40 -48.22
N ALA I 289 -41.54 -5.98 -49.39
CA ALA I 289 -40.83 -5.60 -50.60
C ALA I 289 -41.16 -4.17 -51.04
N GLU I 290 -42.38 -3.71 -50.74
CA GLU I 290 -42.76 -2.36 -51.16
C GLU I 290 -42.11 -1.30 -50.28
N ILE I 291 -42.07 -1.52 -48.96
CA ILE I 291 -41.45 -0.54 -48.08
C ILE I 291 -39.94 -0.57 -48.22
N THR I 292 -39.36 -1.72 -48.58
CA THR I 292 -37.93 -1.79 -48.85
C THR I 292 -37.58 -1.15 -50.18
N ASN I 293 -38.47 -1.25 -51.18
CA ASN I 293 -38.26 -0.53 -52.43
C ASN I 293 -38.28 0.97 -52.21
N ALA I 294 -39.17 1.44 -51.33
CA ALA I 294 -39.28 2.87 -51.05
C ALA I 294 -38.03 3.44 -50.41
N CYS I 295 -37.23 2.61 -49.72
CA CYS I 295 -35.99 3.10 -49.12
C CYS I 295 -34.97 3.55 -50.15
N PHE I 296 -35.12 3.11 -51.40
CA PHE I 296 -34.20 3.51 -52.46
C PHE I 296 -34.81 4.56 -53.39
N GLU I 297 -35.92 5.18 -52.99
CA GLU I 297 -36.46 6.31 -53.71
C GLU I 297 -36.01 7.58 -53.03
N PRO I 298 -35.17 8.41 -53.68
CA PRO I 298 -34.64 9.61 -53.00
C PRO I 298 -35.72 10.53 -52.45
N ALA I 299 -36.97 10.43 -52.92
CA ALA I 299 -38.03 11.23 -52.36
C ALA I 299 -38.34 10.85 -50.91
N ASN I 300 -37.89 9.69 -50.46
CA ASN I 300 -38.13 9.23 -49.10
C ASN I 300 -36.94 9.46 -48.17
N GLN I 301 -35.87 10.07 -48.65
CA GLN I 301 -34.70 10.33 -47.84
C GLN I 301 -34.93 11.54 -46.93
N MET I 302 -34.07 11.64 -45.91
CA MET I 302 -34.11 12.76 -44.99
C MET I 302 -33.03 13.79 -45.28
N VAL I 303 -32.14 13.51 -46.23
CA VAL I 303 -31.18 14.48 -46.74
C VAL I 303 -31.27 14.47 -48.25
N LYS I 304 -31.55 15.62 -48.84
CA LYS I 304 -31.74 15.71 -50.29
C LYS I 304 -30.40 15.48 -51.00
N CYS I 305 -30.30 14.36 -51.70
CA CYS I 305 -29.15 13.96 -52.49
C CYS I 305 -29.53 12.70 -53.26
N ASP I 306 -28.76 12.38 -54.29
CA ASP I 306 -29.08 11.23 -55.14
C ASP I 306 -28.01 10.15 -55.00
N PRO I 307 -28.28 9.06 -54.27
CA PRO I 307 -27.26 8.02 -54.11
C PRO I 307 -26.87 7.33 -55.41
N ARG I 308 -27.68 7.47 -56.47
CA ARG I 308 -27.31 6.90 -57.76
C ARG I 308 -26.09 7.60 -58.34
N HIS I 309 -25.86 8.85 -57.96
CA HIS I 309 -24.66 9.59 -58.34
C HIS I 309 -23.50 9.35 -57.38
N GLY I 310 -23.63 8.37 -56.47
CA GLY I 310 -22.58 8.05 -55.54
C GLY I 310 -22.44 6.55 -55.37
N LYS I 311 -21.53 6.16 -54.49
CA LYS I 311 -21.25 4.75 -54.22
C LYS I 311 -21.46 4.45 -52.75
N TYR I 312 -22.06 3.29 -52.48
CA TYR I 312 -22.36 2.89 -51.12
C TYR I 312 -21.12 2.35 -50.41
N MET I 313 -21.09 2.52 -49.09
CA MET I 313 -20.15 1.83 -48.23
C MET I 313 -20.84 0.97 -47.19
N ALA I 314 -22.13 1.15 -46.98
CA ALA I 314 -22.89 0.39 -46.00
C ALA I 314 -24.37 0.57 -46.29
N CYS I 315 -25.15 -0.45 -45.94
CA CYS I 315 -26.60 -0.39 -46.13
C CYS I 315 -27.24 -1.26 -45.06
N CYS I 316 -27.99 -0.63 -44.16
CA CYS I 316 -28.56 -1.31 -43.01
C CYS I 316 -30.06 -1.07 -42.99
N LEU I 317 -30.82 -2.14 -42.83
CA LEU I 317 -32.28 -2.09 -42.85
C LEU I 317 -32.80 -2.35 -41.43
N LEU I 318 -33.44 -1.33 -40.85
CA LEU I 318 -33.99 -1.41 -39.50
C LEU I 318 -35.50 -1.61 -39.62
N TYR I 319 -35.92 -2.86 -39.73
CA TYR I 319 -37.35 -3.17 -39.82
C TYR I 319 -37.99 -3.17 -38.45
N ARG I 320 -39.23 -2.68 -38.38
CA ARG I 320 -40.04 -2.83 -37.19
C ARG I 320 -41.49 -3.04 -37.59
N GLY I 321 -42.13 -4.04 -36.97
CA GLY I 321 -43.49 -4.40 -37.31
C GLY I 321 -43.62 -5.87 -37.70
N ASP I 322 -44.69 -6.20 -38.43
CA ASP I 322 -44.94 -7.56 -38.88
C ASP I 322 -44.04 -7.86 -40.08
N VAL I 323 -42.80 -8.26 -39.77
CA VAL I 323 -41.76 -8.45 -40.77
C VAL I 323 -41.10 -9.81 -40.56
N VAL I 324 -41.17 -10.66 -41.58
CA VAL I 324 -40.58 -12.00 -41.51
C VAL I 324 -39.25 -11.99 -42.24
N PRO I 325 -38.20 -12.62 -41.70
CA PRO I 325 -36.89 -12.57 -42.35
C PRO I 325 -36.87 -13.06 -43.79
N LYS I 326 -37.57 -14.15 -44.12
CA LYS I 326 -37.53 -14.64 -45.49
C LYS I 326 -38.19 -13.67 -46.46
N ASP I 327 -39.17 -12.90 -45.99
CA ASP I 327 -39.75 -11.86 -46.84
C ASP I 327 -38.77 -10.72 -47.07
N VAL I 328 -37.84 -10.51 -46.12
CA VAL I 328 -36.83 -9.47 -46.28
C VAL I 328 -35.81 -9.88 -47.33
N ASN I 329 -35.23 -11.08 -47.17
CA ASN I 329 -34.21 -11.55 -48.11
C ASN I 329 -34.77 -11.71 -49.51
N ALA I 330 -36.05 -12.05 -49.63
CA ALA I 330 -36.69 -12.11 -50.94
C ALA I 330 -36.78 -10.73 -51.57
N ALA I 331 -37.08 -9.71 -50.78
CA ALA I 331 -37.14 -8.35 -51.29
C ALA I 331 -35.75 -7.82 -51.61
N ILE I 332 -34.77 -8.11 -50.76
CA ILE I 332 -33.41 -7.62 -50.97
C ILE I 332 -32.82 -8.20 -52.25
N ALA I 333 -33.00 -9.50 -52.45
CA ALA I 333 -32.49 -10.13 -53.67
C ALA I 333 -33.14 -9.53 -54.91
N THR I 334 -34.41 -9.13 -54.81
CA THR I 334 -35.08 -8.47 -55.94
C THR I 334 -34.48 -7.09 -56.19
N ILE I 335 -34.32 -6.29 -55.14
CA ILE I 335 -33.82 -4.93 -55.29
C ILE I 335 -32.36 -4.94 -55.70
N LYS I 336 -31.58 -5.88 -55.20
CA LYS I 336 -30.17 -5.97 -55.57
C LYS I 336 -29.98 -6.34 -57.04
N THR I 337 -30.98 -6.95 -57.65
CA THR I 337 -30.92 -7.31 -59.08
C THR I 337 -31.97 -6.58 -59.90
N LYS I 338 -32.47 -5.45 -59.40
CA LYS I 338 -33.41 -4.64 -60.16
C LYS I 338 -33.15 -3.15 -60.01
N ARG I 339 -32.16 -2.75 -59.22
CA ARG I 339 -31.75 -1.36 -59.07
C ARG I 339 -30.24 -1.26 -59.26
N THR I 340 -29.72 -0.05 -59.15
CA THR I 340 -28.29 0.20 -59.32
C THR I 340 -27.74 0.67 -57.97
N ILE I 341 -27.29 -0.29 -57.16
CA ILE I 341 -26.63 -0.01 -55.89
C ILE I 341 -25.15 -0.26 -56.11
N GLN I 342 -24.40 0.81 -56.35
CA GLN I 342 -22.96 0.73 -56.56
C GLN I 342 -22.25 0.74 -55.20
N PHE I 343 -21.61 -0.37 -54.87
CA PHE I 343 -20.71 -0.42 -53.72
C PHE I 343 -19.29 -0.12 -54.14
N VAL I 344 -18.54 0.50 -53.23
CA VAL I 344 -17.11 0.64 -53.44
C VAL I 344 -16.48 -0.74 -53.57
N ASP I 345 -15.42 -0.81 -54.34
CA ASP I 345 -14.78 -2.11 -54.54
C ASP I 345 -13.97 -2.58 -53.31
N TRP I 346 -14.10 -1.90 -52.17
CA TRP I 346 -13.45 -2.33 -50.94
C TRP I 346 -14.44 -2.68 -49.83
N CYS I 347 -15.73 -2.76 -50.15
CA CYS I 347 -16.74 -3.16 -49.19
C CYS I 347 -17.49 -4.40 -49.67
N PRO I 348 -17.88 -5.28 -48.75
CA PRO I 348 -18.79 -6.36 -49.12
C PRO I 348 -20.13 -5.80 -49.60
N THR I 349 -20.77 -6.54 -50.51
CA THR I 349 -22.03 -6.14 -51.10
C THR I 349 -23.23 -6.68 -50.32
N GLY I 350 -23.10 -6.83 -49.01
CA GLY I 350 -24.15 -7.40 -48.19
C GLY I 350 -24.84 -6.35 -47.35
N PHE I 351 -26.13 -6.57 -47.09
CA PHE I 351 -26.94 -5.70 -46.26
C PHE I 351 -27.02 -6.24 -44.85
N LYS I 352 -27.16 -5.35 -43.88
CA LYS I 352 -27.29 -5.72 -42.48
C LYS I 352 -28.73 -5.44 -42.04
N VAL I 353 -29.40 -6.47 -41.52
CA VAL I 353 -30.84 -6.39 -41.24
C VAL I 353 -31.05 -6.57 -39.74
N GLY I 354 -31.86 -5.69 -39.17
CA GLY I 354 -32.37 -5.86 -37.83
C GLY I 354 -33.88 -5.75 -37.83
N ILE I 355 -34.53 -6.59 -37.02
CA ILE I 355 -35.99 -6.68 -37.01
C ILE I 355 -36.48 -6.51 -35.58
N ASN I 356 -37.52 -5.70 -35.40
CA ASN I 356 -38.17 -5.49 -34.12
C ASN I 356 -39.66 -5.69 -34.32
N TYR I 357 -40.23 -6.72 -33.71
CA TYR I 357 -41.61 -7.10 -34.01
C TYR I 357 -42.64 -6.23 -33.31
N GLU I 358 -42.24 -5.09 -32.73
CA GLU I 358 -43.25 -4.20 -32.19
C GLU I 358 -43.73 -3.23 -33.27
N PRO I 359 -45.03 -2.93 -33.32
CA PRO I 359 -45.55 -2.12 -34.42
C PRO I 359 -45.09 -0.67 -34.30
N PRO I 360 -44.99 0.05 -35.40
CA PRO I 360 -44.62 1.47 -35.34
C PRO I 360 -45.73 2.29 -34.69
N THR I 361 -45.39 2.97 -33.61
CA THR I 361 -46.35 3.79 -32.87
C THR I 361 -46.37 5.21 -33.44
N VAL I 362 -47.56 5.79 -33.51
CA VAL I 362 -47.71 7.18 -33.95
C VAL I 362 -48.43 7.94 -32.85
N VAL I 363 -48.37 9.26 -32.94
CA VAL I 363 -49.10 10.10 -32.00
C VAL I 363 -50.60 9.96 -32.27
N PRO I 364 -51.42 9.66 -31.26
CA PRO I 364 -52.86 9.55 -31.52
C PRO I 364 -53.44 10.88 -32.00
N GLY I 365 -54.28 10.81 -33.03
CA GLY I 365 -54.96 11.98 -33.56
C GLY I 365 -53.99 12.82 -34.36
N GLY I 366 -52.80 12.26 -34.58
CA GLY I 366 -51.77 12.95 -35.34
C GLY I 366 -52.07 12.97 -36.83
N ASP I 367 -51.02 13.17 -37.62
CA ASP I 367 -51.15 13.18 -39.08
C ASP I 367 -50.54 11.93 -39.72
N LEU I 368 -49.88 11.08 -38.95
CA LEU I 368 -49.32 9.84 -39.46
C LEU I 368 -50.25 8.69 -39.10
N ALA I 369 -50.57 7.85 -40.07
CA ALA I 369 -51.42 6.70 -39.82
C ALA I 369 -50.61 5.52 -39.29
N LYS I 370 -51.25 4.74 -38.40
CA LYS I 370 -50.61 3.54 -37.89
C LYS I 370 -50.38 2.55 -39.03
N VAL I 371 -49.20 1.93 -39.05
CA VAL I 371 -48.84 1.00 -40.10
C VAL I 371 -48.53 -0.35 -39.47
N GLN I 372 -48.78 -1.41 -40.25
CA GLN I 372 -48.49 -2.76 -39.79
C GLN I 372 -46.99 -2.99 -39.67
N ARG I 373 -46.21 -2.46 -40.61
CA ARG I 373 -44.77 -2.66 -40.63
C ARG I 373 -44.12 -1.45 -41.27
N ALA I 374 -42.86 -1.21 -40.91
CA ALA I 374 -42.11 -0.08 -41.43
C ALA I 374 -40.63 -0.43 -41.40
N VAL I 375 -39.83 0.43 -42.03
CA VAL I 375 -38.39 0.19 -42.17
C VAL I 375 -37.69 1.54 -42.23
N CYS I 376 -36.53 1.61 -41.57
CA CYS I 376 -35.65 2.77 -41.62
C CYS I 376 -34.29 2.31 -42.11
N MET I 377 -33.89 2.74 -43.31
CA MET I 377 -32.63 2.34 -43.90
C MET I 377 -31.54 3.35 -43.53
N LEU I 378 -30.42 2.83 -43.03
CA LEU I 378 -29.25 3.63 -42.72
C LEU I 378 -28.17 3.25 -43.72
N SER I 379 -27.91 4.14 -44.68
CA SER I 379 -26.93 3.90 -45.74
C SER I 379 -25.85 4.97 -45.68
N ASN I 380 -24.60 4.54 -45.78
CA ASN I 380 -23.44 5.44 -45.77
C ASN I 380 -22.96 5.56 -47.21
N THR I 381 -23.49 6.55 -47.92
CA THR I 381 -23.19 6.77 -49.33
C THR I 381 -22.42 8.07 -49.53
N THR I 382 -21.57 8.08 -50.56
CA THR I 382 -20.80 9.28 -50.88
C THR I 382 -21.69 10.41 -51.38
N ALA I 383 -22.91 10.11 -51.82
CA ALA I 383 -23.78 11.15 -52.34
C ALA I 383 -24.22 12.13 -51.27
N ILE I 384 -24.03 11.80 -49.99
CA ILE I 384 -24.39 12.74 -48.93
C ILE I 384 -23.45 13.94 -48.93
N ALA I 385 -22.31 13.85 -49.62
CA ALA I 385 -21.40 14.99 -49.76
C ALA I 385 -21.99 16.09 -50.62
N GLU I 386 -23.09 15.84 -51.33
CA GLU I 386 -23.80 16.91 -52.01
C GLU I 386 -24.36 17.91 -51.02
N ALA I 387 -24.74 17.45 -49.83
CA ALA I 387 -25.24 18.37 -48.80
C ALA I 387 -24.12 19.29 -48.31
N TRP I 388 -22.92 18.75 -48.14
CA TRP I 388 -21.78 19.59 -47.77
C TRP I 388 -21.47 20.62 -48.85
N ALA I 389 -21.68 20.27 -50.12
CA ALA I 389 -21.44 21.22 -51.20
C ALA I 389 -22.44 22.36 -51.16
N ARG I 390 -23.72 22.06 -50.88
CA ARG I 390 -24.72 23.11 -50.81
C ARG I 390 -24.47 24.06 -49.65
N LEU I 391 -23.89 23.56 -48.56
CA LEU I 391 -23.54 24.44 -47.45
C LEU I 391 -22.26 25.22 -47.75
N ASP I 392 -21.24 24.52 -48.27
CA ASP I 392 -19.98 25.19 -48.58
C ASP I 392 -20.16 26.27 -49.63
N HIS I 393 -21.15 26.13 -50.51
CA HIS I 393 -21.37 27.13 -51.54
C HIS I 393 -21.96 28.42 -50.95
N LYS I 394 -23.06 28.30 -50.21
CA LYS I 394 -23.63 29.46 -49.52
C LYS I 394 -22.62 30.09 -48.58
N PHE I 395 -21.76 29.28 -47.96
CA PHE I 395 -20.69 29.79 -47.11
C PHE I 395 -19.71 30.63 -47.93
N ASP I 396 -19.30 30.10 -49.09
CA ASP I 396 -18.28 30.78 -49.89
C ASP I 396 -18.79 32.12 -50.41
N LEU I 397 -20.08 32.19 -50.76
CA LEU I 397 -20.63 33.41 -51.34
C LEU I 397 -20.54 34.57 -50.36
N MET I 398 -20.90 34.33 -49.09
CA MET I 398 -20.85 35.39 -48.09
C MET I 398 -19.43 35.64 -47.59
N TYR I 399 -18.68 34.57 -47.32
CA TYR I 399 -17.35 34.74 -46.75
C TYR I 399 -16.37 35.37 -47.73
N ALA I 400 -16.63 35.29 -49.04
CA ALA I 400 -15.78 35.98 -50.00
C ALA I 400 -15.83 37.49 -49.79
N LYS I 401 -16.94 38.00 -49.27
CA LYS I 401 -17.09 39.41 -48.95
C LYS I 401 -16.92 39.69 -47.46
N ARG I 402 -16.69 38.65 -46.66
CA ARG I 402 -16.61 38.77 -45.19
C ARG I 402 -17.89 39.36 -44.61
N ALA I 403 -19.02 39.04 -45.21
CA ALA I 403 -20.30 39.52 -44.71
C ALA I 403 -20.65 38.81 -43.41
N PHE I 404 -21.20 39.58 -42.46
CA PHE I 404 -21.67 39.07 -41.17
C PHE I 404 -20.54 38.50 -40.32
N VAL I 405 -19.29 38.61 -40.79
CA VAL I 405 -18.18 38.07 -40.02
C VAL I 405 -17.93 38.90 -38.76
N HIS I 406 -18.18 40.21 -38.84
CA HIS I 406 -17.92 41.09 -37.70
C HIS I 406 -18.73 40.67 -36.47
N TRP I 407 -19.91 40.05 -36.68
CA TRP I 407 -20.69 39.56 -35.56
C TRP I 407 -19.96 38.44 -34.82
N TYR I 408 -19.31 37.54 -35.58
CA TYR I 408 -18.60 36.44 -34.97
C TYR I 408 -17.30 36.90 -34.31
N VAL I 409 -16.57 37.79 -34.98
CA VAL I 409 -15.32 38.29 -34.42
C VAL I 409 -15.58 39.16 -33.20
N GLY I 410 -16.73 39.82 -33.15
CA GLY I 410 -17.11 40.60 -31.99
C GLY I 410 -17.56 39.80 -30.79
N GLU I 411 -17.50 38.47 -30.87
CA GLU I 411 -17.94 37.59 -29.79
C GLU I 411 -16.86 36.56 -29.47
N GLY I 412 -15.59 36.97 -29.52
CA GLY I 412 -14.51 36.15 -29.03
C GLY I 412 -13.86 35.22 -30.04
N MET I 413 -14.38 35.14 -31.26
CA MET I 413 -13.84 34.25 -32.27
C MET I 413 -12.85 34.98 -33.16
N GLU I 414 -11.70 34.36 -33.40
CA GLU I 414 -10.75 34.87 -34.38
C GLU I 414 -11.24 34.57 -35.78
N GLU I 415 -11.03 35.53 -36.68
CA GLU I 415 -11.52 35.39 -38.05
C GLU I 415 -10.89 34.19 -38.76
N GLY I 416 -9.67 33.82 -38.38
CA GLY I 416 -9.02 32.68 -39.00
C GLY I 416 -9.70 31.36 -38.75
N GLU I 417 -10.57 31.29 -37.73
CA GLU I 417 -11.33 30.07 -37.48
C GLU I 417 -12.33 29.81 -38.60
N PHE I 418 -12.82 30.86 -39.26
CA PHE I 418 -13.63 30.68 -40.45
C PHE I 418 -12.86 29.92 -41.53
N SER I 419 -11.62 30.35 -41.80
CA SER I 419 -10.82 29.70 -42.82
C SER I 419 -10.48 28.26 -42.42
N GLU I 420 -10.16 28.03 -41.15
CA GLU I 420 -9.88 26.68 -40.67
C GLU I 420 -11.08 25.76 -40.88
N ALA I 421 -12.28 26.25 -40.52
CA ALA I 421 -13.48 25.44 -40.67
C ALA I 421 -13.78 25.15 -42.14
N ARG I 422 -13.55 26.14 -43.01
CA ARG I 422 -13.79 25.91 -44.43
C ARG I 422 -12.75 24.97 -45.03
N GLU I 423 -11.50 25.05 -44.56
CA GLU I 423 -10.48 24.12 -45.03
C GLU I 423 -10.84 22.68 -44.66
N ASP I 424 -11.41 22.48 -43.48
CA ASP I 424 -11.82 21.13 -43.08
C ASP I 424 -12.92 20.61 -43.97
N MET I 425 -13.93 21.45 -44.25
CA MET I 425 -15.00 21.05 -45.17
C MET I 425 -14.48 20.78 -46.57
N ALA I 426 -13.45 21.51 -46.98
CA ALA I 426 -12.82 21.24 -48.27
C ALA I 426 -12.16 19.86 -48.27
N ALA I 427 -11.44 19.53 -47.20
CA ALA I 427 -10.86 18.21 -47.09
C ALA I 427 -11.92 17.14 -46.95
N LEU I 428 -12.99 17.43 -46.20
CA LEU I 428 -14.07 16.47 -46.04
C LEU I 428 -14.72 16.14 -47.38
N GLU I 429 -14.79 17.11 -48.29
CA GLU I 429 -15.33 16.84 -49.62
C GLU I 429 -14.36 16.03 -50.46
N LYS I 430 -13.05 16.26 -50.30
CA LYS I 430 -12.06 15.42 -50.96
C LYS I 430 -12.09 14.00 -50.41
N ASP I 431 -12.21 13.87 -49.08
CA ASP I 431 -12.23 12.54 -48.47
C ASP I 431 -13.43 11.73 -48.95
N TYR I 432 -14.55 12.39 -49.26
CA TYR I 432 -15.69 11.68 -49.84
C TYR I 432 -15.45 11.36 -51.31
N GLU I 433 -14.75 12.23 -52.04
CA GLU I 433 -14.38 11.94 -53.41
C GLU I 433 -13.44 10.74 -53.48
N GLU I 434 -12.41 10.74 -52.63
CA GLU I 434 -11.38 9.71 -52.71
C GLU I 434 -11.92 8.34 -52.32
N VAL I 435 -12.85 8.30 -51.36
CA VAL I 435 -13.38 7.03 -50.88
C VAL I 435 -14.09 6.28 -52.00
N GLY I 436 -14.88 7.00 -52.80
CA GLY I 436 -15.64 6.41 -53.89
C GLY I 436 -14.86 5.95 -55.10
N VAL I 437 -13.53 5.98 -55.07
CA VAL I 437 -12.74 5.56 -56.23
C VAL I 437 -12.31 4.11 -56.04
N ASP I 438 -12.20 3.38 -57.15
CA ASP I 438 -11.74 2.01 -57.12
C ASP I 438 -10.21 1.97 -57.16
N SER I 439 -9.64 0.77 -57.07
CA SER I 439 -8.19 0.63 -57.12
C SER I 439 -7.71 0.34 -58.54
N MET J 1 -32.50 38.52 -23.42
CA MET J 1 -33.08 39.30 -24.50
C MET J 1 -34.59 39.48 -24.33
N ARG J 2 -34.98 40.24 -23.30
CA ARG J 2 -36.39 40.44 -22.99
C ARG J 2 -36.77 41.91 -22.95
N GLU J 3 -36.35 42.65 -21.94
CA GLU J 3 -36.82 44.03 -21.76
C GLU J 3 -36.04 45.00 -22.62
N ILE J 4 -36.74 46.00 -23.14
CA ILE J 4 -36.16 47.05 -23.97
C ILE J 4 -36.39 48.39 -23.28
N VAL J 5 -35.32 49.13 -23.03
CA VAL J 5 -35.39 50.44 -22.42
C VAL J 5 -35.49 51.49 -23.53
N HIS J 6 -36.57 52.26 -23.51
CA HIS J 6 -36.83 53.28 -24.52
C HIS J 6 -36.41 54.65 -24.00
N ILE J 7 -35.84 55.45 -24.90
CA ILE J 7 -35.39 56.80 -24.58
C ILE J 7 -35.80 57.73 -25.72
N GLN J 8 -36.33 58.90 -25.36
CA GLN J 8 -36.64 59.95 -26.32
C GLN J 8 -35.91 61.22 -25.91
N ALA J 9 -35.26 61.87 -26.87
CA ALA J 9 -34.41 63.03 -26.60
C ALA J 9 -34.73 64.17 -27.55
N GLY J 10 -34.87 65.37 -27.00
CA GLY J 10 -35.10 66.55 -27.80
C GLY J 10 -36.56 66.80 -28.09
N GLN J 11 -36.80 67.82 -28.92
CA GLN J 11 -38.15 68.16 -29.33
C GLN J 11 -38.77 67.03 -30.15
N CYS J 12 -38.17 66.72 -31.30
CA CYS J 12 -38.71 65.68 -32.17
C CYS J 12 -38.70 64.32 -31.48
N GLY J 13 -37.68 64.05 -30.67
CA GLY J 13 -37.62 62.77 -29.98
C GLY J 13 -38.81 62.52 -29.08
N ASN J 14 -39.19 63.53 -28.28
CA ASN J 14 -40.34 63.39 -27.41
C ASN J 14 -41.66 63.47 -28.17
N GLN J 15 -41.66 64.10 -29.35
CA GLN J 15 -42.88 64.16 -30.15
C GLN J 15 -43.22 62.79 -30.74
N ILE J 16 -42.32 62.24 -31.56
CA ILE J 16 -42.56 60.93 -32.15
C ILE J 16 -42.51 59.83 -31.10
N GLY J 17 -41.81 60.05 -29.98
CA GLY J 17 -41.80 59.05 -28.93
C GLY J 17 -43.14 58.94 -28.23
N ALA J 18 -43.74 60.10 -27.89
CA ALA J 18 -45.07 60.06 -27.27
C ALA J 18 -46.12 59.53 -28.24
N LYS J 19 -46.02 59.91 -29.51
CA LYS J 19 -46.96 59.39 -30.51
C LYS J 19 -46.78 57.90 -30.70
N PHE J 20 -45.55 57.40 -30.57
CA PHE J 20 -45.31 55.96 -30.67
C PHE J 20 -45.91 55.21 -29.49
N TRP J 21 -45.79 55.79 -28.28
CA TRP J 21 -46.35 55.14 -27.10
C TRP J 21 -47.87 55.15 -27.12
N GLU J 22 -48.49 56.17 -27.72
CA GLU J 22 -49.94 56.15 -27.90
C GLU J 22 -50.36 54.98 -28.78
N VAL J 23 -49.60 54.71 -29.83
CA VAL J 23 -49.99 53.70 -30.81
C VAL J 23 -49.91 52.30 -30.21
N ILE J 24 -48.77 51.97 -29.60
CA ILE J 24 -48.58 50.60 -29.12
C ILE J 24 -49.36 50.35 -27.83
N SER J 25 -49.60 51.37 -27.02
CA SER J 25 -50.42 51.17 -25.83
C SER J 25 -51.85 50.83 -26.21
N ASP J 26 -52.35 51.39 -27.31
CA ASP J 26 -53.67 51.00 -27.81
C ASP J 26 -53.65 49.59 -28.38
N GLU J 27 -52.62 49.27 -29.18
CA GLU J 27 -52.51 47.93 -29.76
C GLU J 27 -52.37 46.86 -28.69
N HIS J 28 -51.76 47.21 -27.56
CA HIS J 28 -51.65 46.30 -26.43
C HIS J 28 -52.80 46.45 -25.43
N GLY J 29 -53.85 47.18 -25.80
CA GLY J 29 -55.01 47.36 -24.95
C GLY J 29 -54.76 48.07 -23.64
N ILE J 30 -54.00 49.16 -23.67
CA ILE J 30 -53.66 49.93 -22.47
C ILE J 30 -54.25 51.32 -22.62
N ASP J 31 -55.11 51.72 -21.68
CA ASP J 31 -55.65 53.06 -21.63
C ASP J 31 -54.70 53.99 -20.90
N PRO J 32 -54.87 55.32 -21.04
CA PRO J 32 -53.96 56.27 -20.38
C PRO J 32 -53.80 56.05 -18.88
N THR J 33 -54.79 55.44 -18.23
CA THR J 33 -54.68 55.15 -16.81
C THR J 33 -53.65 54.06 -16.51
N GLY J 34 -53.19 53.33 -17.53
CA GLY J 34 -52.25 52.26 -17.34
C GLY J 34 -52.86 50.89 -17.20
N SER J 35 -54.19 50.79 -17.18
CA SER J 35 -54.87 49.52 -17.02
C SER J 35 -55.03 48.82 -18.38
N TYR J 36 -55.18 47.50 -18.32
CA TYR J 36 -55.36 46.70 -19.52
C TYR J 36 -56.86 46.51 -19.78
N HIS J 37 -57.29 46.88 -20.98
CA HIS J 37 -58.68 46.76 -21.38
C HIS J 37 -58.81 46.07 -22.74
N GLY J 38 -57.86 45.22 -23.08
CA GLY J 38 -57.87 44.51 -24.34
C GLY J 38 -58.73 43.27 -24.30
N ASP J 39 -58.66 42.51 -25.39
CA ASP J 39 -59.44 41.28 -25.54
C ASP J 39 -58.56 40.05 -25.72
N SER J 40 -57.64 40.08 -26.67
CA SER J 40 -56.78 38.93 -26.91
C SER J 40 -55.67 38.85 -25.85
N ASP J 41 -55.16 37.63 -25.66
CA ASP J 41 -54.06 37.40 -24.74
C ASP J 41 -52.70 37.53 -25.40
N LEU J 42 -52.63 37.55 -26.73
CA LEU J 42 -51.37 37.82 -27.42
C LEU J 42 -50.86 39.22 -27.14
N GLN J 43 -51.74 40.13 -26.72
CA GLN J 43 -51.31 41.49 -26.38
C GLN J 43 -50.50 41.51 -25.10
N LEU J 44 -50.77 40.59 -24.17
CA LEU J 44 -50.04 40.50 -22.91
C LEU J 44 -48.96 39.42 -22.93
N GLU J 45 -48.82 38.68 -24.04
CA GLU J 45 -47.83 37.62 -24.10
C GLU J 45 -46.42 38.18 -23.94
N ARG J 46 -46.11 39.25 -24.67
CA ARG J 46 -44.80 39.90 -24.60
C ARG J 46 -44.96 41.38 -24.32
N ILE J 47 -45.78 41.69 -23.31
CA ILE J 47 -45.90 43.07 -22.84
C ILE J 47 -44.72 43.43 -21.94
N ASN J 48 -43.99 42.44 -21.44
CA ASN J 48 -42.86 42.70 -20.55
C ASN J 48 -41.73 43.43 -21.24
N VAL J 49 -41.75 43.49 -22.57
CA VAL J 49 -40.65 44.13 -23.32
C VAL J 49 -40.64 45.63 -23.07
N TYR J 50 -41.75 46.30 -23.37
CA TYR J 50 -41.80 47.76 -23.32
C TYR J 50 -42.40 48.30 -22.02
N TYR J 51 -43.09 47.48 -21.25
CA TYR J 51 -43.80 47.96 -20.06
C TYR J 51 -43.33 47.20 -18.82
N ASN J 52 -43.74 47.74 -17.65
CA ASN J 52 -43.44 47.16 -16.36
C ASN J 52 -44.76 46.78 -15.66
N GLU J 53 -44.62 46.09 -14.53
CA GLU J 53 -45.75 45.72 -13.70
C GLU J 53 -45.68 46.51 -12.39
N ALA J 54 -46.75 47.22 -12.07
CA ALA J 54 -46.81 48.00 -10.83
C ALA J 54 -48.29 48.24 -10.51
N ALA J 55 -48.89 47.29 -9.81
CA ALA J 55 -50.30 47.37 -9.44
C ALA J 55 -50.53 48.48 -8.43
N TYR J 59 -49.73 48.70 -15.86
CA TYR J 59 -48.62 48.65 -16.81
C TYR J 59 -48.07 50.04 -17.08
N VAL J 60 -46.77 50.21 -16.89
CA VAL J 60 -46.10 51.50 -16.99
C VAL J 60 -45.02 51.39 -18.07
N PRO J 61 -44.93 52.35 -18.99
CA PRO J 61 -43.92 52.25 -20.06
C PRO J 61 -42.51 52.33 -19.49
N ARG J 62 -41.61 51.56 -20.10
CA ARG J 62 -40.19 51.60 -19.77
C ARG J 62 -39.48 52.63 -20.64
N ALA J 63 -39.90 53.89 -20.46
CA ALA J 63 -39.45 54.99 -21.29
C ALA J 63 -38.87 56.11 -20.44
N ILE J 64 -37.80 56.71 -20.94
CA ILE J 64 -37.14 57.84 -20.30
C ILE J 64 -37.20 59.03 -21.25
N LEU J 65 -37.68 60.17 -20.74
CA LEU J 65 -37.91 61.36 -21.55
C LEU J 65 -36.85 62.40 -21.21
N VAL J 66 -36.11 62.86 -22.22
CA VAL J 66 -34.99 63.76 -22.04
C VAL J 66 -35.15 64.95 -22.96
N ASP J 67 -34.84 66.13 -22.46
CA ASP J 67 -34.77 67.36 -23.24
C ASP J 67 -34.16 68.45 -22.37
N LEU J 68 -33.32 69.29 -22.98
CA LEU J 68 -32.79 70.44 -22.25
C LEU J 68 -33.86 71.51 -22.04
N GLU J 69 -34.76 71.67 -23.00
CA GLU J 69 -35.84 72.64 -22.89
C GLU J 69 -37.07 72.00 -22.26
N PRO J 70 -37.61 72.57 -21.18
CA PRO J 70 -38.80 71.99 -20.55
C PRO J 70 -40.10 72.27 -21.29
N GLY J 71 -40.05 72.82 -22.50
CA GLY J 71 -41.27 73.12 -23.23
C GLY J 71 -42.03 71.87 -23.62
N THR J 72 -41.33 70.89 -24.16
CA THR J 72 -41.97 69.64 -24.57
C THR J 72 -42.25 68.73 -23.37
N MET J 73 -41.60 68.97 -22.24
CA MET J 73 -41.93 68.22 -21.02
C MET J 73 -43.42 68.34 -20.70
N ASP J 74 -43.95 69.56 -20.73
CA ASP J 74 -45.35 69.78 -20.39
C ASP J 74 -46.28 69.46 -21.55
N SER J 75 -45.82 69.65 -22.79
CA SER J 75 -46.64 69.28 -23.95
C SER J 75 -46.88 67.78 -23.99
N VAL J 76 -45.98 66.98 -23.42
CA VAL J 76 -46.17 65.54 -23.37
C VAL J 76 -47.09 65.16 -22.22
N ARG J 77 -46.85 65.72 -21.04
CA ARG J 77 -47.68 65.41 -19.88
C ARG J 77 -49.12 65.90 -20.07
N SER J 78 -49.31 66.98 -20.82
CA SER J 78 -50.66 67.44 -21.16
C SER J 78 -51.29 66.62 -22.28
N GLY J 79 -50.52 65.74 -22.94
CA GLY J 79 -51.06 64.92 -23.99
C GLY J 79 -52.04 63.89 -23.46
N PRO J 80 -52.64 63.12 -24.38
CA PRO J 80 -53.65 62.14 -23.94
C PRO J 80 -53.07 61.02 -23.09
N PHE J 81 -51.85 60.58 -23.40
CA PHE J 81 -51.18 59.52 -22.65
C PHE J 81 -50.07 60.05 -21.75
N GLY J 82 -50.08 61.35 -21.47
CA GLY J 82 -49.03 61.92 -20.64
C GLY J 82 -49.08 61.49 -19.18
N GLN J 83 -50.21 60.97 -18.73
CA GLN J 83 -50.36 60.57 -17.33
C GLN J 83 -49.76 59.20 -17.04
N ILE J 84 -49.35 58.45 -18.06
CA ILE J 84 -48.91 57.08 -17.83
C ILE J 84 -47.41 56.98 -17.58
N PHE J 85 -46.61 57.93 -18.07
CA PHE J 85 -45.17 57.86 -17.91
C PHE J 85 -44.78 58.09 -16.46
N ARG J 86 -43.67 57.46 -16.06
CA ARG J 86 -43.18 57.61 -14.70
C ARG J 86 -42.77 59.07 -14.45
N PRO J 87 -43.18 59.67 -13.34
CA PRO J 87 -42.77 61.06 -13.07
C PRO J 87 -41.27 61.22 -12.93
N ASP J 88 -40.59 60.28 -12.26
CA ASP J 88 -39.16 60.39 -12.06
C ASP J 88 -38.37 60.19 -13.35
N ASN J 89 -38.98 59.58 -14.38
CA ASN J 89 -38.29 59.33 -15.64
C ASN J 89 -38.14 60.58 -16.49
N PHE J 90 -38.83 61.67 -16.15
CA PHE J 90 -38.66 62.94 -16.85
C PHE J 90 -37.38 63.60 -16.37
N VAL J 91 -36.39 63.70 -17.26
CA VAL J 91 -35.12 64.37 -16.95
C VAL J 91 -35.01 65.54 -17.92
N PHE J 92 -35.33 66.74 -17.44
CA PHE J 92 -35.37 67.93 -18.28
C PHE J 92 -34.57 69.04 -17.63
N GLY J 93 -33.66 69.64 -18.41
CA GLY J 93 -32.76 70.65 -17.90
C GLY J 93 -33.35 72.04 -17.90
N GLN J 94 -32.49 73.01 -17.61
CA GLN J 94 -32.91 74.42 -17.45
C GLN J 94 -32.95 75.12 -18.81
N SER J 95 -31.77 75.42 -19.36
CA SER J 95 -31.67 76.13 -20.62
C SER J 95 -31.79 75.16 -21.80
N GLY J 96 -31.94 75.72 -22.99
CA GLY J 96 -32.12 74.95 -24.20
C GLY J 96 -30.81 74.60 -24.87
N ALA J 97 -30.92 74.22 -26.15
CA ALA J 97 -29.76 73.90 -26.97
C ALA J 97 -29.64 74.77 -28.21
N GLY J 98 -30.62 75.61 -28.51
CA GLY J 98 -30.53 76.51 -29.65
C GLY J 98 -30.28 75.83 -30.97
N ASN J 99 -30.74 74.58 -31.13
CA ASN J 99 -30.49 73.80 -32.34
C ASN J 99 -29.00 73.71 -32.64
N ASN J 100 -28.20 73.56 -31.58
CA ASN J 100 -26.76 73.45 -31.68
C ASN J 100 -26.34 72.06 -31.22
N TRP J 101 -25.75 71.29 -32.13
CA TRP J 101 -25.29 69.95 -31.78
C TRP J 101 -24.20 70.02 -30.71
N ALA J 102 -23.36 71.05 -30.75
CA ALA J 102 -22.27 71.17 -29.80
C ALA J 102 -22.79 71.49 -28.40
N LYS J 103 -23.85 72.30 -28.30
CA LYS J 103 -24.42 72.61 -27.00
C LYS J 103 -25.00 71.36 -26.34
N GLY J 104 -25.61 70.49 -27.13
CA GLY J 104 -26.17 69.27 -26.58
C GLY J 104 -25.16 68.18 -26.34
N HIS J 105 -24.12 68.11 -27.17
CA HIS J 105 -23.16 67.01 -27.07
C HIS J 105 -21.99 67.33 -26.15
N TYR J 106 -21.57 68.59 -26.07
CA TYR J 106 -20.36 68.97 -25.36
C TYR J 106 -20.61 69.83 -24.14
N THR J 107 -21.59 70.73 -24.19
CA THR J 107 -21.70 71.80 -23.20
C THR J 107 -22.80 71.54 -22.18
N GLU J 108 -24.04 71.90 -22.51
CA GLU J 108 -25.13 71.83 -21.55
C GLU J 108 -25.84 70.47 -21.56
N GLY J 109 -25.55 69.62 -22.53
CA GLY J 109 -26.06 68.26 -22.50
C GLY J 109 -25.22 67.37 -21.62
N ALA J 110 -23.90 67.58 -21.65
CA ALA J 110 -23.01 66.83 -20.79
C ALA J 110 -23.24 67.16 -19.31
N GLU J 111 -23.69 68.38 -19.02
CA GLU J 111 -24.04 68.77 -17.66
C GLU J 111 -25.32 68.11 -17.18
N LEU J 112 -26.11 67.52 -18.09
CA LEU J 112 -27.35 66.86 -17.74
C LEU J 112 -27.32 65.36 -17.98
N VAL J 113 -26.33 64.85 -18.71
CA VAL J 113 -26.33 63.45 -19.11
C VAL J 113 -26.19 62.52 -17.91
N ASP J 114 -25.48 62.96 -16.85
CA ASP J 114 -25.36 62.12 -15.67
C ASP J 114 -26.70 61.91 -14.98
N SER J 115 -27.58 62.91 -15.05
CA SER J 115 -28.92 62.75 -14.48
C SER J 115 -29.73 61.72 -15.26
N VAL J 116 -29.49 61.60 -16.56
CA VAL J 116 -30.22 60.62 -17.36
C VAL J 116 -29.72 59.22 -17.07
N LEU J 117 -28.40 59.05 -16.96
CA LEU J 117 -27.83 57.73 -16.71
C LEU J 117 -28.29 57.16 -15.38
N ASP J 118 -28.62 58.03 -14.42
CA ASP J 118 -29.18 57.55 -13.16
C ASP J 118 -30.56 56.94 -13.36
N VAL J 119 -31.38 57.55 -14.22
CA VAL J 119 -32.68 56.98 -14.53
C VAL J 119 -32.52 55.76 -15.43
N VAL J 120 -31.54 55.79 -16.33
CA VAL J 120 -31.25 54.63 -17.17
C VAL J 120 -30.86 53.45 -16.31
N ARG J 121 -29.97 53.68 -15.34
CA ARG J 121 -29.55 52.62 -14.43
C ARG J 121 -30.75 52.09 -13.64
N LYS J 122 -31.62 52.98 -13.18
CA LYS J 122 -32.77 52.57 -12.38
C LYS J 122 -33.65 51.58 -13.14
N GLU J 123 -34.04 51.92 -14.37
CA GLU J 123 -34.87 51.03 -15.17
C GLU J 123 -34.15 49.75 -15.55
N SER J 124 -32.81 49.76 -15.57
CA SER J 124 -32.05 48.58 -15.97
C SER J 124 -31.89 47.58 -14.83
N GLU J 125 -31.83 48.07 -13.58
CA GLU J 125 -31.71 47.15 -12.45
C GLU J 125 -32.96 46.30 -12.28
N SER J 126 -34.13 46.85 -12.60
CA SER J 126 -35.39 46.10 -12.53
C SER J 126 -35.70 45.36 -13.82
N CYS J 127 -34.67 44.88 -14.52
CA CYS J 127 -34.84 44.10 -15.74
C CYS J 127 -34.26 42.71 -15.52
N ASP J 128 -35.09 41.69 -15.73
CA ASP J 128 -34.62 40.31 -15.59
C ASP J 128 -33.47 40.02 -16.53
N CYS J 129 -33.59 40.47 -17.79
CA CYS J 129 -32.49 40.35 -18.75
C CYS J 129 -32.69 41.46 -19.78
N LEU J 130 -31.90 42.53 -19.65
CA LEU J 130 -32.01 43.68 -20.54
C LEU J 130 -31.65 43.27 -21.96
N GLN J 131 -32.57 43.51 -22.89
CA GLN J 131 -32.34 43.16 -24.30
C GLN J 131 -31.52 44.23 -25.01
N GLY J 132 -31.93 45.49 -24.86
CA GLY J 132 -31.23 46.58 -25.51
C GLY J 132 -31.90 47.89 -25.23
N PHE J 133 -31.48 48.92 -25.98
CA PHE J 133 -31.99 50.26 -25.83
C PHE J 133 -32.61 50.73 -27.14
N GLN J 134 -33.39 51.81 -27.05
CA GLN J 134 -34.11 52.34 -28.20
C GLN J 134 -34.20 53.85 -28.04
N LEU J 135 -33.71 54.59 -29.04
CA LEU J 135 -33.65 56.05 -28.98
C LEU J 135 -34.40 56.66 -30.14
N THR J 136 -35.25 57.64 -29.85
CA THR J 136 -35.90 58.47 -30.85
C THR J 136 -35.38 59.90 -30.73
N HIS J 137 -34.98 60.47 -31.85
CA HIS J 137 -34.38 61.81 -31.85
C HIS J 137 -34.35 62.33 -33.28
N SER J 138 -33.83 63.54 -33.43
CA SER J 138 -33.64 64.18 -34.73
C SER J 138 -32.18 64.56 -34.88
N LEU J 139 -31.60 64.24 -36.04
CA LEU J 139 -30.19 64.51 -36.29
C LEU J 139 -29.92 65.97 -36.62
N GLY J 140 -30.91 66.70 -37.11
CA GLY J 140 -30.76 68.10 -37.46
C GLY J 140 -30.94 69.09 -36.32
N GLY J 141 -31.30 68.63 -35.13
CA GLY J 141 -31.53 69.51 -34.00
C GLY J 141 -30.31 69.71 -33.14
N GLY J 142 -30.56 70.08 -31.88
CA GLY J 142 -29.50 70.35 -30.94
C GLY J 142 -29.46 69.39 -29.78
N THR J 143 -30.63 69.11 -29.18
CA THR J 143 -30.69 68.20 -28.05
C THR J 143 -30.69 66.74 -28.52
N GLY J 144 -31.66 66.37 -29.35
CA GLY J 144 -31.72 65.00 -29.83
C GLY J 144 -30.51 64.60 -30.65
N SER J 145 -29.93 65.54 -31.39
CA SER J 145 -28.74 65.26 -32.16
C SER J 145 -27.50 65.22 -31.26
N GLY J 146 -27.21 66.32 -30.58
CA GLY J 146 -26.04 66.42 -29.74
C GLY J 146 -26.09 65.55 -28.50
N MET J 147 -27.05 65.81 -27.62
CA MET J 147 -27.13 65.04 -26.38
C MET J 147 -27.53 63.59 -26.64
N GLY J 148 -28.26 63.33 -27.72
CA GLY J 148 -28.62 61.96 -28.05
C GLY J 148 -27.42 61.11 -28.37
N THR J 149 -26.56 61.59 -29.28
CA THR J 149 -25.34 60.86 -29.62
C THR J 149 -24.40 60.75 -28.42
N LEU J 150 -24.47 61.69 -27.49
CA LEU J 150 -23.70 61.57 -26.25
C LEU J 150 -24.29 60.49 -25.35
N LEU J 151 -25.61 60.47 -25.20
CA LEU J 151 -26.27 59.43 -24.43
C LEU J 151 -25.94 58.04 -24.99
N ILE J 152 -25.92 57.92 -26.32
CA ILE J 152 -25.59 56.65 -26.95
C ILE J 152 -24.17 56.22 -26.56
N SER J 153 -23.21 57.13 -26.70
CA SER J 153 -21.82 56.79 -26.39
C SER J 153 -21.64 56.51 -24.91
N LYS J 154 -22.46 57.12 -24.05
CA LYS J 154 -22.39 56.86 -22.62
C LYS J 154 -23.00 55.51 -22.28
N ILE J 155 -24.19 55.23 -22.83
CA ILE J 155 -24.81 53.92 -22.65
C ILE J 155 -23.91 52.83 -23.24
N ARG J 156 -23.22 53.14 -24.34
CA ARG J 156 -22.31 52.16 -24.95
C ARG J 156 -21.21 51.75 -23.98
N GLU J 157 -20.66 52.71 -23.23
CA GLU J 157 -19.55 52.40 -22.32
C GLU J 157 -20.03 51.79 -21.01
N GLU J 158 -21.31 51.95 -20.66
CA GLU J 158 -21.85 51.35 -19.45
C GLU J 158 -22.63 50.07 -19.71
N TYR J 159 -23.12 49.86 -20.94
CA TYR J 159 -23.81 48.63 -21.33
C TYR J 159 -23.24 48.14 -22.65
N PRO J 160 -21.97 47.67 -22.65
CA PRO J 160 -21.36 47.22 -23.91
C PRO J 160 -21.90 45.89 -24.41
N ASP J 161 -22.80 45.23 -23.67
CA ASP J 161 -23.37 43.95 -24.07
C ASP J 161 -24.78 44.07 -24.59
N ARG J 162 -25.36 45.26 -24.61
CA ARG J 162 -26.74 45.47 -25.03
C ARG J 162 -26.79 46.12 -26.40
N ILE J 163 -27.86 45.83 -27.15
CA ILE J 163 -28.05 46.38 -28.47
C ILE J 163 -28.46 47.85 -28.37
N MET J 164 -27.87 48.69 -29.21
CA MET J 164 -28.22 50.11 -29.27
C MET J 164 -28.95 50.36 -30.59
N ASN J 165 -30.25 50.61 -30.49
CA ASN J 165 -31.11 50.84 -31.65
C ASN J 165 -31.64 52.27 -31.60
N THR J 166 -31.71 52.92 -32.76
CA THR J 166 -32.13 54.31 -32.82
C THR J 166 -33.15 54.52 -33.92
N PHE J 167 -34.03 55.50 -33.71
CA PHE J 167 -34.96 56.00 -34.71
C PHE J 167 -34.58 57.45 -34.96
N SER J 168 -33.68 57.66 -35.90
CA SER J 168 -33.16 58.99 -36.22
C SER J 168 -33.88 59.55 -37.44
N VAL J 169 -34.43 60.76 -37.31
CA VAL J 169 -35.10 61.42 -38.41
C VAL J 169 -34.12 62.40 -39.06
N VAL J 170 -34.25 62.56 -40.37
CA VAL J 170 -33.28 63.32 -41.16
C VAL J 170 -33.82 64.70 -41.46
N PRO J 171 -33.03 65.77 -41.30
CA PRO J 171 -33.51 67.10 -41.63
C PRO J 171 -33.63 67.31 -43.14
N SER J 172 -34.56 68.20 -43.51
CA SER J 172 -34.81 68.53 -44.90
C SER J 172 -35.23 69.98 -45.02
N PRO J 173 -34.83 70.68 -46.09
CA PRO J 173 -35.31 72.06 -46.28
C PRO J 173 -36.81 72.17 -46.44
N LYS J 174 -37.47 71.10 -46.91
CA LYS J 174 -38.92 71.13 -47.12
C LYS J 174 -39.71 71.23 -45.83
N VAL J 175 -39.06 71.13 -44.68
CA VAL J 175 -39.75 71.16 -43.40
C VAL J 175 -39.27 72.34 -42.57
N SER J 176 -38.10 72.22 -41.98
CA SER J 176 -37.56 73.25 -41.10
C SER J 176 -36.52 74.09 -41.84
N ASP J 177 -36.53 75.39 -41.57
CA ASP J 177 -35.69 76.35 -42.30
C ASP J 177 -34.40 76.69 -41.56
N THR J 178 -34.06 75.94 -40.51
CA THR J 178 -32.78 76.16 -39.85
C THR J 178 -31.65 75.64 -40.73
N VAL J 179 -30.61 76.46 -40.89
CA VAL J 179 -29.54 76.17 -41.85
C VAL J 179 -28.41 75.36 -41.26
N VAL J 180 -28.34 75.19 -39.94
CA VAL J 180 -27.24 74.46 -39.31
C VAL J 180 -27.62 73.00 -39.18
N GLU J 181 -28.74 72.60 -39.77
CA GLU J 181 -29.15 71.20 -39.72
C GLU J 181 -28.19 70.28 -40.45
N PRO J 182 -27.65 70.61 -41.63
CA PRO J 182 -26.60 69.75 -42.20
C PRO J 182 -25.40 69.60 -41.29
N TYR J 183 -25.02 70.65 -40.56
CA TYR J 183 -23.94 70.54 -39.58
C TYR J 183 -24.28 69.52 -38.51
N ASN J 184 -25.48 69.64 -37.92
CA ASN J 184 -25.86 68.75 -36.84
C ASN J 184 -26.01 67.31 -37.34
N ALA J 185 -26.61 67.13 -38.51
CA ALA J 185 -26.81 65.78 -39.03
C ALA J 185 -25.49 65.11 -39.40
N THR J 186 -24.56 65.88 -39.98
CA THR J 186 -23.25 65.34 -40.28
C THR J 186 -22.51 64.94 -39.01
N LEU J 187 -22.58 65.79 -37.98
CA LEU J 187 -21.93 65.46 -36.71
C LEU J 187 -22.59 64.28 -36.03
N SER J 188 -23.91 64.12 -36.21
CA SER J 188 -24.62 63.02 -35.56
C SER J 188 -24.43 61.71 -36.32
N VAL J 189 -24.51 61.75 -37.66
CA VAL J 189 -24.22 60.57 -38.46
C VAL J 189 -22.81 60.06 -38.18
N HIS J 190 -21.88 61.00 -37.94
CA HIS J 190 -20.52 60.62 -37.57
C HIS J 190 -20.49 59.79 -36.31
N GLN J 191 -21.48 59.95 -35.44
CA GLN J 191 -21.57 59.18 -34.20
C GLN J 191 -22.33 57.87 -34.40
N LEU J 192 -23.49 57.93 -35.06
CA LEU J 192 -24.32 56.74 -35.21
C LEU J 192 -23.59 55.64 -35.96
N VAL J 193 -22.72 56.01 -36.90
CA VAL J 193 -22.01 55.01 -37.69
C VAL J 193 -21.00 54.24 -36.84
N GLU J 194 -20.64 54.75 -35.67
CA GLU J 194 -19.64 54.12 -34.81
C GLU J 194 -20.17 53.75 -33.43
N ASN J 195 -21.48 53.89 -33.19
CA ASN J 195 -21.98 53.65 -31.84
C ASN J 195 -23.26 52.81 -31.82
N THR J 196 -24.11 52.96 -32.82
CA THR J 196 -25.38 52.26 -32.85
C THR J 196 -25.27 50.95 -33.62
N ASP J 197 -25.94 49.91 -33.10
CA ASP J 197 -25.95 48.63 -33.78
C ASP J 197 -26.90 48.63 -34.98
N GLU J 198 -27.97 49.43 -34.92
CA GLU J 198 -28.90 49.56 -36.03
C GLU J 198 -29.60 50.91 -35.92
N THR J 199 -29.88 51.52 -37.07
CA THR J 199 -30.47 52.85 -37.11
C THR J 199 -31.47 52.91 -38.26
N TYR J 200 -32.71 53.27 -37.94
CA TYR J 200 -33.76 53.44 -38.93
C TYR J 200 -33.75 54.89 -39.41
N CYS J 201 -33.38 55.10 -40.66
CA CYS J 201 -33.33 56.45 -41.23
C CYS J 201 -34.75 56.90 -41.59
N ILE J 202 -35.21 57.97 -40.94
CA ILE J 202 -36.54 58.51 -41.20
C ILE J 202 -36.41 59.87 -41.85
N ASP J 203 -36.41 59.92 -43.18
CA ASP J 203 -36.18 61.15 -43.90
C ASP J 203 -37.44 62.03 -43.86
N ASN J 204 -37.29 63.27 -43.38
CA ASN J 204 -38.41 64.19 -43.39
C ASN J 204 -38.75 64.64 -44.81
N GLU J 205 -37.76 64.66 -45.71
CA GLU J 205 -38.05 64.98 -47.10
C GLU J 205 -38.94 63.91 -47.73
N ALA J 206 -38.75 62.66 -47.34
CA ALA J 206 -39.63 61.60 -47.81
C ALA J 206 -41.01 61.70 -47.17
N LEU J 207 -41.05 61.93 -45.85
CA LEU J 207 -42.32 62.07 -45.16
C LEU J 207 -43.14 63.23 -45.73
N TYR J 208 -42.48 64.35 -46.03
CA TYR J 208 -43.17 65.49 -46.62
C TYR J 208 -43.71 65.15 -48.00
N ASP J 209 -42.86 64.55 -48.84
CA ASP J 209 -43.29 64.19 -50.19
C ASP J 209 -44.45 63.21 -50.17
N ILE J 210 -44.52 62.34 -49.15
CA ILE J 210 -45.62 61.39 -49.05
C ILE J 210 -46.92 62.10 -48.70
N CYS J 211 -46.88 62.98 -47.69
CA CYS J 211 -48.08 63.72 -47.32
C CYS J 211 -48.54 64.65 -48.44
N PHE J 212 -47.61 65.16 -49.25
CA PHE J 212 -47.94 66.11 -50.29
C PHE J 212 -48.38 65.43 -51.58
N ARG J 213 -47.60 64.47 -52.07
CA ARG J 213 -47.82 63.90 -53.39
C ARG J 213 -48.65 62.62 -53.36
N THR J 214 -48.76 61.95 -52.21
CA THR J 214 -49.54 60.73 -52.09
C THR J 214 -50.83 60.95 -51.32
N LEU J 215 -50.75 61.46 -50.08
CA LEU J 215 -51.94 61.78 -49.32
C LEU J 215 -52.62 63.05 -49.81
N LYS J 216 -51.98 63.78 -50.74
CA LYS J 216 -52.55 64.98 -51.35
C LYS J 216 -52.94 66.01 -50.31
N LEU J 217 -51.98 66.35 -49.45
CA LEU J 217 -52.13 67.42 -48.46
C LEU J 217 -51.28 68.60 -48.91
N THR J 218 -51.90 69.76 -49.05
CA THR J 218 -51.19 70.92 -49.59
C THR J 218 -50.16 71.45 -48.60
N THR J 219 -50.54 71.59 -47.33
CA THR J 219 -49.66 72.09 -46.27
C THR J 219 -49.56 71.04 -45.17
N PRO J 220 -48.57 70.16 -45.23
CA PRO J 220 -48.43 69.14 -44.18
C PRO J 220 -47.94 69.75 -42.88
N THR J 221 -48.52 69.28 -41.78
CA THR J 221 -48.11 69.67 -40.44
C THR J 221 -47.26 68.57 -39.82
N TYR J 222 -46.74 68.84 -38.62
CA TYR J 222 -45.94 67.83 -37.94
C TYR J 222 -46.78 66.62 -37.52
N GLY J 223 -48.07 66.84 -37.24
CA GLY J 223 -48.95 65.71 -36.98
C GLY J 223 -49.15 64.83 -38.19
N ASP J 224 -49.16 65.43 -39.39
CA ASP J 224 -49.24 64.64 -40.61
C ASP J 224 -47.98 63.82 -40.82
N LEU J 225 -46.81 64.39 -40.47
CA LEU J 225 -45.56 63.67 -40.62
C LEU J 225 -45.38 62.61 -39.53
N ASN J 226 -45.72 62.95 -38.29
CA ASN J 226 -45.55 62.00 -37.19
C ASN J 226 -46.52 60.84 -37.26
N HIS J 227 -47.62 60.97 -38.01
CA HIS J 227 -48.52 59.83 -38.21
C HIS J 227 -47.82 58.73 -39.00
N LEU J 228 -47.09 59.10 -40.06
CA LEU J 228 -46.32 58.12 -40.80
C LEU J 228 -45.20 57.53 -39.94
N VAL J 229 -44.63 58.33 -39.05
CA VAL J 229 -43.54 57.87 -38.20
C VAL J 229 -44.05 56.80 -37.22
N SER J 230 -45.14 57.11 -36.52
CA SER J 230 -45.67 56.16 -35.54
C SER J 230 -46.08 54.85 -36.20
N ALA J 231 -46.67 54.93 -37.40
CA ALA J 231 -47.04 53.71 -38.10
C ALA J 231 -45.81 52.91 -38.49
N THR J 232 -44.76 53.59 -38.98
CA THR J 232 -43.54 52.88 -39.37
C THR J 232 -42.85 52.28 -38.14
N MET J 233 -42.82 53.02 -37.03
CA MET J 233 -42.20 52.49 -35.83
C MET J 233 -42.97 51.28 -35.29
N SER J 234 -44.30 51.34 -35.35
CA SER J 234 -45.10 50.21 -34.88
C SER J 234 -44.84 48.95 -35.72
N GLY J 235 -44.59 49.12 -37.01
CA GLY J 235 -44.36 47.97 -37.85
C GLY J 235 -43.01 47.32 -37.59
N VAL J 236 -41.94 48.12 -37.57
CA VAL J 236 -40.60 47.60 -37.37
C VAL J 236 -40.37 47.06 -35.96
N THR J 237 -41.30 47.29 -35.04
CA THR J 237 -41.22 46.73 -33.69
C THR J 237 -42.22 45.61 -33.48
N THR J 238 -42.96 45.20 -34.51
CA THR J 238 -44.01 44.21 -34.33
C THR J 238 -43.45 42.88 -33.85
N CYS J 239 -42.37 42.40 -34.48
CA CYS J 239 -41.82 41.11 -34.12
C CYS J 239 -41.24 41.09 -32.72
N LEU J 240 -41.03 42.26 -32.12
CA LEU J 240 -40.41 42.36 -30.81
C LEU J 240 -41.41 42.23 -29.67
N ARG J 241 -42.66 42.66 -29.87
CA ARG J 241 -43.66 42.66 -28.82
C ARG J 241 -44.78 41.64 -29.03
N PHE J 242 -44.82 40.95 -30.16
CA PHE J 242 -45.77 39.89 -30.40
C PHE J 242 -45.04 38.56 -30.62
N PRO J 243 -45.60 37.44 -30.13
CA PRO J 243 -44.88 36.16 -30.22
C PRO J 243 -44.63 35.71 -31.65
N GLY J 244 -43.45 36.06 -32.19
CA GLY J 244 -43.05 35.65 -33.50
C GLY J 244 -41.83 34.75 -33.44
N GLN J 245 -41.49 34.17 -34.60
CA GLN J 245 -40.35 33.26 -34.71
C GLN J 245 -39.13 33.93 -35.34
N LEU J 246 -39.33 34.80 -36.32
CA LEU J 246 -38.24 35.41 -37.07
C LEU J 246 -37.96 36.81 -36.53
N ASN J 247 -36.69 37.09 -36.27
CA ASN J 247 -36.24 38.38 -35.76
C ASN J 247 -36.98 38.75 -34.47
N ALA J 248 -36.86 37.86 -33.48
CA ALA J 248 -37.61 38.02 -32.25
C ALA J 248 -37.04 39.11 -31.36
N ASP J 249 -35.73 39.10 -31.14
CA ASP J 249 -35.08 40.09 -30.30
C ASP J 249 -34.23 41.03 -31.16
N LEU J 250 -33.64 42.03 -30.50
CA LEU J 250 -32.88 43.06 -31.22
C LEU J 250 -31.64 42.48 -31.88
N ARG J 251 -30.93 41.59 -31.19
CA ARG J 251 -29.68 41.06 -31.73
C ARG J 251 -29.94 40.16 -32.94
N LYS J 252 -30.92 39.26 -32.84
CA LYS J 252 -31.25 38.38 -33.96
C LYS J 252 -31.59 39.19 -35.21
N LEU J 253 -32.32 40.28 -35.04
CA LEU J 253 -32.62 41.15 -36.17
C LEU J 253 -31.35 41.78 -36.73
N ALA J 254 -30.49 42.29 -35.84
CA ALA J 254 -29.27 42.94 -36.30
C ALA J 254 -28.32 41.94 -36.94
N VAL J 255 -28.28 40.71 -36.42
CA VAL J 255 -27.42 39.69 -37.01
C VAL J 255 -27.89 39.34 -38.42
N ASN J 256 -29.20 39.44 -38.68
CA ASN J 256 -29.73 39.15 -40.00
C ASN J 256 -29.71 40.35 -40.94
N MET J 257 -29.61 41.57 -40.40
CA MET J 257 -29.73 42.77 -41.21
C MET J 257 -28.42 43.53 -41.41
N VAL J 258 -27.42 43.28 -40.58
CA VAL J 258 -26.18 44.07 -40.63
C VAL J 258 -25.02 43.17 -41.05
N PRO J 259 -24.70 43.08 -42.34
CA PRO J 259 -23.54 42.26 -42.75
C PRO J 259 -22.21 42.92 -42.46
N PHE J 260 -22.16 44.26 -42.35
CA PHE J 260 -20.94 44.98 -42.06
C PHE J 260 -21.25 46.05 -41.02
N PRO J 261 -20.35 46.25 -40.05
CA PRO J 261 -20.73 47.03 -38.86
C PRO J 261 -21.17 48.46 -39.15
N ARG J 262 -20.47 49.17 -40.03
CA ARG J 262 -20.81 50.56 -40.29
C ARG J 262 -22.07 50.70 -41.15
N LEU J 263 -22.46 49.65 -41.86
CA LEU J 263 -23.62 49.71 -42.75
C LEU J 263 -24.87 49.19 -42.05
N HIS J 264 -25.29 49.92 -41.02
CA HIS J 264 -26.45 49.57 -40.21
C HIS J 264 -27.51 50.65 -40.29
N PHE J 265 -27.69 51.24 -41.47
CA PHE J 265 -28.66 52.30 -41.70
C PHE J 265 -29.76 51.76 -42.58
N PHE J 266 -30.96 51.64 -42.03
CA PHE J 266 -32.06 50.94 -42.68
C PHE J 266 -33.02 51.93 -43.35
N MET J 267 -33.65 51.46 -44.43
CA MET J 267 -34.60 52.24 -45.22
C MET J 267 -35.99 51.66 -45.01
N PRO J 268 -36.75 52.17 -44.05
CA PRO J 268 -38.05 51.56 -43.72
C PRO J 268 -39.14 51.95 -44.70
N GLY J 269 -40.03 50.98 -44.95
CA GLY J 269 -41.19 51.21 -45.77
C GLY J 269 -42.43 50.66 -45.12
N PHE J 270 -43.58 51.15 -45.56
CA PHE J 270 -44.85 50.76 -44.96
C PHE J 270 -45.96 50.88 -46.00
N ALA J 271 -46.98 50.03 -45.86
CA ALA J 271 -48.12 49.99 -46.76
C ALA J 271 -49.32 49.42 -46.04
N PRO J 272 -50.54 49.91 -46.33
CA PRO J 272 -50.80 51.00 -47.26
C PRO J 272 -50.60 52.37 -46.63
N LEU J 273 -50.38 53.39 -47.46
CA LEU J 273 -50.20 54.76 -46.98
C LEU J 273 -51.57 55.35 -46.68
N THR J 274 -51.92 55.43 -45.39
CA THR J 274 -53.19 55.96 -44.95
C THR J 274 -53.06 57.43 -44.57
N SER J 275 -54.21 58.09 -44.45
CA SER J 275 -54.27 59.48 -44.03
C SER J 275 -54.75 59.56 -42.58
N ARG J 276 -54.78 60.78 -42.05
CA ARG J 276 -55.21 61.00 -40.68
C ARG J 276 -56.73 60.96 -40.61
N GLY J 277 -57.27 59.93 -39.98
CA GLY J 277 -58.70 59.84 -39.77
C GLY J 277 -59.53 59.76 -41.03
N SER J 278 -58.94 59.31 -42.15
CA SER J 278 -59.68 59.18 -43.39
C SER J 278 -60.47 57.88 -43.42
N GLN J 279 -60.95 57.47 -44.59
CA GLN J 279 -61.75 56.27 -44.75
C GLN J 279 -60.98 55.27 -45.61
N GLN J 280 -60.58 54.16 -45.01
CA GLN J 280 -59.90 53.08 -45.71
C GLN J 280 -60.86 51.95 -46.00
N TYR J 281 -60.83 51.43 -47.22
CA TYR J 281 -61.70 50.34 -47.63
C TYR J 281 -60.93 49.41 -48.57
N ARG J 282 -61.56 48.27 -48.88
CA ARG J 282 -60.93 47.23 -49.69
C ARG J 282 -59.55 46.89 -49.14
N ALA J 283 -59.51 46.12 -48.04
CA ALA J 283 -58.25 45.69 -47.44
C ALA J 283 -57.33 45.12 -48.51
N LEU J 284 -56.19 45.79 -48.72
CA LEU J 284 -55.34 45.50 -49.87
C LEU J 284 -54.99 44.02 -49.95
N THR J 285 -55.03 43.48 -51.16
CA THR J 285 -54.65 42.10 -51.38
C THR J 285 -53.16 41.91 -51.15
N VAL J 286 -52.77 40.66 -50.95
CA VAL J 286 -51.35 40.35 -50.72
C VAL J 286 -50.47 40.80 -51.89
N PRO J 287 -50.83 40.57 -53.16
CA PRO J 287 -50.00 41.10 -54.26
C PRO J 287 -49.91 42.61 -54.25
N GLU J 288 -50.91 43.32 -53.72
CA GLU J 288 -50.82 44.76 -53.65
C GLU J 288 -49.91 45.23 -52.51
N LEU J 289 -50.00 44.57 -51.35
CA LEU J 289 -49.13 44.92 -50.23
C LEU J 289 -47.66 44.68 -50.58
N THR J 290 -47.40 43.78 -51.52
CA THR J 290 -46.02 43.48 -51.90
C THR J 290 -45.48 44.46 -52.92
N GLN J 291 -46.34 45.00 -53.80
CA GLN J 291 -45.91 45.90 -54.86
C GLN J 291 -45.63 47.29 -54.33
N GLN J 292 -45.12 47.38 -53.10
CA GLN J 292 -44.80 48.67 -52.48
C GLN J 292 -43.33 48.81 -52.15
N MET J 293 -42.50 47.81 -52.48
CA MET J 293 -41.07 47.85 -52.16
C MET J 293 -40.31 48.72 -53.16
N PHE J 294 -40.18 48.25 -54.40
CA PHE J 294 -39.52 49.03 -55.45
C PHE J 294 -40.33 50.26 -55.85
N ASP J 295 -41.56 50.38 -55.37
CA ASP J 295 -42.29 51.64 -55.38
C ASP J 295 -41.69 52.53 -54.30
N ALA J 296 -40.80 53.44 -54.71
CA ALA J 296 -40.15 54.34 -53.77
C ALA J 296 -41.14 55.27 -53.08
N LYS J 297 -42.39 55.35 -53.56
CA LYS J 297 -43.41 56.20 -52.98
C LYS J 297 -43.85 55.75 -51.58
N ASN J 298 -43.38 54.61 -51.10
CA ASN J 298 -43.73 54.13 -49.76
C ASN J 298 -42.53 54.05 -48.85
N MET J 299 -41.35 54.50 -49.28
CA MET J 299 -40.17 54.49 -48.44
C MET J 299 -40.13 55.74 -47.58
N MET J 300 -39.78 55.56 -46.31
CA MET J 300 -39.60 56.67 -45.39
C MET J 300 -38.22 57.31 -45.52
N ALA J 301 -37.57 57.16 -46.67
CA ALA J 301 -36.24 57.70 -46.90
C ALA J 301 -36.13 58.09 -48.36
N ALA J 302 -35.72 59.34 -48.62
CA ALA J 302 -35.63 59.85 -49.97
C ALA J 302 -34.51 59.18 -50.75
N CYS J 303 -34.71 57.91 -51.11
CA CYS J 303 -33.75 57.14 -51.90
C CYS J 303 -34.51 56.23 -52.83
N ASP J 304 -34.00 56.10 -54.07
CA ASP J 304 -34.62 55.22 -55.05
C ASP J 304 -33.99 53.85 -54.94
N PRO J 305 -34.74 52.82 -54.54
CA PRO J 305 -34.16 51.46 -54.51
C PRO J 305 -33.67 50.97 -55.86
N ARG J 306 -34.08 51.61 -56.95
CA ARG J 306 -33.56 51.29 -58.26
C ARG J 306 -32.10 51.68 -58.41
N HIS J 307 -31.62 52.63 -57.61
CA HIS J 307 -30.26 53.13 -57.68
C HIS J 307 -29.29 52.35 -56.82
N GLY J 308 -29.77 51.39 -56.03
CA GLY J 308 -28.90 50.58 -55.21
C GLY J 308 -29.41 49.17 -55.11
N ARG J 309 -28.60 48.31 -54.49
CA ARG J 309 -28.94 46.90 -54.30
C ARG J 309 -29.24 46.64 -52.83
N TYR J 310 -30.18 45.72 -52.59
CA TYR J 310 -30.59 45.37 -51.24
C TYR J 310 -29.60 44.34 -50.66
N LEU J 311 -28.85 44.75 -49.64
CA LEU J 311 -28.00 43.81 -48.94
C LEU J 311 -28.84 42.80 -48.16
N THR J 312 -29.64 43.28 -47.21
CA THR J 312 -30.57 42.46 -46.45
C THR J 312 -31.93 43.15 -46.43
N VAL J 313 -32.97 42.36 -46.17
CA VAL J 313 -34.35 42.84 -46.19
C VAL J 313 -35.14 42.11 -45.12
N ALA J 314 -36.01 42.83 -44.43
CA ALA J 314 -36.93 42.26 -43.44
C ALA J 314 -38.33 42.76 -43.72
N ALA J 315 -39.23 41.85 -44.07
CA ALA J 315 -40.62 42.17 -44.35
C ALA J 315 -41.50 41.65 -43.23
N VAL J 316 -42.50 42.44 -42.83
CA VAL J 316 -43.40 42.12 -41.73
C VAL J 316 -44.82 42.38 -42.20
N PHE J 317 -45.61 41.32 -42.35
CA PHE J 317 -47.01 41.43 -42.72
C PHE J 317 -47.90 41.28 -41.49
N ARG J 318 -48.97 42.07 -41.45
CA ARG J 318 -49.89 42.07 -40.31
C ARG J 318 -51.31 41.88 -40.79
N GLY J 319 -52.08 41.11 -40.04
CA GLY J 319 -53.45 40.80 -40.36
C GLY J 319 -53.61 39.37 -40.87
N ARG J 320 -54.83 38.85 -40.73
CA ARG J 320 -55.13 37.51 -41.22
C ARG J 320 -55.04 37.46 -42.74
N MET J 321 -54.17 36.60 -43.24
CA MET J 321 -53.96 36.46 -44.68
C MET J 321 -53.40 35.07 -44.95
N SER J 322 -53.29 34.75 -46.24
CA SER J 322 -52.75 33.47 -46.67
C SER J 322 -51.23 33.53 -46.62
N MET J 323 -50.63 32.86 -45.62
CA MET J 323 -49.18 32.78 -45.55
C MET J 323 -48.59 32.15 -46.79
N LYS J 324 -49.30 31.19 -47.38
CA LYS J 324 -48.85 30.58 -48.63
C LYS J 324 -48.82 31.59 -49.76
N GLU J 325 -49.83 32.46 -49.84
CA GLU J 325 -49.85 33.51 -50.85
C GLU J 325 -48.77 34.55 -50.63
N VAL J 326 -48.31 34.72 -49.39
CA VAL J 326 -47.24 35.67 -49.11
C VAL J 326 -45.92 35.16 -49.68
N ASP J 327 -45.62 33.88 -49.50
CA ASP J 327 -44.37 33.32 -49.99
C ASP J 327 -44.25 33.46 -51.50
N GLU J 328 -45.35 33.20 -52.22
CA GLU J 328 -45.33 33.28 -53.68
C GLU J 328 -45.01 34.69 -54.15
N GLN J 329 -45.53 35.70 -53.43
CA GLN J 329 -45.25 37.08 -53.81
C GLN J 329 -43.84 37.50 -53.43
N MET J 330 -43.43 37.19 -52.20
CA MET J 330 -42.08 37.54 -51.77
C MET J 330 -41.02 36.81 -52.58
N LEU J 331 -41.31 35.59 -53.01
CA LEU J 331 -40.41 34.90 -53.94
C LEU J 331 -40.40 35.58 -55.29
N ASN J 332 -41.59 35.99 -55.77
CA ASN J 332 -41.70 36.58 -57.11
C ASN J 332 -40.86 37.85 -57.22
N VAL J 333 -41.07 38.80 -56.30
CA VAL J 333 -40.38 40.08 -56.38
C VAL J 333 -38.87 39.89 -56.33
N GLN J 334 -38.40 38.81 -55.71
CA GLN J 334 -36.98 38.54 -55.65
C GLN J 334 -36.45 38.07 -57.00
N ASN J 335 -37.00 36.96 -57.52
CA ASN J 335 -36.46 36.39 -58.75
C ASN J 335 -36.85 37.19 -59.99
N LYS J 336 -37.77 38.14 -59.87
CA LYS J 336 -38.09 39.03 -60.98
C LYS J 336 -37.26 40.30 -60.96
N ASN J 337 -36.76 40.71 -59.80
CA ASN J 337 -35.86 41.84 -59.70
C ASN J 337 -34.55 41.42 -59.06
N SER J 338 -34.00 40.30 -59.52
CA SER J 338 -32.83 39.71 -58.88
C SER J 338 -31.61 40.62 -58.95
N SER J 339 -31.56 41.52 -59.94
CA SER J 339 -30.41 42.39 -60.08
C SER J 339 -30.31 43.37 -58.91
N TYR J 340 -31.45 43.73 -58.31
CA TYR J 340 -31.48 44.66 -57.18
C TYR J 340 -31.35 43.96 -55.84
N PHE J 341 -31.01 42.68 -55.84
CA PHE J 341 -30.74 41.94 -54.61
C PHE J 341 -29.34 41.36 -54.68
N VAL J 342 -28.60 41.46 -53.57
CA VAL J 342 -27.23 40.98 -53.54
C VAL J 342 -27.22 39.46 -53.69
N GLU J 343 -26.40 38.98 -54.64
CA GLU J 343 -26.29 37.54 -54.85
C GLU J 343 -25.43 36.88 -53.79
N TRP J 344 -24.32 37.51 -53.40
CA TRP J 344 -23.39 36.90 -52.47
C TRP J 344 -23.92 36.84 -51.04
N ILE J 345 -25.20 37.11 -50.80
CA ILE J 345 -25.83 36.86 -49.50
C ILE J 345 -27.08 36.01 -49.76
N PRO J 346 -26.97 34.69 -49.72
CA PRO J 346 -28.14 33.84 -50.01
C PRO J 346 -29.23 34.03 -48.97
N ASN J 347 -30.48 34.03 -49.45
CA ASN J 347 -31.67 34.14 -48.60
C ASN J 347 -31.62 35.38 -47.72
N ASN J 348 -31.23 36.52 -48.32
CA ASN J 348 -31.10 37.76 -47.59
C ASN J 348 -32.44 38.40 -47.26
N VAL J 349 -33.52 37.99 -47.92
CA VAL J 349 -34.85 38.51 -47.63
C VAL J 349 -35.54 37.55 -46.66
N LYS J 350 -36.17 38.10 -45.63
CA LYS J 350 -36.86 37.33 -44.61
C LYS J 350 -38.23 37.93 -44.35
N THR J 351 -39.25 37.08 -44.37
CA THR J 351 -40.64 37.52 -44.22
C THR J 351 -41.25 36.91 -42.98
N ALA J 352 -41.86 37.75 -42.15
CA ALA J 352 -42.59 37.32 -40.97
C ALA J 352 -44.06 37.71 -41.09
N VAL J 353 -44.90 37.03 -40.31
CA VAL J 353 -46.35 37.24 -40.34
C VAL J 353 -46.85 37.39 -38.91
N CYS J 354 -47.75 38.35 -38.70
CA CYS J 354 -48.39 38.58 -37.41
C CYS J 354 -49.88 38.69 -37.62
N ASP J 355 -50.67 37.96 -36.83
CA ASP J 355 -52.11 37.92 -37.02
C ASP J 355 -52.77 39.25 -36.68
N ILE J 356 -52.24 39.97 -35.69
CA ILE J 356 -52.86 41.20 -35.20
C ILE J 356 -52.47 42.37 -36.08
N PRO J 357 -53.45 43.05 -36.69
CA PRO J 357 -53.14 44.24 -37.50
C PRO J 357 -53.10 45.48 -36.63
N PRO J 358 -52.58 46.59 -37.15
CA PRO J 358 -52.68 47.85 -36.41
C PRO J 358 -54.11 48.36 -36.39
N ARG J 359 -54.45 49.09 -35.31
CA ARG J 359 -55.82 49.56 -35.13
C ARG J 359 -56.23 50.52 -36.24
N GLY J 360 -57.16 50.08 -37.08
CA GLY J 360 -57.66 50.90 -38.17
C GLY J 360 -57.60 50.19 -39.51
N LEU J 361 -56.80 49.13 -39.58
CA LEU J 361 -56.59 48.39 -40.81
C LEU J 361 -56.76 46.89 -40.57
N LYS J 362 -57.03 46.17 -41.65
CA LYS J 362 -57.10 44.71 -41.61
C LYS J 362 -55.85 44.04 -42.15
N MET J 363 -55.15 44.67 -43.11
CA MET J 363 -53.93 44.12 -43.66
C MET J 363 -52.93 45.25 -43.84
N SER J 364 -51.69 45.02 -43.39
CA SER J 364 -50.63 46.00 -43.54
C SER J 364 -49.31 45.26 -43.65
N ALA J 365 -48.31 45.94 -44.21
CA ALA J 365 -46.99 45.35 -44.41
C ALA J 365 -45.93 46.42 -44.20
N THR J 366 -44.92 46.11 -43.38
CA THR J 366 -43.82 47.00 -43.10
C THR J 366 -42.54 46.44 -43.69
N PHE J 367 -41.78 47.29 -44.38
CA PHE J 367 -40.56 46.89 -45.08
C PHE J 367 -39.35 47.50 -44.38
N ILE J 368 -38.32 46.69 -44.14
CA ILE J 368 -37.06 47.14 -43.55
C ILE J 368 -35.95 46.68 -44.48
N GLY J 369 -35.26 47.61 -45.10
CA GLY J 369 -34.23 47.29 -46.07
C GLY J 369 -32.90 47.94 -45.76
N ASN J 370 -31.83 47.14 -45.89
CA ASN J 370 -30.46 47.66 -45.81
C ASN J 370 -29.96 47.80 -47.24
N SER J 371 -30.37 48.90 -47.88
CA SER J 371 -30.06 49.13 -49.28
C SER J 371 -28.86 50.06 -49.43
N THR J 372 -28.08 49.83 -50.49
CA THR J 372 -26.98 50.72 -50.83
C THR J 372 -27.46 52.05 -51.40
N ALA J 373 -28.74 52.17 -51.73
CA ALA J 373 -29.32 53.42 -52.18
C ALA J 373 -29.42 54.47 -51.08
N ILE J 374 -29.25 54.06 -49.81
CA ILE J 374 -29.27 55.01 -48.70
C ILE J 374 -28.11 56.00 -48.81
N GLN J 375 -27.10 55.70 -49.63
CA GLN J 375 -26.02 56.64 -49.85
C GLN J 375 -26.51 57.94 -50.49
N GLU J 376 -27.62 57.87 -51.23
CA GLU J 376 -28.22 59.09 -51.77
C GLU J 376 -28.61 60.05 -50.66
N LEU J 377 -29.12 59.51 -49.56
CA LEU J 377 -29.49 60.35 -48.41
C LEU J 377 -28.26 61.04 -47.83
N PHE J 378 -27.15 60.30 -47.69
CA PHE J 378 -25.94 60.89 -47.12
C PHE J 378 -25.28 61.85 -48.11
N LYS J 379 -25.28 61.51 -49.40
CA LYS J 379 -24.82 62.45 -50.41
C LYS J 379 -25.57 63.77 -50.33
N ARG J 380 -26.88 63.70 -50.09
CA ARG J 380 -27.71 64.90 -50.02
C ARG J 380 -27.33 65.77 -48.82
N ILE J 381 -27.13 65.15 -47.66
CA ILE J 381 -26.72 65.90 -46.49
C ILE J 381 -25.29 66.42 -46.65
N SER J 382 -24.40 65.57 -47.18
CA SER J 382 -23.00 65.98 -47.36
C SER J 382 -22.87 67.12 -48.35
N GLU J 383 -23.75 67.18 -49.35
CA GLU J 383 -23.73 68.30 -50.29
C GLU J 383 -24.07 69.61 -49.58
N GLN J 384 -25.15 69.61 -48.79
CA GLN J 384 -25.54 70.82 -48.06
C GLN J 384 -24.51 71.19 -47.01
N PHE J 385 -23.90 70.19 -46.36
CA PHE J 385 -22.89 70.46 -45.34
C PHE J 385 -21.73 71.25 -45.93
N THR J 386 -21.20 70.77 -47.06
CA THR J 386 -20.05 71.44 -47.68
C THR J 386 -20.43 72.82 -48.21
N ALA J 387 -21.63 72.96 -48.75
CA ALA J 387 -22.06 74.24 -49.30
C ALA J 387 -21.97 75.35 -48.26
N MET J 388 -22.25 75.03 -47.00
CA MET J 388 -22.11 75.99 -45.92
C MET J 388 -20.69 76.00 -45.35
N PHE J 389 -20.07 74.82 -45.23
CA PHE J 389 -18.78 74.73 -44.55
C PHE J 389 -17.66 75.41 -45.33
N ARG J 390 -17.78 75.49 -46.66
CA ARG J 390 -16.76 76.16 -47.45
C ARG J 390 -16.74 77.66 -47.18
N ARG J 391 -17.84 78.23 -46.72
CA ARG J 391 -17.90 79.62 -46.28
C ARG J 391 -17.74 79.76 -44.77
N LYS J 392 -17.68 78.63 -44.05
CA LYS J 392 -17.56 78.62 -42.58
C LYS J 392 -18.70 79.39 -41.91
N ALA J 393 -19.89 79.33 -42.50
CA ALA J 393 -21.03 80.05 -41.94
C ALA J 393 -21.50 79.39 -40.65
N PHE J 394 -21.79 80.22 -39.64
CA PHE J 394 -22.31 79.78 -38.34
C PHE J 394 -21.35 78.87 -37.59
N LEU J 395 -20.09 78.80 -38.01
CA LEU J 395 -19.13 77.94 -37.33
C LEU J 395 -18.84 78.42 -35.91
N HIS J 396 -18.97 79.72 -35.67
CA HIS J 396 -18.71 80.26 -34.33
C HIS J 396 -19.67 79.71 -33.29
N TRP J 397 -20.85 79.25 -33.71
CA TRP J 397 -21.73 78.50 -32.81
C TRP J 397 -20.99 77.35 -32.15
N TYR J 398 -20.34 76.52 -32.97
CA TYR J 398 -19.76 75.27 -32.48
C TYR J 398 -18.38 75.51 -31.89
N THR J 399 -17.59 76.43 -32.47
CA THR J 399 -16.29 76.74 -31.89
C THR J 399 -16.43 77.46 -30.56
N GLY J 400 -17.48 78.28 -30.40
CA GLY J 400 -17.73 78.93 -29.13
C GLY J 400 -18.14 77.99 -28.03
N GLU J 401 -18.59 76.79 -28.37
CA GLU J 401 -18.96 75.77 -27.40
C GLU J 401 -17.88 74.73 -27.20
N GLY J 402 -16.70 74.91 -27.81
CA GLY J 402 -15.54 74.07 -27.57
C GLY J 402 -15.01 73.37 -28.82
N MET J 403 -15.88 73.10 -29.78
CA MET J 403 -15.49 72.29 -30.93
C MET J 403 -14.40 72.96 -31.75
N ASP J 404 -13.38 72.18 -32.11
CA ASP J 404 -12.37 72.64 -33.05
C ASP J 404 -12.90 72.50 -34.47
N GLU J 405 -12.37 73.33 -35.38
CA GLU J 405 -12.79 73.27 -36.77
C GLU J 405 -12.46 71.94 -37.42
N MET J 406 -11.45 71.22 -36.91
CA MET J 406 -11.08 69.93 -37.49
C MET J 406 -12.18 68.89 -37.31
N GLU J 407 -12.99 69.01 -36.26
CA GLU J 407 -14.07 68.05 -36.03
C GLU J 407 -15.05 68.02 -37.20
N PHE J 408 -15.30 69.19 -37.81
CA PHE J 408 -16.19 69.24 -38.96
C PHE J 408 -15.59 68.50 -40.15
N THR J 409 -14.29 68.68 -40.39
CA THR J 409 -13.64 68.00 -41.50
C THR J 409 -13.66 66.50 -41.33
N GLU J 410 -13.52 66.03 -40.08
CA GLU J 410 -13.53 64.59 -39.83
C GLU J 410 -14.92 64.00 -40.02
N ALA J 411 -15.94 64.66 -39.47
CA ALA J 411 -17.30 64.17 -39.62
C ALA J 411 -17.73 64.17 -41.09
N GLU J 412 -17.25 65.15 -41.86
CA GLU J 412 -17.51 65.17 -43.29
C GLU J 412 -16.78 64.04 -44.00
N SER J 413 -15.54 63.78 -43.57
CA SER J 413 -14.76 62.73 -44.22
C SER J 413 -15.35 61.35 -43.95
N ASN J 414 -15.71 61.07 -42.69
CA ASN J 414 -16.27 59.77 -42.35
C ASN J 414 -17.62 59.52 -43.01
N MET J 415 -18.39 60.58 -43.23
CA MET J 415 -19.64 60.42 -43.99
C MET J 415 -19.34 60.05 -45.43
N ASN J 416 -18.32 60.68 -46.03
CA ASN J 416 -17.95 60.34 -47.40
C ASN J 416 -17.42 58.92 -47.49
N ASP J 417 -16.70 58.47 -46.45
CA ASP J 417 -16.27 57.08 -46.40
C ASP J 417 -17.46 56.15 -46.33
N LEU J 418 -18.47 56.50 -45.54
CA LEU J 418 -19.68 55.68 -45.45
C LEU J 418 -20.39 55.62 -46.79
N VAL J 419 -20.42 56.74 -47.52
CA VAL J 419 -21.01 56.75 -48.85
C VAL J 419 -20.21 55.87 -49.79
N SER J 420 -18.89 55.95 -49.73
CA SER J 420 -18.05 55.17 -50.64
C SER J 420 -18.17 53.68 -50.35
N GLU J 421 -18.34 53.31 -49.07
CA GLU J 421 -18.48 51.90 -48.73
C GLU J 421 -19.82 51.35 -49.21
N TYR J 422 -20.88 52.15 -49.09
CA TYR J 422 -22.18 51.73 -49.63
C TYR J 422 -22.12 51.55 -51.13
N GLN J 423 -21.31 52.36 -51.82
CA GLN J 423 -21.08 52.16 -53.24
C GLN J 423 -20.17 50.98 -53.50
N GLN J 424 -19.27 50.68 -52.55
CA GLN J 424 -18.31 49.59 -52.74
C GLN J 424 -19.00 48.25 -52.87
N TYR J 425 -19.94 47.96 -51.97
CA TYR J 425 -20.69 46.70 -52.05
C TYR J 425 -21.82 46.74 -53.06
N GLN J 426 -22.21 47.93 -53.51
CA GLN J 426 -23.13 48.04 -54.63
C GLN J 426 -22.50 47.59 -55.94
N ASP J 427 -21.16 47.56 -56.00
CA ASP J 427 -20.45 47.15 -57.20
C ASP J 427 -19.84 45.75 -57.10
N ALA J 428 -19.77 45.18 -55.91
CA ALA J 428 -19.23 43.83 -55.75
C ALA J 428 -20.12 42.80 -56.41
N THR J 429 -19.52 41.79 -57.02
CA THR J 429 -20.23 40.76 -57.77
C THR J 429 -19.94 39.38 -57.17
N ALA J 430 -20.51 38.35 -57.79
CA ALA J 430 -20.37 36.99 -57.29
C ALA J 430 -19.20 36.26 -57.93
N ASP J 431 -19.16 36.26 -59.27
CA ASP J 431 -18.15 35.56 -60.11
C ASP J 431 -17.36 34.46 -59.41
N LEU K 14 -1.86 15.17 -14.43
CA LEU K 14 -2.43 13.84 -14.67
C LEU K 14 -1.50 12.74 -14.18
N GLU K 15 -0.42 13.11 -13.49
CA GLU K 15 0.58 12.12 -13.10
C GLU K 15 0.03 11.05 -12.16
N GLN K 16 -1.16 11.27 -11.58
CA GLN K 16 -1.83 10.23 -10.81
C GLN K 16 -2.62 9.27 -11.69
N ARG K 17 -2.87 9.61 -12.95
CA ARG K 17 -3.57 8.71 -13.86
C ARG K 17 -2.68 7.59 -14.39
N ALA K 18 -1.39 7.58 -14.02
CA ALA K 18 -0.52 6.47 -14.37
C ALA K 18 -1.03 5.14 -13.82
N SER K 19 -1.97 5.17 -12.87
CA SER K 19 -2.66 3.98 -12.39
C SER K 19 -4.17 4.14 -12.53
N HIS K 20 -4.61 4.86 -13.57
CA HIS K 20 -6.03 5.03 -13.83
C HIS K 20 -6.63 3.74 -14.39
N LYS K 21 -7.95 3.62 -14.26
CA LYS K 21 -8.62 2.39 -14.68
C LYS K 21 -8.51 2.19 -16.19
N VAL K 22 -8.88 3.22 -16.96
CA VAL K 22 -8.85 3.10 -18.42
C VAL K 22 -7.42 3.03 -18.91
N TRP K 23 -7.18 2.19 -19.91
CA TRP K 23 -5.83 1.94 -20.39
C TRP K 23 -5.25 3.15 -21.11
N LYS K 24 -6.07 3.84 -21.91
CA LYS K 24 -5.54 4.92 -22.75
C LYS K 24 -5.02 6.08 -21.90
N ALA K 25 -5.63 6.33 -20.75
CA ALA K 25 -5.09 7.34 -19.84
C ALA K 25 -3.77 6.89 -19.25
N ARG K 26 -3.66 5.61 -18.90
CA ARG K 26 -2.39 5.07 -18.44
C ARG K 26 -1.34 5.12 -19.55
N LEU K 27 -1.76 4.81 -20.79
CA LEU K 27 -0.84 4.87 -21.92
C LEU K 27 -0.32 6.29 -22.12
N ASN K 28 -1.18 7.29 -21.91
CA ASN K 28 -0.77 8.68 -22.08
C ASN K 28 0.25 9.08 -21.04
N ALA K 29 0.02 8.72 -19.77
CA ALA K 29 0.94 9.10 -18.70
C ALA K 29 2.31 8.50 -18.91
N TYR K 30 2.37 7.26 -19.41
CA TYR K 30 3.66 6.65 -19.69
C TYR K 30 4.43 7.42 -20.76
N GLN K 31 3.71 7.93 -21.76
CA GLN K 31 4.37 8.77 -22.77
C GLN K 31 4.77 10.12 -22.19
N GLU K 32 3.90 10.72 -21.38
CA GLU K 32 4.26 11.96 -20.70
C GLU K 32 5.48 11.78 -19.82
N LEU K 33 5.58 10.62 -19.15
CA LEU K 33 6.75 10.35 -18.34
C LEU K 33 8.01 10.23 -19.19
N ASN K 34 7.92 9.48 -20.29
CA ASN K 34 9.07 9.31 -21.18
C ASN K 34 9.57 10.65 -21.70
N ASN K 35 8.68 11.62 -21.86
CA ASN K 35 9.11 12.94 -22.30
C ASN K 35 9.77 13.72 -21.17
N LEU K 36 9.20 13.63 -19.96
CA LEU K 36 9.81 14.29 -18.81
C LEU K 36 11.24 13.85 -18.61
N PHE K 37 11.47 12.53 -18.53
CA PHE K 37 12.81 12.02 -18.25
C PHE K 37 13.81 12.37 -19.34
N THR K 38 13.35 12.64 -20.56
CA THR K 38 14.25 13.10 -21.62
C THR K 38 14.38 14.61 -21.67
N LYS K 39 13.40 15.34 -21.15
CA LYS K 39 13.34 16.80 -21.25
C LYS K 39 13.39 17.46 -19.87
N SER K 40 14.09 16.84 -18.92
CA SER K 40 14.17 17.36 -17.57
C SER K 40 15.59 17.88 -17.28
N SER K 41 15.83 18.23 -16.02
CA SER K 41 17.09 18.79 -15.57
C SER K 41 18.07 17.69 -15.18
N VAL K 42 19.35 18.05 -15.21
CA VAL K 42 20.43 17.15 -14.81
C VAL K 42 21.39 17.94 -13.93
N ILE K 43 21.40 17.62 -12.64
CA ILE K 43 22.29 18.31 -11.70
C ILE K 43 23.21 17.29 -11.02
N PRO K 46 17.78 17.88 -10.69
CA PRO K 46 16.53 17.19 -11.05
C PRO K 46 15.37 17.56 -10.11
N ASN K 47 14.18 17.73 -10.69
CA ASN K 47 13.02 18.09 -9.90
C ASN K 47 12.62 16.95 -8.98
N ASP K 48 12.16 17.31 -7.77
CA ASP K 48 11.62 16.31 -6.86
C ASP K 48 10.36 15.66 -7.41
N VAL K 49 9.76 16.24 -8.45
CA VAL K 49 8.60 15.63 -9.09
C VAL K 49 8.99 14.30 -9.74
N ALA K 50 10.23 14.19 -10.21
CA ALA K 50 10.74 12.93 -10.74
C ALA K 50 11.06 11.97 -9.61
N ASN K 51 10.08 11.77 -8.72
CA ASN K 51 10.25 10.89 -7.56
C ASN K 51 9.90 9.46 -7.95
N TYR K 52 10.72 8.92 -8.84
CA TYR K 52 10.57 7.53 -9.28
C TYR K 52 11.79 6.70 -8.91
N TRP K 53 12.74 7.28 -8.17
CA TRP K 53 13.75 6.50 -7.45
C TRP K 53 13.20 6.03 -6.10
N LEU K 54 12.81 6.98 -5.26
CA LEU K 54 12.54 6.70 -3.85
C LEU K 54 11.26 5.90 -3.65
N ASP K 55 10.40 5.83 -4.66
CA ASP K 55 9.24 4.93 -4.66
C ASP K 55 9.33 4.10 -5.93
N PRO K 56 10.23 3.11 -5.97
CA PRO K 56 10.37 2.29 -7.18
C PRO K 56 9.23 1.32 -7.40
N GLU K 57 8.32 1.17 -6.43
CA GLU K 57 7.13 0.36 -6.65
C GLU K 57 6.19 0.99 -7.65
N LEU K 58 6.36 2.28 -7.93
CA LEU K 58 5.56 2.94 -8.96
C LEU K 58 5.80 2.31 -10.32
N PHE K 59 7.06 2.31 -10.77
CA PHE K 59 7.37 1.72 -12.07
C PHE K 59 7.38 0.21 -12.02
N ALA K 60 7.64 -0.38 -10.85
CA ALA K 60 7.46 -1.82 -10.70
C ALA K 60 6.00 -2.21 -10.94
N SER K 61 5.07 -1.29 -10.69
CA SER K 61 3.67 -1.52 -11.00
C SER K 61 3.34 -1.22 -12.47
N TYR K 62 4.04 -0.26 -13.08
CA TYR K 62 3.76 0.09 -14.46
C TYR K 62 4.22 -1.01 -15.42
N ILE K 63 5.37 -1.64 -15.13
CA ILE K 63 5.89 -2.69 -15.99
C ILE K 63 4.93 -3.86 -16.07
N VAL K 64 4.15 -4.08 -15.01
CA VAL K 64 3.19 -5.18 -14.96
C VAL K 64 1.83 -4.64 -15.38
N ASP K 65 1.81 -3.79 -16.41
CA ASP K 65 0.56 -3.25 -16.90
C ASP K 65 -0.26 -4.34 -17.59
N SER K 66 -1.52 -4.46 -17.19
CA SER K 66 -2.40 -5.49 -17.74
C SER K 66 -2.77 -5.23 -19.20
N ASN K 67 -2.31 -4.12 -19.77
CA ASN K 67 -2.55 -3.78 -21.17
C ASN K 67 -1.21 -3.79 -21.89
N VAL K 68 -1.03 -4.76 -22.79
CA VAL K 68 0.28 -5.01 -23.39
C VAL K 68 0.78 -3.82 -24.18
N VAL K 69 -0.14 -3.00 -24.72
CA VAL K 69 0.28 -1.81 -25.47
C VAL K 69 0.84 -0.77 -24.52
N ALA K 70 0.05 -0.35 -23.53
CA ALA K 70 0.54 0.58 -22.53
C ALA K 70 1.64 -0.02 -21.66
N GLN K 71 1.68 -1.35 -21.55
CA GLN K 71 2.82 -2.00 -20.89
C GLN K 71 4.12 -1.74 -21.65
N GLU K 72 4.06 -1.78 -22.98
CA GLU K 72 5.24 -1.50 -23.78
C GLU K 72 5.69 -0.05 -23.62
N ASN K 73 4.75 0.87 -23.44
CA ASN K 73 5.10 2.28 -23.25
C ASN K 73 5.64 2.54 -21.85
N ALA K 74 5.20 1.78 -20.85
CA ALA K 74 5.76 1.91 -19.51
C ALA K 74 7.19 1.42 -19.45
N ILE K 75 7.57 0.49 -20.34
CA ILE K 75 8.92 -0.04 -20.33
C ILE K 75 9.88 0.92 -21.05
N ILE K 76 9.47 1.44 -22.21
CA ILE K 76 10.31 2.40 -22.92
C ILE K 76 10.46 3.68 -22.11
N ALA K 77 9.45 4.03 -21.31
CA ALA K 77 9.58 5.15 -20.38
C ALA K 77 10.52 4.79 -19.24
N LEU K 78 10.40 3.57 -18.72
CA LEU K 78 11.35 3.11 -17.71
C LEU K 78 12.77 3.07 -18.26
N HIS K 79 12.92 2.78 -19.55
CA HIS K 79 14.25 2.73 -20.14
C HIS K 79 14.90 4.10 -20.17
N THR K 80 14.23 5.08 -20.78
CA THR K 80 14.80 6.43 -20.85
C THR K 80 14.95 7.04 -19.46
N LEU K 81 14.06 6.70 -18.53
CA LEU K 81 14.28 7.05 -17.13
C LEU K 81 15.54 6.39 -16.60
N LEU K 82 15.76 5.13 -16.95
CA LEU K 82 16.87 4.37 -16.39
C LEU K 82 18.22 4.88 -16.86
N GLU K 83 18.28 5.49 -18.04
CA GLU K 83 19.51 6.13 -18.49
C GLU K 83 19.60 7.58 -18.06
N TYR K 84 18.46 8.21 -17.77
CA TYR K 84 18.47 9.54 -17.15
C TYR K 84 19.13 9.51 -15.79
N ILE K 85 18.91 8.45 -15.00
CA ILE K 85 19.48 8.35 -13.66
C ILE K 85 20.97 8.07 -13.65
N SER K 86 21.62 7.98 -14.81
CA SER K 86 23.05 7.71 -14.87
C SER K 86 23.90 8.89 -14.46
N GLN K 87 23.30 9.83 -13.72
CA GLN K 87 23.95 11.05 -13.29
C GLN K 87 24.21 11.01 -11.80
N VAL K 88 25.40 11.45 -11.41
CA VAL K 88 25.88 11.43 -10.03
C VAL K 88 25.19 12.54 -9.24
N PRO K 89 24.75 12.30 -8.00
CA PRO K 89 24.83 11.03 -7.26
C PRO K 89 23.56 10.19 -7.29
N ASN K 90 23.72 8.90 -7.58
CA ASN K 90 22.59 7.97 -7.59
C ASN K 90 23.10 6.57 -7.28
N VAL K 91 23.61 6.37 -6.07
CA VAL K 91 24.10 5.07 -5.63
C VAL K 91 22.87 4.29 -5.18
N SER K 92 21.70 4.92 -5.27
CA SER K 92 20.44 4.29 -4.92
C SER K 92 20.04 3.21 -5.91
N THR K 93 20.94 2.79 -6.79
CA THR K 93 20.63 1.76 -7.78
C THR K 93 20.55 0.36 -7.18
N SER K 94 20.92 0.19 -5.91
CA SER K 94 20.77 -1.11 -5.26
C SER K 94 19.30 -1.41 -5.00
N LYS K 95 18.55 -0.43 -4.50
CA LYS K 95 17.13 -0.62 -4.25
C LYS K 95 16.35 -0.84 -5.54
N LEU K 96 16.87 -0.35 -6.66
CA LEU K 96 16.13 -0.45 -7.92
C LEU K 96 16.16 -1.87 -8.46
N ARG K 97 17.35 -2.49 -8.51
CA ARG K 97 17.46 -3.84 -9.06
C ARG K 97 16.57 -4.83 -8.34
N LEU K 98 16.47 -4.71 -7.01
CA LEU K 98 15.66 -5.64 -6.24
C LEU K 98 14.19 -5.52 -6.59
N GLN K 99 13.73 -4.30 -6.88
CA GLN K 99 12.32 -4.04 -7.09
C GLN K 99 11.90 -4.08 -8.55
N TRP K 100 12.84 -4.01 -9.48
CA TRP K 100 12.50 -3.78 -10.89
C TRP K 100 12.82 -4.95 -11.81
N ILE K 101 13.98 -5.60 -11.65
CA ILE K 101 14.36 -6.63 -12.61
C ILE K 101 13.55 -7.92 -12.43
N PRO K 102 12.96 -8.22 -11.27
CA PRO K 102 12.02 -9.36 -11.23
C PRO K 102 10.75 -9.09 -12.03
N PRO K 103 10.16 -7.89 -11.94
CA PRO K 103 9.06 -7.61 -12.89
C PRO K 103 9.52 -7.58 -14.34
N LEU K 104 10.74 -7.08 -14.60
CA LEU K 104 11.26 -7.08 -15.95
C LEU K 104 11.43 -8.50 -16.49
N VAL K 105 11.91 -9.41 -15.64
CA VAL K 105 12.14 -10.77 -16.10
C VAL K 105 10.81 -11.52 -16.25
N GLU K 106 9.93 -11.39 -15.26
CA GLU K 106 8.75 -12.25 -15.20
C GLU K 106 7.75 -11.92 -16.31
N LYS K 107 7.59 -10.63 -16.64
CA LYS K 107 6.59 -10.23 -17.61
C LYS K 107 7.14 -9.36 -18.73
N GLY K 108 8.45 -9.15 -18.79
CA GLY K 108 9.05 -8.43 -19.90
C GLY K 108 9.79 -9.37 -20.83
N LEU K 109 10.72 -10.15 -20.27
CA LEU K 109 11.41 -11.15 -21.06
C LEU K 109 10.48 -12.29 -21.45
N SER K 110 9.46 -12.55 -20.63
CA SER K 110 8.49 -13.59 -20.94
C SER K 110 7.53 -13.16 -22.05
N SER K 111 7.48 -11.87 -22.37
CA SER K 111 6.59 -11.39 -23.42
C SER K 111 7.00 -11.96 -24.77
N SER K 112 6.01 -12.20 -25.62
CA SER K 112 6.27 -12.73 -26.95
C SER K 112 6.58 -11.64 -27.95
N ARG K 113 6.19 -10.39 -27.67
CA ARG K 113 6.44 -9.29 -28.58
C ARG K 113 7.90 -8.88 -28.50
N ALA K 114 8.58 -8.84 -29.65
CA ALA K 114 10.00 -8.51 -29.67
C ALA K 114 10.25 -7.10 -29.12
N ALA K 115 9.36 -6.15 -29.43
CA ALA K 115 9.55 -4.79 -28.94
C ALA K 115 9.48 -4.73 -27.43
N THR K 116 8.44 -5.30 -26.84
CA THR K 116 8.31 -5.31 -25.38
C THR K 116 9.47 -6.07 -24.74
N LYS K 117 9.96 -7.12 -25.39
CA LYS K 117 11.05 -7.91 -24.82
C LYS K 117 12.41 -7.24 -25.04
N ALA K 118 12.60 -6.61 -26.21
CA ALA K 118 13.89 -5.99 -26.50
C ALA K 118 14.18 -4.84 -25.54
N LYS K 119 13.16 -4.06 -25.20
CA LYS K 119 13.37 -2.96 -24.26
C LYS K 119 13.56 -3.47 -22.83
N ALA K 120 12.90 -4.57 -22.47
CA ALA K 120 13.11 -5.16 -21.16
C ALA K 120 14.54 -5.66 -20.99
N THR K 121 15.08 -6.30 -22.04
CA THR K 121 16.49 -6.69 -22.02
C THR K 121 17.39 -5.47 -21.97
N ASP K 122 16.97 -4.36 -22.58
CA ASP K 122 17.78 -3.14 -22.54
C ASP K 122 17.78 -2.53 -21.15
N CYS K 123 16.65 -2.62 -20.43
CA CYS K 123 16.60 -2.08 -19.07
C CYS K 123 17.43 -2.93 -18.11
N ILE K 124 17.42 -4.25 -18.29
CA ILE K 124 18.22 -5.13 -17.44
C ILE K 124 19.71 -4.83 -17.63
N MET K 125 20.10 -4.47 -18.85
CA MET K 125 21.49 -4.07 -19.09
C MET K 125 21.84 -2.82 -18.29
N LEU K 126 20.97 -1.81 -18.33
CA LEU K 126 21.25 -0.56 -17.64
C LEU K 126 21.24 -0.74 -16.12
N LEU K 127 20.32 -1.57 -15.62
CA LEU K 127 20.30 -1.84 -14.18
C LEU K 127 21.51 -2.66 -13.75
N THR K 128 22.10 -3.42 -14.66
CA THR K 128 23.29 -4.20 -14.33
C THR K 128 24.53 -3.32 -14.26
N GLN K 129 24.70 -2.40 -15.21
CA GLN K 129 25.85 -1.52 -15.16
C GLN K 129 25.72 -0.43 -14.10
N SER K 130 24.51 -0.22 -13.59
CA SER K 130 24.32 0.59 -12.39
C SER K 130 24.90 -0.08 -11.15
N ASP K 131 25.01 -1.40 -11.16
CA ASP K 131 25.56 -2.17 -10.06
C ASP K 131 27.09 -2.08 -10.05
N THR K 132 27.70 -2.74 -9.07
CA THR K 132 29.15 -2.89 -9.01
C THR K 132 29.65 -4.15 -9.68
N SER K 133 28.81 -5.18 -9.78
CA SER K 133 29.16 -6.42 -10.46
C SER K 133 27.86 -7.06 -10.97
N ILE K 134 28.01 -8.21 -11.63
CA ILE K 134 26.87 -8.90 -12.23
C ILE K 134 26.16 -9.83 -11.27
N GLN K 135 26.67 -10.02 -10.05
CA GLN K 135 26.16 -11.08 -9.19
C GLN K 135 24.82 -10.69 -8.57
N GLN K 136 24.68 -9.43 -8.13
CA GLN K 136 23.41 -9.00 -7.58
C GLN K 136 22.34 -8.81 -8.64
N THR K 137 22.63 -9.20 -9.90
CA THR K 137 21.64 -9.27 -10.97
C THR K 137 21.39 -10.70 -11.41
N VAL K 138 22.41 -11.55 -11.37
CA VAL K 138 22.25 -12.96 -11.72
C VAL K 138 21.36 -13.67 -10.69
N ASN K 139 21.59 -13.39 -9.40
CA ASN K 139 20.87 -14.11 -8.35
C ASN K 139 19.37 -13.88 -8.43
N LEU K 140 18.93 -12.76 -9.01
CA LEU K 140 17.50 -12.46 -9.05
C LEU K 140 16.81 -13.18 -10.20
N MET K 141 17.47 -13.28 -11.35
CA MET K 141 16.89 -13.96 -12.49
C MET K 141 17.29 -15.44 -12.57
N LEU K 142 18.10 -15.92 -11.62
CA LEU K 142 18.38 -17.36 -11.57
C LEU K 142 17.14 -18.20 -11.26
N PRO K 143 16.27 -17.84 -10.32
CA PRO K 143 15.06 -18.66 -10.10
C PRO K 143 14.16 -18.77 -11.33
N SER K 144 14.19 -17.77 -12.22
CA SER K 144 13.36 -17.83 -13.42
C SER K 144 13.81 -18.93 -14.38
N LEU K 145 15.03 -19.44 -14.23
CA LEU K 145 15.50 -20.55 -15.06
C LEU K 145 14.72 -21.84 -14.83
N SER K 146 13.90 -21.90 -13.78
CA SER K 146 13.13 -23.10 -13.48
C SER K 146 11.64 -22.79 -13.51
N ASN K 147 11.19 -22.12 -14.56
CA ASN K 147 9.79 -21.72 -14.68
C ASN K 147 9.04 -22.68 -15.59
N LYS K 148 7.72 -22.72 -15.40
CA LYS K 148 6.86 -23.56 -16.22
C LYS K 148 6.95 -23.16 -17.69
N LEU K 149 6.78 -21.88 -17.97
CA LEU K 149 6.80 -21.37 -19.34
C LEU K 149 8.20 -21.51 -19.94
N PRO K 150 8.37 -22.32 -20.98
CA PRO K 150 9.71 -22.44 -21.59
C PRO K 150 10.18 -21.16 -22.27
N ARG K 151 9.26 -20.39 -22.86
CA ARG K 151 9.67 -19.16 -23.54
C ARG K 151 10.32 -18.18 -22.58
N LEU K 152 9.93 -18.20 -21.30
CA LEU K 152 10.56 -17.34 -20.31
C LEU K 152 12.00 -17.79 -20.04
N VAL K 153 12.19 -19.08 -19.76
CA VAL K 153 13.54 -19.55 -19.48
C VAL K 153 14.36 -19.58 -20.75
N SER K 154 13.72 -19.76 -21.92
CA SER K 154 14.43 -19.62 -23.19
C SER K 154 15.02 -18.22 -23.32
N SER K 155 14.27 -17.20 -22.89
CA SER K 155 14.65 -15.82 -23.13
C SER K 155 15.65 -15.31 -22.11
N CYS K 156 15.47 -15.66 -20.83
CA CYS K 156 16.34 -15.11 -19.80
C CYS K 156 17.59 -15.94 -19.57
N VAL K 157 17.73 -17.08 -20.24
CA VAL K 157 19.04 -17.71 -20.31
C VAL K 157 19.85 -17.06 -21.44
N LYS K 158 19.17 -16.55 -22.46
CA LYS K 158 19.84 -15.73 -23.46
C LYS K 158 20.26 -14.39 -22.86
N CYS K 159 19.39 -13.78 -22.06
CA CYS K 159 19.76 -12.57 -21.33
C CYS K 159 20.97 -12.83 -20.45
N LEU K 160 20.85 -13.85 -19.58
CA LEU K 160 21.95 -14.22 -18.69
C LEU K 160 23.25 -14.43 -19.47
N ALA K 161 23.17 -15.00 -20.68
CA ALA K 161 24.37 -15.22 -21.47
C ALA K 161 24.91 -13.91 -22.03
N THR K 162 24.05 -12.92 -22.26
CA THR K 162 24.49 -11.64 -22.79
C THR K 162 24.93 -10.67 -21.72
N ILE K 163 24.50 -10.86 -20.47
CA ILE K 163 25.09 -10.09 -19.37
C ILE K 163 26.44 -10.62 -18.95
N ILE K 164 26.83 -11.80 -19.45
CA ILE K 164 28.17 -12.32 -19.22
C ILE K 164 29.07 -12.00 -20.41
N GLU K 165 28.51 -12.02 -21.62
CA GLU K 165 29.27 -11.71 -22.81
C GLU K 165 29.84 -10.30 -22.75
N GLU K 166 29.00 -9.33 -22.36
CA GLU K 166 29.42 -7.93 -22.34
C GLU K 166 30.07 -7.53 -21.02
N PHE K 167 29.44 -7.87 -19.90
CA PHE K 167 29.94 -7.41 -18.60
C PHE K 167 31.09 -8.26 -18.10
N GLY K 168 30.87 -9.56 -17.92
CA GLY K 168 31.89 -10.46 -17.43
C GLY K 168 31.94 -10.52 -15.91
N PHE K 169 32.76 -11.44 -15.42
CA PHE K 169 32.93 -11.66 -13.98
C PHE K 169 34.12 -10.85 -13.48
N ILE K 170 33.86 -9.63 -13.01
CA ILE K 170 34.85 -8.87 -12.26
C ILE K 170 34.15 -8.19 -11.10
N ASN K 171 34.94 -7.88 -10.07
CA ASN K 171 34.44 -7.26 -8.83
C ASN K 171 33.35 -8.12 -8.20
N VAL K 172 33.36 -9.42 -8.48
CA VAL K 172 32.42 -10.36 -7.88
C VAL K 172 33.01 -10.85 -6.57
N SER K 173 32.18 -10.88 -5.52
CA SER K 173 32.63 -11.23 -4.18
C SER K 173 33.40 -12.54 -4.15
N ASP K 174 32.71 -13.67 -4.35
CA ASP K 174 33.33 -14.99 -4.44
C ASP K 174 32.86 -15.65 -5.71
N ILE K 175 33.76 -15.75 -6.70
CA ILE K 175 33.35 -16.24 -8.02
C ILE K 175 33.08 -17.74 -7.99
N ASN K 176 33.80 -18.48 -7.12
CA ASN K 176 33.58 -19.91 -7.02
C ASN K 176 32.14 -20.22 -6.64
N ILE K 177 31.54 -19.39 -5.80
CA ILE K 177 30.12 -19.53 -5.49
C ILE K 177 29.28 -19.18 -6.72
N LEU K 178 29.54 -18.01 -7.31
CA LEU K 178 28.71 -17.53 -8.41
C LEU K 178 28.81 -18.46 -9.61
N LEU K 179 30.01 -18.97 -9.89
CA LEU K 179 30.17 -19.92 -10.98
C LEU K 179 29.37 -21.19 -10.70
N SER K 180 29.50 -21.73 -9.49
CA SER K 180 28.74 -22.92 -9.12
C SER K 180 27.25 -22.67 -9.12
N GLU K 181 26.82 -21.44 -8.77
CA GLU K 181 25.40 -21.16 -8.70
C GLU K 181 24.77 -21.09 -10.10
N ILE K 182 25.52 -20.59 -11.08
CA ILE K 182 25.01 -20.53 -12.45
C ILE K 182 25.28 -21.80 -13.24
N LEU K 183 26.20 -22.65 -12.77
CA LEU K 183 26.45 -23.93 -13.42
C LEU K 183 25.52 -25.04 -12.93
N GLU K 184 24.87 -24.86 -11.79
CA GLU K 184 23.98 -25.88 -11.26
C GLU K 184 22.84 -26.23 -12.20
N PRO K 185 22.07 -25.27 -12.75
CA PRO K 185 20.96 -25.66 -13.63
C PRO K 185 21.39 -26.04 -15.03
N LEU K 186 22.65 -25.80 -15.42
CA LEU K 186 23.05 -26.03 -16.81
C LEU K 186 22.81 -27.44 -17.31
N PRO K 187 23.04 -28.51 -16.54
CA PRO K 187 22.66 -29.84 -17.04
C PRO K 187 21.17 -30.01 -17.23
N LYS K 188 20.35 -29.47 -16.33
CA LYS K 188 18.90 -29.54 -16.50
C LYS K 188 18.45 -28.72 -17.70
N LEU K 189 19.13 -27.59 -17.95
CA LEU K 189 18.74 -26.72 -19.05
C LEU K 189 19.06 -27.34 -20.40
N SER K 190 20.19 -28.03 -20.50
CA SER K 190 20.60 -28.65 -21.76
C SER K 190 19.86 -29.95 -22.05
N SER K 191 19.04 -30.43 -21.12
CA SER K 191 18.15 -31.56 -21.38
C SER K 191 16.70 -31.14 -21.42
N HIS K 192 16.43 -29.84 -21.45
CA HIS K 192 15.07 -29.31 -21.44
C HIS K 192 14.31 -29.79 -22.67
N ALA K 193 12.99 -29.91 -22.53
CA ALA K 193 12.17 -30.37 -23.64
C ALA K 193 12.17 -29.36 -24.79
N ASP K 194 12.16 -28.07 -24.47
CA ASP K 194 12.12 -27.04 -25.51
C ASP K 194 13.40 -27.05 -26.33
N ARG K 195 13.23 -26.92 -27.65
CA ARG K 195 14.38 -26.85 -28.55
C ARG K 195 15.17 -25.57 -28.34
N ASN K 196 14.49 -24.47 -28.00
CA ASN K 196 15.17 -23.18 -27.87
C ASN K 196 15.86 -23.05 -26.51
N VAL K 197 15.28 -23.62 -25.46
CA VAL K 197 15.93 -23.60 -24.16
C VAL K 197 17.28 -24.31 -24.24
N ARG K 198 17.32 -25.47 -24.91
CA ARG K 198 18.59 -26.15 -25.12
C ARG K 198 19.53 -25.32 -25.98
N SER K 199 19.00 -24.77 -27.09
CA SER K 199 19.84 -24.00 -28.01
C SER K 199 20.44 -22.78 -27.34
N GLU K 200 19.66 -22.08 -26.52
CA GLU K 200 20.18 -20.91 -25.82
C GLU K 200 21.06 -21.26 -24.64
N THR K 201 20.95 -22.49 -24.12
CA THR K 201 21.87 -22.94 -23.08
C THR K 201 23.24 -23.26 -23.68
N MET K 202 23.27 -23.86 -24.88
CA MET K 202 24.53 -24.08 -25.57
C MET K 202 25.26 -22.78 -25.84
N ASN K 203 24.51 -21.69 -26.01
CA ASN K 203 25.14 -20.39 -26.19
C ASN K 203 25.69 -19.86 -24.87
N LEU K 204 24.97 -20.09 -23.76
CA LEU K 204 25.47 -19.67 -22.45
C LEU K 204 26.74 -20.43 -22.07
N ILE K 205 26.81 -21.70 -22.46
CA ILE K 205 28.02 -22.48 -22.19
C ILE K 205 29.21 -21.89 -22.93
N LEU K 206 28.98 -21.44 -24.17
CA LEU K 206 30.06 -20.80 -24.93
C LEU K 206 30.57 -19.57 -24.21
N GLN K 207 29.65 -18.69 -23.79
CA GLN K 207 30.05 -17.45 -23.13
C GLN K 207 30.90 -17.73 -21.89
N ILE K 208 30.58 -18.79 -21.16
CA ILE K 208 31.39 -19.16 -20.00
C ILE K 208 32.72 -19.76 -20.46
N TYR K 209 32.69 -20.59 -21.50
CA TYR K 209 33.94 -21.06 -22.10
C TYR K 209 34.72 -19.91 -22.72
N LYS K 210 34.00 -18.99 -23.36
CA LYS K 210 34.60 -17.79 -23.97
C LYS K 210 35.42 -16.99 -22.97
N TRP K 211 35.28 -17.26 -21.67
CA TRP K 211 35.80 -16.42 -20.61
C TRP K 211 36.81 -17.14 -19.73
N PHE K 212 36.49 -18.37 -19.31
CA PHE K 212 37.45 -19.24 -18.66
C PHE K 212 38.08 -20.14 -19.74
N GLY K 213 38.67 -21.26 -19.36
CA GLY K 213 39.22 -22.19 -20.32
C GLY K 213 38.18 -23.19 -20.81
N LYS K 214 38.67 -24.20 -21.52
CA LYS K 214 37.85 -25.38 -21.78
C LYS K 214 38.06 -26.46 -20.72
N GLU K 215 39.19 -26.41 -20.02
CA GLU K 215 39.49 -27.42 -19.01
C GLU K 215 38.48 -27.38 -17.87
N LEU K 216 38.06 -26.18 -17.45
CA LEU K 216 37.21 -26.04 -16.27
C LEU K 216 35.86 -26.73 -16.48
N LEU K 217 35.13 -26.33 -17.51
CA LEU K 217 33.77 -26.81 -17.66
C LEU K 217 33.70 -28.21 -18.25
N GLN K 218 34.84 -28.81 -18.62
CA GLN K 218 34.86 -30.26 -18.83
C GLN K 218 34.98 -30.98 -17.49
N GLU K 219 35.76 -30.41 -16.57
CA GLU K 219 35.82 -30.94 -15.22
C GLU K 219 34.46 -30.85 -14.53
N LEU K 220 33.71 -29.78 -14.79
CA LEU K 220 32.50 -29.48 -14.03
C LEU K 220 31.21 -29.78 -14.78
N LEU K 221 31.21 -29.71 -16.12
CA LEU K 221 29.94 -29.70 -16.83
C LEU K 221 29.90 -30.65 -18.04
N LEU K 222 30.82 -30.45 -19.00
CA LEU K 222 30.67 -31.03 -20.32
C LEU K 222 30.46 -32.55 -20.30
N GLU K 223 31.00 -33.23 -19.29
CA GLU K 223 30.83 -34.68 -19.21
C GLU K 223 29.38 -35.07 -19.00
N LYS K 224 28.58 -34.19 -18.40
CA LYS K 224 27.19 -34.49 -18.06
C LYS K 224 26.21 -34.13 -19.16
N LEU K 225 26.69 -33.85 -20.37
CA LEU K 225 25.83 -33.51 -21.50
C LEU K 225 25.79 -34.67 -22.48
N LYS K 226 24.79 -34.63 -23.37
CA LYS K 226 24.72 -35.63 -24.41
C LYS K 226 25.95 -35.54 -25.31
N PRO K 227 26.51 -36.67 -25.75
CA PRO K 227 27.71 -36.60 -26.60
C PRO K 227 27.51 -35.77 -27.85
N ILE K 228 26.30 -35.80 -28.43
CA ILE K 228 26.00 -34.94 -29.57
C ILE K 228 26.07 -33.47 -29.16
N GLN K 229 25.75 -33.16 -27.91
CA GLN K 229 25.77 -31.77 -27.46
C GLN K 229 27.21 -31.29 -27.27
N GLN K 230 28.04 -32.07 -26.55
CA GLN K 230 29.41 -31.67 -26.35
C GLN K 230 30.25 -31.75 -27.62
N ARG K 231 29.74 -32.41 -28.67
CA ARG K 231 30.34 -32.27 -29.98
C ARG K 231 30.01 -30.91 -30.59
N ASP K 232 28.77 -30.45 -30.42
CA ASP K 232 28.38 -29.12 -30.88
C ASP K 232 29.23 -28.04 -30.22
N LEU K 233 29.37 -28.12 -28.90
CA LEU K 233 30.17 -27.13 -28.18
C LEU K 233 31.61 -27.11 -28.68
N SER K 234 32.16 -28.30 -28.97
CA SER K 234 33.49 -28.34 -29.59
C SER K 234 33.51 -27.55 -30.89
N ARG K 235 32.56 -27.82 -31.79
CA ARG K 235 32.47 -27.06 -33.03
C ARG K 235 32.28 -25.57 -32.75
N MET K 236 31.53 -25.24 -31.70
CA MET K 236 31.34 -23.84 -31.32
C MET K 236 32.61 -23.23 -30.76
N PHE K 237 33.44 -24.03 -30.07
CA PHE K 237 34.69 -23.50 -29.52
C PHE K 237 35.71 -23.27 -30.62
N GLU K 238 35.71 -24.10 -31.66
CA GLU K 238 36.62 -23.88 -32.78
C GLU K 238 36.29 -22.60 -33.54
N LYS K 239 35.00 -22.30 -33.71
CA LYS K 239 34.59 -21.11 -34.44
C LYS K 239 34.86 -19.82 -33.67
N TYR K 240 35.14 -19.90 -32.38
CA TYR K 240 35.51 -18.71 -31.61
C TYR K 240 36.99 -18.44 -31.79
N GLU K 241 37.32 -17.26 -32.34
CA GLU K 241 38.69 -16.81 -32.50
C GLU K 241 38.90 -15.60 -31.61
N GLY K 242 39.64 -15.76 -30.54
CA GLY K 242 39.84 -14.70 -29.57
C GLY K 242 40.56 -15.21 -28.35
N THR K 243 40.97 -14.26 -27.51
CA THR K 243 41.69 -14.59 -26.30
C THR K 243 40.83 -15.44 -25.38
N ILE K 244 41.46 -16.41 -24.70
CA ILE K 244 40.69 -17.35 -23.87
C ILE K 244 39.90 -16.60 -22.80
N PRO K 245 40.46 -15.64 -22.07
CA PRO K 245 39.63 -14.59 -21.50
C PRO K 245 39.77 -13.32 -22.32
N PRO K 246 38.67 -12.78 -22.85
CA PRO K 246 38.76 -11.60 -23.71
C PRO K 246 39.56 -10.49 -23.06
N LYS K 247 40.50 -9.92 -23.83
CA LYS K 247 41.37 -8.88 -23.29
C LYS K 247 40.59 -7.69 -22.77
N GLN K 248 39.47 -7.36 -23.41
CA GLN K 248 38.67 -6.19 -23.06
C GLN K 248 37.23 -6.62 -22.79
N GLN K 249 36.61 -5.97 -21.81
CA GLN K 249 35.18 -6.16 -21.59
C GLN K 249 34.41 -5.43 -22.68
N PRO K 250 33.46 -6.09 -23.35
CA PRO K 250 32.68 -5.39 -24.37
C PRO K 250 31.85 -4.24 -23.80
N ARG K 251 31.54 -4.27 -22.51
CA ARG K 251 30.80 -3.20 -21.86
C ARG K 251 31.36 -2.96 -20.47
N LEU K 252 31.44 -1.69 -20.07
CA LEU K 252 31.97 -1.30 -18.77
C LEU K 252 30.83 -0.97 -17.81
N PHE K 253 31.10 -1.17 -16.53
CA PHE K 253 30.17 -0.72 -15.50
C PHE K 253 30.24 0.80 -15.37
N GLN K 254 29.32 1.36 -14.57
CA GLN K 254 29.30 2.80 -14.38
C GLN K 254 30.51 3.27 -13.60
N TRP K 255 30.91 2.52 -12.56
CA TRP K 255 32.07 2.91 -11.76
C TRP K 255 33.38 2.73 -12.52
N GLN K 256 33.40 1.90 -13.58
CA GLN K 256 34.60 1.79 -14.40
C GLN K 256 34.74 2.98 -15.34
N LYS K 257 33.63 3.43 -15.93
CA LYS K 257 33.67 4.60 -16.80
C LYS K 257 33.91 5.89 -16.03
N GLU K 258 33.86 5.85 -14.70
CA GLU K 258 34.19 7.01 -13.89
C GLU K 258 35.65 6.95 -13.42
N GLN K 259 35.95 5.99 -12.54
CA GLN K 259 37.30 5.85 -11.99
C GLN K 259 37.65 4.38 -11.79
N PRO K 301 23.70 67.57 -18.88
CA PRO K 301 22.45 67.91 -19.58
C PRO K 301 22.25 69.41 -19.70
N PHE K 302 21.43 69.83 -20.66
CA PHE K 302 21.09 71.24 -20.83
C PHE K 302 20.09 71.69 -19.78
N GLU K 303 19.94 70.91 -18.71
CA GLU K 303 18.98 71.21 -17.66
C GLU K 303 19.61 71.96 -16.49
N LEU K 304 20.66 72.74 -16.75
CA LEU K 304 21.20 73.68 -15.78
C LEU K 304 20.44 75.01 -15.79
N LEU K 305 19.19 74.99 -16.25
CA LEU K 305 18.43 76.22 -16.42
C LEU K 305 17.99 76.76 -15.06
N PRO K 306 17.76 78.06 -14.95
CA PRO K 306 17.30 78.64 -13.68
C PRO K 306 15.85 78.25 -13.41
N PRO K 307 15.58 77.67 -12.24
CA PRO K 307 14.20 77.26 -11.91
C PRO K 307 13.32 78.47 -11.64
N SER K 308 12.27 78.61 -12.43
CA SER K 308 11.30 79.69 -12.24
C SER K 308 10.20 79.23 -11.29
N VAL K 309 9.57 80.21 -10.63
CA VAL K 309 8.52 79.98 -9.65
C VAL K 309 7.21 80.45 -10.24
N ILE K 310 6.21 79.56 -10.26
CA ILE K 310 4.91 79.87 -10.85
C ILE K 310 3.76 79.71 -9.87
N LEU K 311 4.02 79.23 -8.65
CA LEU K 311 2.95 79.11 -7.66
C LEU K 311 2.45 80.47 -7.19
N ASP K 312 3.20 81.54 -7.45
CA ASP K 312 2.76 82.88 -7.06
C ASP K 312 1.76 83.46 -8.06
N LYS K 313 1.86 83.09 -9.33
CA LYS K 313 1.10 83.71 -10.40
C LYS K 313 -0.39 83.40 -10.34
N PHE K 314 -0.82 82.46 -9.52
CA PHE K 314 -2.22 82.07 -9.47
C PHE K 314 -3.07 83.22 -8.95
N PRO K 315 -3.98 83.77 -9.75
CA PRO K 315 -4.78 84.92 -9.28
C PRO K 315 -5.78 84.50 -8.22
N ALA K 316 -6.33 85.50 -7.55
CA ALA K 316 -7.32 85.24 -6.50
C ALA K 316 -8.59 84.61 -7.06
N ASP K 317 -9.03 85.07 -8.23
CA ASP K 317 -10.19 84.50 -8.90
C ASP K 317 -9.76 83.22 -9.63
N PHE K 318 -9.48 82.19 -8.84
CA PHE K 318 -9.05 80.90 -9.38
C PHE K 318 -9.85 79.76 -8.77
N GLN K 319 -9.60 79.48 -7.47
CA GLN K 319 -10.30 78.40 -6.80
C GLN K 319 -11.81 78.57 -6.89
N THR K 320 -12.28 79.83 -6.88
CA THR K 320 -13.71 80.09 -7.05
C THR K 320 -14.16 79.78 -8.47
N ARG K 321 -13.39 80.22 -9.47
CA ARG K 321 -13.79 80.05 -10.86
C ARG K 321 -13.64 78.60 -11.31
N ILE K 322 -12.56 77.94 -10.92
CA ILE K 322 -12.37 76.53 -11.27
C ILE K 322 -13.38 75.63 -10.60
N SER K 323 -14.09 76.14 -9.59
CA SER K 323 -15.17 75.39 -8.96
C SER K 323 -16.49 76.10 -9.21
N SER K 324 -16.89 76.23 -10.47
CA SER K 324 -18.07 76.99 -10.87
C SER K 324 -19.02 76.11 -11.65
N THR K 325 -20.32 76.43 -11.53
CA THR K 325 -21.34 75.73 -12.29
C THR K 325 -21.34 76.11 -13.77
N LYS K 326 -20.56 77.10 -14.15
CA LYS K 326 -20.43 77.51 -15.54
C LYS K 326 -19.17 76.88 -16.12
N TRP K 327 -19.32 76.14 -17.21
CA TRP K 327 -18.18 75.48 -17.83
C TRP K 327 -17.13 76.49 -18.29
N LYS K 328 -17.57 77.61 -18.87
CA LYS K 328 -16.64 78.59 -19.42
C LYS K 328 -15.71 79.14 -18.34
N ASP K 329 -16.19 79.26 -17.11
CA ASP K 329 -15.33 79.72 -16.02
C ASP K 329 -14.22 78.72 -15.76
N ARG K 330 -14.55 77.42 -15.74
CA ARG K 330 -13.54 76.41 -15.48
C ARG K 330 -12.60 76.25 -16.68
N VAL K 331 -13.12 76.42 -17.90
CA VAL K 331 -12.27 76.31 -19.09
C VAL K 331 -11.29 77.46 -19.15
N GLU K 332 -11.77 78.69 -18.93
CA GLU K 332 -10.89 79.85 -19.02
C GLU K 332 -9.90 79.90 -17.86
N ALA K 333 -10.30 79.46 -16.67
CA ALA K 333 -9.39 79.45 -15.54
C ALA K 333 -8.23 78.49 -15.78
N LEU K 334 -8.53 77.30 -16.30
CA LEU K 334 -7.46 76.35 -16.61
C LEU K 334 -6.62 76.82 -17.79
N GLU K 335 -7.25 77.47 -18.78
CA GLU K 335 -6.55 77.83 -19.99
C GLU K 335 -5.58 78.99 -19.76
N GLU K 336 -5.95 79.94 -18.89
CA GLU K 336 -5.08 81.08 -18.63
C GLU K 336 -3.81 80.65 -17.91
N ILE K 337 -3.94 79.84 -16.85
CA ILE K 337 -2.77 79.36 -16.14
C ILE K 337 -1.97 78.39 -17.00
N HIS K 338 -2.58 77.80 -18.03
CA HIS K 338 -1.84 76.93 -18.93
C HIS K 338 -1.06 77.74 -19.96
N ASN K 339 -1.71 78.72 -20.58
CA ASN K 339 -1.09 79.49 -21.65
C ASN K 339 -0.15 80.56 -21.13
N ASN K 340 -0.44 81.14 -19.96
CA ASN K 340 0.32 82.27 -19.46
C ASN K 340 1.29 81.93 -18.34
N VAL K 341 1.06 80.84 -17.62
CA VAL K 341 1.88 80.48 -16.47
C VAL K 341 2.74 79.25 -16.74
N LEU K 342 2.16 78.21 -17.33
CA LEU K 342 2.88 76.97 -17.59
C LEU K 342 3.52 76.94 -18.98
N LYS K 343 2.88 77.58 -19.97
CA LYS K 343 3.42 77.52 -21.33
C LYS K 343 4.75 78.26 -21.47
N PRO K 344 4.92 79.49 -20.98
CA PRO K 344 6.15 80.23 -21.30
C PRO K 344 7.35 79.91 -20.41
N VAL K 345 7.31 78.79 -19.68
CA VAL K 345 8.42 78.37 -18.84
C VAL K 345 8.95 77.03 -19.36
N LYS K 346 10.07 76.60 -18.79
CA LYS K 346 10.70 75.36 -19.21
C LYS K 346 11.38 74.64 -18.04
N LYS K 347 11.52 75.34 -16.92
CA LYS K 347 12.17 74.77 -15.74
C LYS K 347 11.49 75.35 -14.51
N LEU K 348 10.73 74.51 -13.81
CA LEU K 348 10.01 74.94 -12.61
C LEU K 348 10.84 74.64 -11.36
N ALA K 349 10.37 75.20 -10.24
CA ALA K 349 11.17 75.26 -9.02
C ALA K 349 10.98 73.99 -8.19
N HIS K 350 12.03 73.16 -8.13
CA HIS K 350 12.04 72.03 -7.21
C HIS K 350 12.03 72.51 -5.76
N LYS K 351 12.70 73.63 -5.49
CA LYS K 351 12.98 74.08 -4.14
C LYS K 351 11.71 74.56 -3.46
N ASN K 352 11.29 73.84 -2.42
CA ASN K 352 10.30 74.26 -1.43
C ASN K 352 8.90 74.49 -1.99
N GLN K 353 8.65 74.16 -3.25
CA GLN K 353 7.35 74.38 -3.87
C GLN K 353 6.48 73.15 -3.71
N ASP K 354 5.27 73.35 -3.18
CA ASP K 354 4.31 72.27 -2.96
C ASP K 354 3.18 72.44 -3.97
N TYR K 355 3.36 71.84 -5.16
CA TYR K 355 2.35 71.87 -6.20
C TYR K 355 1.19 70.91 -5.94
N SER K 356 1.18 70.22 -4.79
CA SER K 356 0.18 69.19 -4.56
C SER K 356 -1.22 69.77 -4.42
N ASP K 357 -1.34 71.02 -3.95
CA ASP K 357 -2.64 71.67 -3.94
C ASP K 357 -3.14 71.94 -5.36
N TYR K 358 -2.22 72.17 -6.30
CA TYR K 358 -2.59 72.43 -7.68
C TYR K 358 -2.89 71.14 -8.44
N LEU K 359 -2.10 70.10 -8.22
CA LEU K 359 -2.30 68.86 -8.96
C LEU K 359 -3.61 68.18 -8.60
N ARG K 360 -4.08 68.35 -7.36
CA ARG K 360 -5.33 67.68 -6.98
C ARG K 360 -6.54 68.35 -7.60
N VAL K 361 -6.49 69.66 -7.86
CA VAL K 361 -7.59 70.31 -8.56
C VAL K 361 -7.57 69.99 -10.04
N LEU K 362 -6.44 69.57 -10.59
CA LEU K 362 -6.40 69.08 -11.96
C LEU K 362 -7.03 67.69 -12.04
N ALA K 363 -6.67 66.80 -11.12
CA ALA K 363 -7.23 65.45 -11.11
C ALA K 363 -8.73 65.48 -10.87
N ASN K 364 -9.23 66.48 -10.13
CA ASN K 364 -10.66 66.55 -9.86
C ASN K 364 -11.44 66.87 -11.12
N VAL K 365 -10.90 67.73 -11.99
CA VAL K 365 -11.62 68.04 -13.23
C VAL K 365 -11.34 66.98 -14.30
N ILE K 366 -10.18 66.33 -14.25
CA ILE K 366 -9.92 65.24 -15.20
C ILE K 366 -10.87 64.10 -14.94
N GLN K 367 -11.04 63.72 -13.67
CA GLN K 367 -11.83 62.54 -13.34
C GLN K 367 -13.33 62.81 -13.40
N LYS K 368 -13.77 64.00 -12.96
CA LYS K 368 -15.17 64.22 -12.67
C LYS K 368 -15.84 65.33 -13.48
N ASP K 369 -15.09 66.23 -14.09
CA ASP K 369 -15.71 67.32 -14.85
C ASP K 369 -16.29 66.78 -16.15
N ALA K 370 -17.57 67.07 -16.40
CA ALA K 370 -18.21 66.62 -17.62
C ALA K 370 -17.74 67.39 -18.84
N ASN K 371 -17.18 68.58 -18.67
CA ASN K 371 -16.68 69.36 -19.79
C ASN K 371 -15.40 68.70 -20.29
N VAL K 372 -15.50 68.01 -21.43
CA VAL K 372 -14.35 67.31 -21.98
C VAL K 372 -13.29 68.30 -22.44
N GLN K 373 -13.68 69.53 -22.78
CA GLN K 373 -12.72 70.55 -23.17
C GLN K 373 -11.75 70.86 -22.03
N ALA K 374 -12.28 71.03 -20.82
CA ALA K 374 -11.42 71.31 -19.67
C ALA K 374 -10.55 70.11 -19.33
N VAL K 375 -11.08 68.90 -19.49
CA VAL K 375 -10.28 67.69 -19.24
C VAL K 375 -9.04 67.69 -20.13
N THR K 376 -9.19 68.14 -21.38
CA THR K 376 -8.07 68.19 -22.30
C THR K 376 -7.02 69.20 -21.83
N ILE K 377 -7.46 70.45 -21.60
CA ILE K 377 -6.52 71.50 -21.22
C ILE K 377 -5.93 71.26 -19.84
N ALA K 378 -6.60 70.48 -18.99
CA ALA K 378 -6.05 70.19 -17.67
C ALA K 378 -5.02 69.07 -17.72
N ALA K 379 -5.31 68.00 -18.48
CA ALA K 379 -4.36 66.92 -18.62
C ALA K 379 -3.08 67.39 -19.30
N ASN K 380 -3.19 68.37 -20.20
CA ASN K 380 -1.99 68.98 -20.79
C ASN K 380 -1.14 69.61 -19.71
N SER K 381 -1.76 70.37 -18.80
CA SER K 381 -1.01 71.02 -17.74
C SER K 381 -0.27 70.00 -16.88
N VAL K 382 -0.89 68.85 -16.64
CA VAL K 382 -0.19 67.78 -15.94
C VAL K 382 1.04 67.34 -16.73
N GLN K 383 0.90 67.19 -18.04
CA GLN K 383 2.04 66.86 -18.88
C GLN K 383 3.11 67.95 -18.80
N LEU K 384 2.71 69.21 -18.88
CA LEU K 384 3.66 70.32 -18.80
C LEU K 384 4.43 70.30 -17.49
N LEU K 385 3.73 70.03 -16.38
CA LEU K 385 4.38 69.97 -15.07
C LEU K 385 5.43 68.86 -15.02
N CYS K 386 4.98 67.61 -14.95
CA CYS K 386 5.90 66.50 -14.75
C CYS K 386 7.01 66.44 -15.80
N ASN K 387 6.82 67.07 -16.96
CA ASN K 387 7.87 67.09 -17.97
C ASN K 387 8.92 68.16 -17.67
N SER K 388 8.48 69.35 -17.26
CA SER K 388 9.38 70.49 -17.09
C SER K 388 10.10 70.48 -15.75
N LEU K 389 9.77 69.56 -14.83
CA LEU K 389 10.50 69.41 -13.57
C LEU K 389 10.67 67.92 -13.28
N ARG K 390 11.80 67.37 -13.74
CA ARG K 390 12.14 65.98 -13.47
C ARG K 390 12.36 65.76 -11.97
N SER K 391 12.19 64.50 -11.57
CA SER K 391 12.57 64.04 -10.24
C SER K 391 11.89 64.86 -9.14
N ASN K 392 10.68 65.34 -9.39
CA ASN K 392 9.96 66.13 -8.39
C ASN K 392 9.67 65.30 -7.15
N PHE K 393 8.71 64.39 -7.21
CA PHE K 393 8.36 63.53 -6.10
C PHE K 393 8.10 62.12 -6.59
N THR K 394 8.54 61.14 -5.80
CA THR K 394 8.42 59.74 -6.19
C THR K 394 6.97 59.34 -6.42
N ARG K 395 6.08 59.76 -5.52
CA ARG K 395 4.72 59.27 -5.52
C ARG K 395 3.75 60.33 -5.00
N SER K 396 4.29 61.33 -4.30
CA SER K 396 3.44 62.33 -3.66
C SER K 396 2.61 63.11 -4.68
N TYR K 397 3.07 63.18 -5.93
CA TYR K 397 2.42 63.99 -6.95
C TYR K 397 1.89 63.16 -8.10
N GLY K 398 2.75 62.46 -8.83
CA GLY K 398 2.32 61.69 -9.99
C GLY K 398 1.28 60.63 -9.70
N ALA K 399 1.22 60.13 -8.46
CA ALA K 399 0.27 59.07 -8.15
C ALA K 399 -1.12 59.60 -7.85
N ILE K 400 -1.22 60.78 -7.22
CA ILE K 400 -2.54 61.35 -6.94
C ILE K 400 -3.22 61.79 -8.23
N VAL K 401 -2.47 61.93 -9.32
CA VAL K 401 -3.03 62.24 -10.63
C VAL K 401 -2.92 61.09 -11.61
N LEU K 402 -2.39 59.94 -11.16
CA LEU K 402 -2.23 58.80 -12.07
C LEU K 402 -3.55 58.11 -12.35
N VAL K 403 -4.27 57.72 -11.30
CA VAL K 403 -5.53 56.99 -11.44
C VAL K 403 -6.63 57.86 -12.06
N PRO K 404 -6.71 59.18 -11.83
CA PRO K 404 -7.70 59.96 -12.60
C PRO K 404 -7.42 59.99 -14.09
N LEU K 405 -6.15 59.94 -14.49
CA LEU K 405 -5.82 59.82 -15.91
C LEU K 405 -6.26 58.47 -16.46
N LEU K 406 -6.00 57.39 -15.71
CA LEU K 406 -6.35 56.05 -16.19
C LEU K 406 -7.87 55.90 -16.31
N GLU K 407 -8.61 56.42 -15.34
CA GLU K 407 -10.07 56.36 -15.42
C GLU K 407 -10.58 57.13 -16.63
N ARG K 408 -10.01 58.31 -16.89
CA ARG K 408 -10.49 59.18 -17.95
C ARG K 408 -10.05 58.74 -19.34
N THR K 409 -9.38 57.59 -19.47
CA THR K 409 -9.01 57.06 -20.77
C THR K 409 -10.26 56.59 -21.52
N LYS K 410 -11.41 56.67 -20.84
CA LYS K 410 -12.67 56.30 -21.47
C LYS K 410 -13.02 57.22 -22.62
N GLU K 411 -12.54 58.46 -22.59
CA GLU K 411 -12.91 59.44 -23.60
C GLU K 411 -12.35 59.04 -24.96
N LYS K 412 -13.19 59.12 -26.00
CA LYS K 412 -12.85 58.60 -27.31
C LYS K 412 -12.53 59.68 -28.34
N LYS K 413 -12.71 60.94 -28.01
CA LYS K 413 -12.32 62.00 -28.95
C LYS K 413 -10.81 62.01 -29.09
N PRO K 414 -10.29 61.96 -30.32
CA PRO K 414 -8.83 61.78 -30.49
C PRO K 414 -7.99 62.87 -29.85
N SER K 415 -8.47 64.11 -29.82
CA SER K 415 -7.72 65.17 -29.15
C SER K 415 -7.63 64.94 -27.65
N VAL K 416 -8.66 64.33 -27.07
CA VAL K 416 -8.71 64.11 -25.62
C VAL K 416 -7.89 62.89 -25.24
N ASN K 417 -8.04 61.79 -25.99
CA ASN K 417 -7.22 60.62 -25.74
C ASN K 417 -5.74 60.93 -26.00
N GLU K 418 -5.45 61.88 -26.88
CA GLU K 418 -4.07 62.30 -27.09
C GLU K 418 -3.53 63.01 -25.85
N ALA K 419 -4.31 63.93 -25.28
CA ALA K 419 -3.84 64.70 -24.12
C ALA K 419 -3.65 63.82 -22.90
N ILE K 420 -4.60 62.93 -22.64
CA ILE K 420 -4.54 62.11 -21.43
C ILE K 420 -3.41 61.08 -21.54
N CYS K 421 -3.19 60.54 -22.74
CA CYS K 421 -2.14 59.55 -22.92
C CYS K 421 -0.76 60.19 -22.87
N SER K 422 -0.59 61.35 -23.52
CA SER K 422 0.71 62.03 -23.48
C SER K 422 1.08 62.41 -22.05
N ALA K 423 0.10 62.78 -21.24
CA ALA K 423 0.36 63.02 -19.83
C ALA K 423 0.68 61.71 -19.11
N LEU K 424 -0.05 60.64 -19.42
CA LEU K 424 0.27 59.34 -18.86
C LEU K 424 1.67 58.89 -19.28
N ASP K 425 2.07 59.21 -20.51
CA ASP K 425 3.44 58.95 -20.92
C ASP K 425 4.42 59.82 -20.16
N ALA K 426 4.05 61.08 -19.93
CA ALA K 426 4.96 62.00 -19.25
C ALA K 426 5.10 61.65 -17.77
N VAL K 427 4.01 61.20 -17.13
CA VAL K 427 4.15 60.81 -15.72
C VAL K 427 4.87 59.47 -15.60
N ALA K 428 4.66 58.56 -16.55
CA ALA K 428 5.30 57.25 -16.46
C ALA K 428 6.81 57.34 -16.63
N THR K 429 7.26 58.26 -17.49
CA THR K 429 8.70 58.39 -17.72
C THR K 429 9.43 58.90 -16.48
N TYR K 430 8.76 59.66 -15.61
CA TYR K 430 9.43 60.28 -14.49
C TYR K 430 8.96 59.76 -13.14
N CYS K 431 7.83 59.06 -13.07
CA CYS K 431 7.40 58.38 -11.86
C CYS K 431 7.79 56.91 -11.83
N GLY K 432 8.41 56.42 -12.89
CA GLY K 432 8.80 55.02 -12.91
C GLY K 432 7.57 54.14 -12.99
N PHE K 433 7.64 52.97 -12.34
CA PHE K 433 6.54 52.02 -12.31
C PHE K 433 6.08 51.74 -10.88
N ASP K 434 6.38 52.64 -9.93
CA ASP K 434 6.03 52.41 -8.53
C ASP K 434 4.54 52.17 -8.39
N ASP K 435 3.73 53.04 -8.99
CA ASP K 435 2.28 52.83 -9.04
C ASP K 435 1.78 52.44 -10.42
N CYS K 436 2.39 52.94 -11.49
CA CYS K 436 1.87 52.75 -12.84
C CYS K 436 1.71 51.26 -13.17
N LEU K 437 2.82 50.53 -13.16
CA LEU K 437 2.78 49.10 -13.49
C LEU K 437 1.79 48.36 -12.60
N GLU K 438 1.78 48.68 -11.30
CA GLU K 438 0.90 47.96 -10.37
C GLU K 438 -0.55 48.42 -10.47
N GLU K 439 -0.78 49.67 -10.87
CA GLU K 439 -2.14 50.20 -10.98
C GLU K 439 -2.71 50.14 -12.40
N THR K 440 -1.84 50.17 -13.42
CA THR K 440 -2.34 50.02 -14.78
C THR K 440 -2.94 48.64 -15.00
N LEU K 441 -2.31 47.60 -14.43
CA LEU K 441 -2.86 46.25 -14.51
C LEU K 441 -4.28 46.19 -13.94
N ASN K 442 -4.58 47.02 -12.95
CA ASN K 442 -5.94 47.07 -12.41
C ASN K 442 -6.92 47.53 -13.47
N TYR K 443 -6.55 48.50 -14.29
CA TYR K 443 -7.48 49.08 -15.25
C TYR K 443 -7.49 48.35 -16.59
N MET K 444 -6.61 47.37 -16.79
CA MET K 444 -6.81 46.43 -17.88
C MET K 444 -7.94 45.46 -17.59
N LYS K 445 -8.27 45.28 -16.31
CA LYS K 445 -9.40 44.46 -15.88
C LYS K 445 -10.62 45.30 -15.53
N HIS K 446 -10.73 46.48 -16.13
CA HIS K 446 -11.84 47.40 -15.91
C HIS K 446 -13.00 47.03 -16.83
N LYS K 447 -14.21 47.38 -16.39
CA LYS K 447 -15.42 46.96 -17.09
C LYS K 447 -15.57 47.63 -18.46
N THR K 448 -14.98 48.81 -18.66
CA THR K 448 -15.18 49.54 -19.91
C THR K 448 -14.19 49.06 -20.96
N PRO K 449 -14.66 48.69 -22.15
CA PRO K 449 -13.72 48.21 -23.19
C PRO K 449 -12.73 49.27 -23.65
N GLN K 450 -13.08 50.55 -23.56
CA GLN K 450 -12.19 51.59 -24.05
C GLN K 450 -10.99 51.79 -23.12
N VAL K 451 -11.25 51.84 -21.81
CA VAL K 451 -10.15 51.95 -20.85
C VAL K 451 -9.31 50.69 -20.78
N ARG K 452 -9.78 49.58 -21.35
CA ARG K 452 -8.97 48.37 -21.42
C ARG K 452 -7.94 48.47 -22.54
N ILE K 453 -8.35 48.94 -23.72
CA ILE K 453 -7.42 49.02 -24.84
C ILE K 453 -6.39 50.12 -24.62
N GLU K 454 -6.77 51.21 -23.95
CA GLU K 454 -5.84 52.31 -23.79
C GLU K 454 -4.82 52.04 -22.69
N CYS K 455 -5.27 51.48 -21.56
CA CYS K 455 -4.33 51.11 -20.50
C CYS K 455 -3.41 49.98 -20.94
N THR K 456 -3.89 49.10 -21.82
CA THR K 456 -3.01 48.06 -22.36
C THR K 456 -2.00 48.65 -23.32
N LYS K 457 -2.42 49.56 -24.19
CA LYS K 457 -1.47 50.30 -25.03
C LYS K 457 -0.47 51.06 -24.17
N PHE K 458 -0.92 51.58 -23.03
CA PHE K 458 -0.05 52.37 -22.17
C PHE K 458 1.06 51.52 -21.57
N LEU K 459 0.75 50.26 -21.25
CA LEU K 459 1.79 49.36 -20.75
C LEU K 459 2.85 49.11 -21.82
N THR K 460 2.41 48.86 -23.06
CA THR K 460 3.35 48.66 -24.16
C THR K 460 4.28 49.85 -24.30
N ARG K 461 3.76 51.07 -24.08
CA ARG K 461 4.60 52.26 -24.14
C ARG K 461 5.68 52.22 -23.07
N MET K 462 5.30 52.01 -21.81
CA MET K 462 6.29 51.87 -20.75
C MET K 462 7.18 50.66 -20.97
N LEU K 463 6.59 49.57 -21.50
CA LEU K 463 7.36 48.36 -21.74
C LEU K 463 8.41 48.55 -22.82
N GLN K 464 8.11 49.38 -23.83
CA GLN K 464 9.09 49.67 -24.87
C GLN K 464 10.30 50.40 -24.29
N GLY K 465 10.07 51.54 -23.64
CA GLY K 465 11.14 52.29 -23.03
C GLY K 465 11.53 51.78 -21.65
N TRP K 466 11.38 50.47 -21.42
CA TRP K 466 11.73 49.88 -20.13
C TRP K 466 13.22 49.55 -20.16
N LYS K 467 14.02 50.59 -19.89
CA LYS K 467 15.47 50.43 -19.75
C LYS K 467 15.87 50.48 -18.27
N SER K 468 15.23 49.63 -17.46
CA SER K 468 15.47 49.68 -16.02
C SER K 468 16.92 49.39 -15.68
N ASP K 469 17.57 48.50 -16.43
CA ASP K 469 19.02 48.29 -16.37
C ASP K 469 19.50 48.01 -14.94
N GLY K 470 18.67 47.35 -14.16
CA GLY K 470 19.08 46.93 -12.83
C GLY K 470 19.73 45.58 -12.87
N PRO K 471 19.51 44.77 -11.83
CA PRO K 471 19.86 43.35 -11.92
C PRO K 471 18.73 42.57 -12.58
N LEU K 472 18.86 41.25 -12.67
CA LEU K 472 17.81 40.41 -13.24
C LEU K 472 16.67 40.16 -12.26
N GLN K 473 16.65 40.85 -11.12
CA GLN K 473 15.59 40.72 -10.13
C GLN K 473 14.77 42.01 -10.01
N ASN K 474 14.59 42.72 -11.12
CA ASN K 474 13.76 43.92 -11.11
C ASN K 474 12.32 43.57 -10.77
N GLN K 475 11.58 44.59 -10.33
CA GLN K 475 10.18 44.43 -9.93
C GLN K 475 9.28 43.91 -11.07
N LEU K 476 9.82 43.70 -12.28
CA LEU K 476 9.06 43.18 -13.42
C LEU K 476 9.17 41.67 -13.56
N LEU K 477 10.39 41.14 -13.54
CA LEU K 477 10.62 39.74 -13.91
C LEU K 477 9.92 38.79 -12.94
N PHE K 478 10.22 38.91 -11.64
CA PHE K 478 9.68 37.99 -10.65
C PHE K 478 8.20 38.24 -10.34
N LYS K 479 7.60 39.27 -10.92
CA LYS K 479 6.17 39.50 -10.81
C LYS K 479 5.46 39.31 -12.13
N LEU K 480 6.19 38.97 -13.19
CA LEU K 480 5.67 38.89 -14.55
C LEU K 480 4.59 37.82 -14.69
N LEU K 481 4.99 36.56 -14.65
CA LEU K 481 4.07 35.44 -14.86
C LEU K 481 2.85 35.49 -13.95
N PRO K 482 2.95 35.73 -12.64
CA PRO K 482 1.74 35.71 -11.80
C PRO K 482 0.85 36.92 -11.97
N GLU K 483 1.33 38.01 -12.59
CA GLU K 483 0.54 39.23 -12.62
C GLU K 483 0.45 39.82 -14.02
N VAL K 484 1.58 40.19 -14.61
CA VAL K 484 1.56 40.84 -15.92
C VAL K 484 1.05 39.89 -16.99
N THR K 485 1.60 38.68 -17.02
CA THR K 485 1.19 37.71 -18.03
C THR K 485 -0.29 37.39 -17.93
N THR K 486 -0.78 37.14 -16.71
CA THR K 486 -2.19 36.81 -16.54
C THR K 486 -3.11 37.99 -16.80
N ALA K 487 -2.61 39.22 -16.67
CA ALA K 487 -3.43 40.38 -17.00
C ALA K 487 -3.45 40.64 -18.50
N VAL K 488 -2.33 40.41 -19.17
CA VAL K 488 -2.28 40.56 -20.62
C VAL K 488 -3.15 39.51 -21.30
N LEU K 489 -3.23 38.31 -20.71
CA LEU K 489 -4.03 37.25 -21.32
C LEU K 489 -5.50 37.61 -21.38
N LYS K 490 -6.00 38.33 -20.37
CA LYS K 490 -7.40 38.75 -20.40
C LYS K 490 -7.68 39.66 -21.58
N ILE K 491 -6.70 40.47 -22.00
CA ILE K 491 -6.85 41.28 -23.19
C ILE K 491 -6.73 40.43 -24.44
N VAL K 492 -5.80 39.46 -24.43
CA VAL K 492 -5.59 38.58 -25.58
C VAL K 492 -6.85 37.76 -25.86
N ASN K 493 -7.61 37.43 -24.83
CA ASN K 493 -8.84 36.64 -24.99
C ASN K 493 -10.09 37.49 -24.78
N ASP K 494 -10.04 38.77 -25.13
CA ASP K 494 -11.21 39.62 -25.02
C ASP K 494 -12.20 39.29 -26.14
N THR K 495 -13.47 39.67 -25.92
CA THR K 495 -14.50 39.40 -26.92
C THR K 495 -14.37 40.30 -28.14
N GLN K 496 -13.68 41.43 -28.02
CA GLN K 496 -13.61 42.37 -29.13
C GLN K 496 -12.28 42.22 -29.88
N PRO K 497 -12.29 42.41 -31.20
CA PRO K 497 -11.07 42.20 -31.99
C PRO K 497 -10.01 43.26 -31.75
N THR K 498 -10.42 44.54 -31.76
CA THR K 498 -9.46 45.62 -31.56
C THR K 498 -8.82 45.54 -30.18
N THR K 499 -9.56 45.04 -29.18
CA THR K 499 -8.98 44.85 -27.86
C THR K 499 -7.94 43.74 -27.88
N ARG K 500 -8.31 42.57 -28.42
CA ARG K 500 -7.35 41.48 -28.56
C ARG K 500 -6.12 41.92 -29.35
N ASN K 501 -6.34 42.77 -30.35
CA ASN K 501 -5.23 43.26 -31.17
C ASN K 501 -4.20 43.99 -30.33
N THR K 502 -4.65 44.71 -29.30
CA THR K 502 -3.72 45.39 -28.40
C THR K 502 -2.94 44.40 -27.56
N GLY K 503 -3.62 43.40 -27.00
CA GLY K 503 -2.95 42.39 -26.21
C GLY K 503 -1.97 41.56 -27.02
N PHE K 504 -2.27 41.34 -28.30
CA PHE K 504 -1.33 40.63 -29.17
C PHE K 504 -0.01 41.38 -29.26
N GLU K 505 -0.09 42.70 -29.49
CA GLU K 505 1.13 43.52 -29.52
C GLU K 505 1.80 43.57 -28.16
N CYS K 506 1.01 43.80 -27.10
CA CYS K 506 1.58 43.88 -25.75
C CYS K 506 2.24 42.58 -25.35
N PHE K 507 1.69 41.44 -25.78
CA PHE K 507 2.33 40.17 -25.48
C PHE K 507 3.61 40.00 -26.29
N ALA K 508 3.55 40.33 -27.59
CA ALA K 508 4.76 40.27 -28.43
C ALA K 508 5.80 41.27 -27.95
N THR K 509 5.36 42.48 -27.57
CA THR K 509 6.29 43.45 -26.98
C THR K 509 6.90 42.92 -25.70
N LEU K 510 6.18 42.05 -25.00
CA LEU K 510 6.71 41.43 -23.79
C LEU K 510 7.75 40.35 -24.13
N MET K 511 7.44 39.51 -25.12
CA MET K 511 8.41 38.50 -25.56
C MET K 511 9.68 39.14 -26.13
N LYS K 512 9.62 40.42 -26.51
CA LYS K 512 10.81 41.10 -26.99
C LYS K 512 11.79 41.36 -25.85
N LEU K 513 11.26 41.67 -24.66
CA LEU K 513 12.12 41.96 -23.52
C LEU K 513 12.70 40.69 -22.91
N VAL K 514 11.84 39.74 -22.56
CA VAL K 514 12.24 38.49 -21.91
C VAL K 514 12.23 37.38 -22.96
N GLY K 515 13.19 36.46 -22.86
CA GLY K 515 13.36 35.37 -23.80
C GLY K 515 12.08 34.69 -24.26
N GLU K 516 12.02 34.36 -25.55
CA GLU K 516 10.82 33.76 -26.12
C GLU K 516 10.46 32.46 -25.42
N ARG K 517 11.46 31.67 -25.03
CA ARG K 517 11.20 30.39 -24.38
C ARG K 517 10.65 30.55 -22.97
N GLU K 518 10.91 31.69 -22.32
CA GLU K 518 10.42 31.88 -20.95
C GLU K 518 8.90 31.96 -20.90
N LEU K 519 8.26 32.46 -21.97
CA LEU K 519 6.82 32.57 -22.03
C LEU K 519 6.21 31.55 -22.97
N ALA K 520 6.95 30.49 -23.33
CA ALA K 520 6.38 29.42 -24.13
C ALA K 520 5.34 28.62 -23.36
N ASP K 521 5.42 28.61 -22.03
CA ASP K 521 4.43 27.87 -21.24
C ASP K 521 3.03 28.46 -21.36
N PRO K 522 2.80 29.76 -21.16
CA PRO K 522 1.44 30.28 -21.40
C PRO K 522 1.08 30.37 -22.87
N LEU K 523 2.06 30.29 -23.79
CA LEU K 523 1.76 30.35 -25.20
C LEU K 523 1.03 29.11 -25.68
N GLU K 524 1.26 27.96 -25.05
CA GLU K 524 0.65 26.71 -25.50
C GLU K 524 -0.81 26.57 -25.09
N LYS K 525 -1.23 27.26 -24.02
CA LYS K 525 -2.63 27.28 -23.64
C LYS K 525 -3.48 28.09 -24.60
N LEU K 526 -2.86 28.89 -25.46
CA LEU K 526 -3.57 29.75 -26.40
C LEU K 526 -3.90 29.00 -27.68
N ASP K 527 -4.88 29.53 -28.42
CA ASP K 527 -5.22 29.00 -29.72
C ASP K 527 -4.04 29.10 -30.67
N ASN K 528 -3.94 28.14 -31.60
CA ASN K 528 -2.94 28.23 -32.65
C ASN K 528 -3.15 29.49 -33.48
N LEU K 529 -4.38 30.00 -33.54
CA LEU K 529 -4.66 31.22 -34.26
C LEU K 529 -4.11 32.44 -33.51
N LYS K 530 -4.42 32.54 -32.22
CA LYS K 530 -3.93 33.65 -31.43
C LYS K 530 -2.41 33.62 -31.31
N LYS K 531 -1.80 32.45 -31.48
CA LYS K 531 -0.34 32.37 -31.53
C LYS K 531 0.22 33.02 -32.78
N LYS K 532 -0.54 32.97 -33.89
CA LYS K 532 -0.07 33.56 -35.14
C LYS K 532 -0.21 35.07 -35.14
N LYS K 533 -1.23 35.62 -34.46
CA LYS K 533 -1.35 37.06 -34.36
C LYS K 533 -0.34 37.63 -33.37
N ILE K 534 0.10 36.83 -32.41
CA ILE K 534 1.11 37.28 -31.45
C ILE K 534 2.49 37.23 -32.10
N TYR K 535 2.81 36.12 -32.79
CA TYR K 535 4.02 36.07 -33.59
C TYR K 535 4.02 37.14 -34.68
N GLU K 536 2.83 37.58 -35.10
CA GLU K 536 2.70 38.64 -36.10
C GLU K 536 3.42 39.91 -35.65
N TYR K 537 3.05 40.42 -34.47
CA TYR K 537 3.66 41.65 -33.96
C TYR K 537 5.09 41.44 -33.48
N TYR K 538 5.44 40.20 -33.10
CA TYR K 538 6.80 39.93 -32.64
C TYR K 538 7.82 40.18 -33.74
N GLU K 539 7.45 39.95 -34.99
CA GLU K 539 8.35 40.21 -36.10
C GLU K 539 8.63 41.70 -36.26
N LYS K 540 7.66 42.54 -35.90
CA LYS K 540 7.76 43.99 -36.13
C LYS K 540 8.11 44.78 -34.88
N VAL K 541 7.66 44.34 -33.70
CA VAL K 541 7.82 45.11 -32.49
C VAL K 541 9.31 45.23 -32.12
N GLU K 542 9.72 46.44 -31.76
CA GLU K 542 11.06 46.73 -31.29
C GLU K 542 10.99 47.37 -29.92
N VAL K 543 12.15 47.47 -29.27
CA VAL K 543 12.25 48.05 -27.94
C VAL K 543 12.64 49.54 -28.02
N THR L 14 -11.64 95.35 -45.53
CA THR L 14 -11.41 93.94 -45.83
C THR L 14 -10.42 93.31 -44.85
N ASP L 15 -10.62 92.04 -44.54
CA ASP L 15 -9.76 91.33 -43.60
C ASP L 15 -9.05 90.18 -44.29
N ALA L 16 -8.61 89.17 -43.51
CA ALA L 16 -7.95 88.01 -44.08
C ALA L 16 -8.81 87.30 -45.11
N SER L 17 -10.13 87.46 -45.05
CA SER L 17 -11.03 86.92 -46.06
C SER L 17 -11.61 87.97 -46.99
N GLY L 18 -11.65 89.23 -46.56
CA GLY L 18 -12.28 90.28 -47.35
C GLY L 18 -13.73 90.51 -47.06
N LEU L 19 -14.23 90.03 -45.91
CA LEU L 19 -15.62 90.20 -45.55
C LEU L 19 -15.89 91.63 -45.12
N THR L 20 -17.00 92.18 -45.62
CA THR L 20 -17.46 93.52 -45.27
C THR L 20 -18.57 93.44 -44.25
N PRO L 21 -18.92 94.56 -43.62
CA PRO L 21 -20.13 94.57 -42.77
C PRO L 21 -21.37 94.12 -43.52
N LEU L 22 -21.41 94.30 -44.84
CA LEU L 22 -22.58 93.88 -45.61
C LEU L 22 -22.63 92.36 -45.76
N HIS L 23 -21.47 91.72 -45.91
CA HIS L 23 -21.44 90.25 -45.95
C HIS L 23 -22.00 89.66 -44.66
N LEU L 24 -21.50 90.13 -43.51
CA LEU L 24 -21.93 89.56 -42.24
C LEU L 24 -23.40 89.87 -41.96
N ALA L 25 -23.83 91.09 -42.27
CA ALA L 25 -25.23 91.47 -42.03
C ALA L 25 -26.17 90.65 -42.92
N ALA L 26 -25.79 90.44 -44.18
CA ALA L 26 -26.60 89.62 -45.07
C ALA L 26 -26.53 88.14 -44.72
N THR L 27 -25.48 87.73 -44.00
CA THR L 27 -25.34 86.32 -43.63
C THR L 27 -26.24 85.96 -42.46
N TYR L 28 -26.15 86.73 -41.37
CA TYR L 28 -26.82 86.40 -40.12
C TYR L 28 -28.11 87.19 -39.91
N GLY L 29 -28.79 87.54 -41.01
CA GLY L 29 -30.12 88.10 -40.95
C GLY L 29 -30.25 89.43 -40.21
N HIS L 30 -29.43 90.40 -40.57
CA HIS L 30 -29.49 91.74 -39.98
C HIS L 30 -30.01 92.71 -41.04
N LEU L 31 -31.31 92.59 -41.32
CA LEU L 31 -31.93 93.40 -42.37
C LEU L 31 -31.74 94.89 -42.11
N GLU L 32 -31.93 95.32 -40.86
CA GLU L 32 -31.83 96.74 -40.54
C GLU L 32 -30.40 97.24 -40.68
N ILE L 33 -29.42 96.40 -40.37
CA ILE L 33 -28.04 96.75 -40.63
C ILE L 33 -27.80 96.84 -42.14
N VAL L 34 -28.48 96.00 -42.91
CA VAL L 34 -28.29 95.98 -44.36
C VAL L 34 -28.88 97.24 -44.99
N GLU L 35 -30.14 97.54 -44.68
CA GLU L 35 -30.81 98.68 -45.30
C GLU L 35 -30.08 99.98 -45.02
N VAL L 36 -29.36 100.06 -43.91
CA VAL L 36 -28.63 101.28 -43.56
C VAL L 36 -27.31 101.35 -44.31
N LEU L 37 -26.57 100.23 -44.34
CA LEU L 37 -25.29 100.21 -45.06
C LEU L 37 -25.49 100.50 -46.55
N LEU L 38 -26.61 100.03 -47.12
CA LEU L 38 -26.86 100.23 -48.54
C LEU L 38 -27.26 101.66 -48.85
N LYS L 39 -27.88 102.36 -47.89
CA LYS L 39 -28.22 103.77 -48.10
C LYS L 39 -26.97 104.62 -48.28
N HIS L 40 -25.98 104.41 -47.42
CA HIS L 40 -24.72 105.16 -47.48
C HIS L 40 -23.70 104.52 -48.40
N GLY L 41 -24.15 103.72 -49.37
CA GLY L 41 -23.31 103.29 -50.47
C GLY L 41 -22.32 102.19 -50.16
N ALA L 42 -22.79 101.10 -49.54
CA ALA L 42 -21.96 99.92 -49.38
C ALA L 42 -22.00 99.09 -50.65
N ASP L 43 -20.82 98.68 -51.13
CA ASP L 43 -20.73 97.93 -52.38
C ASP L 43 -21.49 96.61 -52.29
N VAL L 44 -22.65 96.55 -52.94
CA VAL L 44 -23.49 95.35 -52.87
C VAL L 44 -22.82 94.15 -53.54
N ASN L 45 -21.88 94.39 -54.45
CA ASN L 45 -21.19 93.31 -55.16
C ASN L 45 -19.80 93.04 -54.60
N ALA L 46 -19.53 93.48 -53.36
CA ALA L 46 -18.24 93.21 -52.75
C ALA L 46 -18.04 91.72 -52.57
N ILE L 47 -16.84 91.25 -52.93
CA ILE L 47 -16.52 89.83 -52.82
C ILE L 47 -15.42 89.67 -51.77
N ASP L 48 -15.47 88.53 -51.08
CA ASP L 48 -14.40 88.16 -50.17
C ASP L 48 -13.32 87.41 -50.95
N ILE L 49 -12.36 86.82 -50.24
CA ILE L 49 -11.27 86.12 -50.90
C ILE L 49 -11.78 84.90 -51.66
N MET L 50 -12.98 84.44 -51.35
CA MET L 50 -13.57 83.28 -52.00
C MET L 50 -14.61 83.65 -53.05
N GLY L 51 -14.80 84.94 -53.33
CA GLY L 51 -15.74 85.36 -54.35
C GLY L 51 -17.18 85.43 -53.91
N SER L 52 -17.46 85.32 -52.60
CA SER L 52 -18.83 85.34 -52.10
C SER L 52 -19.31 86.79 -52.00
N THR L 53 -20.38 87.10 -52.70
CA THR L 53 -21.05 88.39 -52.56
C THR L 53 -22.07 88.31 -51.43
N PRO L 54 -22.47 89.46 -50.87
CA PRO L 54 -23.54 89.44 -49.85
C PRO L 54 -24.82 88.79 -50.34
N LEU L 55 -25.04 88.72 -51.65
CA LEU L 55 -26.20 88.00 -52.16
C LEU L 55 -25.99 86.49 -52.07
N HIS L 56 -24.76 86.03 -52.24
CA HIS L 56 -24.46 84.61 -52.04
C HIS L 56 -24.82 84.17 -50.63
N LEU L 57 -24.31 84.89 -49.63
CA LEU L 57 -24.51 84.50 -48.24
C LEU L 57 -25.96 84.68 -47.80
N ALA L 58 -26.67 85.63 -48.42
CA ALA L 58 -28.08 85.80 -48.09
C ALA L 58 -28.93 84.67 -48.68
N ALA L 59 -28.62 84.26 -49.91
CA ALA L 59 -29.32 83.14 -50.50
C ALA L 59 -28.99 81.83 -49.80
N LEU L 60 -27.79 81.73 -49.23
CA LEU L 60 -27.40 80.52 -48.51
C LEU L 60 -28.21 80.36 -47.23
N ILE L 61 -28.22 81.38 -46.38
CA ILE L 61 -28.88 81.27 -45.08
C ILE L 61 -30.39 81.46 -45.20
N GLY L 62 -30.87 82.06 -46.28
CA GLY L 62 -32.30 82.13 -46.53
C GLY L 62 -33.00 83.32 -45.90
N HIS L 63 -32.41 84.51 -46.02
CA HIS L 63 -33.00 85.74 -45.50
C HIS L 63 -33.70 86.43 -46.67
N LEU L 64 -35.00 86.13 -46.81
CA LEU L 64 -35.74 86.58 -48.00
C LEU L 64 -35.79 88.10 -48.08
N GLU L 65 -36.14 88.77 -46.98
CA GLU L 65 -36.21 90.22 -46.99
C GLU L 65 -34.87 90.85 -47.35
N ILE L 66 -33.77 90.21 -46.95
CA ILE L 66 -32.45 90.74 -47.28
C ILE L 66 -32.13 90.50 -48.75
N VAL L 67 -32.50 89.33 -49.28
CA VAL L 67 -32.19 89.01 -50.67
C VAL L 67 -32.83 90.02 -51.62
N GLU L 68 -34.09 90.40 -51.34
CA GLU L 68 -34.75 91.38 -52.20
C GLU L 68 -34.11 92.75 -52.07
N VAL L 69 -33.82 93.18 -50.83
CA VAL L 69 -33.22 94.49 -50.62
C VAL L 69 -31.86 94.56 -51.30
N LEU L 70 -31.09 93.47 -51.25
CA LEU L 70 -29.83 93.42 -51.98
C LEU L 70 -30.05 93.60 -53.48
N LEU L 71 -31.02 92.88 -54.04
CA LEU L 71 -31.28 92.97 -55.47
C LEU L 71 -31.78 94.36 -55.87
N LYS L 72 -32.65 94.95 -55.06
CA LYS L 72 -33.18 96.28 -55.39
C LYS L 72 -32.06 97.31 -55.53
N HIS L 73 -30.97 97.13 -54.80
CA HIS L 73 -29.79 97.97 -54.95
C HIS L 73 -28.82 97.43 -56.00
N GLY L 74 -29.32 96.72 -57.00
CA GLY L 74 -28.49 96.29 -58.12
C GLY L 74 -27.49 95.19 -57.79
N ALA L 75 -27.91 94.16 -57.07
CA ALA L 75 -27.02 93.05 -56.76
C ALA L 75 -26.82 92.18 -57.99
N ASP L 76 -25.57 91.87 -58.31
CA ASP L 76 -25.26 90.94 -59.39
C ASP L 76 -25.85 89.58 -59.05
N VAL L 77 -26.95 89.21 -59.71
CA VAL L 77 -27.67 88.00 -59.33
C VAL L 77 -26.95 86.75 -59.80
N ASN L 78 -26.10 86.84 -60.83
CA ASN L 78 -25.40 85.70 -61.39
C ASN L 78 -23.90 85.77 -61.12
N ALA L 79 -23.53 86.23 -59.93
CA ALA L 79 -22.12 86.21 -59.54
C ALA L 79 -21.69 84.80 -59.19
N VAL L 80 -20.40 84.52 -59.35
CA VAL L 80 -19.83 83.21 -59.08
C VAL L 80 -18.74 83.36 -58.02
N ASP L 81 -18.78 82.47 -57.03
CA ASP L 81 -17.72 82.41 -56.03
C ASP L 81 -16.62 81.50 -56.55
N THR L 82 -15.56 81.32 -55.73
CA THR L 82 -14.42 80.53 -56.16
C THR L 82 -14.79 79.07 -56.43
N TRP L 83 -15.90 78.58 -55.87
CA TRP L 83 -16.33 77.21 -56.07
C TRP L 83 -17.27 77.06 -57.26
N GLY L 84 -17.59 78.15 -57.95
CA GLY L 84 -18.45 78.10 -59.11
C GLY L 84 -19.93 78.18 -58.83
N ASP L 85 -20.32 78.45 -57.59
CA ASP L 85 -21.73 78.49 -57.23
C ASP L 85 -22.28 79.91 -57.38
N THR L 86 -23.50 80.00 -57.91
CA THR L 86 -24.25 81.24 -57.99
C THR L 86 -25.34 81.25 -56.93
N PRO L 87 -25.86 82.43 -56.55
CA PRO L 87 -26.91 82.48 -55.52
C PRO L 87 -28.11 81.59 -55.80
N LEU L 88 -28.33 81.24 -57.07
CA LEU L 88 -29.41 80.32 -57.39
C LEU L 88 -29.07 78.89 -56.94
N HIS L 89 -27.80 78.50 -57.05
CA HIS L 89 -27.40 77.17 -56.60
C HIS L 89 -27.52 77.05 -55.09
N LEU L 90 -27.16 78.09 -54.35
CA LEU L 90 -27.18 78.02 -52.90
C LEU L 90 -28.61 78.07 -52.37
N ALA L 91 -29.46 78.91 -52.96
CA ALA L 91 -30.86 78.95 -52.54
C ALA L 91 -31.58 77.64 -52.83
N ALA L 92 -31.08 76.86 -53.79
CA ALA L 92 -31.66 75.57 -54.14
C ALA L 92 -31.11 74.43 -53.30
N ILE L 93 -29.80 74.41 -53.07
CA ILE L 93 -29.19 73.36 -52.25
C ILE L 93 -29.80 73.37 -50.87
N MET L 94 -30.07 74.55 -50.31
CA MET L 94 -30.67 74.69 -49.00
C MET L 94 -32.19 74.80 -49.06
N GLY L 95 -32.78 74.69 -50.24
CA GLY L 95 -34.23 74.64 -50.37
C GLY L 95 -34.98 75.86 -49.88
N HIS L 96 -34.44 77.06 -50.11
CA HIS L 96 -35.14 78.29 -49.79
C HIS L 96 -35.96 78.69 -51.01
N LEU L 97 -37.12 78.04 -51.14
CA LEU L 97 -37.86 78.06 -52.40
C LEU L 97 -38.30 79.46 -52.79
N GLU L 98 -38.77 80.25 -51.82
CA GLU L 98 -39.20 81.62 -52.13
C GLU L 98 -38.03 82.44 -52.67
N ILE L 99 -36.83 82.24 -52.14
CA ILE L 99 -35.67 82.93 -52.66
C ILE L 99 -35.30 82.39 -54.04
N VAL L 100 -35.50 81.09 -54.26
CA VAL L 100 -35.25 80.52 -55.59
C VAL L 100 -36.12 81.22 -56.63
N GLU L 101 -37.36 81.55 -56.26
CA GLU L 101 -38.24 82.26 -57.19
C GLU L 101 -37.74 83.67 -57.46
N VAL L 102 -37.50 84.44 -56.39
CA VAL L 102 -37.16 85.85 -56.54
C VAL L 102 -35.90 86.02 -57.38
N LEU L 103 -34.94 85.11 -57.24
CA LEU L 103 -33.73 85.16 -58.06
C LEU L 103 -34.07 85.05 -59.54
N LEU L 104 -34.84 84.01 -59.91
CA LEU L 104 -35.24 83.83 -61.30
C LEU L 104 -36.00 85.04 -61.82
N LYS L 105 -36.93 85.58 -61.02
CA LYS L 105 -37.69 86.75 -61.43
C LYS L 105 -36.83 87.99 -61.62
N HIS L 106 -35.58 87.96 -61.15
CA HIS L 106 -34.62 89.01 -61.42
C HIS L 106 -33.51 88.53 -62.36
N GLY L 107 -33.84 87.63 -63.27
CA GLY L 107 -32.91 87.23 -64.32
C GLY L 107 -31.82 86.28 -63.89
N ALA L 108 -32.07 85.42 -62.90
CA ALA L 108 -31.08 84.44 -62.49
C ALA L 108 -30.96 83.38 -63.57
N ASP L 109 -29.78 83.29 -64.19
CA ASP L 109 -29.54 82.28 -65.21
C ASP L 109 -29.66 80.89 -64.61
N VAL L 110 -30.48 80.05 -65.23
CA VAL L 110 -30.70 78.70 -64.71
C VAL L 110 -29.66 77.70 -65.22
N ASN L 111 -28.95 78.03 -66.29
CA ASN L 111 -28.00 77.11 -66.91
C ASN L 111 -26.58 77.31 -66.41
N ALA L 112 -26.39 78.02 -65.31
CA ALA L 112 -25.05 78.25 -64.77
C ALA L 112 -24.48 76.93 -64.25
N GLN L 113 -23.28 76.61 -64.69
CA GLN L 113 -22.61 75.35 -64.32
C GLN L 113 -21.48 75.65 -63.35
N ASP L 114 -21.42 74.91 -62.25
CA ASP L 114 -20.41 75.11 -61.24
C ASP L 114 -19.13 74.36 -61.65
N LYS L 115 -18.19 74.23 -60.71
CA LYS L 115 -16.98 73.46 -60.97
C LYS L 115 -17.33 72.01 -61.31
N PHE L 116 -18.31 71.44 -60.60
CA PHE L 116 -18.76 70.09 -60.91
C PHE L 116 -19.48 70.02 -62.26
N GLY L 117 -20.09 71.14 -62.68
CA GLY L 117 -20.90 71.17 -63.88
C GLY L 117 -22.38 70.97 -63.65
N LYS L 118 -22.83 70.90 -62.40
CA LYS L 118 -24.23 70.70 -62.07
C LYS L 118 -24.93 72.05 -61.97
N THR L 119 -25.96 72.23 -62.77
CA THR L 119 -26.70 73.49 -62.79
C THR L 119 -27.82 73.45 -61.74
N ALA L 120 -28.70 74.45 -61.75
CA ALA L 120 -29.77 74.50 -60.78
C ALA L 120 -30.75 73.34 -60.96
N PHE L 121 -31.01 72.95 -62.20
CA PHE L 121 -31.92 71.84 -62.44
C PHE L 121 -31.25 70.49 -62.20
N ASP L 122 -29.93 70.40 -62.42
CA ASP L 122 -29.21 69.17 -62.09
C ASP L 122 -29.09 68.97 -60.58
N ILE L 123 -29.31 70.02 -59.78
CA ILE L 123 -29.31 69.89 -58.34
C ILE L 123 -30.71 69.56 -57.81
N SER L 124 -31.75 69.99 -58.52
CA SER L 124 -33.11 69.62 -58.15
C SER L 124 -33.36 68.12 -58.37
N ILE L 125 -32.62 67.50 -59.28
CA ILE L 125 -32.81 66.09 -59.61
C ILE L 125 -31.82 65.25 -58.81
N ASP L 126 -30.61 65.76 -58.60
CA ASP L 126 -29.66 65.08 -57.74
C ASP L 126 -30.08 65.09 -56.28
N ASN L 127 -31.03 65.95 -55.91
CA ASN L 127 -31.66 65.88 -54.60
C ASN L 127 -33.02 65.20 -54.63
N GLY L 128 -33.52 64.86 -55.80
CA GLY L 128 -34.90 64.40 -55.91
C GLY L 128 -35.90 65.42 -55.42
N ASN L 129 -35.59 66.70 -55.56
CA ASN L 129 -36.43 67.78 -55.03
C ASN L 129 -37.59 67.98 -55.99
N GLU L 130 -38.69 67.24 -55.73
CA GLU L 130 -39.87 67.37 -56.58
C GLU L 130 -40.51 68.74 -56.45
N ASP L 131 -40.32 69.42 -55.32
CA ASP L 131 -40.81 70.78 -55.18
C ASP L 131 -40.02 71.74 -56.07
N LEU L 132 -38.69 71.60 -56.07
CA LEU L 132 -37.85 72.51 -56.84
C LEU L 132 -37.99 72.30 -58.34
N ALA L 133 -38.22 71.06 -58.77
CA ALA L 133 -38.39 70.80 -60.20
C ALA L 133 -39.64 71.47 -60.74
N GLU L 134 -40.67 71.62 -59.92
CA GLU L 134 -41.90 72.28 -60.36
C GLU L 134 -41.66 73.76 -60.62
N ILE L 135 -41.02 74.45 -59.68
CA ILE L 135 -40.79 75.89 -59.82
C ILE L 135 -39.81 76.16 -60.95
N LEU L 136 -38.79 75.30 -61.11
CA LEU L 136 -37.73 75.55 -62.08
C LEU L 136 -38.21 75.47 -63.53
N GLN L 137 -39.43 75.00 -63.76
CA GLN L 137 -40.00 74.95 -65.11
C GLN L 137 -41.29 75.75 -65.23
N LYS L 138 -41.67 76.50 -64.21
CA LYS L 138 -42.88 77.30 -64.25
C LYS L 138 -42.67 78.59 -65.04
#